data_6ZV4
#
_entry.id   6ZV4
#
_entity_poly.entity_id   1
_entity_poly.type   'polypeptide(L)'
_entity_poly.pdbx_seq_one_letter_code
;MEDEVVRFAKKMDKMVQKKNAAGALDLLKELKNIPMTLELLQSTRIGMSVNAIRKQSTDEEVTSLAKSLIKSWKKLLDGG
SGSGSGSGSSGELSDKKNEEKDLFGSDSESGNEEEN
;
_entity_poly.pdbx_strand_id   A
#
# COMPACT_ATOMS: atom_id res chain seq x y z
N MET A 1 11.25 7.15 12.14
CA MET A 1 9.78 6.96 12.28
C MET A 1 9.37 5.53 11.93
N GLU A 2 10.26 4.56 12.05
CA GLU A 2 9.92 3.19 11.67
C GLU A 2 8.84 2.60 12.58
N ASP A 3 9.06 2.67 13.88
CA ASP A 3 8.08 2.13 14.83
C ASP A 3 6.76 2.88 14.70
N GLU A 4 6.80 4.14 14.33
CA GLU A 4 5.56 4.92 14.19
C GLU A 4 4.62 4.21 13.22
N VAL A 5 5.16 3.79 12.08
CA VAL A 5 4.39 3.12 11.07
C VAL A 5 4.01 1.71 11.53
N VAL A 6 4.94 1.01 12.16
CA VAL A 6 4.66 -0.31 12.75
C VAL A 6 3.47 -0.21 13.71
N ARG A 7 3.44 0.81 14.56
CA ARG A 7 2.34 0.98 15.50
C ARG A 7 1.05 1.15 14.73
N PHE A 8 1.04 1.94 13.66
CA PHE A 8 -0.17 2.11 12.86
C PHE A 8 -0.61 0.78 12.23
N ALA A 9 0.33 0.02 11.69
CA ALA A 9 -0.01 -1.25 11.05
C ALA A 9 -0.61 -2.22 12.06
N LYS A 10 -0.05 -2.27 13.26
CA LYS A 10 -0.55 -3.17 14.30
C LYS A 10 -1.89 -2.67 14.84
N LYS A 11 -2.07 -1.36 14.91
CA LYS A 11 -3.36 -0.79 15.31
C LYS A 11 -4.41 -1.22 14.30
N MET A 12 -4.09 -1.18 13.01
CA MET A 12 -5.01 -1.59 11.95
C MET A 12 -5.33 -3.08 11.99
N ASP A 13 -4.34 -3.91 12.22
CA ASP A 13 -4.51 -5.36 12.18
C ASP A 13 -5.52 -5.83 13.23
N LYS A 14 -5.51 -5.16 14.37
CA LYS A 14 -6.40 -5.51 15.46
C LYS A 14 -7.85 -5.26 15.04
N MET A 15 -8.07 -4.21 14.26
CA MET A 15 -9.40 -3.90 13.75
C MET A 15 -9.77 -4.86 12.65
N VAL A 16 -8.79 -5.25 11.88
CA VAL A 16 -8.96 -6.18 10.77
C VAL A 16 -9.45 -7.52 11.31
N GLN A 17 -8.82 -8.02 12.36
CA GLN A 17 -9.22 -9.29 12.96
C GLN A 17 -10.65 -9.24 13.51
N LYS A 18 -11.02 -8.11 14.10
CA LYS A 18 -12.36 -7.95 14.67
C LYS A 18 -13.39 -7.40 13.69
N LYS A 19 -12.99 -7.20 12.44
CA LYS A 19 -13.87 -6.65 11.38
C LYS A 19 -14.52 -5.33 11.82
N ASN A 20 -13.75 -4.51 12.51
CA ASN A 20 -14.24 -3.25 13.07
C ASN A 20 -13.29 -2.11 12.68
N ALA A 21 -12.95 -2.05 11.40
CA ALA A 21 -11.96 -1.09 10.91
C ALA A 21 -12.43 0.37 10.78
N ALA A 22 -13.55 0.73 11.39
CA ALA A 22 -14.03 2.12 11.36
C ALA A 22 -12.99 3.03 12.04
N GLY A 23 -12.41 2.55 13.13
CA GLY A 23 -11.41 3.31 13.87
C GLY A 23 -10.16 3.65 13.06
N ALA A 24 -9.93 2.91 11.98
CA ALA A 24 -8.79 3.11 11.12
C ALA A 24 -8.82 4.48 10.44
N LEU A 25 -9.98 5.14 10.44
CA LEU A 25 -10.10 6.48 9.85
C LEU A 25 -8.99 7.39 10.34
N ASP A 26 -8.79 7.41 11.65
CA ASP A 26 -7.80 8.29 12.26
C ASP A 26 -6.39 7.90 11.89
N LEU A 27 -6.18 6.61 11.73
CA LEU A 27 -4.87 6.08 11.49
C LEU A 27 -4.42 6.47 10.10
N LEU A 28 -5.31 6.25 9.15
CA LEU A 28 -5.02 6.52 7.75
C LEU A 28 -4.86 8.03 7.53
N LYS A 29 -5.66 8.81 8.23
CA LYS A 29 -5.56 10.24 8.23
C LYS A 29 -4.17 10.71 8.62
N GLU A 30 -3.60 10.09 9.65
CA GLU A 30 -2.24 10.43 10.08
C GLU A 30 -1.20 9.97 9.07
N LEU A 31 -1.41 8.82 8.48
CA LEU A 31 -0.49 8.29 7.47
C LEU A 31 -0.35 9.20 6.26
N LYS A 32 -1.35 10.02 5.98
CA LYS A 32 -1.26 10.99 4.88
C LYS A 32 -0.23 12.07 5.16
N ASN A 33 0.12 12.25 6.43
CA ASN A 33 1.07 13.27 6.84
C ASN A 33 2.47 12.69 7.03
N ILE A 34 2.60 11.39 6.79
CA ILE A 34 3.86 10.69 7.04
C ILE A 34 4.63 10.42 5.75
N PRO A 35 5.94 10.78 5.72
CA PRO A 35 6.83 10.55 4.57
C PRO A 35 7.24 9.07 4.42
N MET A 36 6.26 8.26 4.05
CA MET A 36 6.47 6.84 3.79
C MET A 36 7.49 6.65 2.66
N THR A 37 8.26 5.59 2.77
CA THR A 37 9.30 5.27 1.79
C THR A 37 9.13 3.80 1.43
N LEU A 38 9.84 3.36 0.42
CA LEU A 38 9.79 1.96 0.00
C LEU A 38 10.32 1.13 1.16
N GLU A 39 11.36 1.66 1.78
CA GLU A 39 12.03 0.99 2.89
C GLU A 39 11.07 0.75 4.05
N LEU A 40 10.23 1.75 4.31
CA LEU A 40 9.24 1.63 5.38
C LEU A 40 8.23 0.54 5.05
N LEU A 41 7.84 0.44 3.79
CA LEU A 41 6.83 -0.55 3.40
C LEU A 41 7.38 -1.95 3.55
N GLN A 42 8.67 -2.09 3.32
CA GLN A 42 9.33 -3.38 3.47
C GLN A 42 9.35 -3.80 4.94
N SER A 43 9.90 -2.95 5.81
CA SER A 43 10.04 -3.28 7.24
C SER A 43 8.75 -3.29 8.06
N THR A 44 7.85 -2.35 7.81
CA THR A 44 6.64 -2.21 8.63
C THR A 44 5.46 -2.96 8.03
N ARG A 45 5.59 -3.30 6.75
CA ARG A 45 4.56 -4.02 5.98
C ARG A 45 3.20 -3.35 6.05
N ILE A 46 3.21 -2.04 6.19
CA ILE A 46 1.98 -1.29 6.35
C ILE A 46 1.15 -1.23 5.06
N GLY A 47 1.78 -1.42 3.92
CA GLY A 47 1.04 -1.44 2.67
C GLY A 47 -0.05 -2.48 2.71
N MET A 48 0.25 -3.63 3.29
CA MET A 48 -0.70 -4.72 3.39
C MET A 48 -1.76 -4.43 4.45
N SER A 49 -1.36 -3.78 5.53
CA SER A 49 -2.32 -3.41 6.58
C SER A 49 -3.36 -2.45 6.04
N VAL A 50 -2.91 -1.38 5.39
CA VAL A 50 -3.83 -0.44 4.77
C VAL A 50 -4.68 -1.13 3.68
N ASN A 51 -4.07 -2.01 2.90
CA ASN A 51 -4.82 -2.74 1.87
C ASN A 51 -5.94 -3.57 2.53
N ALA A 52 -5.62 -4.20 3.65
CA ALA A 52 -6.59 -4.99 4.39
C ALA A 52 -7.72 -4.10 4.94
N ILE A 53 -7.38 -2.95 5.47
CA ILE A 53 -8.41 -2.04 6.02
C ILE A 53 -9.41 -1.65 4.93
N ARG A 54 -8.94 -1.39 3.73
CA ARG A 54 -9.84 -0.99 2.64
C ARG A 54 -10.92 -2.03 2.38
N LYS A 55 -10.60 -3.31 2.53
CA LYS A 55 -11.56 -4.38 2.26
C LYS A 55 -12.30 -4.87 3.50
N GLN A 56 -11.76 -4.53 4.66
CA GLN A 56 -12.34 -4.90 5.97
C GLN A 56 -13.14 -3.76 6.62
N SER A 57 -13.33 -2.67 5.91
CA SER A 57 -14.07 -1.53 6.43
C SER A 57 -15.35 -1.26 5.64
N THR A 58 -16.44 -1.09 6.35
CA THR A 58 -17.73 -0.75 5.75
C THR A 58 -17.81 0.77 5.59
N ASP A 59 -17.00 1.46 6.38
CA ASP A 59 -16.95 2.91 6.37
C ASP A 59 -16.23 3.37 5.11
N GLU A 60 -16.94 4.02 4.20
CA GLU A 60 -16.33 4.41 2.94
C GLU A 60 -15.23 5.45 3.12
N GLU A 61 -15.33 6.32 4.10
CA GLU A 61 -14.27 7.31 4.30
C GLU A 61 -12.96 6.59 4.57
N VAL A 62 -13.02 5.51 5.31
CA VAL A 62 -11.85 4.75 5.65
C VAL A 62 -11.30 4.11 4.38
N THR A 63 -12.16 3.56 3.55
CA THR A 63 -11.69 2.95 2.32
C THR A 63 -11.09 4.00 1.40
N SER A 64 -11.65 5.19 1.44
CA SER A 64 -11.18 6.31 0.64
C SER A 64 -9.84 6.84 1.13
N LEU A 65 -9.64 6.88 2.44
CA LEU A 65 -8.37 7.29 2.97
C LEU A 65 -7.34 6.22 2.60
N ALA A 66 -7.70 4.97 2.84
CA ALA A 66 -6.79 3.86 2.58
C ALA A 66 -6.43 3.73 1.10
N LYS A 67 -7.41 3.82 0.21
CA LYS A 67 -7.14 3.72 -1.24
C LYS A 67 -6.19 4.83 -1.69
N SER A 68 -6.24 5.96 -1.00
CA SER A 68 -5.35 7.08 -1.30
C SER A 68 -3.91 6.69 -0.96
N LEU A 69 -3.68 6.16 0.23
CA LEU A 69 -2.34 5.74 0.62
C LEU A 69 -1.76 4.70 -0.31
N ILE A 70 -2.54 3.71 -0.71
CA ILE A 70 -2.02 2.66 -1.57
C ILE A 70 -1.43 3.25 -2.84
N LYS A 71 -2.12 4.21 -3.45
CA LYS A 71 -1.61 4.84 -4.67
C LYS A 71 -0.33 5.63 -4.41
N SER A 72 -0.35 6.47 -3.39
CA SER A 72 0.81 7.31 -3.06
C SER A 72 2.03 6.48 -2.66
N TRP A 73 1.79 5.39 -1.96
CA TRP A 73 2.86 4.52 -1.50
C TRP A 73 3.39 3.59 -2.58
N LYS A 74 2.58 3.31 -3.57
CA LYS A 74 2.98 2.37 -4.63
C LYS A 74 4.07 2.99 -5.48
N LYS A 75 4.04 4.30 -5.62
CA LYS A 75 5.01 5.00 -6.44
C LYS A 75 6.42 4.91 -5.86
N LEU A 76 6.52 4.57 -4.57
CA LEU A 76 7.79 4.51 -3.87
C LEU A 76 8.69 3.39 -4.36
N LEU A 77 8.09 2.24 -4.61
CA LEU A 77 8.82 1.06 -5.06
C LEU A 77 8.87 1.00 -6.57
N ASP A 78 7.89 1.64 -7.17
CA ASP A 78 7.70 1.65 -8.62
C ASP A 78 8.62 2.62 -9.34
N GLY A 79 8.90 3.75 -8.71
CA GLY A 79 9.66 4.81 -9.37
C GLY A 79 8.68 5.73 -10.08
N GLY A 80 7.42 5.62 -9.68
CA GLY A 80 6.37 6.42 -10.26
C GLY A 80 6.54 7.90 -9.96
N SER A 81 5.89 8.73 -10.77
CA SER A 81 5.96 10.19 -10.68
C SER A 81 7.36 10.73 -11.03
N GLY A 82 8.22 9.87 -11.54
CA GLY A 82 9.54 10.27 -12.01
C GLY A 82 9.96 9.32 -13.11
N SER A 83 8.96 8.74 -13.75
CA SER A 83 9.15 7.74 -14.78
C SER A 83 9.58 8.37 -16.11
N GLY A 84 10.36 7.61 -16.88
CA GLY A 84 10.79 8.07 -18.20
C GLY A 84 9.89 7.47 -19.25
N SER A 85 10.21 7.68 -20.53
CA SER A 85 9.42 7.13 -21.63
C SER A 85 9.45 5.60 -21.65
N GLY A 86 10.53 5.02 -21.14
CA GLY A 86 10.63 3.58 -21.10
C GLY A 86 10.67 2.94 -22.47
N SER A 87 10.05 1.78 -22.57
CA SER A 87 9.97 1.02 -23.82
C SER A 87 8.50 0.59 -23.99
N GLY A 88 7.66 1.22 -23.19
CA GLY A 88 6.23 0.92 -23.16
C GLY A 88 5.69 1.84 -22.09
N SER A 89 4.40 1.81 -21.80
CA SER A 89 3.83 2.70 -20.81
C SER A 89 4.50 2.55 -19.44
N SER A 90 5.13 3.64 -18.99
CA SER A 90 5.88 3.72 -17.73
C SER A 90 7.06 2.74 -17.62
N GLY A 91 7.44 2.11 -18.72
CA GLY A 91 8.55 1.17 -18.71
C GLY A 91 8.17 -0.15 -19.36
N GLU A 92 8.99 -1.15 -19.13
CA GLU A 92 8.77 -2.50 -19.65
C GLU A 92 9.48 -3.36 -18.62
N LEU A 93 9.06 -4.61 -18.45
CA LEU A 93 9.68 -5.54 -17.50
C LEU A 93 9.75 -4.94 -16.08
N SER A 94 8.65 -4.31 -15.67
CA SER A 94 8.56 -3.66 -14.37
C SER A 94 8.49 -4.64 -13.20
N ASP A 95 9.65 -5.17 -12.84
CA ASP A 95 9.81 -6.14 -11.73
C ASP A 95 9.32 -5.62 -10.38
N LYS A 96 9.00 -4.34 -10.32
CA LYS A 96 8.52 -3.71 -9.08
C LYS A 96 7.18 -4.30 -8.66
N LYS A 97 6.50 -4.96 -9.60
CA LYS A 97 5.24 -5.64 -9.27
C LYS A 97 5.49 -6.72 -8.22
N ASN A 98 6.67 -7.34 -8.23
CA ASN A 98 6.97 -8.36 -7.22
C ASN A 98 7.10 -7.74 -5.84
N GLU A 99 7.74 -6.57 -5.75
CA GLU A 99 7.86 -5.88 -4.46
C GLU A 99 6.46 -5.53 -3.98
N GLU A 100 5.61 -5.09 -4.91
CA GLU A 100 4.24 -4.72 -4.56
C GLU A 100 3.45 -5.93 -4.05
N LYS A 101 3.69 -7.07 -4.67
CA LYS A 101 3.01 -8.32 -4.30
C LYS A 101 3.34 -8.68 -2.85
N ASP A 102 4.54 -8.35 -2.41
CA ASP A 102 5.00 -8.66 -1.06
C ASP A 102 4.56 -7.60 -0.05
N LEU A 103 4.70 -6.34 -0.44
CA LEU A 103 4.44 -5.21 0.44
C LEU A 103 2.96 -4.87 0.61
N PHE A 104 2.17 -5.09 -0.43
CA PHE A 104 0.75 -4.75 -0.43
C PHE A 104 -0.15 -5.94 -0.69
N GLY A 105 0.21 -6.76 -1.67
CA GLY A 105 -0.63 -7.88 -2.05
C GLY A 105 -1.89 -7.38 -2.73
N SER A 106 -1.76 -6.30 -3.52
CA SER A 106 -2.91 -5.70 -4.19
C SER A 106 -3.25 -6.40 -5.51
N ASP A 107 -3.37 -7.72 -5.43
CA ASP A 107 -3.72 -8.60 -6.56
C ASP A 107 -2.67 -8.60 -7.69
N SER A 108 -2.95 -9.32 -8.77
CA SER A 108 -2.03 -9.42 -9.89
C SER A 108 -2.78 -9.47 -11.21
N GLU A 109 -2.23 -8.84 -12.23
CA GLU A 109 -2.85 -8.73 -13.55
C GLU A 109 -1.69 -8.53 -14.51
N SER A 110 -1.92 -8.77 -15.81
CA SER A 110 -0.87 -8.58 -16.81
C SER A 110 -0.71 -7.11 -17.20
N GLY A 111 -1.82 -6.40 -17.29
CA GLY A 111 -1.78 -5.01 -17.71
C GLY A 111 -1.41 -4.90 -19.18
N ASN A 112 -0.86 -3.75 -19.57
CA ASN A 112 -0.41 -3.48 -20.94
C ASN A 112 -1.49 -3.72 -22.01
N GLU A 113 -2.70 -3.27 -21.72
CA GLU A 113 -3.80 -3.34 -22.67
C GLU A 113 -3.87 -1.95 -23.32
N GLU A 114 -3.54 -1.88 -24.61
CA GLU A 114 -3.48 -0.62 -25.35
C GLU A 114 -4.14 -0.90 -26.70
N GLU A 115 -4.60 0.15 -27.39
CA GLU A 115 -5.35 -0.02 -28.66
C GLU A 115 -4.67 0.68 -29.85
N ASN A 116 -5.06 0.28 -31.06
CA ASN A 116 -4.53 0.85 -32.30
C ASN A 116 -5.59 0.71 -33.38
N MET A 1 10.58 6.98 13.20
CA MET A 1 9.20 6.88 12.67
C MET A 1 8.90 5.48 12.14
N GLU A 2 9.91 4.64 11.94
CA GLU A 2 9.67 3.28 11.45
C GLU A 2 8.74 2.59 12.45
N ASP A 3 9.07 2.78 13.70
CA ASP A 3 8.31 2.27 14.83
C ASP A 3 6.89 2.80 14.84
N GLU A 4 6.69 4.06 14.47
CA GLU A 4 5.34 4.63 14.46
C GLU A 4 4.52 4.02 13.33
N VAL A 5 5.15 3.76 12.20
CA VAL A 5 4.44 3.13 11.09
C VAL A 5 4.08 1.71 11.52
N VAL A 6 5.01 1.02 12.14
CA VAL A 6 4.74 -0.30 12.73
C VAL A 6 3.54 -0.18 13.68
N ARG A 7 3.51 0.86 14.50
CA ARG A 7 2.38 1.05 15.41
C ARG A 7 1.09 1.16 14.62
N PHE A 8 1.05 1.95 13.56
CA PHE A 8 -0.17 2.06 12.76
C PHE A 8 -0.56 0.72 12.14
N ALA A 9 0.41 -0.01 11.61
CA ALA A 9 0.13 -1.32 11.00
C ALA A 9 -0.47 -2.27 12.03
N LYS A 10 0.09 -2.31 13.23
CA LYS A 10 -0.40 -3.19 14.28
C LYS A 10 -1.75 -2.72 14.81
N LYS A 11 -1.97 -1.41 14.88
CA LYS A 11 -3.27 -0.89 15.29
C LYS A 11 -4.31 -1.38 14.28
N MET A 12 -3.99 -1.30 12.99
CA MET A 12 -4.89 -1.75 11.94
C MET A 12 -5.18 -3.24 11.93
N ASP A 13 -4.15 -4.05 12.12
CA ASP A 13 -4.30 -5.51 12.05
C ASP A 13 -5.32 -6.00 13.08
N LYS A 14 -5.35 -5.35 14.22
CA LYS A 14 -6.29 -5.70 15.28
C LYS A 14 -7.73 -5.35 14.88
N MET A 15 -7.89 -4.29 14.09
CA MET A 15 -9.22 -3.90 13.60
C MET A 15 -9.66 -4.90 12.54
N VAL A 16 -8.69 -5.31 11.75
CA VAL A 16 -8.88 -6.26 10.68
C VAL A 16 -9.37 -7.59 11.25
N GLN A 17 -8.74 -8.05 12.32
CA GLN A 17 -9.11 -9.31 12.97
C GLN A 17 -10.56 -9.31 13.47
N LYS A 18 -11.00 -8.20 14.07
CA LYS A 18 -12.38 -8.11 14.59
C LYS A 18 -13.40 -7.73 13.53
N LYS A 19 -12.94 -7.58 12.28
CA LYS A 19 -13.81 -7.22 11.14
C LYS A 19 -14.54 -5.90 11.39
N ASN A 20 -13.90 -5.01 12.14
CA ASN A 20 -14.48 -3.71 12.48
C ASN A 20 -13.37 -2.68 12.40
N ALA A 21 -13.29 -2.01 11.25
CA ALA A 21 -12.20 -1.10 10.97
C ALA A 21 -12.59 0.38 10.82
N ALA A 22 -13.76 0.77 11.29
CA ALA A 22 -14.18 2.18 11.20
C ALA A 22 -13.15 3.10 11.90
N GLY A 23 -12.61 2.62 13.01
CA GLY A 23 -11.61 3.38 13.77
C GLY A 23 -10.32 3.68 13.00
N ALA A 24 -10.07 2.91 11.95
CA ALA A 24 -8.90 3.07 11.12
C ALA A 24 -8.87 4.42 10.43
N LEU A 25 -10.01 5.10 10.38
CA LEU A 25 -10.11 6.43 9.80
C LEU A 25 -8.99 7.33 10.33
N ASP A 26 -8.85 7.35 11.63
CA ASP A 26 -7.86 8.19 12.28
C ASP A 26 -6.44 7.75 11.99
N LEU A 27 -6.23 6.45 11.80
CA LEU A 27 -4.90 5.94 11.54
C LEU A 27 -4.45 6.36 10.14
N LEU A 28 -5.39 6.27 9.21
CA LEU A 28 -5.11 6.60 7.82
C LEU A 28 -4.96 8.11 7.63
N LYS A 29 -5.71 8.90 8.40
CA LYS A 29 -5.55 10.36 8.40
C LYS A 29 -4.10 10.72 8.68
N GLU A 30 -3.54 10.10 9.71
CA GLU A 30 -2.16 10.36 10.11
C GLU A 30 -1.17 9.92 9.03
N LEU A 31 -1.45 8.77 8.44
CA LEU A 31 -0.57 8.20 7.43
C LEU A 31 -0.42 9.09 6.21
N LYS A 32 -1.43 9.88 5.91
CA LYS A 32 -1.36 10.82 4.79
C LYS A 32 -0.36 11.95 5.05
N ASN A 33 0.03 12.12 6.30
CA ASN A 33 0.96 13.18 6.68
C ASN A 33 2.37 12.63 6.89
N ILE A 34 2.52 11.33 6.73
CA ILE A 34 3.81 10.66 7.00
C ILE A 34 4.59 10.43 5.69
N PRO A 35 5.88 10.82 5.66
CA PRO A 35 6.77 10.61 4.52
C PRO A 35 7.21 9.13 4.40
N MET A 36 6.25 8.29 4.04
CA MET A 36 6.49 6.87 3.82
C MET A 36 7.53 6.70 2.71
N THR A 37 8.31 5.63 2.81
CA THR A 37 9.36 5.34 1.84
C THR A 37 9.20 3.89 1.44
N LEU A 38 9.89 3.47 0.40
CA LEU A 38 9.83 2.08 -0.02
C LEU A 38 10.39 1.21 1.12
N GLU A 39 11.44 1.71 1.75
CA GLU A 39 12.10 0.99 2.85
C GLU A 39 11.12 0.73 3.98
N LEU A 40 10.30 1.73 4.25
CA LEU A 40 9.30 1.64 5.31
C LEU A 40 8.30 0.52 5.00
N LEU A 41 7.90 0.42 3.74
CA LEU A 41 6.90 -0.58 3.35
C LEU A 41 7.45 -1.98 3.47
N GLN A 42 8.74 -2.10 3.20
CA GLN A 42 9.42 -3.39 3.27
C GLN A 42 9.46 -3.88 4.72
N SER A 43 9.88 -3.02 5.64
CA SER A 43 9.99 -3.42 7.05
C SER A 43 8.67 -3.44 7.81
N THR A 44 7.94 -2.33 7.79
CA THR A 44 6.72 -2.19 8.59
C THR A 44 5.54 -2.95 8.00
N ARG A 45 5.66 -3.27 6.71
CA ARG A 45 4.64 -4.03 5.96
C ARG A 45 3.26 -3.38 6.06
N ILE A 46 3.27 -2.06 6.20
CA ILE A 46 2.04 -1.31 6.37
C ILE A 46 1.19 -1.25 5.10
N GLY A 47 1.80 -1.47 3.95
CA GLY A 47 1.05 -1.48 2.71
C GLY A 47 -0.06 -2.52 2.77
N MET A 48 0.26 -3.66 3.36
CA MET A 48 -0.70 -4.75 3.48
C MET A 48 -1.76 -4.42 4.53
N SER A 49 -1.36 -3.75 5.61
CA SER A 49 -2.31 -3.35 6.64
C SER A 49 -3.33 -2.36 6.10
N VAL A 50 -2.88 -1.30 5.46
CA VAL A 50 -3.80 -0.32 4.86
C VAL A 50 -4.69 -1.00 3.80
N ASN A 51 -4.11 -1.90 3.01
CA ASN A 51 -4.90 -2.64 2.00
C ASN A 51 -6.01 -3.42 2.66
N ALA A 52 -5.67 -4.16 3.71
CA ALA A 52 -6.63 -4.97 4.43
C ALA A 52 -7.74 -4.11 5.01
N ILE A 53 -7.39 -2.95 5.56
CA ILE A 53 -8.40 -2.06 6.11
C ILE A 53 -9.37 -1.66 5.03
N ARG A 54 -8.90 -1.34 3.84
CA ARG A 54 -9.81 -0.92 2.77
C ARG A 54 -10.89 -1.95 2.50
N LYS A 55 -10.54 -3.23 2.51
CA LYS A 55 -11.50 -4.28 2.21
C LYS A 55 -12.30 -4.73 3.42
N GLN A 56 -11.74 -4.53 4.60
CA GLN A 56 -12.41 -4.88 5.86
C GLN A 56 -13.26 -3.75 6.47
N SER A 57 -13.10 -2.52 6.00
CA SER A 57 -13.82 -1.38 6.59
C SER A 57 -15.19 -1.12 6.02
N THR A 58 -15.28 -1.05 4.69
CA THR A 58 -16.48 -0.68 3.92
C THR A 58 -16.97 0.76 4.16
N ASP A 59 -16.56 1.37 5.27
CA ASP A 59 -16.80 2.79 5.56
C ASP A 59 -16.18 3.57 4.43
N GLU A 60 -16.97 4.42 3.78
CA GLU A 60 -16.47 5.11 2.60
C GLU A 60 -15.33 6.07 2.90
N GLU A 61 -15.34 6.71 4.05
CA GLU A 61 -14.25 7.61 4.37
C GLU A 61 -12.97 6.81 4.54
N VAL A 62 -13.06 5.66 5.22
CA VAL A 62 -11.88 4.87 5.49
C VAL A 62 -11.36 4.26 4.20
N THR A 63 -12.25 3.79 3.35
CA THR A 63 -11.82 3.22 2.08
C THR A 63 -11.21 4.31 1.22
N SER A 64 -11.72 5.54 1.30
CA SER A 64 -11.18 6.66 0.53
C SER A 64 -9.82 7.07 1.05
N LEU A 65 -9.63 7.04 2.35
CA LEU A 65 -8.34 7.36 2.92
C LEU A 65 -7.34 6.27 2.56
N ALA A 66 -7.73 5.02 2.75
CA ALA A 66 -6.85 3.90 2.51
C ALA A 66 -6.47 3.75 1.04
N LYS A 67 -7.44 3.88 0.14
CA LYS A 67 -7.13 3.78 -1.31
C LYS A 67 -6.13 4.86 -1.70
N SER A 68 -6.18 6.00 -1.00
CA SER A 68 -5.26 7.10 -1.27
C SER A 68 -3.85 6.70 -0.90
N LEU A 69 -3.64 6.14 0.29
CA LEU A 69 -2.31 5.71 0.67
C LEU A 69 -1.77 4.65 -0.25
N ILE A 70 -2.57 3.66 -0.63
CA ILE A 70 -2.07 2.58 -1.48
C ILE A 70 -1.56 3.16 -2.80
N LYS A 71 -2.28 4.10 -3.38
CA LYS A 71 -1.86 4.68 -4.65
C LYS A 71 -0.59 5.51 -4.50
N SER A 72 -0.49 6.28 -3.44
CA SER A 72 0.69 7.11 -3.23
C SER A 72 1.92 6.29 -2.84
N TRP A 73 1.72 5.31 -1.98
CA TRP A 73 2.81 4.45 -1.50
C TRP A 73 3.32 3.54 -2.61
N LYS A 74 2.50 3.31 -3.62
CA LYS A 74 2.89 2.46 -4.74
C LYS A 74 3.96 3.15 -5.55
N LYS A 75 3.96 4.49 -5.54
CA LYS A 75 4.98 5.25 -6.28
C LYS A 75 6.38 4.99 -5.73
N LEU A 76 6.45 4.55 -4.49
CA LEU A 76 7.72 4.35 -3.82
C LEU A 76 8.50 3.18 -4.43
N LEU A 77 7.80 2.08 -4.70
CA LEU A 77 8.40 0.91 -5.37
C LEU A 77 8.38 1.07 -6.90
N ASP A 78 7.38 1.76 -7.41
CA ASP A 78 7.25 1.91 -8.85
C ASP A 78 8.29 2.88 -9.42
N GLY A 79 8.63 3.91 -8.66
CA GLY A 79 9.62 4.86 -9.12
C GLY A 79 9.28 5.50 -10.46
N GLY A 80 10.15 5.31 -11.44
CA GLY A 80 9.92 5.85 -12.77
C GLY A 80 9.17 4.87 -13.65
N SER A 81 8.31 5.39 -14.52
CA SER A 81 7.49 4.57 -15.41
C SER A 81 8.26 3.78 -16.47
N GLY A 82 9.45 4.26 -16.83
CA GLY A 82 10.23 3.61 -17.86
C GLY A 82 11.17 4.61 -18.50
N SER A 83 11.54 4.37 -19.74
CA SER A 83 12.42 5.27 -20.48
C SER A 83 11.72 6.62 -20.70
N GLY A 84 12.51 7.68 -20.74
CA GLY A 84 11.96 9.01 -20.98
C GLY A 84 11.50 9.19 -22.41
N SER A 85 10.74 10.26 -22.66
CA SER A 85 10.22 10.59 -23.99
C SER A 85 9.34 9.48 -24.59
N GLY A 86 8.69 8.71 -23.72
CA GLY A 86 7.83 7.64 -24.17
C GLY A 86 7.05 7.09 -22.99
N SER A 87 6.29 6.03 -23.23
CA SER A 87 5.51 5.37 -22.20
C SER A 87 5.35 3.93 -22.67
N GLY A 88 5.09 3.02 -21.76
CA GLY A 88 4.93 1.61 -22.11
C GLY A 88 3.76 1.03 -21.34
N SER A 89 3.64 -0.29 -21.37
CA SER A 89 2.57 -0.98 -20.64
C SER A 89 3.16 -2.16 -19.86
N SER A 90 3.73 -3.12 -20.57
CA SER A 90 4.37 -4.25 -19.91
C SER A 90 5.71 -3.81 -19.33
N GLY A 91 5.80 -3.80 -18.01
CA GLY A 91 7.04 -3.46 -17.33
C GLY A 91 7.96 -4.66 -17.30
N GLU A 92 8.90 -4.72 -18.23
CA GLU A 92 9.83 -5.83 -18.38
C GLU A 92 10.61 -6.18 -17.10
N LEU A 93 11.04 -5.17 -16.36
CA LEU A 93 11.85 -5.38 -15.14
C LEU A 93 11.12 -6.20 -14.10
N SER A 94 9.79 -6.08 -14.09
CA SER A 94 8.89 -6.82 -13.19
C SER A 94 9.07 -6.69 -11.67
N ASP A 95 10.17 -6.11 -11.20
CA ASP A 95 10.41 -5.95 -9.76
C ASP A 95 9.29 -5.23 -9.04
N LYS A 96 8.66 -4.26 -9.69
CA LYS A 96 7.56 -3.50 -9.08
C LYS A 96 6.42 -4.45 -8.70
N LYS A 97 6.21 -5.48 -9.52
CA LYS A 97 5.12 -6.44 -9.32
C LYS A 97 5.45 -7.29 -8.10
N ASN A 98 6.71 -7.71 -8.02
CA ASN A 98 7.16 -8.57 -6.94
C ASN A 98 7.18 -7.85 -5.60
N GLU A 99 7.68 -6.62 -5.59
CA GLU A 99 7.72 -5.84 -4.37
C GLU A 99 6.31 -5.59 -3.88
N GLU A 100 5.40 -5.25 -4.77
CA GLU A 100 4.04 -4.97 -4.34
C GLU A 100 3.38 -6.23 -3.79
N LYS A 101 3.63 -7.36 -4.43
CA LYS A 101 3.08 -8.64 -4.01
C LYS A 101 3.42 -8.90 -2.55
N ASP A 102 4.64 -8.60 -2.14
CA ASP A 102 5.05 -8.82 -0.77
C ASP A 102 4.69 -7.68 0.18
N LEU A 103 4.79 -6.44 -0.26
CA LEU A 103 4.55 -5.28 0.61
C LEU A 103 3.08 -4.98 0.84
N PHE A 104 2.27 -5.21 -0.17
CA PHE A 104 0.83 -4.89 -0.13
C PHE A 104 -0.04 -6.12 -0.32
N GLY A 105 0.31 -6.97 -1.27
CA GLY A 105 -0.52 -8.12 -1.57
C GLY A 105 -1.82 -7.65 -2.19
N SER A 106 -1.73 -6.60 -2.99
CA SER A 106 -2.91 -5.96 -3.59
C SER A 106 -3.27 -6.60 -4.92
N ASP A 107 -3.17 -7.92 -4.98
CA ASP A 107 -3.51 -8.72 -6.16
C ASP A 107 -2.75 -8.25 -7.42
N SER A 108 -1.45 -8.08 -7.28
CA SER A 108 -0.60 -7.62 -8.37
C SER A 108 -0.47 -8.65 -9.51
N GLU A 109 -0.41 -8.14 -10.72
CA GLU A 109 -0.30 -8.98 -11.92
C GLU A 109 1.12 -9.49 -12.13
N SER A 110 1.25 -10.69 -12.69
CA SER A 110 2.55 -11.30 -12.99
C SER A 110 2.26 -12.38 -14.03
N GLY A 111 3.29 -13.07 -14.49
CA GLY A 111 3.11 -14.12 -15.49
C GLY A 111 3.37 -13.70 -16.92
N ASN A 112 3.99 -12.55 -17.10
CA ASN A 112 4.36 -12.08 -18.45
C ASN A 112 5.55 -12.93 -18.89
N GLU A 113 5.49 -13.48 -20.09
CA GLU A 113 6.57 -14.32 -20.62
C GLU A 113 6.74 -14.01 -22.11
N GLU A 114 7.90 -14.36 -22.65
CA GLU A 114 8.23 -14.11 -24.05
C GLU A 114 9.34 -15.10 -24.44
N GLU A 115 9.53 -15.32 -25.74
CA GLU A 115 10.54 -16.27 -26.23
C GLU A 115 11.07 -15.80 -27.58
N ASN A 116 12.05 -16.52 -28.12
CA ASN A 116 12.73 -16.16 -29.37
C ASN A 116 12.00 -16.75 -30.58
N MET A 1 11.12 6.66 12.41
CA MET A 1 9.63 6.53 12.38
C MET A 1 9.20 5.09 12.10
N GLU A 2 10.13 4.14 12.05
CA GLU A 2 9.78 2.75 11.72
C GLU A 2 8.76 2.17 12.70
N ASP A 3 9.05 2.29 13.99
CA ASP A 3 8.14 1.79 15.01
C ASP A 3 6.78 2.49 14.92
N GLU A 4 6.74 3.77 14.60
CA GLU A 4 5.47 4.47 14.50
C GLU A 4 4.59 3.88 13.39
N VAL A 5 5.20 3.55 12.27
CA VAL A 5 4.47 2.95 11.16
C VAL A 5 4.05 1.53 11.57
N VAL A 6 4.95 0.80 12.19
CA VAL A 6 4.66 -0.54 12.72
C VAL A 6 3.46 -0.43 13.66
N ARG A 7 3.46 0.59 14.52
CA ARG A 7 2.35 0.84 15.44
C ARG A 7 1.07 1.02 14.68
N PHE A 8 1.07 1.88 13.68
CA PHE A 8 -0.12 2.07 12.85
C PHE A 8 -0.58 0.76 12.22
N ALA A 9 0.35 -0.01 11.67
CA ALA A 9 0.02 -1.28 11.02
C ALA A 9 -0.60 -2.27 12.01
N LYS A 10 -0.04 -2.37 13.20
CA LYS A 10 -0.58 -3.29 14.21
C LYS A 10 -1.91 -2.79 14.76
N LYS A 11 -2.09 -1.47 14.85
CA LYS A 11 -3.39 -0.93 15.26
C LYS A 11 -4.42 -1.37 14.23
N MET A 12 -4.09 -1.22 12.96
CA MET A 12 -5.00 -1.61 11.87
C MET A 12 -5.35 -3.09 11.91
N ASP A 13 -4.36 -3.95 12.08
CA ASP A 13 -4.59 -5.39 12.08
C ASP A 13 -5.60 -5.80 13.15
N LYS A 14 -5.55 -5.15 14.28
CA LYS A 14 -6.45 -5.47 15.39
C LYS A 14 -7.89 -5.08 15.06
N MET A 15 -8.06 -4.02 14.27
CA MET A 15 -9.40 -3.62 13.82
C MET A 15 -9.89 -4.63 12.81
N VAL A 16 -8.96 -5.08 11.98
CA VAL A 16 -9.21 -6.06 10.94
C VAL A 16 -9.67 -7.37 11.57
N GLN A 17 -9.01 -7.84 12.62
CA GLN A 17 -9.42 -9.06 13.28
C GLN A 17 -10.82 -8.92 13.89
N LYS A 18 -11.11 -7.75 14.45
CA LYS A 18 -12.44 -7.47 15.03
C LYS A 18 -13.50 -7.12 13.99
N LYS A 19 -13.11 -7.07 12.72
CA LYS A 19 -14.01 -6.78 11.59
C LYS A 19 -14.75 -5.45 11.73
N ASN A 20 -14.09 -4.49 12.37
CA ASN A 20 -14.65 -3.15 12.55
C ASN A 20 -13.47 -2.20 12.45
N ALA A 21 -13.33 -1.58 11.29
CA ALA A 21 -12.19 -0.72 11.00
C ALA A 21 -12.51 0.77 10.95
N ALA A 22 -13.66 1.18 11.49
CA ALA A 22 -14.02 2.60 11.49
C ALA A 22 -12.91 3.48 12.11
N GLY A 23 -12.30 2.98 13.18
CA GLY A 23 -11.23 3.71 13.85
C GLY A 23 -9.99 3.94 12.99
N ALA A 24 -9.85 3.16 11.93
CA ALA A 24 -8.70 3.26 11.03
C ALA A 24 -8.71 4.58 10.29
N LEU A 25 -9.84 5.27 10.27
CA LEU A 25 -9.95 6.58 9.64
C LEU A 25 -8.87 7.48 10.16
N ASP A 26 -8.74 7.50 11.47
CA ASP A 26 -7.77 8.36 12.14
C ASP A 26 -6.35 7.89 11.88
N LEU A 27 -6.18 6.59 11.71
CA LEU A 27 -4.85 6.05 11.42
C LEU A 27 -4.42 6.52 10.03
N LEU A 28 -5.23 6.26 9.01
CA LEU A 28 -4.96 6.69 7.68
C LEU A 28 -4.84 8.22 7.54
N LYS A 29 -5.62 9.00 8.29
CA LYS A 29 -5.43 10.46 8.33
C LYS A 29 -3.98 10.80 8.67
N GLU A 30 -3.45 10.18 9.71
CA GLU A 30 -2.08 10.44 10.15
C GLU A 30 -1.08 9.99 9.10
N LEU A 31 -1.34 8.88 8.45
CA LEU A 31 -0.44 8.38 7.41
C LEU A 31 -0.33 9.32 6.23
N LYS A 32 -1.32 10.17 6.01
CA LYS A 32 -1.24 11.16 4.92
C LYS A 32 -0.30 12.30 5.29
N ASN A 33 0.03 12.40 6.57
CA ASN A 33 0.94 13.44 7.06
C ASN A 33 2.34 12.87 7.20
N ILE A 34 2.47 11.57 6.98
CA ILE A 34 3.75 10.88 7.18
C ILE A 34 4.48 10.60 5.86
N PRO A 35 5.78 10.94 5.80
CA PRO A 35 6.64 10.66 4.64
C PRO A 35 7.00 9.18 4.55
N MET A 36 6.02 8.38 4.13
CA MET A 36 6.22 6.94 3.93
C MET A 36 7.30 6.76 2.86
N THR A 37 8.08 5.70 2.98
CA THR A 37 9.15 5.41 2.03
C THR A 37 9.04 3.96 1.64
N LEU A 38 9.75 3.56 0.59
CA LEU A 38 9.75 2.18 0.14
C LEU A 38 10.29 1.32 1.27
N GLU A 39 11.26 1.88 1.97
CA GLU A 39 11.94 1.17 3.05
C GLU A 39 10.96 0.81 4.16
N LEU A 40 10.06 1.73 4.44
CA LEU A 40 9.04 1.49 5.45
C LEU A 40 8.06 0.43 5.00
N LEU A 41 7.70 0.44 3.73
CA LEU A 41 6.75 -0.54 3.23
C LEU A 41 7.33 -1.93 3.30
N GLN A 42 8.64 -2.02 3.15
CA GLN A 42 9.32 -3.31 3.27
C GLN A 42 9.34 -3.80 4.71
N SER A 43 9.86 -2.99 5.62
CA SER A 43 10.02 -3.41 7.02
C SER A 43 8.69 -3.50 7.79
N THR A 44 7.89 -2.45 7.70
CA THR A 44 6.66 -2.36 8.49
C THR A 44 5.49 -3.10 7.83
N ARG A 45 5.64 -3.34 6.52
CA ARG A 45 4.60 -3.99 5.69
C ARG A 45 3.24 -3.31 5.88
N ILE A 46 3.27 -2.00 6.09
CA ILE A 46 2.04 -1.27 6.32
C ILE A 46 1.17 -1.22 5.07
N GLY A 47 1.77 -1.42 3.90
CA GLY A 47 1.00 -1.48 2.68
C GLY A 47 -0.04 -2.58 2.78
N MET A 48 0.35 -3.69 3.38
CA MET A 48 -0.53 -4.83 3.57
C MET A 48 -1.63 -4.50 4.58
N SER A 49 -1.29 -3.79 5.64
CA SER A 49 -2.25 -3.41 6.67
C SER A 49 -3.30 -2.43 6.15
N VAL A 50 -2.86 -1.37 5.49
CA VAL A 50 -3.80 -0.43 4.89
C VAL A 50 -4.65 -1.14 3.84
N ASN A 51 -4.06 -2.03 3.06
CA ASN A 51 -4.83 -2.80 2.08
C ASN A 51 -5.88 -3.67 2.78
N ALA A 52 -5.52 -4.27 3.90
CA ALA A 52 -6.45 -5.09 4.65
C ALA A 52 -7.61 -4.22 5.13
N ILE A 53 -7.32 -3.02 5.61
CA ILE A 53 -8.38 -2.11 6.07
C ILE A 53 -9.29 -1.75 4.90
N ARG A 54 -8.71 -1.50 3.74
CA ARG A 54 -9.47 -1.13 2.56
C ARG A 54 -10.55 -2.16 2.21
N LYS A 55 -10.27 -3.43 2.47
CA LYS A 55 -11.22 -4.51 2.15
C LYS A 55 -12.05 -4.99 3.34
N GLN A 56 -11.60 -4.65 4.53
CA GLN A 56 -12.28 -5.01 5.80
C GLN A 56 -13.13 -3.89 6.39
N SER A 57 -13.19 -2.76 5.70
CA SER A 57 -13.96 -1.61 6.18
C SER A 57 -15.24 -1.41 5.40
N THR A 58 -16.32 -1.09 6.11
CA THR A 58 -17.61 -0.77 5.49
C THR A 58 -17.71 0.74 5.39
N ASP A 59 -16.82 1.40 6.13
CA ASP A 59 -16.75 2.85 6.19
C ASP A 59 -16.02 3.35 4.94
N GLU A 60 -16.70 4.06 4.06
CA GLU A 60 -16.04 4.51 2.83
C GLU A 60 -15.05 5.63 3.12
N GLU A 61 -15.25 6.39 4.19
CA GLU A 61 -14.27 7.41 4.54
C GLU A 61 -12.92 6.74 4.77
N VAL A 62 -12.93 5.56 5.38
CA VAL A 62 -11.73 4.82 5.67
C VAL A 62 -11.16 4.24 4.39
N THR A 63 -12.00 3.66 3.55
CA THR A 63 -11.50 3.10 2.31
C THR A 63 -10.99 4.20 1.42
N SER A 64 -11.61 5.38 1.44
CA SER A 64 -11.18 6.53 0.64
C SER A 64 -9.80 6.94 1.06
N LEU A 65 -9.58 6.95 2.36
CA LEU A 65 -8.26 7.30 2.86
C LEU A 65 -7.26 6.19 2.48
N ALA A 66 -7.63 4.95 2.73
CA ALA A 66 -6.76 3.80 2.46
C ALA A 66 -6.43 3.63 0.97
N LYS A 67 -7.43 3.70 0.11
CA LYS A 67 -7.27 3.55 -1.33
C LYS A 67 -6.33 4.65 -1.85
N SER A 68 -6.34 5.79 -1.18
CA SER A 68 -5.42 6.88 -1.50
C SER A 68 -3.99 6.49 -1.12
N LEU A 69 -3.77 6.00 0.10
CA LEU A 69 -2.46 5.60 0.54
C LEU A 69 -1.85 4.56 -0.35
N ILE A 70 -2.60 3.53 -0.72
CA ILE A 70 -2.04 2.46 -1.55
C ILE A 70 -1.46 3.00 -2.85
N LYS A 71 -2.24 3.81 -3.57
CA LYS A 71 -1.78 4.33 -4.86
C LYS A 71 -0.66 5.33 -4.73
N SER A 72 -0.69 6.10 -3.66
CA SER A 72 0.36 7.09 -3.42
C SER A 72 1.67 6.42 -2.98
N TRP A 73 1.56 5.43 -2.12
CA TRP A 73 2.71 4.68 -1.61
C TRP A 73 3.34 3.82 -2.69
N LYS A 74 2.55 3.52 -3.71
CA LYS A 74 3.02 2.68 -4.82
C LYS A 74 4.13 3.40 -5.54
N LYS A 75 4.11 4.72 -5.54
CA LYS A 75 5.16 5.51 -6.18
C LYS A 75 6.53 5.26 -5.56
N LEU A 76 6.54 4.78 -4.33
CA LEU A 76 7.77 4.57 -3.60
C LEU A 76 8.54 3.38 -4.17
N LEU A 77 7.84 2.29 -4.45
CA LEU A 77 8.48 1.12 -5.06
C LEU A 77 8.65 1.35 -6.54
N ASP A 78 7.66 2.00 -7.13
CA ASP A 78 7.64 2.27 -8.57
C ASP A 78 8.84 3.12 -8.99
N GLY A 79 9.25 4.04 -8.12
CA GLY A 79 10.45 4.82 -8.38
C GLY A 79 11.69 4.08 -7.92
N GLY A 80 11.62 3.50 -6.74
CA GLY A 80 12.76 2.77 -6.19
C GLY A 80 13.72 3.69 -5.50
N SER A 81 14.83 3.16 -5.02
CA SER A 81 15.82 3.97 -4.33
C SER A 81 16.61 4.79 -5.35
N GLY A 82 16.61 6.11 -5.19
CA GLY A 82 17.36 6.98 -6.07
C GLY A 82 16.63 7.42 -7.34
N SER A 83 15.37 7.05 -7.49
CA SER A 83 14.59 7.44 -8.67
C SER A 83 13.12 7.64 -8.28
N GLY A 84 12.35 8.25 -9.17
CA GLY A 84 10.95 8.50 -8.91
C GLY A 84 10.14 8.25 -10.17
N SER A 85 8.85 8.02 -10.02
CA SER A 85 7.97 7.78 -11.17
C SER A 85 7.93 9.00 -12.09
N GLY A 86 8.00 8.78 -13.39
CA GLY A 86 7.95 9.87 -14.34
C GLY A 86 6.58 10.01 -14.98
N SER A 87 6.49 10.88 -15.98
CA SER A 87 5.24 11.11 -16.72
C SER A 87 5.18 10.22 -17.95
N GLY A 88 6.10 9.27 -18.03
CA GLY A 88 6.19 8.36 -19.15
C GLY A 88 6.73 7.06 -18.59
N SER A 89 6.91 6.04 -19.42
CA SER A 89 7.40 4.75 -18.94
C SER A 89 8.36 4.18 -19.97
N SER A 90 9.28 3.33 -19.51
CA SER A 90 10.25 2.69 -20.38
C SER A 90 10.46 1.29 -19.82
N GLY A 91 10.83 0.35 -20.69
CA GLY A 91 11.06 -1.02 -20.26
C GLY A 91 9.89 -1.93 -20.60
N GLU A 92 10.21 -3.17 -20.91
CA GLU A 92 9.19 -4.16 -21.28
C GLU A 92 8.55 -4.78 -20.03
N LEU A 93 9.36 -4.92 -18.98
CA LEU A 93 8.91 -5.51 -17.73
C LEU A 93 9.44 -4.71 -16.56
N SER A 94 8.64 -4.63 -15.51
CA SER A 94 9.03 -3.93 -14.29
C SER A 94 8.74 -4.84 -13.09
N ASP A 95 9.77 -5.18 -12.35
CA ASP A 95 9.64 -6.07 -11.19
C ASP A 95 8.96 -5.40 -10.01
N LYS A 96 8.55 -4.16 -10.18
CA LYS A 96 7.88 -3.41 -9.13
C LYS A 96 6.55 -4.07 -8.76
N LYS A 97 5.98 -4.82 -9.70
CA LYS A 97 4.75 -5.55 -9.42
C LYS A 97 5.03 -6.71 -8.46
N ASN A 98 6.23 -7.28 -8.54
CA ASN A 98 6.60 -8.40 -7.68
C ASN A 98 6.92 -7.87 -6.28
N GLU A 99 7.43 -6.64 -6.21
CA GLU A 99 7.67 -6.02 -4.91
C GLU A 99 6.30 -5.79 -4.27
N GLU A 100 5.43 -5.10 -4.99
CA GLU A 100 4.09 -4.75 -4.50
C GLU A 100 3.30 -5.96 -4.02
N LYS A 101 3.43 -7.07 -4.73
CA LYS A 101 2.77 -8.32 -4.37
C LYS A 101 3.01 -8.66 -2.90
N ASP A 102 4.24 -8.49 -2.44
CA ASP A 102 4.60 -8.74 -1.05
C ASP A 102 4.37 -7.57 -0.10
N LEU A 103 4.61 -6.36 -0.61
CA LEU A 103 4.54 -5.16 0.24
C LEU A 103 3.09 -4.71 0.50
N PHE A 104 2.20 -5.00 -0.45
CA PHE A 104 0.80 -4.58 -0.39
C PHE A 104 -0.20 -5.70 -0.64
N GLY A 105 0.06 -6.53 -1.65
CA GLY A 105 -0.90 -7.57 -2.01
C GLY A 105 -2.13 -6.94 -2.62
N SER A 106 -1.93 -5.87 -3.38
CA SER A 106 -3.04 -5.12 -3.98
C SER A 106 -3.27 -5.54 -5.42
N ASP A 107 -2.22 -5.56 -6.22
CA ASP A 107 -2.34 -5.90 -7.64
C ASP A 107 -1.09 -6.71 -8.02
N SER A 108 -1.27 -7.75 -8.84
CA SER A 108 -0.15 -8.63 -9.24
C SER A 108 -0.54 -9.44 -10.48
N GLU A 109 -0.32 -8.87 -11.65
CA GLU A 109 -0.75 -9.50 -12.92
C GLU A 109 0.40 -9.53 -13.94
N SER A 110 0.24 -10.33 -14.99
CA SER A 110 1.27 -10.49 -16.02
C SER A 110 0.62 -10.56 -17.40
N GLY A 111 1.42 -10.35 -18.43
CA GLY A 111 0.96 -10.42 -19.81
C GLY A 111 2.21 -10.31 -20.66
N ASN A 112 2.92 -11.42 -20.80
CA ASN A 112 4.22 -11.46 -21.45
C ASN A 112 4.39 -12.75 -22.23
N GLU A 113 3.39 -13.08 -23.03
CA GLU A 113 3.38 -14.30 -23.85
C GLU A 113 2.75 -13.92 -25.19
N GLU A 114 2.99 -14.73 -26.21
CA GLU A 114 2.51 -14.44 -27.57
C GLU A 114 1.38 -15.37 -28.01
N GLU A 115 0.38 -14.80 -28.67
CA GLU A 115 -0.73 -15.55 -29.25
C GLU A 115 -1.12 -14.74 -30.49
N ASN A 116 -1.57 -15.39 -31.55
CA ASN A 116 -1.91 -14.74 -32.81
C ASN A 116 -3.07 -15.52 -33.43
N MET A 1 11.26 6.79 12.28
CA MET A 1 9.81 6.53 12.53
C MET A 1 9.40 5.16 12.02
N GLU A 2 10.32 4.19 11.96
CA GLU A 2 9.93 2.86 11.45
C GLU A 2 8.94 2.24 12.43
N ASP A 3 9.28 2.33 13.70
CA ASP A 3 8.44 1.81 14.75
C ASP A 3 7.09 2.50 14.74
N GLU A 4 7.05 3.78 14.45
CA GLU A 4 5.79 4.52 14.40
C GLU A 4 4.85 3.95 13.33
N VAL A 5 5.40 3.61 12.18
CA VAL A 5 4.58 3.02 11.13
C VAL A 5 4.14 1.61 11.58
N VAL A 6 5.02 0.88 12.21
CA VAL A 6 4.68 -0.43 12.79
C VAL A 6 3.53 -0.26 13.79
N ARG A 7 3.53 0.83 14.57
CA ARG A 7 2.42 1.08 15.51
C ARG A 7 1.12 1.17 14.72
N PHE A 8 1.10 1.93 13.64
CA PHE A 8 -0.13 2.05 12.84
C PHE A 8 -0.53 0.70 12.25
N ALA A 9 0.42 -0.06 11.72
CA ALA A 9 0.10 -1.36 11.13
C ALA A 9 -0.49 -2.32 12.18
N LYS A 10 0.08 -2.32 13.37
CA LYS A 10 -0.40 -3.21 14.43
C LYS A 10 -1.72 -2.72 15.00
N LYS A 11 -1.95 -1.41 15.00
CA LYS A 11 -3.25 -0.87 15.42
C LYS A 11 -4.28 -1.35 14.40
N MET A 12 -3.94 -1.31 13.13
CA MET A 12 -4.86 -1.69 12.07
C MET A 12 -5.29 -3.15 12.06
N ASP A 13 -4.37 -4.09 12.18
CA ASP A 13 -4.77 -5.50 12.11
C ASP A 13 -5.69 -5.90 13.27
N LYS A 14 -5.52 -5.27 14.41
CA LYS A 14 -6.43 -5.54 15.53
C LYS A 14 -7.87 -5.23 15.12
N MET A 15 -8.04 -4.27 14.23
CA MET A 15 -9.36 -3.93 13.71
C MET A 15 -9.86 -4.97 12.70
N VAL A 16 -8.97 -5.44 11.82
CA VAL A 16 -9.37 -6.40 10.80
C VAL A 16 -9.77 -7.75 11.44
N GLN A 17 -9.09 -8.12 12.52
CA GLN A 17 -9.44 -9.36 13.24
C GLN A 17 -10.86 -9.26 13.81
N LYS A 18 -11.24 -8.06 14.21
CA LYS A 18 -12.58 -7.82 14.78
C LYS A 18 -13.60 -7.49 13.71
N LYS A 19 -13.17 -7.48 12.45
CA LYS A 19 -14.02 -7.18 11.30
C LYS A 19 -14.74 -5.84 11.41
N ASN A 20 -14.10 -4.90 12.08
CA ASN A 20 -14.63 -3.55 12.26
C ASN A 20 -13.44 -2.62 12.25
N ALA A 21 -13.27 -1.93 11.14
CA ALA A 21 -12.14 -1.02 10.96
C ALA A 21 -12.55 0.44 10.78
N ALA A 22 -13.75 0.80 11.22
CA ALA A 22 -14.21 2.19 11.13
C ALA A 22 -13.20 3.14 11.81
N GLY A 23 -12.66 2.71 12.95
CA GLY A 23 -11.69 3.50 13.70
C GLY A 23 -10.41 3.81 12.94
N ALA A 24 -10.13 3.04 11.90
CA ALA A 24 -8.94 3.23 11.08
C ALA A 24 -8.93 4.57 10.36
N LEU A 25 -10.08 5.24 10.30
CA LEU A 25 -10.16 6.56 9.68
C LEU A 25 -9.05 7.46 10.17
N ASP A 26 -8.88 7.52 11.48
CA ASP A 26 -7.87 8.35 12.09
C ASP A 26 -6.46 7.87 11.82
N LEU A 27 -6.28 6.55 11.72
CA LEU A 27 -4.97 5.98 11.49
C LEU A 27 -4.50 6.36 10.09
N LEU A 28 -5.43 6.32 9.16
CA LEU A 28 -5.15 6.64 7.76
C LEU A 28 -4.98 8.15 7.57
N LYS A 29 -5.73 8.96 8.30
CA LYS A 29 -5.54 10.42 8.32
C LYS A 29 -4.09 10.72 8.66
N GLU A 30 -3.58 10.10 9.71
CA GLU A 30 -2.19 10.33 10.17
C GLU A 30 -1.19 9.91 9.10
N LEU A 31 -1.46 8.77 8.49
CA LEU A 31 -0.56 8.23 7.48
C LEU A 31 -0.39 9.13 6.27
N LYS A 32 -1.40 9.93 5.98
CA LYS A 32 -1.32 10.88 4.86
C LYS A 32 -0.33 12.01 5.14
N ASN A 33 0.03 12.21 6.40
CA ASN A 33 0.97 13.27 6.79
C ASN A 33 2.39 12.71 6.97
N ILE A 34 2.53 11.40 6.90
CA ILE A 34 3.82 10.75 7.12
C ILE A 34 4.52 10.49 5.77
N PRO A 35 5.79 10.93 5.64
CA PRO A 35 6.60 10.67 4.45
C PRO A 35 7.08 9.22 4.39
N MET A 36 6.17 8.35 3.95
CA MET A 36 6.46 6.93 3.80
C MET A 36 7.52 6.75 2.71
N THR A 37 8.31 5.70 2.84
CA THR A 37 9.37 5.41 1.88
C THR A 37 9.22 3.95 1.48
N LEU A 38 9.92 3.54 0.44
CA LEU A 38 9.89 2.14 0.02
C LEU A 38 10.43 1.27 1.15
N GLU A 39 11.48 1.77 1.79
CA GLU A 39 12.15 1.04 2.87
C GLU A 39 11.16 0.78 4.01
N LEU A 40 10.35 1.79 4.31
CA LEU A 40 9.37 1.67 5.37
C LEU A 40 8.35 0.59 5.03
N LEU A 41 7.94 0.51 3.78
CA LEU A 41 6.93 -0.48 3.39
C LEU A 41 7.51 -1.87 3.48
N GLN A 42 8.79 -1.99 3.18
CA GLN A 42 9.47 -3.28 3.22
C GLN A 42 9.57 -3.82 4.64
N SER A 43 9.94 -2.97 5.59
CA SER A 43 10.10 -3.40 6.99
C SER A 43 8.79 -3.45 7.79
N THR A 44 7.93 -2.45 7.62
CA THR A 44 6.70 -2.37 8.43
C THR A 44 5.52 -3.10 7.80
N ARG A 45 5.61 -3.34 6.50
CA ARG A 45 4.54 -3.99 5.68
C ARG A 45 3.20 -3.32 5.93
N ILE A 46 3.23 -2.02 6.14
CA ILE A 46 2.02 -1.27 6.38
C ILE A 46 1.16 -1.21 5.12
N GLY A 47 1.77 -1.47 3.97
CA GLY A 47 1.02 -1.53 2.73
C GLY A 47 -0.04 -2.60 2.84
N MET A 48 0.32 -3.72 3.44
CA MET A 48 -0.60 -4.85 3.61
C MET A 48 -1.70 -4.47 4.61
N SER A 49 -1.33 -3.77 5.66
CA SER A 49 -2.29 -3.36 6.69
C SER A 49 -3.32 -2.39 6.12
N VAL A 50 -2.87 -1.32 5.49
CA VAL A 50 -3.78 -0.35 4.88
C VAL A 50 -4.67 -1.03 3.82
N ASN A 51 -4.10 -1.91 3.01
CA ASN A 51 -4.89 -2.62 1.98
C ASN A 51 -5.98 -3.48 2.62
N ALA A 52 -5.64 -4.14 3.73
CA ALA A 52 -6.61 -4.95 4.44
C ALA A 52 -7.72 -4.08 5.02
N ILE A 53 -7.38 -2.91 5.56
CA ILE A 53 -8.40 -2.01 6.10
C ILE A 53 -9.39 -1.62 5.02
N ARG A 54 -8.90 -1.32 3.83
CA ARG A 54 -9.78 -0.92 2.73
C ARG A 54 -10.91 -1.91 2.48
N LYS A 55 -10.64 -3.20 2.65
CA LYS A 55 -11.66 -4.23 2.40
C LYS A 55 -12.40 -4.68 3.65
N GLN A 56 -11.86 -4.35 4.80
CA GLN A 56 -12.44 -4.71 6.10
C GLN A 56 -13.11 -3.54 6.85
N SER A 57 -13.15 -2.36 6.24
CA SER A 57 -13.68 -1.18 6.93
C SER A 57 -15.15 -0.86 6.80
N THR A 58 -15.74 -1.22 5.67
CA THR A 58 -17.13 -0.86 5.25
C THR A 58 -17.38 0.65 5.08
N ASP A 59 -16.93 1.45 6.04
CA ASP A 59 -17.03 2.91 6.00
C ASP A 59 -16.31 3.44 4.75
N GLU A 60 -17.01 4.20 3.93
CA GLU A 60 -16.43 4.67 2.68
C GLU A 60 -15.32 5.68 2.88
N GLU A 61 -15.39 6.49 3.92
CA GLU A 61 -14.34 7.46 4.18
C GLU A 61 -13.04 6.73 4.41
N VAL A 62 -13.11 5.61 5.11
CA VAL A 62 -11.94 4.85 5.44
C VAL A 62 -11.38 4.19 4.19
N THR A 63 -12.25 3.63 3.35
CA THR A 63 -11.77 3.04 2.11
C THR A 63 -11.16 4.10 1.23
N SER A 64 -11.71 5.30 1.26
CA SER A 64 -11.20 6.41 0.46
C SER A 64 -9.87 6.91 0.97
N LEU A 65 -9.68 6.90 2.28
CA LEU A 65 -8.39 7.30 2.83
C LEU A 65 -7.38 6.21 2.49
N ALA A 66 -7.74 4.96 2.74
CA ALA A 66 -6.83 3.85 2.51
C ALA A 66 -6.45 3.70 1.05
N LYS A 67 -7.41 3.77 0.14
CA LYS A 67 -7.11 3.64 -1.30
C LYS A 67 -6.17 4.76 -1.75
N SER A 68 -6.23 5.90 -1.06
CA SER A 68 -5.34 7.02 -1.35
C SER A 68 -3.90 6.66 -0.98
N LEU A 69 -3.69 6.13 0.23
CA LEU A 69 -2.36 5.74 0.63
C LEU A 69 -1.78 4.68 -0.28
N ILE A 70 -2.55 3.67 -0.63
CA ILE A 70 -2.04 2.60 -1.47
C ILE A 70 -1.50 3.16 -2.78
N LYS A 71 -2.29 4.01 -3.45
CA LYS A 71 -1.85 4.59 -4.73
C LYS A 71 -0.64 5.50 -4.60
N SER A 72 -0.51 6.20 -3.49
CA SER A 72 0.63 7.09 -3.26
C SER A 72 1.88 6.28 -2.91
N TRP A 73 1.73 5.33 -2.01
CA TRP A 73 2.83 4.50 -1.53
C TRP A 73 3.37 3.58 -2.62
N LYS A 74 2.55 3.31 -3.62
CA LYS A 74 2.95 2.46 -4.74
C LYS A 74 4.02 3.16 -5.56
N LYS A 75 4.03 4.49 -5.55
CA LYS A 75 5.04 5.25 -6.29
C LYS A 75 6.42 5.12 -5.67
N LEU A 76 6.48 4.64 -4.45
CA LEU A 76 7.76 4.51 -3.76
C LEU A 76 8.61 3.39 -4.34
N LEU A 77 7.97 2.28 -4.70
CA LEU A 77 8.65 1.15 -5.35
C LEU A 77 8.71 1.32 -6.86
N ASP A 78 7.63 1.81 -7.43
CA ASP A 78 7.52 1.98 -8.89
C ASP A 78 8.50 3.04 -9.36
N GLY A 79 8.71 4.04 -8.52
CA GLY A 79 9.64 5.12 -8.83
C GLY A 79 8.91 6.43 -9.07
N GLY A 80 9.69 7.48 -9.20
CA GLY A 80 9.13 8.81 -9.43
C GLY A 80 10.03 9.54 -10.38
N SER A 81 9.54 10.63 -10.93
CA SER A 81 10.27 11.43 -11.94
C SER A 81 11.47 12.23 -11.44
N GLY A 82 12.14 11.74 -10.40
CA GLY A 82 13.33 12.41 -9.90
C GLY A 82 14.47 12.14 -10.87
N SER A 83 14.35 11.03 -11.59
CA SER A 83 15.31 10.66 -12.62
C SER A 83 14.57 9.79 -13.62
N GLY A 84 14.92 9.86 -14.89
CA GLY A 84 14.29 9.04 -15.90
C GLY A 84 12.80 9.33 -16.08
N SER A 85 12.06 8.30 -16.49
CA SER A 85 10.61 8.37 -16.74
C SER A 85 10.26 9.36 -17.86
N GLY A 86 8.98 9.69 -17.98
CA GLY A 86 8.53 10.64 -18.98
C GLY A 86 7.92 10.02 -20.23
N SER A 87 8.44 8.88 -20.65
CA SER A 87 7.91 8.18 -21.83
C SER A 87 8.13 6.69 -21.67
N GLY A 88 7.32 5.89 -22.34
CA GLY A 88 7.43 4.44 -22.26
C GLY A 88 6.23 3.84 -22.96
N SER A 89 6.12 2.52 -22.96
CA SER A 89 4.98 1.83 -23.58
C SER A 89 4.43 0.80 -22.62
N SER A 90 4.57 1.10 -21.33
CA SER A 90 4.17 0.20 -20.23
C SER A 90 4.91 -1.15 -20.30
N GLY A 91 4.48 -2.10 -19.47
CA GLY A 91 5.08 -3.42 -19.48
C GLY A 91 6.38 -3.49 -18.70
N GLU A 92 7.03 -4.65 -18.78
CA GLU A 92 8.32 -4.92 -18.11
C GLU A 92 8.33 -4.54 -16.61
N LEU A 93 9.48 -4.12 -16.10
CA LEU A 93 9.65 -3.68 -14.69
C LEU A 93 9.17 -4.74 -13.69
N SER A 94 9.41 -6.00 -14.01
CA SER A 94 8.97 -7.12 -13.18
C SER A 94 9.49 -7.05 -11.75
N ASP A 95 10.68 -6.49 -11.59
CA ASP A 95 11.32 -6.35 -10.28
C ASP A 95 10.49 -5.55 -9.28
N LYS A 96 9.69 -4.62 -9.78
CA LYS A 96 8.87 -3.78 -8.91
C LYS A 96 7.51 -4.40 -8.69
N LYS A 97 7.16 -5.37 -9.53
CA LYS A 97 5.86 -6.04 -9.41
C LYS A 97 5.91 -7.04 -8.27
N ASN A 98 7.01 -7.77 -8.12
CA ASN A 98 7.11 -8.70 -7.00
C ASN A 98 7.27 -7.92 -5.69
N GLU A 99 7.83 -6.72 -5.78
CA GLU A 99 7.97 -5.87 -4.60
C GLU A 99 6.56 -5.50 -4.09
N GLU A 100 5.69 -5.11 -5.01
CA GLU A 100 4.32 -4.76 -4.63
C GLU A 100 3.55 -5.95 -4.08
N LYS A 101 3.76 -7.11 -4.69
CA LYS A 101 3.12 -8.34 -4.27
C LYS A 101 3.39 -8.61 -2.78
N ASP A 102 4.62 -8.42 -2.35
CA ASP A 102 4.98 -8.68 -0.97
C ASP A 102 4.56 -7.56 -0.01
N LEU A 103 4.66 -6.32 -0.46
CA LEU A 103 4.35 -5.16 0.38
C LEU A 103 2.86 -4.85 0.54
N PHE A 104 2.10 -5.04 -0.52
CA PHE A 104 0.67 -4.70 -0.53
C PHE A 104 -0.24 -5.87 -0.87
N GLY A 105 0.22 -6.74 -1.76
CA GLY A 105 -0.59 -7.88 -2.15
C GLY A 105 -1.81 -7.45 -2.94
N SER A 106 -1.67 -6.43 -3.78
CA SER A 106 -2.81 -5.93 -4.55
C SER A 106 -2.85 -6.61 -5.91
N ASP A 107 -4.00 -7.19 -6.22
CA ASP A 107 -4.23 -7.80 -7.52
C ASP A 107 -4.64 -6.71 -8.50
N SER A 108 -4.42 -6.96 -9.78
CA SER A 108 -4.79 -6.03 -10.86
C SER A 108 -4.72 -6.80 -12.16
N GLU A 109 -5.69 -6.58 -13.04
CA GLU A 109 -5.74 -7.26 -14.34
C GLU A 109 -6.14 -6.23 -15.42
N SER A 110 -5.69 -5.00 -15.21
CA SER A 110 -5.97 -3.91 -16.13
C SER A 110 -4.64 -3.23 -16.46
N GLY A 111 -4.58 -2.59 -17.63
CA GLY A 111 -3.35 -1.94 -18.08
C GLY A 111 -2.99 -2.33 -19.50
N ASN A 112 -3.70 -3.33 -20.03
CA ASN A 112 -3.50 -3.76 -21.41
C ASN A 112 -4.62 -3.12 -22.23
N GLU A 113 -4.40 -2.96 -23.52
CA GLU A 113 -5.39 -2.38 -24.42
C GLU A 113 -6.11 -3.55 -25.10
N GLU A 114 -7.36 -3.37 -25.52
CA GLU A 114 -8.12 -4.45 -26.17
C GLU A 114 -7.87 -4.52 -27.67
N GLU A 115 -7.36 -3.43 -28.23
CA GLU A 115 -7.01 -3.32 -29.67
C GLU A 115 -8.12 -3.81 -30.62
N ASN A 116 -9.29 -3.20 -30.48
CA ASN A 116 -10.45 -3.53 -31.33
C ASN A 116 -10.29 -2.98 -32.75
N MET A 1 10.79 6.69 12.96
CA MET A 1 9.36 6.52 12.58
C MET A 1 9.06 5.10 12.12
N GLU A 2 10.04 4.20 12.05
CA GLU A 2 9.72 2.82 11.62
C GLU A 2 8.76 2.22 12.62
N ASP A 3 9.08 2.38 13.88
CA ASP A 3 8.26 1.90 14.97
C ASP A 3 6.87 2.54 14.94
N GLU A 4 6.82 3.80 14.55
CA GLU A 4 5.56 4.53 14.45
C GLU A 4 4.67 3.96 13.36
N VAL A 5 5.27 3.59 12.24
CA VAL A 5 4.52 3.01 11.13
C VAL A 5 4.07 1.60 11.56
N VAL A 6 4.95 0.88 12.21
CA VAL A 6 4.60 -0.43 12.80
C VAL A 6 3.43 -0.24 13.77
N ARG A 7 3.41 0.85 14.55
CA ARG A 7 2.27 1.11 15.44
C ARG A 7 1.02 1.17 14.59
N PHE A 8 1.01 1.92 13.49
CA PHE A 8 -0.18 2.02 12.66
C PHE A 8 -0.59 0.68 12.10
N ALA A 9 0.37 -0.09 11.59
CA ALA A 9 0.08 -1.40 11.02
C ALA A 9 -0.54 -2.33 12.06
N LYS A 10 0.01 -2.34 13.26
CA LYS A 10 -0.52 -3.20 14.32
C LYS A 10 -1.84 -2.69 14.87
N LYS A 11 -2.03 -1.37 14.91
CA LYS A 11 -3.30 -0.79 15.33
C LYS A 11 -4.34 -1.28 14.32
N MET A 12 -4.02 -1.22 13.03
CA MET A 12 -4.93 -1.66 11.97
C MET A 12 -5.26 -3.14 12.00
N ASP A 13 -4.25 -3.99 12.19
CA ASP A 13 -4.45 -5.43 12.18
C ASP A 13 -5.45 -5.87 13.25
N LYS A 14 -5.41 -5.21 14.38
CA LYS A 14 -6.30 -5.54 15.49
C LYS A 14 -7.75 -5.22 15.13
N MET A 15 -7.93 -4.19 14.32
CA MET A 15 -9.26 -3.80 13.83
C MET A 15 -9.71 -4.83 12.81
N VAL A 16 -8.75 -5.25 11.99
CA VAL A 16 -8.96 -6.21 10.93
C VAL A 16 -9.40 -7.56 11.50
N GLN A 17 -8.75 -8.02 12.56
CA GLN A 17 -9.13 -9.29 13.20
C GLN A 17 -10.57 -9.22 13.73
N LYS A 18 -10.97 -8.06 14.23
CA LYS A 18 -12.33 -7.88 14.75
C LYS A 18 -13.34 -7.48 13.67
N LYS A 19 -12.89 -7.34 12.44
CA LYS A 19 -13.72 -6.90 11.30
C LYS A 19 -14.45 -5.58 11.59
N ASN A 20 -13.81 -4.72 12.37
CA ASN A 20 -14.38 -3.43 12.73
C ASN A 20 -13.28 -2.38 12.55
N ALA A 21 -13.10 -1.96 11.31
CA ALA A 21 -12.03 -1.03 10.96
C ALA A 21 -12.49 0.44 10.87
N ALA A 22 -13.64 0.77 11.42
CA ALA A 22 -14.13 2.16 11.40
C ALA A 22 -13.09 3.11 12.04
N GLY A 23 -12.49 2.65 13.14
CA GLY A 23 -11.47 3.43 13.84
C GLY A 23 -10.24 3.74 13.03
N ALA A 24 -10.01 2.96 11.98
CA ALA A 24 -8.84 3.11 11.12
C ALA A 24 -8.83 4.45 10.40
N LEU A 25 -9.97 5.11 10.34
CA LEU A 25 -10.08 6.41 9.69
C LEU A 25 -9.00 7.35 10.15
N ASP A 26 -8.91 7.47 11.45
CA ASP A 26 -7.93 8.34 12.08
C ASP A 26 -6.50 7.86 11.86
N LEU A 27 -6.30 6.55 11.75
CA LEU A 27 -4.95 6.02 11.55
C LEU A 27 -4.45 6.42 10.18
N LEU A 28 -5.34 6.27 9.21
CA LEU A 28 -5.05 6.57 7.83
C LEU A 28 -4.88 8.08 7.66
N LYS A 29 -5.62 8.87 8.43
CA LYS A 29 -5.43 10.33 8.43
C LYS A 29 -3.99 10.70 8.75
N GLU A 30 -3.40 10.08 9.78
CA GLU A 30 -2.02 10.38 10.15
C GLU A 30 -1.09 9.95 9.04
N LEU A 31 -1.36 8.78 8.49
CA LEU A 31 -0.56 8.21 7.40
C LEU A 31 -0.50 9.09 6.16
N LYS A 32 -1.54 9.88 5.93
CA LYS A 32 -1.58 10.79 4.78
C LYS A 32 -0.57 11.91 4.94
N ASN A 33 -0.11 12.14 6.16
CA ASN A 33 0.84 13.20 6.47
C ASN A 33 2.25 12.65 6.69
N ILE A 34 2.37 11.33 6.75
CA ILE A 34 3.67 10.69 7.01
C ILE A 34 4.43 10.46 5.70
N PRO A 35 5.73 10.86 5.67
CA PRO A 35 6.62 10.64 4.52
C PRO A 35 7.04 9.17 4.41
N MET A 36 6.08 8.33 4.02
CA MET A 36 6.31 6.91 3.82
C MET A 36 7.40 6.73 2.76
N THR A 37 8.19 5.68 2.91
CA THR A 37 9.28 5.40 1.98
C THR A 37 9.16 3.95 1.57
N LEU A 38 9.88 3.55 0.53
CA LEU A 38 9.87 2.17 0.08
C LEU A 38 10.35 1.29 1.21
N GLU A 39 11.37 1.76 1.91
CA GLU A 39 11.98 0.98 3.00
C GLU A 39 11.00 0.75 4.12
N LEU A 40 10.16 1.74 4.40
CA LEU A 40 9.16 1.58 5.43
C LEU A 40 8.18 0.50 5.04
N LEU A 41 7.81 0.43 3.77
CA LEU A 41 6.86 -0.57 3.33
C LEU A 41 7.50 -1.94 3.43
N GLN A 42 8.78 -2.00 3.17
CA GLN A 42 9.52 -3.27 3.22
C GLN A 42 9.62 -3.82 4.64
N SER A 43 9.95 -2.97 5.61
CA SER A 43 10.09 -3.41 7.00
C SER A 43 8.78 -3.47 7.80
N THR A 44 7.94 -2.45 7.65
CA THR A 44 6.71 -2.36 8.47
C THR A 44 5.53 -3.08 7.83
N ARG A 45 5.63 -3.31 6.52
CA ARG A 45 4.57 -3.96 5.70
C ARG A 45 3.22 -3.30 5.92
N ILE A 46 3.25 -2.00 6.12
CA ILE A 46 2.04 -1.24 6.36
C ILE A 46 1.19 -1.21 5.09
N GLY A 47 1.82 -1.45 3.95
CA GLY A 47 1.07 -1.51 2.71
C GLY A 47 -0.01 -2.56 2.79
N MET A 48 0.31 -3.71 3.39
CA MET A 48 -0.65 -4.79 3.50
C MET A 48 -1.72 -4.45 4.53
N SER A 49 -1.34 -3.77 5.61
CA SER A 49 -2.30 -3.36 6.63
C SER A 49 -3.32 -2.38 6.07
N VAL A 50 -2.86 -1.32 5.43
CA VAL A 50 -3.76 -0.33 4.82
C VAL A 50 -4.64 -1.02 3.75
N ASN A 51 -4.06 -1.93 2.97
CA ASN A 51 -4.83 -2.67 1.96
C ASN A 51 -5.99 -3.42 2.63
N ALA A 52 -5.68 -4.14 3.69
CA ALA A 52 -6.69 -4.91 4.40
C ALA A 52 -7.79 -4.01 4.96
N ILE A 53 -7.44 -2.84 5.48
CA ILE A 53 -8.45 -1.93 6.04
C ILE A 53 -9.46 -1.53 4.97
N ARG A 54 -9.00 -1.28 3.75
CA ARG A 54 -9.91 -0.89 2.67
C ARG A 54 -11.01 -1.95 2.46
N LYS A 55 -10.67 -3.22 2.65
CA LYS A 55 -11.64 -4.29 2.41
C LYS A 55 -12.32 -4.83 3.65
N GLN A 56 -11.80 -4.44 4.79
CA GLN A 56 -12.34 -4.78 6.10
C GLN A 56 -13.12 -3.62 6.76
N SER A 57 -13.31 -2.54 6.01
CA SER A 57 -14.07 -1.38 6.50
C SER A 57 -15.28 -1.13 5.62
N THR A 58 -16.39 -0.79 6.24
CA THR A 58 -17.61 -0.44 5.50
C THR A 58 -17.70 1.09 5.40
N ASP A 59 -16.94 1.74 6.25
CA ASP A 59 -16.87 3.19 6.32
C ASP A 59 -16.16 3.71 5.08
N GLU A 60 -16.87 4.44 4.23
CA GLU A 60 -16.32 4.89 2.96
C GLU A 60 -15.20 5.91 3.10
N GLU A 61 -15.22 6.69 4.16
CA GLU A 61 -14.15 7.64 4.38
C GLU A 61 -12.85 6.86 4.55
N VAL A 62 -12.90 5.77 5.31
CA VAL A 62 -11.74 4.96 5.59
C VAL A 62 -11.26 4.29 4.32
N THR A 63 -12.16 3.74 3.51
CA THR A 63 -11.76 3.06 2.29
C THR A 63 -11.14 4.07 1.34
N SER A 64 -11.68 5.29 1.31
CA SER A 64 -11.14 6.35 0.47
C SER A 64 -9.77 6.81 0.98
N LEU A 65 -9.63 6.89 2.28
CA LEU A 65 -8.37 7.23 2.91
C LEU A 65 -7.33 6.17 2.60
N ALA A 66 -7.69 4.92 2.76
CA ALA A 66 -6.79 3.81 2.54
C ALA A 66 -6.41 3.67 1.05
N LYS A 67 -7.39 3.73 0.16
CA LYS A 67 -7.11 3.61 -1.29
C LYS A 67 -6.18 4.73 -1.76
N SER A 68 -6.26 5.88 -1.10
CA SER A 68 -5.39 7.00 -1.40
C SER A 68 -3.95 6.64 -1.11
N LEU A 69 -3.73 6.08 0.06
CA LEU A 69 -2.40 5.75 0.54
C LEU A 69 -1.78 4.68 -0.33
N ILE A 70 -2.54 3.66 -0.71
CA ILE A 70 -1.99 2.59 -1.54
C ILE A 70 -1.45 3.16 -2.86
N LYS A 71 -2.25 3.97 -3.55
CA LYS A 71 -1.82 4.50 -4.85
C LYS A 71 -0.64 5.46 -4.72
N SER A 72 -0.56 6.19 -3.61
CA SER A 72 0.56 7.09 -3.39
C SER A 72 1.83 6.32 -3.01
N TRP A 73 1.71 5.39 -2.07
CA TRP A 73 2.84 4.59 -1.59
C TRP A 73 3.40 3.68 -2.68
N LYS A 74 2.59 3.41 -3.69
CA LYS A 74 3.00 2.55 -4.80
C LYS A 74 4.11 3.23 -5.58
N LYS A 75 4.10 4.56 -5.59
CA LYS A 75 5.14 5.31 -6.31
C LYS A 75 6.52 5.12 -5.68
N LEU A 76 6.56 4.67 -4.44
CA LEU A 76 7.81 4.50 -3.73
C LEU A 76 8.62 3.34 -4.30
N LEU A 77 7.97 2.23 -4.55
CA LEU A 77 8.62 1.06 -5.16
C LEU A 77 8.79 1.26 -6.66
N ASP A 78 7.86 2.02 -7.24
CA ASP A 78 7.83 2.24 -8.69
C ASP A 78 8.92 3.22 -9.19
N GLY A 79 9.66 3.78 -8.25
CA GLY A 79 10.72 4.72 -8.61
C GLY A 79 11.82 4.09 -9.45
N GLY A 80 12.50 4.90 -10.26
CA GLY A 80 13.56 4.39 -11.12
C GLY A 80 13.67 5.13 -12.44
N SER A 81 12.68 5.96 -12.74
CA SER A 81 12.70 6.78 -13.94
C SER A 81 13.91 7.71 -13.91
N GLY A 82 14.48 8.00 -15.06
CA GLY A 82 15.67 8.84 -15.14
C GLY A 82 16.96 8.03 -15.19
N SER A 83 16.85 6.72 -15.01
CA SER A 83 18.01 5.85 -15.10
C SER A 83 18.60 5.90 -16.51
N GLY A 84 19.93 5.96 -16.59
CA GLY A 84 20.62 6.06 -17.87
C GLY A 84 20.63 4.79 -18.70
N SER A 85 19.93 3.76 -18.25
CA SER A 85 19.84 2.50 -18.98
C SER A 85 19.05 2.69 -20.28
N GLY A 86 18.17 3.68 -20.29
CA GLY A 86 17.36 3.97 -21.46
C GLY A 86 16.02 3.24 -21.43
N SER A 87 14.95 4.02 -21.36
CA SER A 87 13.56 3.51 -21.33
C SER A 87 13.26 2.48 -20.22
N GLY A 88 14.09 2.45 -19.20
CA GLY A 88 13.89 1.51 -18.10
C GLY A 88 12.82 2.02 -17.14
N SER A 89 12.41 1.15 -16.21
CA SER A 89 11.41 1.49 -15.18
C SER A 89 10.12 2.03 -15.81
N SER A 90 9.70 1.40 -16.90
CA SER A 90 8.51 1.81 -17.63
C SER A 90 7.80 0.53 -18.09
N GLY A 91 6.52 0.62 -18.42
CA GLY A 91 5.79 -0.54 -18.93
C GLY A 91 5.41 -1.58 -17.88
N GLU A 92 5.22 -1.14 -16.64
CA GLU A 92 4.90 -2.04 -15.51
C GLU A 92 5.91 -3.18 -15.41
N LEU A 93 7.15 -2.79 -15.12
CA LEU A 93 8.24 -3.75 -14.96
C LEU A 93 7.85 -4.76 -13.87
N SER A 94 7.97 -6.04 -14.18
CA SER A 94 7.54 -7.12 -13.28
C SER A 94 8.18 -7.03 -11.90
N ASP A 95 9.38 -6.49 -11.80
CA ASP A 95 10.06 -6.35 -10.52
C ASP A 95 9.23 -5.50 -9.56
N LYS A 96 8.55 -4.49 -10.10
CA LYS A 96 7.74 -3.61 -9.28
C LYS A 96 6.51 -4.34 -8.79
N LYS A 97 5.98 -5.21 -9.64
CA LYS A 97 4.81 -6.00 -9.29
C LYS A 97 5.17 -7.02 -8.21
N ASN A 98 6.37 -7.57 -8.30
CA ASN A 98 6.86 -8.53 -7.30
C ASN A 98 7.07 -7.83 -5.96
N GLU A 99 7.65 -6.63 -6.01
CA GLU A 99 7.88 -5.84 -4.79
C GLU A 99 6.53 -5.52 -4.14
N GLU A 100 5.55 -5.15 -4.94
CA GLU A 100 4.23 -4.82 -4.44
C GLU A 100 3.55 -6.04 -3.81
N LYS A 101 3.73 -7.20 -4.42
CA LYS A 101 3.13 -8.43 -3.94
C LYS A 101 3.52 -8.72 -2.49
N ASP A 102 4.76 -8.46 -2.13
CA ASP A 102 5.21 -8.69 -0.76
C ASP A 102 4.79 -7.57 0.19
N LEU A 103 4.89 -6.33 -0.27
CA LEU A 103 4.62 -5.16 0.58
C LEU A 103 3.15 -4.87 0.83
N PHE A 104 2.33 -5.08 -0.19
CA PHE A 104 0.90 -4.78 -0.16
C PHE A 104 0.05 -6.02 -0.39
N GLY A 105 0.44 -6.83 -1.35
CA GLY A 105 -0.33 -8.02 -1.68
C GLY A 105 -1.65 -7.66 -2.32
N SER A 106 -1.65 -6.64 -3.18
CA SER A 106 -2.88 -6.18 -3.81
C SER A 106 -3.26 -7.09 -4.97
N ASP A 107 -4.20 -7.97 -4.72
CA ASP A 107 -4.71 -8.87 -5.74
C ASP A 107 -5.69 -8.11 -6.63
N SER A 108 -5.74 -8.52 -7.89
CA SER A 108 -6.64 -7.92 -8.89
C SER A 108 -7.02 -9.06 -9.82
N GLU A 109 -8.16 -8.95 -10.48
CA GLU A 109 -8.58 -9.96 -11.45
C GLU A 109 -7.85 -9.67 -12.77
N SER A 110 -6.64 -10.22 -12.88
CA SER A 110 -5.73 -10.06 -14.02
C SER A 110 -5.15 -8.64 -14.19
N GLY A 111 -6.03 -7.66 -14.37
CA GLY A 111 -5.60 -6.29 -14.59
C GLY A 111 -6.08 -5.87 -15.96
N ASN A 112 -5.46 -4.83 -16.53
CA ASN A 112 -5.78 -4.34 -17.88
C ASN A 112 -7.27 -3.97 -18.02
N GLU A 113 -7.75 -3.16 -17.06
CA GLU A 113 -9.11 -2.66 -17.10
C GLU A 113 -9.27 -1.77 -18.36
N GLU A 114 -10.48 -1.69 -18.88
CA GLU A 114 -10.71 -1.01 -20.15
C GLU A 114 -10.68 0.53 -20.08
N GLU A 115 -10.08 1.12 -21.11
CA GLU A 115 -9.97 2.58 -21.27
C GLU A 115 -10.16 2.88 -22.77
N ASN A 116 -9.52 2.04 -23.60
CA ASN A 116 -9.58 2.11 -25.06
C ASN A 116 -9.04 3.44 -25.64
N MET A 1 11.23 6.95 11.76
CA MET A 1 9.77 6.80 12.03
C MET A 1 9.32 5.35 11.82
N GLU A 2 10.22 4.38 12.00
CA GLU A 2 9.86 2.98 11.74
C GLU A 2 8.79 2.45 12.69
N ASP A 3 9.05 2.56 14.00
CA ASP A 3 8.09 2.09 14.99
C ASP A 3 6.76 2.78 14.82
N GLU A 4 6.77 4.06 14.48
CA GLU A 4 5.52 4.80 14.28
C GLU A 4 4.62 4.13 13.24
N VAL A 5 5.21 3.74 12.13
CA VAL A 5 4.45 3.10 11.05
C VAL A 5 4.03 1.70 11.50
N VAL A 6 4.94 0.99 12.16
CA VAL A 6 4.65 -0.32 12.74
C VAL A 6 3.43 -0.19 13.67
N ARG A 7 3.37 0.88 14.46
CA ARG A 7 2.23 1.08 15.38
C ARG A 7 0.96 1.18 14.57
N PHE A 8 0.94 1.95 13.49
CA PHE A 8 -0.25 2.06 12.66
C PHE A 8 -0.63 0.70 12.09
N ALA A 9 0.32 -0.05 11.57
CA ALA A 9 0.03 -1.36 10.99
C ALA A 9 -0.56 -2.33 12.04
N LYS A 10 0.04 -2.36 13.23
CA LYS A 10 -0.44 -3.25 14.28
C LYS A 10 -1.78 -2.78 14.84
N LYS A 11 -2.01 -1.48 14.91
CA LYS A 11 -3.30 -0.96 15.34
C LYS A 11 -4.34 -1.42 14.32
N MET A 12 -4.03 -1.28 13.04
CA MET A 12 -4.96 -1.68 11.98
C MET A 12 -5.32 -3.15 11.99
N ASP A 13 -4.35 -4.04 12.13
CA ASP A 13 -4.68 -5.46 12.07
C ASP A 13 -5.54 -5.91 13.25
N LYS A 14 -5.38 -5.27 14.41
CA LYS A 14 -6.25 -5.59 15.54
C LYS A 14 -7.69 -5.29 15.16
N MET A 15 -7.89 -4.31 14.30
CA MET A 15 -9.22 -3.98 13.81
C MET A 15 -9.72 -5.00 12.80
N VAL A 16 -8.86 -5.47 11.90
CA VAL A 16 -9.30 -6.42 10.87
C VAL A 16 -9.69 -7.75 11.49
N GLN A 17 -8.99 -8.15 12.55
CA GLN A 17 -9.32 -9.39 13.27
C GLN A 17 -10.72 -9.30 13.87
N LYS A 18 -11.04 -8.13 14.42
CA LYS A 18 -12.34 -7.91 15.05
C LYS A 18 -13.39 -7.43 14.06
N LYS A 19 -13.02 -7.34 12.79
CA LYS A 19 -13.91 -6.91 11.69
C LYS A 19 -14.54 -5.53 11.95
N ASN A 20 -13.84 -4.68 12.70
CA ASN A 20 -14.33 -3.35 13.02
C ASN A 20 -13.23 -2.34 12.72
N ALA A 21 -13.04 -2.06 11.45
CA ALA A 21 -11.98 -1.16 11.00
C ALA A 21 -12.42 0.31 10.89
N ALA A 22 -13.55 0.67 11.48
CA ALA A 22 -14.00 2.06 11.45
C ALA A 22 -12.96 2.97 12.15
N GLY A 23 -12.37 2.46 13.23
CA GLY A 23 -11.36 3.22 13.97
C GLY A 23 -10.12 3.57 13.17
N ALA A 24 -9.91 2.84 12.07
CA ALA A 24 -8.77 3.05 11.19
C ALA A 24 -8.80 4.41 10.53
N LEU A 25 -9.96 5.05 10.57
CA LEU A 25 -10.14 6.35 9.95
C LEU A 25 -9.07 7.30 10.39
N ASP A 26 -8.86 7.37 11.69
CA ASP A 26 -7.90 8.29 12.22
C ASP A 26 -6.47 7.87 11.85
N LEU A 27 -6.22 6.57 11.80
CA LEU A 27 -4.88 6.05 11.55
C LEU A 27 -4.43 6.43 10.15
N LEU A 28 -5.35 6.29 9.22
CA LEU A 28 -5.08 6.57 7.83
C LEU A 28 -4.91 8.07 7.62
N LYS A 29 -5.58 8.88 8.44
CA LYS A 29 -5.47 10.32 8.35
C LYS A 29 -4.05 10.76 8.71
N GLU A 30 -3.48 10.18 9.76
CA GLU A 30 -2.10 10.52 10.14
C GLU A 30 -1.15 10.06 9.05
N LEU A 31 -1.42 8.88 8.50
CA LEU A 31 -0.60 8.30 7.44
C LEU A 31 -0.48 9.18 6.21
N LYS A 32 -1.48 10.01 5.95
CA LYS A 32 -1.45 10.94 4.82
C LYS A 32 -0.39 12.03 4.99
N ASN A 33 0.05 12.27 6.21
CA ASN A 33 1.05 13.30 6.49
C ASN A 33 2.44 12.68 6.65
N ILE A 34 2.50 11.36 6.76
CA ILE A 34 3.75 10.66 6.99
C ILE A 34 4.52 10.45 5.68
N PRO A 35 5.83 10.83 5.64
CA PRO A 35 6.71 10.63 4.49
C PRO A 35 7.12 9.16 4.36
N MET A 36 6.17 8.33 3.98
CA MET A 36 6.39 6.89 3.77
C MET A 36 7.47 6.69 2.71
N THR A 37 8.24 5.62 2.85
CA THR A 37 9.31 5.29 1.92
C THR A 37 9.17 3.83 1.57
N LEU A 38 9.86 3.38 0.52
CA LEU A 38 9.86 1.97 0.14
C LEU A 38 10.44 1.17 1.30
N GLU A 39 11.43 1.75 1.95
CA GLU A 39 12.10 1.09 3.07
C GLU A 39 11.12 0.82 4.19
N LEU A 40 10.24 1.77 4.45
CA LEU A 40 9.23 1.61 5.48
C LEU A 40 8.25 0.54 5.09
N LEU A 41 7.88 0.48 3.82
CA LEU A 41 6.92 -0.52 3.38
C LEU A 41 7.50 -1.92 3.52
N GLN A 42 8.81 -2.04 3.33
CA GLN A 42 9.48 -3.32 3.46
C GLN A 42 9.53 -3.76 4.93
N SER A 43 10.05 -2.91 5.81
CA SER A 43 10.19 -3.27 7.23
C SER A 43 8.88 -3.31 8.02
N THR A 44 7.98 -2.37 7.77
CA THR A 44 6.75 -2.27 8.57
C THR A 44 5.59 -3.02 7.92
N ARG A 45 5.72 -3.30 6.62
CA ARG A 45 4.71 -4.01 5.82
C ARG A 45 3.32 -3.38 5.94
N ILE A 46 3.30 -2.07 6.13
CA ILE A 46 2.05 -1.35 6.33
C ILE A 46 1.20 -1.29 5.06
N GLY A 47 1.81 -1.49 3.91
CA GLY A 47 1.05 -1.49 2.67
C GLY A 47 -0.06 -2.50 2.71
N MET A 48 0.24 -3.67 3.26
CA MET A 48 -0.75 -4.74 3.36
C MET A 48 -1.79 -4.43 4.41
N SER A 49 -1.38 -3.76 5.49
CA SER A 49 -2.33 -3.38 6.54
C SER A 49 -3.35 -2.39 6.02
N VAL A 50 -2.89 -1.33 5.37
CA VAL A 50 -3.81 -0.35 4.77
C VAL A 50 -4.70 -1.02 3.72
N ASN A 51 -4.14 -1.93 2.91
CA ASN A 51 -4.94 -2.67 1.92
C ASN A 51 -6.04 -3.46 2.63
N ALA A 52 -5.69 -4.16 3.69
CA ALA A 52 -6.64 -4.96 4.42
C ALA A 52 -7.75 -4.08 4.98
N ILE A 53 -7.42 -2.92 5.52
CA ILE A 53 -8.43 -2.01 6.07
C ILE A 53 -9.41 -1.60 4.98
N ARG A 54 -8.90 -1.35 3.78
CA ARG A 54 -9.76 -0.93 2.67
C ARG A 54 -10.86 -1.95 2.38
N LYS A 55 -10.59 -3.24 2.57
CA LYS A 55 -11.57 -4.28 2.29
C LYS A 55 -12.31 -4.79 3.52
N GLN A 56 -11.75 -4.51 4.69
CA GLN A 56 -12.33 -4.91 5.99
C GLN A 56 -13.10 -3.78 6.67
N SER A 57 -13.32 -2.69 5.95
CA SER A 57 -14.08 -1.55 6.50
C SER A 57 -15.28 -1.25 5.64
N THR A 58 -16.36 -0.83 6.28
CA THR A 58 -17.60 -0.45 5.59
C THR A 58 -17.72 1.06 5.54
N ASP A 59 -16.77 1.75 6.16
CA ASP A 59 -16.77 3.21 6.21
C ASP A 59 -16.13 3.77 4.94
N GLU A 60 -16.84 4.62 4.22
CA GLU A 60 -16.30 5.15 2.99
C GLU A 60 -15.16 6.13 3.23
N GLU A 61 -15.16 6.83 4.36
CA GLU A 61 -14.06 7.74 4.65
C GLU A 61 -12.77 6.90 4.75
N VAL A 62 -12.81 5.86 5.58
CA VAL A 62 -11.68 4.95 5.75
C VAL A 62 -11.24 4.35 4.42
N THR A 63 -12.17 3.87 3.61
CA THR A 63 -11.78 3.24 2.36
C THR A 63 -11.21 4.24 1.36
N SER A 64 -11.70 5.47 1.38
CA SER A 64 -11.20 6.51 0.47
C SER A 64 -9.82 6.94 0.91
N LEU A 65 -9.62 6.94 2.21
CA LEU A 65 -8.33 7.26 2.77
C LEU A 65 -7.34 6.16 2.47
N ALA A 66 -7.74 4.93 2.70
CA ALA A 66 -6.86 3.80 2.47
C ALA A 66 -6.50 3.66 0.99
N LYS A 67 -7.48 3.76 0.09
CA LYS A 67 -7.21 3.64 -1.35
C LYS A 67 -6.26 4.76 -1.82
N SER A 68 -6.31 5.90 -1.14
CA SER A 68 -5.42 7.02 -1.44
C SER A 68 -3.99 6.64 -1.15
N LEU A 69 -3.78 6.14 0.06
CA LEU A 69 -2.46 5.78 0.55
C LEU A 69 -1.82 4.71 -0.29
N ILE A 70 -2.58 3.69 -0.68
CA ILE A 70 -2.00 2.61 -1.51
C ILE A 70 -1.44 3.17 -2.80
N LYS A 71 -2.21 4.00 -3.51
CA LYS A 71 -1.75 4.54 -4.79
C LYS A 71 -0.57 5.48 -4.64
N SER A 72 -0.50 6.21 -3.53
CA SER A 72 0.62 7.12 -3.29
C SER A 72 1.88 6.35 -2.92
N TRP A 73 1.73 5.39 -2.01
CA TRP A 73 2.85 4.58 -1.54
C TRP A 73 3.42 3.69 -2.63
N LYS A 74 2.61 3.42 -3.64
CA LYS A 74 3.04 2.56 -4.75
C LYS A 74 4.17 3.26 -5.51
N LYS A 75 4.15 4.58 -5.53
CA LYS A 75 5.19 5.35 -6.24
C LYS A 75 6.56 5.15 -5.64
N LEU A 76 6.60 4.73 -4.39
CA LEU A 76 7.86 4.57 -3.66
C LEU A 76 8.67 3.38 -4.14
N LEU A 77 7.98 2.32 -4.51
CA LEU A 77 8.62 1.07 -4.93
C LEU A 77 8.67 0.88 -6.43
N ASP A 78 7.85 1.61 -7.15
CA ASP A 78 7.68 1.45 -8.59
C ASP A 78 8.72 2.27 -9.37
N GLY A 79 9.79 2.63 -8.70
CA GLY A 79 10.86 3.40 -9.31
C GLY A 79 11.89 3.68 -8.24
N GLY A 80 12.95 4.40 -8.60
CA GLY A 80 13.99 4.75 -7.64
C GLY A 80 14.97 3.63 -7.33
N SER A 81 14.48 2.53 -6.79
CA SER A 81 15.33 1.39 -6.48
C SER A 81 15.81 0.74 -7.76
N GLY A 82 17.05 0.26 -7.76
CA GLY A 82 17.61 -0.38 -8.93
C GLY A 82 17.18 -1.83 -9.01
N SER A 83 17.39 -2.45 -10.15
CA SER A 83 17.05 -3.86 -10.35
C SER A 83 18.15 -4.47 -11.20
N GLY A 84 18.38 -5.77 -11.05
CA GLY A 84 19.40 -6.44 -11.83
C GLY A 84 19.56 -7.86 -11.32
N SER A 85 20.36 -8.65 -12.03
CA SER A 85 20.64 -10.07 -11.71
C SER A 85 19.44 -11.03 -11.87
N GLY A 86 18.28 -10.64 -11.37
CA GLY A 86 17.09 -11.45 -11.53
C GLY A 86 16.68 -11.46 -12.99
N SER A 87 16.00 -12.51 -13.42
CA SER A 87 15.56 -12.64 -14.81
C SER A 87 14.22 -13.35 -14.83
N GLY A 88 13.49 -13.20 -15.91
CA GLY A 88 12.18 -13.82 -16.06
C GLY A 88 11.79 -13.66 -17.50
N SER A 89 10.56 -14.04 -17.85
CA SER A 89 10.08 -13.91 -19.23
C SER A 89 8.64 -13.39 -19.25
N SER A 90 8.30 -12.60 -18.25
CA SER A 90 6.96 -12.04 -18.12
C SER A 90 7.04 -10.55 -17.83
N GLY A 91 6.62 -9.73 -18.78
CA GLY A 91 6.66 -8.29 -18.62
C GLY A 91 8.02 -7.69 -18.93
N GLU A 92 8.09 -6.36 -18.90
CA GLU A 92 9.33 -5.63 -19.19
C GLU A 92 10.43 -5.91 -18.16
N LEU A 93 10.02 -6.04 -16.91
CA LEU A 93 10.96 -6.23 -15.81
C LEU A 93 10.30 -6.96 -14.66
N SER A 94 9.11 -6.48 -14.28
CA SER A 94 8.27 -7.07 -13.22
C SER A 94 8.89 -7.14 -11.81
N ASP A 95 10.13 -6.71 -11.66
CA ASP A 95 10.81 -6.71 -10.36
C ASP A 95 10.01 -5.92 -9.32
N LYS A 96 9.50 -4.78 -9.72
CA LYS A 96 8.73 -3.93 -8.79
C LYS A 96 7.36 -4.52 -8.51
N LYS A 97 6.85 -5.37 -9.39
CA LYS A 97 5.57 -6.04 -9.15
C LYS A 97 5.78 -7.10 -8.08
N ASN A 98 6.96 -7.71 -8.06
CA ASN A 98 7.29 -8.72 -7.05
C ASN A 98 7.31 -8.08 -5.67
N GLU A 99 7.89 -6.89 -5.58
CA GLU A 99 7.91 -6.15 -4.32
C GLU A 99 6.47 -5.89 -3.89
N GLU A 100 5.68 -5.25 -4.73
CA GLU A 100 4.29 -4.92 -4.39
C GLU A 100 3.49 -6.14 -3.94
N LYS A 101 3.68 -7.27 -4.60
CA LYS A 101 3.00 -8.51 -4.24
C LYS A 101 3.24 -8.85 -2.76
N ASP A 102 4.45 -8.61 -2.27
CA ASP A 102 4.77 -8.87 -0.86
C ASP A 102 4.43 -7.71 0.06
N LEU A 103 4.67 -6.50 -0.40
CA LEU A 103 4.49 -5.30 0.41
C LEU A 103 3.02 -4.93 0.64
N PHE A 104 2.20 -5.17 -0.36
CA PHE A 104 0.78 -4.80 -0.32
C PHE A 104 -0.15 -5.97 -0.64
N GLY A 105 0.16 -6.68 -1.72
CA GLY A 105 -0.71 -7.75 -2.18
C GLY A 105 -1.97 -7.16 -2.80
N SER A 106 -1.81 -6.04 -3.50
CA SER A 106 -2.95 -5.35 -4.11
C SER A 106 -3.30 -5.93 -5.46
N ASP A 107 -2.27 -6.36 -6.17
CA ASP A 107 -2.42 -6.85 -7.53
C ASP A 107 -1.53 -8.08 -7.70
N SER A 108 -1.79 -8.84 -8.76
CA SER A 108 -1.00 -10.03 -9.06
C SER A 108 -0.77 -10.04 -10.56
N GLU A 109 0.33 -9.42 -10.96
CA GLU A 109 0.73 -9.27 -12.37
C GLU A 109 -0.31 -8.56 -13.25
N SER A 110 -1.22 -7.82 -12.61
CA SER A 110 -2.26 -7.09 -13.32
C SER A 110 -1.68 -6.10 -14.35
N GLY A 111 -2.36 -5.96 -15.47
CA GLY A 111 -1.93 -5.03 -16.51
C GLY A 111 -2.74 -5.26 -17.77
N ASN A 112 -2.41 -4.54 -18.82
CA ASN A 112 -3.03 -4.68 -20.13
C ASN A 112 -1.95 -4.21 -21.09
N GLU A 113 -2.11 -4.53 -22.37
CA GLU A 113 -1.14 -4.14 -23.40
C GLU A 113 -1.95 -4.16 -24.69
N GLU A 114 -1.56 -3.37 -25.67
CA GLU A 114 -2.28 -3.29 -26.95
C GLU A 114 -1.30 -3.19 -28.12
N GLU A 115 -0.12 -3.74 -27.92
CA GLU A 115 0.93 -3.74 -28.95
C GLU A 115 0.78 -4.91 -29.92
N ASN A 116 0.01 -4.68 -30.99
CA ASN A 116 -0.20 -5.65 -32.08
C ASN A 116 -0.84 -6.97 -31.59
N MET A 1 11.23 6.66 12.45
CA MET A 1 9.75 6.53 12.38
C MET A 1 9.33 5.11 12.05
N GLU A 2 10.23 4.13 12.08
CA GLU A 2 9.84 2.77 11.70
C GLU A 2 8.81 2.22 12.68
N ASP A 3 9.10 2.35 13.96
CA ASP A 3 8.19 1.84 14.98
C ASP A 3 6.85 2.58 14.91
N GLU A 4 6.89 3.85 14.54
CA GLU A 4 5.67 4.66 14.40
C GLU A 4 4.75 4.02 13.35
N VAL A 5 5.32 3.64 12.23
CA VAL A 5 4.54 3.03 11.15
C VAL A 5 4.09 1.63 11.57
N VAL A 6 4.98 0.88 12.21
CA VAL A 6 4.62 -0.43 12.75
C VAL A 6 3.44 -0.27 13.73
N ARG A 7 3.43 0.78 14.54
CA ARG A 7 2.31 1.02 15.45
C ARG A 7 1.03 1.14 14.64
N PHE A 8 1.04 1.91 13.56
CA PHE A 8 -0.16 2.05 12.75
C PHE A 8 -0.58 0.70 12.15
N ALA A 9 0.35 -0.07 11.64
CA ALA A 9 0.02 -1.38 11.06
C ALA A 9 -0.58 -2.33 12.11
N LYS A 10 -0.01 -2.33 13.31
CA LYS A 10 -0.51 -3.20 14.38
C LYS A 10 -1.86 -2.69 14.89
N LYS A 11 -2.04 -1.37 14.94
CA LYS A 11 -3.34 -0.81 15.33
C LYS A 11 -4.39 -1.28 14.34
N MET A 12 -4.04 -1.27 13.05
CA MET A 12 -4.97 -1.69 12.01
C MET A 12 -5.38 -3.15 12.07
N ASP A 13 -4.45 -4.07 12.23
CA ASP A 13 -4.85 -5.49 12.25
C ASP A 13 -5.73 -5.81 13.46
N LYS A 14 -5.52 -5.13 14.58
CA LYS A 14 -6.40 -5.32 15.72
C LYS A 14 -7.85 -5.02 15.33
N MET A 15 -8.02 -4.12 14.37
CA MET A 15 -9.36 -3.80 13.85
C MET A 15 -9.88 -4.86 12.88
N VAL A 16 -9.01 -5.41 12.03
CA VAL A 16 -9.44 -6.40 11.05
C VAL A 16 -9.87 -7.70 11.77
N GLN A 17 -9.18 -8.04 12.86
CA GLN A 17 -9.54 -9.20 13.66
C GLN A 17 -10.94 -9.01 14.27
N LYS A 18 -11.24 -7.77 14.66
CA LYS A 18 -12.54 -7.43 15.23
C LYS A 18 -13.61 -7.19 14.17
N LYS A 19 -13.22 -7.24 12.90
CA LYS A 19 -14.10 -6.97 11.75
C LYS A 19 -14.77 -5.59 11.87
N ASN A 20 -14.07 -4.65 12.48
CA ASN A 20 -14.57 -3.29 12.67
C ASN A 20 -13.43 -2.31 12.49
N ALA A 21 -13.20 -1.92 11.26
CA ALA A 21 -12.10 -1.01 10.92
C ALA A 21 -12.54 0.46 10.81
N ALA A 22 -13.70 0.83 11.32
CA ALA A 22 -14.16 2.22 11.25
C ALA A 22 -13.15 3.16 11.96
N GLY A 23 -12.57 2.69 13.05
CA GLY A 23 -11.57 3.47 13.79
C GLY A 23 -10.30 3.75 13.02
N ALA A 24 -10.06 3.00 11.96
CA ALA A 24 -8.87 3.14 11.13
C ALA A 24 -8.82 4.50 10.43
N LEU A 25 -9.95 5.18 10.38
CA LEU A 25 -10.05 6.48 9.73
C LEU A 25 -8.95 7.42 10.19
N ASP A 26 -8.80 7.52 11.50
CA ASP A 26 -7.77 8.37 12.10
C ASP A 26 -6.35 7.89 11.77
N LEU A 27 -6.18 6.57 11.71
CA LEU A 27 -4.86 6.00 11.47
C LEU A 27 -4.41 6.36 10.07
N LEU A 28 -5.34 6.27 9.14
CA LEU A 28 -5.08 6.58 7.75
C LEU A 28 -4.89 8.07 7.56
N LYS A 29 -5.60 8.88 8.35
CA LYS A 29 -5.41 10.33 8.30
C LYS A 29 -3.97 10.68 8.69
N GLU A 30 -3.45 10.05 9.72
CA GLU A 30 -2.07 10.32 10.14
C GLU A 30 -1.10 9.88 9.06
N LEU A 31 -1.39 8.73 8.46
CA LEU A 31 -0.55 8.17 7.39
C LEU A 31 -0.45 9.08 6.17
N LYS A 32 -1.49 9.86 5.94
CA LYS A 32 -1.50 10.80 4.81
C LYS A 32 -0.49 11.93 5.03
N ASN A 33 -0.07 12.13 6.26
CA ASN A 33 0.89 13.18 6.60
C ASN A 33 2.31 12.63 6.78
N ILE A 34 2.45 11.32 6.71
CA ILE A 34 3.74 10.67 6.96
C ILE A 34 4.51 10.45 5.64
N PRO A 35 5.80 10.86 5.61
CA PRO A 35 6.69 10.64 4.46
C PRO A 35 7.13 9.17 4.37
N MET A 36 6.18 8.33 3.99
CA MET A 36 6.42 6.89 3.81
C MET A 36 7.51 6.68 2.76
N THR A 37 8.29 5.63 2.94
CA THR A 37 9.37 5.32 2.02
C THR A 37 9.24 3.86 1.62
N LEU A 38 9.97 3.46 0.59
CA LEU A 38 9.98 2.06 0.15
C LEU A 38 10.49 1.21 1.30
N GLU A 39 11.48 1.74 2.00
CA GLU A 39 12.12 1.03 3.12
C GLU A 39 11.10 0.71 4.20
N LEU A 40 10.24 1.67 4.48
CA LEU A 40 9.20 1.49 5.48
C LEU A 40 8.19 0.46 5.04
N LEU A 41 7.86 0.43 3.76
CA LEU A 41 6.90 -0.55 3.27
C LEU A 41 7.48 -1.95 3.37
N GLN A 42 8.79 -2.04 3.25
CA GLN A 42 9.47 -3.33 3.38
C GLN A 42 9.51 -3.81 4.83
N SER A 43 9.99 -2.98 5.75
CA SER A 43 10.12 -3.38 7.15
C SER A 43 8.80 -3.42 7.93
N THR A 44 7.92 -2.46 7.71
CA THR A 44 6.68 -2.37 8.48
C THR A 44 5.51 -3.08 7.80
N ARG A 45 5.64 -3.31 6.50
CA ARG A 45 4.59 -3.93 5.65
C ARG A 45 3.25 -3.25 5.85
N ILE A 46 3.27 -1.95 6.08
CA ILE A 46 2.05 -1.21 6.33
C ILE A 46 1.20 -1.13 5.05
N GLY A 47 1.84 -1.34 3.91
CA GLY A 47 1.10 -1.36 2.65
C GLY A 47 0.03 -2.42 2.72
N MET A 48 0.37 -3.57 3.29
CA MET A 48 -0.58 -4.67 3.39
C MET A 48 -1.64 -4.36 4.44
N SER A 49 -1.26 -3.70 5.52
CA SER A 49 -2.22 -3.33 6.57
C SER A 49 -3.26 -2.36 6.06
N VAL A 50 -2.84 -1.28 5.41
CA VAL A 50 -3.78 -0.32 4.84
C VAL A 50 -4.64 -1.01 3.78
N ASN A 51 -4.05 -1.89 3.00
CA ASN A 51 -4.79 -2.63 1.98
C ASN A 51 -5.86 -3.53 2.62
N ALA A 52 -5.54 -4.14 3.75
CA ALA A 52 -6.49 -4.98 4.46
C ALA A 52 -7.64 -4.11 4.99
N ILE A 53 -7.33 -2.93 5.52
CA ILE A 53 -8.36 -2.03 6.02
C ILE A 53 -9.31 -1.65 4.90
N ARG A 54 -8.77 -1.39 3.72
CA ARG A 54 -9.59 -1.03 2.57
C ARG A 54 -10.70 -2.05 2.28
N LYS A 55 -10.42 -3.33 2.53
CA LYS A 55 -11.40 -4.39 2.26
C LYS A 55 -12.16 -4.86 3.51
N GLN A 56 -11.63 -4.53 4.66
CA GLN A 56 -12.23 -4.89 5.96
C GLN A 56 -13.03 -3.75 6.61
N SER A 57 -13.24 -2.66 5.88
CA SER A 57 -14.00 -1.52 6.39
C SER A 57 -15.39 -1.46 5.80
N THR A 58 -16.31 -0.94 6.61
CA THR A 58 -17.70 -0.75 6.20
C THR A 58 -17.97 0.75 6.22
N ASP A 59 -16.89 1.51 6.16
CA ASP A 59 -16.94 2.97 6.23
C ASP A 59 -16.27 3.52 4.98
N GLU A 60 -16.98 4.33 4.21
CA GLU A 60 -16.43 4.82 2.95
C GLU A 60 -15.34 5.85 3.15
N GLU A 61 -15.40 6.63 4.23
CA GLU A 61 -14.35 7.59 4.49
C GLU A 61 -13.05 6.83 4.72
N VAL A 62 -13.09 5.74 5.47
CA VAL A 62 -11.90 4.95 5.74
C VAL A 62 -11.39 4.32 4.44
N THR A 63 -12.27 3.76 3.61
CA THR A 63 -11.81 3.12 2.39
C THR A 63 -11.25 4.16 1.43
N SER A 64 -11.86 5.33 1.39
CA SER A 64 -11.37 6.41 0.53
C SER A 64 -10.01 6.87 0.99
N LEU A 65 -9.82 6.90 2.30
CA LEU A 65 -8.54 7.24 2.87
C LEU A 65 -7.51 6.17 2.51
N ALA A 66 -7.86 4.91 2.73
CA ALA A 66 -6.94 3.81 2.49
C ALA A 66 -6.57 3.67 1.01
N LYS A 67 -7.55 3.77 0.12
CA LYS A 67 -7.26 3.65 -1.32
C LYS A 67 -6.34 4.80 -1.77
N SER A 68 -6.37 5.91 -1.04
CA SER A 68 -5.49 7.04 -1.32
C SER A 68 -4.05 6.67 -0.98
N LEU A 69 -3.80 6.10 0.20
CA LEU A 69 -2.45 5.73 0.58
C LEU A 69 -1.84 4.70 -0.35
N ILE A 70 -2.60 3.68 -0.72
CA ILE A 70 -2.05 2.61 -1.57
C ILE A 70 -1.51 3.21 -2.87
N LYS A 71 -2.28 4.08 -3.50
CA LYS A 71 -1.84 4.70 -4.76
C LYS A 71 -0.59 5.58 -4.59
N SER A 72 -0.49 6.29 -3.47
CA SER A 72 0.66 7.16 -3.24
C SER A 72 1.90 6.34 -2.91
N TRP A 73 1.75 5.38 -2.01
CA TRP A 73 2.85 4.54 -1.54
C TRP A 73 3.38 3.63 -2.63
N LYS A 74 2.57 3.36 -3.63
CA LYS A 74 2.97 2.47 -4.73
C LYS A 74 4.09 3.13 -5.52
N LYS A 75 4.09 4.44 -5.58
CA LYS A 75 5.11 5.18 -6.33
C LYS A 75 6.51 4.97 -5.75
N LEU A 76 6.57 4.60 -4.48
CA LEU A 76 7.84 4.44 -3.77
C LEU A 76 8.66 3.27 -4.31
N LEU A 77 8.01 2.13 -4.51
CA LEU A 77 8.67 0.94 -5.05
C LEU A 77 8.77 1.00 -6.56
N ASP A 78 7.86 1.73 -7.18
CA ASP A 78 7.79 1.80 -8.65
C ASP A 78 8.76 2.84 -9.22
N GLY A 79 9.62 3.39 -8.38
CA GLY A 79 10.60 4.37 -8.83
C GLY A 79 9.96 5.61 -9.45
N GLY A 80 8.85 6.05 -8.86
CA GLY A 80 8.11 7.18 -9.40
C GLY A 80 8.82 8.53 -9.41
N SER A 81 9.98 8.60 -8.78
CA SER A 81 10.79 9.82 -8.75
C SER A 81 12.15 9.55 -9.41
N GLY A 82 12.23 8.41 -10.10
CA GLY A 82 13.46 7.96 -10.73
C GLY A 82 13.75 6.57 -10.22
N SER A 83 14.34 5.73 -11.05
CA SER A 83 14.61 4.34 -10.69
C SER A 83 16.08 4.09 -10.32
N GLY A 84 16.84 5.17 -10.16
CA GLY A 84 18.26 5.03 -9.87
C GLY A 84 19.02 4.85 -11.16
N SER A 85 20.09 4.07 -11.13
CA SER A 85 20.91 3.82 -12.31
C SER A 85 21.22 2.33 -12.39
N GLY A 86 21.43 1.82 -13.60
CA GLY A 86 21.73 0.42 -13.77
C GLY A 86 22.07 0.18 -15.24
N SER A 87 22.27 -1.07 -15.62
CA SER A 87 22.62 -1.42 -17.01
C SER A 87 21.64 -2.46 -17.52
N GLY A 88 20.37 -2.26 -17.16
CA GLY A 88 19.31 -3.18 -17.52
C GLY A 88 18.83 -3.87 -16.25
N SER A 89 17.75 -4.63 -16.35
CA SER A 89 17.19 -5.33 -15.18
C SER A 89 16.93 -6.82 -15.42
N SER A 90 16.92 -7.21 -16.69
CA SER A 90 16.69 -8.60 -17.13
C SER A 90 15.34 -9.23 -16.77
N GLY A 91 14.39 -8.42 -16.32
CA GLY A 91 13.05 -8.93 -16.06
C GLY A 91 12.26 -9.03 -17.36
N GLU A 92 11.10 -9.65 -17.29
CA GLU A 92 10.24 -9.85 -18.47
C GLU A 92 9.70 -8.53 -19.01
N LEU A 93 9.27 -7.67 -18.09
CA LEU A 93 8.68 -6.37 -18.46
C LEU A 93 9.02 -5.34 -17.39
N SER A 94 8.85 -5.72 -16.14
CA SER A 94 9.18 -4.85 -15.01
C SER A 94 9.47 -5.73 -13.81
N ASP A 95 10.42 -5.32 -12.98
CA ASP A 95 10.80 -6.11 -11.81
C ASP A 95 10.28 -5.57 -10.49
N LYS A 96 10.42 -4.26 -10.30
CA LYS A 96 10.07 -3.65 -9.01
C LYS A 96 8.58 -3.67 -8.73
N LYS A 97 7.77 -3.68 -9.79
CA LYS A 97 6.33 -3.75 -9.63
C LYS A 97 5.91 -5.05 -8.95
N ASN A 98 6.69 -6.10 -9.13
CA ASN A 98 6.36 -7.40 -8.53
C ASN A 98 6.55 -7.40 -7.02
N GLU A 99 7.39 -6.50 -6.50
CA GLU A 99 7.66 -6.45 -5.07
C GLU A 99 6.37 -6.07 -4.32
N GLU A 100 5.48 -5.38 -5.01
CA GLU A 100 4.20 -4.96 -4.47
C GLU A 100 3.41 -6.13 -3.89
N LYS A 101 3.51 -7.30 -4.51
CA LYS A 101 2.76 -8.47 -4.05
C LYS A 101 3.15 -8.82 -2.61
N ASP A 102 4.40 -8.56 -2.26
CA ASP A 102 4.92 -8.84 -0.93
C ASP A 102 4.67 -7.69 0.04
N LEU A 103 4.71 -6.46 -0.47
CA LEU A 103 4.58 -5.28 0.39
C LEU A 103 3.12 -4.85 0.64
N PHE A 104 2.24 -5.15 -0.31
CA PHE A 104 0.82 -4.75 -0.25
C PHE A 104 -0.12 -5.92 -0.48
N GLY A 105 0.17 -6.74 -1.47
CA GLY A 105 -0.73 -7.83 -1.82
C GLY A 105 -2.01 -7.24 -2.39
N SER A 106 -1.85 -6.21 -3.22
CA SER A 106 -3.01 -5.51 -3.78
C SER A 106 -3.59 -6.26 -4.94
N ASP A 107 -2.74 -6.63 -5.91
CA ASP A 107 -3.16 -7.30 -7.14
C ASP A 107 -4.41 -6.61 -7.70
N SER A 108 -5.55 -7.31 -7.65
CA SER A 108 -6.85 -6.77 -8.10
C SER A 108 -6.84 -6.32 -9.55
N GLU A 109 -6.90 -7.29 -10.46
CA GLU A 109 -6.96 -7.05 -11.90
C GLU A 109 -5.80 -6.17 -12.35
N SER A 110 -4.60 -6.56 -11.92
CA SER A 110 -3.38 -5.86 -12.33
C SER A 110 -3.31 -5.92 -13.85
N GLY A 111 -2.99 -4.80 -14.47
CA GLY A 111 -2.96 -4.75 -15.91
C GLY A 111 -1.87 -5.62 -16.51
N ASN A 112 -2.21 -6.24 -17.63
CA ASN A 112 -1.31 -7.07 -18.42
C ASN A 112 -1.72 -6.76 -19.84
N GLU A 113 -0.77 -6.41 -20.69
CA GLU A 113 -1.06 -5.97 -22.05
C GLU A 113 -0.08 -6.69 -22.97
N GLU A 114 -0.59 -7.34 -24.00
CA GLU A 114 0.20 -8.16 -24.93
C GLU A 114 -0.20 -7.77 -26.35
N GLU A 115 0.58 -8.17 -27.35
CA GLU A 115 0.28 -7.85 -28.75
C GLU A 115 0.46 -9.05 -29.67
N ASN A 116 -0.10 -8.93 -30.88
CA ASN A 116 -0.05 -9.95 -31.94
C ASN A 116 -0.68 -11.30 -31.52
N MET A 1 11.35 6.68 12.09
CA MET A 1 9.87 6.55 12.27
C MET A 1 9.41 5.12 11.97
N GLU A 2 10.29 4.13 12.00
CA GLU A 2 9.88 2.77 11.65
C GLU A 2 8.85 2.24 12.63
N ASP A 3 9.12 2.41 13.92
CA ASP A 3 8.22 1.91 14.95
C ASP A 3 6.87 2.62 14.89
N GLU A 4 6.86 3.88 14.48
CA GLU A 4 5.63 4.64 14.36
C GLU A 4 4.71 3.97 13.34
N VAL A 5 5.29 3.62 12.20
CA VAL A 5 4.53 2.99 11.13
C VAL A 5 4.12 1.57 11.55
N VAL A 6 5.05 0.82 12.14
CA VAL A 6 4.74 -0.50 12.68
C VAL A 6 3.57 -0.39 13.65
N ARG A 7 3.57 0.61 14.53
CA ARG A 7 2.48 0.77 15.49
C ARG A 7 1.17 1.01 14.76
N PHE A 8 1.17 1.85 13.75
CA PHE A 8 -0.03 2.06 12.93
C PHE A 8 -0.50 0.76 12.29
N ALA A 9 0.42 0.02 11.69
CA ALA A 9 0.08 -1.23 11.02
C ALA A 9 -0.52 -2.24 12.01
N LYS A 10 0.06 -2.33 13.19
CA LYS A 10 -0.43 -3.26 14.21
C LYS A 10 -1.77 -2.81 14.78
N LYS A 11 -2.01 -1.50 14.84
CA LYS A 11 -3.33 -1.01 15.26
C LYS A 11 -4.34 -1.50 14.23
N MET A 12 -4.03 -1.30 12.95
CA MET A 12 -4.93 -1.70 11.85
C MET A 12 -5.22 -3.19 11.84
N ASP A 13 -4.19 -4.00 12.02
CA ASP A 13 -4.33 -5.46 11.97
C ASP A 13 -5.34 -5.97 13.00
N LYS A 14 -5.40 -5.30 14.13
CA LYS A 14 -6.32 -5.69 15.20
C LYS A 14 -7.75 -5.31 14.85
N MET A 15 -7.92 -4.22 14.11
CA MET A 15 -9.26 -3.81 13.67
C MET A 15 -9.73 -4.82 12.64
N VAL A 16 -8.79 -5.25 11.81
CA VAL A 16 -9.01 -6.23 10.77
C VAL A 16 -9.47 -7.55 11.39
N GLN A 17 -8.79 -7.98 12.46
CA GLN A 17 -9.17 -9.20 13.16
C GLN A 17 -10.56 -9.09 13.76
N LYS A 18 -10.91 -7.92 14.28
CA LYS A 18 -12.23 -7.70 14.88
C LYS A 18 -13.32 -7.42 13.85
N LYS A 19 -12.95 -7.37 12.57
CA LYS A 19 -13.87 -7.07 11.46
C LYS A 19 -14.60 -5.74 11.64
N ASN A 20 -13.95 -4.79 12.29
CA ASN A 20 -14.51 -3.47 12.52
C ASN A 20 -13.34 -2.50 12.41
N ALA A 21 -13.26 -1.82 11.28
CA ALA A 21 -12.14 -0.94 10.98
C ALA A 21 -12.49 0.55 10.93
N ALA A 22 -13.64 0.94 11.47
CA ALA A 22 -14.04 2.36 11.46
C ALA A 22 -12.95 3.26 12.08
N GLY A 23 -12.34 2.79 13.16
CA GLY A 23 -11.29 3.54 13.83
C GLY A 23 -10.05 3.81 12.99
N ALA A 24 -9.88 3.03 11.92
CA ALA A 24 -8.73 3.17 11.03
C ALA A 24 -8.75 4.52 10.30
N LEU A 25 -9.89 5.19 10.30
CA LEU A 25 -10.01 6.51 9.69
C LEU A 25 -8.95 7.42 10.22
N ASP A 26 -8.82 7.44 11.53
CA ASP A 26 -7.87 8.30 12.20
C ASP A 26 -6.45 7.86 11.91
N LEU A 27 -6.24 6.57 11.74
CA LEU A 27 -4.91 6.07 11.44
C LEU A 27 -4.46 6.55 10.06
N LEU A 28 -5.27 6.27 9.04
CA LEU A 28 -5.00 6.70 7.71
C LEU A 28 -4.88 8.23 7.57
N LYS A 29 -5.64 9.00 8.35
CA LYS A 29 -5.46 10.46 8.40
C LYS A 29 -4.00 10.82 8.70
N GLU A 30 -3.41 10.22 9.72
CA GLU A 30 -2.03 10.54 10.11
C GLU A 30 -1.06 10.12 9.01
N LEU A 31 -1.33 8.96 8.43
CA LEU A 31 -0.47 8.43 7.38
C LEU A 31 -0.38 9.32 6.15
N LYS A 32 -1.36 10.19 5.94
CA LYS A 32 -1.32 11.13 4.82
C LYS A 32 -0.34 12.27 5.05
N ASN A 33 0.11 12.43 6.29
CA ASN A 33 1.09 13.46 6.62
C ASN A 33 2.48 12.82 6.78
N ILE A 34 2.50 11.52 7.01
CA ILE A 34 3.76 10.80 7.24
C ILE A 34 4.49 10.53 5.91
N PRO A 35 5.79 10.87 5.85
CA PRO A 35 6.64 10.61 4.68
C PRO A 35 7.00 9.11 4.56
N MET A 36 6.03 8.32 4.15
CA MET A 36 6.23 6.89 3.91
C MET A 36 7.31 6.72 2.85
N THR A 37 8.09 5.66 2.97
CA THR A 37 9.17 5.37 2.05
C THR A 37 9.05 3.92 1.65
N LEU A 38 9.76 3.51 0.61
CA LEU A 38 9.75 2.11 0.17
C LEU A 38 10.29 1.25 1.31
N GLU A 39 11.26 1.79 2.03
CA GLU A 39 11.92 1.06 3.12
C GLU A 39 10.90 0.70 4.18
N LEU A 40 10.01 1.64 4.46
CA LEU A 40 8.98 1.42 5.46
C LEU A 40 7.99 0.37 5.01
N LEU A 41 7.65 0.36 3.73
CA LEU A 41 6.69 -0.62 3.24
C LEU A 41 7.27 -2.01 3.35
N GLN A 42 8.58 -2.10 3.17
CA GLN A 42 9.28 -3.37 3.26
C GLN A 42 9.30 -3.91 4.70
N SER A 43 9.77 -3.12 5.65
CA SER A 43 9.89 -3.60 7.03
C SER A 43 8.63 -3.53 7.89
N THR A 44 7.81 -2.50 7.71
CA THR A 44 6.61 -2.33 8.52
C THR A 44 5.40 -3.01 7.90
N ARG A 45 5.50 -3.27 6.59
CA ARG A 45 4.44 -3.93 5.78
C ARG A 45 3.12 -3.21 5.95
N ILE A 46 3.18 -1.91 6.13
CA ILE A 46 1.97 -1.13 6.35
C ILE A 46 1.13 -1.08 5.07
N GLY A 47 1.79 -1.31 3.93
CA GLY A 47 1.06 -1.37 2.69
C GLY A 47 0.01 -2.46 2.77
N MET A 48 0.36 -3.59 3.35
CA MET A 48 -0.59 -4.69 3.49
C MET A 48 -1.66 -4.37 4.53
N SER A 49 -1.28 -3.72 5.62
CA SER A 49 -2.24 -3.36 6.66
C SER A 49 -3.30 -2.40 6.13
N VAL A 50 -2.89 -1.31 5.51
CA VAL A 50 -3.85 -0.36 4.92
C VAL A 50 -4.68 -1.06 3.85
N ASN A 51 -4.06 -1.92 3.06
CA ASN A 51 -4.79 -2.66 2.02
C ASN A 51 -5.85 -3.58 2.64
N ALA A 52 -5.55 -4.17 3.77
CA ALA A 52 -6.50 -5.03 4.46
C ALA A 52 -7.65 -4.18 4.99
N ILE A 53 -7.37 -3.01 5.53
CA ILE A 53 -8.41 -2.11 6.03
C ILE A 53 -9.35 -1.73 4.91
N ARG A 54 -8.81 -1.47 3.73
CA ARG A 54 -9.61 -1.08 2.57
C ARG A 54 -10.70 -2.10 2.24
N LYS A 55 -10.44 -3.37 2.48
CA LYS A 55 -11.40 -4.44 2.16
C LYS A 55 -12.20 -4.92 3.37
N GLN A 56 -11.72 -4.57 4.54
CA GLN A 56 -12.36 -4.93 5.82
C GLN A 56 -13.18 -3.81 6.46
N SER A 57 -13.30 -2.68 5.77
CA SER A 57 -14.04 -1.53 6.29
C SER A 57 -15.30 -1.24 5.49
N THR A 58 -16.39 -1.00 6.19
CA THR A 58 -17.65 -0.63 5.57
C THR A 58 -17.71 0.89 5.43
N ASP A 59 -16.97 1.55 6.30
CA ASP A 59 -16.86 3.01 6.33
C ASP A 59 -16.16 3.46 5.05
N GLU A 60 -16.84 4.20 4.18
CA GLU A 60 -16.20 4.61 2.94
C GLU A 60 -15.15 5.68 3.16
N GLU A 61 -15.27 6.43 4.23
CA GLU A 61 -14.26 7.43 4.55
C GLU A 61 -12.92 6.71 4.72
N VAL A 62 -12.96 5.55 5.37
CA VAL A 62 -11.78 4.79 5.64
C VAL A 62 -11.24 4.18 4.36
N THR A 63 -12.11 3.60 3.54
CA THR A 63 -11.64 3.01 2.30
C THR A 63 -11.10 4.07 1.37
N SER A 64 -11.69 5.26 1.41
CA SER A 64 -11.24 6.37 0.58
C SER A 64 -9.89 6.89 1.05
N LEU A 65 -9.68 6.89 2.36
CA LEU A 65 -8.38 7.31 2.87
C LEU A 65 -7.37 6.23 2.49
N ALA A 66 -7.71 4.99 2.75
CA ALA A 66 -6.82 3.85 2.49
C ALA A 66 -6.46 3.71 1.01
N LYS A 67 -7.44 3.78 0.13
CA LYS A 67 -7.18 3.63 -1.32
C LYS A 67 -6.22 4.73 -1.81
N SER A 68 -6.25 5.88 -1.15
CA SER A 68 -5.35 6.98 -1.47
C SER A 68 -3.93 6.59 -1.10
N LEU A 69 -3.71 6.08 0.11
CA LEU A 69 -2.41 5.67 0.53
C LEU A 69 -1.83 4.60 -0.37
N ILE A 70 -2.60 3.59 -0.73
CA ILE A 70 -2.06 2.50 -1.55
C ILE A 70 -1.48 3.01 -2.87
N LYS A 71 -2.24 3.83 -3.58
CA LYS A 71 -1.80 4.32 -4.88
C LYS A 71 -0.65 5.29 -4.76
N SER A 72 -0.63 6.05 -3.69
CA SER A 72 0.45 7.01 -3.46
C SER A 72 1.75 6.34 -3.01
N TRP A 73 1.62 5.39 -2.09
CA TRP A 73 2.75 4.64 -1.54
C TRP A 73 3.35 3.73 -2.59
N LYS A 74 2.57 3.43 -3.60
CA LYS A 74 3.04 2.55 -4.67
C LYS A 74 4.19 3.23 -5.37
N LYS A 75 4.14 4.54 -5.49
CA LYS A 75 5.20 5.30 -6.18
C LYS A 75 6.57 5.10 -5.57
N LEU A 76 6.60 4.68 -4.32
CA LEU A 76 7.85 4.49 -3.60
C LEU A 76 8.63 3.31 -4.18
N LEU A 77 7.92 2.25 -4.59
CA LEU A 77 8.54 1.10 -5.28
C LEU A 77 8.50 1.25 -6.80
N ASP A 78 7.41 1.82 -7.27
CA ASP A 78 7.11 1.96 -8.71
C ASP A 78 8.12 2.87 -9.41
N GLY A 79 8.58 3.89 -8.70
CA GLY A 79 9.60 4.80 -9.23
C GLY A 79 9.18 5.77 -10.33
N GLY A 80 8.70 5.24 -11.44
CA GLY A 80 8.34 6.07 -12.59
C GLY A 80 7.39 5.36 -13.52
N SER A 81 7.62 5.51 -14.83
CA SER A 81 6.77 4.86 -15.83
C SER A 81 7.47 3.64 -16.42
N GLY A 82 6.89 2.47 -16.16
CA GLY A 82 7.42 1.22 -16.71
C GLY A 82 8.29 0.46 -15.72
N SER A 83 8.31 -0.86 -15.88
CA SER A 83 9.06 -1.75 -14.98
C SER A 83 10.58 -1.64 -15.20
N GLY A 84 10.97 -1.28 -16.42
CA GLY A 84 12.38 -1.19 -16.75
C GLY A 84 12.96 -2.59 -16.85
N SER A 85 14.27 -2.71 -16.68
CA SER A 85 14.94 -4.01 -16.72
C SER A 85 14.87 -4.71 -15.37
N GLY A 86 14.48 -3.95 -14.34
CA GLY A 86 14.47 -4.48 -12.99
C GLY A 86 15.88 -4.64 -12.44
N SER A 87 15.98 -5.21 -11.25
CA SER A 87 17.27 -5.47 -10.61
C SER A 87 17.06 -6.60 -9.61
N GLY A 88 18.12 -7.04 -8.96
CA GLY A 88 17.99 -8.08 -7.95
C GLY A 88 17.73 -9.46 -8.53
N SER A 89 16.76 -10.15 -7.98
CA SER A 89 16.39 -11.50 -8.40
C SER A 89 14.89 -11.65 -8.23
N SER A 90 14.32 -12.69 -8.85
CA SER A 90 12.88 -13.01 -8.83
C SER A 90 11.97 -11.96 -9.51
N GLY A 91 12.56 -10.85 -9.94
CA GLY A 91 11.83 -9.82 -10.66
C GLY A 91 11.87 -10.07 -12.16
N GLU A 92 11.98 -11.34 -12.53
CA GLU A 92 12.13 -11.75 -13.92
C GLU A 92 10.98 -11.29 -14.82
N LEU A 93 9.75 -11.38 -14.32
CA LEU A 93 8.59 -10.91 -15.07
C LEU A 93 8.57 -9.39 -14.96
N SER A 94 8.76 -8.91 -13.74
CA SER A 94 8.82 -7.49 -13.43
C SER A 94 9.24 -7.37 -11.97
N ASP A 95 10.21 -6.52 -11.70
CA ASP A 95 10.76 -6.31 -10.36
C ASP A 95 9.66 -5.87 -9.40
N LYS A 96 9.04 -4.74 -9.70
CA LYS A 96 8.10 -4.14 -8.78
C LYS A 96 6.75 -4.84 -8.71
N LYS A 97 6.52 -5.78 -9.61
CA LYS A 97 5.34 -6.61 -9.55
C LYS A 97 5.50 -7.50 -8.32
N ASN A 98 6.68 -8.07 -8.19
CA ASN A 98 6.99 -8.94 -7.05
C ASN A 98 7.05 -8.12 -5.76
N GLU A 99 7.63 -6.93 -5.83
CA GLU A 99 7.72 -6.08 -4.64
C GLU A 99 6.33 -5.68 -4.13
N GLU A 100 5.42 -5.26 -5.00
CA GLU A 100 4.07 -4.88 -4.54
C GLU A 100 3.34 -6.08 -3.97
N LYS A 101 3.52 -7.23 -4.61
CA LYS A 101 2.88 -8.48 -4.19
C LYS A 101 3.17 -8.73 -2.70
N ASP A 102 4.40 -8.51 -2.28
CA ASP A 102 4.78 -8.77 -0.90
C ASP A 102 4.48 -7.60 0.03
N LEU A 103 4.69 -6.38 -0.43
CA LEU A 103 4.48 -5.19 0.42
C LEU A 103 3.01 -4.86 0.67
N PHE A 104 2.17 -5.11 -0.33
CA PHE A 104 0.75 -4.75 -0.28
C PHE A 104 -0.19 -5.92 -0.52
N GLY A 105 0.09 -6.70 -1.56
CA GLY A 105 -0.82 -7.77 -1.94
C GLY A 105 -2.10 -7.12 -2.46
N SER A 106 -1.94 -6.06 -3.23
CA SER A 106 -3.07 -5.27 -3.71
C SER A 106 -3.54 -5.72 -5.08
N ASP A 107 -2.64 -5.70 -6.05
CA ASP A 107 -2.99 -6.08 -7.43
C ASP A 107 -1.76 -6.41 -8.27
N SER A 108 -0.78 -5.53 -8.26
CA SER A 108 0.47 -5.64 -9.04
C SER A 108 0.24 -5.84 -10.55
N GLU A 109 -0.96 -5.54 -11.02
CA GLU A 109 -1.35 -5.79 -12.41
C GLU A 109 -2.49 -4.85 -12.78
N SER A 110 -2.64 -4.56 -14.07
CA SER A 110 -3.70 -3.69 -14.56
C SER A 110 -4.49 -4.32 -15.72
N GLY A 111 -4.06 -5.51 -16.15
CA GLY A 111 -4.67 -6.18 -17.28
C GLY A 111 -3.66 -6.29 -18.41
N ASN A 112 -4.12 -6.68 -19.59
CA ASN A 112 -3.24 -6.79 -20.76
C ASN A 112 -3.36 -5.49 -21.53
N GLU A 113 -2.24 -5.00 -22.05
CA GLU A 113 -2.21 -3.75 -22.81
C GLU A 113 -1.12 -3.95 -23.86
N GLU A 114 -1.28 -3.35 -25.04
CA GLU A 114 -0.34 -3.50 -26.15
C GLU A 114 -0.23 -2.15 -26.85
N GLU A 115 0.72 -2.03 -27.79
CA GLU A 115 1.00 -0.79 -28.54
C GLU A 115 1.33 0.36 -27.57
N ASN A 116 2.15 0.03 -26.59
CA ASN A 116 2.58 0.97 -25.55
C ASN A 116 3.65 1.93 -26.06
N MET A 1 10.81 6.99 12.57
CA MET A 1 9.38 6.63 12.81
C MET A 1 9.06 5.21 12.34
N GLU A 2 10.06 4.34 12.24
CA GLU A 2 9.80 2.97 11.75
C GLU A 2 8.82 2.24 12.68
N ASP A 3 9.10 2.28 13.97
CA ASP A 3 8.22 1.66 14.95
C ASP A 3 6.85 2.29 14.91
N GLU A 4 6.76 3.59 14.66
CA GLU A 4 5.45 4.22 14.64
C GLU A 4 4.61 3.70 13.47
N VAL A 5 5.24 3.48 12.33
CA VAL A 5 4.52 2.92 11.18
C VAL A 5 4.12 1.48 11.52
N VAL A 6 5.04 0.73 12.12
CA VAL A 6 4.74 -0.62 12.62
C VAL A 6 3.54 -0.55 13.56
N ARG A 7 3.53 0.40 14.49
CA ARG A 7 2.41 0.54 15.43
C ARG A 7 1.14 0.85 14.67
N PHE A 8 1.19 1.73 13.68
CA PHE A 8 0.00 2.01 12.86
C PHE A 8 -0.51 0.73 12.22
N ALA A 9 0.38 -0.07 11.65
CA ALA A 9 -0.01 -1.33 11.03
C ALA A 9 -0.63 -2.28 12.07
N LYS A 10 -0.07 -2.32 13.27
CA LYS A 10 -0.62 -3.17 14.33
C LYS A 10 -1.95 -2.63 14.87
N LYS A 11 -2.12 -1.31 14.92
CA LYS A 11 -3.40 -0.73 15.32
C LYS A 11 -4.42 -1.20 14.31
N MET A 12 -4.08 -1.10 13.02
CA MET A 12 -4.97 -1.54 11.94
C MET A 12 -5.32 -3.02 12.02
N ASP A 13 -4.32 -3.86 12.21
CA ASP A 13 -4.54 -5.32 12.26
C ASP A 13 -5.53 -5.70 13.35
N LYS A 14 -5.47 -5.02 14.47
CA LYS A 14 -6.37 -5.32 15.59
C LYS A 14 -7.81 -4.98 15.24
N MET A 15 -8.00 -3.96 14.42
CA MET A 15 -9.35 -3.59 13.98
C MET A 15 -9.82 -4.61 12.95
N VAL A 16 -8.87 -5.05 12.13
CA VAL A 16 -9.11 -6.04 11.10
C VAL A 16 -9.57 -7.35 11.74
N GLN A 17 -8.91 -7.80 12.79
CA GLN A 17 -9.30 -9.03 13.48
C GLN A 17 -10.70 -8.88 14.09
N LYS A 18 -11.00 -7.71 14.62
CA LYS A 18 -12.32 -7.45 15.22
C LYS A 18 -13.39 -7.09 14.19
N LYS A 19 -13.00 -7.06 12.92
CA LYS A 19 -13.90 -6.72 11.79
C LYS A 19 -14.58 -5.35 11.96
N ASN A 20 -13.93 -4.45 12.70
CA ASN A 20 -14.47 -3.10 12.94
C ASN A 20 -13.35 -2.10 12.71
N ALA A 21 -13.09 -1.82 11.44
CA ALA A 21 -12.02 -0.93 11.03
C ALA A 21 -12.43 0.55 10.92
N ALA A 22 -13.57 0.93 11.49
CA ALA A 22 -14.00 2.34 11.44
C ALA A 22 -12.93 3.25 12.08
N GLY A 23 -12.33 2.79 13.17
CA GLY A 23 -11.31 3.57 13.86
C GLY A 23 -10.05 3.82 13.04
N ALA A 24 -9.85 3.01 12.01
CA ALA A 24 -8.69 3.10 11.13
C ALA A 24 -8.66 4.42 10.38
N LEU A 25 -9.80 5.09 10.35
CA LEU A 25 -9.94 6.38 9.69
C LEU A 25 -8.88 7.32 10.15
N ASP A 26 -8.77 7.44 11.46
CA ASP A 26 -7.85 8.38 12.04
C ASP A 26 -6.41 7.97 11.75
N LEU A 27 -6.18 6.67 11.65
CA LEU A 27 -4.85 6.16 11.36
C LEU A 27 -4.43 6.59 9.96
N LEU A 28 -5.26 6.31 8.96
CA LEU A 28 -5.00 6.72 7.62
C LEU A 28 -4.87 8.24 7.46
N LYS A 29 -5.67 9.03 8.19
CA LYS A 29 -5.50 10.48 8.22
C LYS A 29 -4.07 10.85 8.60
N GLU A 30 -3.53 10.25 9.64
CA GLU A 30 -2.16 10.53 10.08
C GLU A 30 -1.15 10.11 9.01
N LEU A 31 -1.38 8.95 8.40
CA LEU A 31 -0.47 8.44 7.38
C LEU A 31 -0.35 9.32 6.15
N LYS A 32 -1.34 10.17 5.92
CA LYS A 32 -1.27 11.11 4.79
C LYS A 32 -0.23 12.19 5.02
N ASN A 33 0.09 12.47 6.28
CA ASN A 33 1.08 13.48 6.60
C ASN A 33 2.45 12.84 6.70
N ILE A 34 2.47 11.55 7.02
CA ILE A 34 3.73 10.84 7.22
C ILE A 34 4.42 10.52 5.88
N PRO A 35 5.70 10.91 5.74
CA PRO A 35 6.50 10.61 4.55
C PRO A 35 6.90 9.13 4.52
N MET A 36 5.97 8.31 4.06
CA MET A 36 6.21 6.87 3.90
C MET A 36 7.31 6.70 2.86
N THR A 37 8.12 5.66 3.01
CA THR A 37 9.22 5.39 2.10
C THR A 37 9.11 3.94 1.69
N LEU A 38 9.84 3.55 0.66
CA LEU A 38 9.82 2.16 0.21
C LEU A 38 10.35 1.28 1.34
N GLU A 39 11.34 1.80 2.04
CA GLU A 39 11.99 1.06 3.14
C GLU A 39 10.96 0.72 4.20
N LEU A 40 10.08 1.67 4.48
CA LEU A 40 9.05 1.46 5.47
C LEU A 40 8.06 0.43 5.02
N LEU A 41 7.74 0.39 3.74
CA LEU A 41 6.76 -0.58 3.27
C LEU A 41 7.35 -1.96 3.38
N GLN A 42 8.66 -2.05 3.21
CA GLN A 42 9.35 -3.33 3.33
C GLN A 42 9.40 -3.79 4.79
N SER A 43 9.93 -2.96 5.69
CA SER A 43 10.06 -3.34 7.09
C SER A 43 8.76 -3.41 7.90
N THR A 44 7.87 -2.46 7.67
CA THR A 44 6.64 -2.35 8.47
C THR A 44 5.46 -3.07 7.82
N ARG A 45 5.58 -3.32 6.51
CA ARG A 45 4.52 -3.96 5.68
C ARG A 45 3.18 -3.28 5.87
N ILE A 46 3.20 -1.97 6.08
CA ILE A 46 1.98 -1.23 6.32
C ILE A 46 1.13 -1.17 5.05
N GLY A 47 1.75 -1.36 3.90
CA GLY A 47 1.00 -1.39 2.66
C GLY A 47 -0.07 -2.46 2.71
N MET A 48 0.28 -3.62 3.28
CA MET A 48 -0.66 -4.72 3.36
C MET A 48 -1.72 -4.43 4.43
N SER A 49 -1.33 -3.78 5.52
CA SER A 49 -2.29 -3.43 6.58
C SER A 49 -3.33 -2.45 6.07
N VAL A 50 -2.90 -1.37 5.43
CA VAL A 50 -3.84 -0.43 4.83
C VAL A 50 -4.72 -1.12 3.77
N ASN A 51 -4.13 -2.00 2.97
CA ASN A 51 -4.90 -2.74 1.97
C ASN A 51 -5.98 -3.59 2.65
N ALA A 52 -5.62 -4.22 3.77
CA ALA A 52 -6.56 -5.03 4.52
C ALA A 52 -7.69 -4.15 5.07
N ILE A 53 -7.36 -2.97 5.56
CA ILE A 53 -8.38 -2.06 6.09
C ILE A 53 -9.36 -1.68 4.99
N ARG A 54 -8.87 -1.44 3.79
CA ARG A 54 -9.74 -1.04 2.69
C ARG A 54 -10.81 -2.10 2.39
N LYS A 55 -10.48 -3.36 2.59
CA LYS A 55 -11.42 -4.45 2.29
C LYS A 55 -12.19 -4.95 3.51
N GLN A 56 -11.68 -4.63 4.69
CA GLN A 56 -12.31 -5.00 5.97
C GLN A 56 -13.21 -3.91 6.56
N SER A 57 -13.22 -2.74 5.96
CA SER A 57 -14.02 -1.61 6.48
C SER A 57 -15.25 -1.34 5.62
N THR A 58 -16.34 -1.00 6.30
CA THR A 58 -17.58 -0.60 5.63
C THR A 58 -17.67 0.93 5.65
N ASP A 59 -16.76 1.55 6.38
CA ASP A 59 -16.70 3.02 6.48
C ASP A 59 -16.07 3.53 5.20
N GLU A 60 -16.79 4.33 4.44
CA GLU A 60 -16.22 4.80 3.18
C GLU A 60 -15.12 5.83 3.35
N GLU A 61 -15.11 6.62 4.42
CA GLU A 61 -14.00 7.55 4.58
C GLU A 61 -12.76 6.71 4.78
N VAL A 62 -12.81 5.66 5.59
CA VAL A 62 -11.67 4.78 5.77
C VAL A 62 -11.22 4.16 4.45
N THR A 63 -12.13 3.61 3.65
CA THR A 63 -11.72 2.97 2.42
C THR A 63 -11.18 4.01 1.44
N SER A 64 -11.74 5.21 1.46
CA SER A 64 -11.28 6.29 0.59
C SER A 64 -9.92 6.79 1.01
N LEU A 65 -9.65 6.80 2.30
CA LEU A 65 -8.35 7.22 2.78
C LEU A 65 -7.34 6.14 2.42
N ALA A 66 -7.70 4.90 2.72
CA ALA A 66 -6.83 3.76 2.48
C ALA A 66 -6.48 3.62 0.99
N LYS A 67 -7.47 3.71 0.12
CA LYS A 67 -7.23 3.59 -1.33
C LYS A 67 -6.27 4.68 -1.81
N SER A 68 -6.30 5.83 -1.14
CA SER A 68 -5.40 6.92 -1.47
C SER A 68 -3.96 6.55 -1.10
N LEU A 69 -3.73 6.05 0.10
CA LEU A 69 -2.41 5.65 0.53
C LEU A 69 -1.80 4.60 -0.38
N ILE A 70 -2.55 3.60 -0.77
CA ILE A 70 -2.00 2.53 -1.62
C ILE A 70 -1.43 3.13 -2.91
N LYS A 71 -2.16 4.05 -3.52
CA LYS A 71 -1.72 4.65 -4.78
C LYS A 71 -0.51 5.55 -4.60
N SER A 72 -0.48 6.30 -3.53
CA SER A 72 0.64 7.21 -3.29
C SER A 72 1.89 6.45 -2.88
N TRP A 73 1.72 5.44 -2.05
CA TRP A 73 2.82 4.62 -1.55
C TRP A 73 3.40 3.75 -2.66
N LYS A 74 2.62 3.52 -3.69
CA LYS A 74 3.06 2.71 -4.81
C LYS A 74 4.20 3.41 -5.50
N LYS A 75 4.19 4.72 -5.48
CA LYS A 75 5.27 5.49 -6.12
C LYS A 75 6.64 5.21 -5.52
N LEU A 76 6.66 4.72 -4.30
CA LEU A 76 7.90 4.48 -3.58
C LEU A 76 8.66 3.30 -4.19
N LEU A 77 7.94 2.23 -4.49
CA LEU A 77 8.54 1.06 -5.16
C LEU A 77 8.64 1.30 -6.65
N ASP A 78 7.66 2.01 -7.20
CA ASP A 78 7.58 2.28 -8.65
C ASP A 78 8.78 3.10 -9.12
N GLY A 79 9.25 4.00 -8.26
CA GLY A 79 10.42 4.81 -8.58
C GLY A 79 11.71 4.20 -8.04
N GLY A 80 11.59 3.06 -7.38
CA GLY A 80 12.76 2.41 -6.80
C GLY A 80 13.59 1.68 -7.83
N SER A 81 14.89 1.59 -7.58
CA SER A 81 15.80 0.90 -8.48
C SER A 81 15.80 -0.59 -8.17
N GLY A 82 14.80 -1.30 -8.66
CA GLY A 82 14.71 -2.74 -8.48
C GLY A 82 15.60 -3.44 -9.49
N SER A 83 15.57 -4.75 -9.49
CA SER A 83 16.36 -5.54 -10.43
C SER A 83 15.78 -5.39 -11.84
N GLY A 84 16.60 -5.69 -12.84
CA GLY A 84 16.17 -5.56 -14.23
C GLY A 84 17.24 -6.12 -15.13
N SER A 85 17.06 -5.95 -16.44
CA SER A 85 17.99 -6.46 -17.43
C SER A 85 19.36 -5.77 -17.37
N GLY A 86 19.37 -4.52 -16.93
CA GLY A 86 20.61 -3.77 -16.81
C GLY A 86 20.34 -2.29 -16.66
N SER A 87 21.40 -1.51 -16.48
CA SER A 87 21.24 -0.07 -16.37
C SER A 87 21.11 0.52 -17.76
N GLY A 88 20.28 1.55 -17.89
CA GLY A 88 20.04 2.17 -19.18
C GLY A 88 19.02 3.26 -19.00
N SER A 89 18.32 3.62 -20.06
CA SER A 89 17.27 4.63 -19.99
C SER A 89 16.13 4.06 -19.16
N SER A 90 15.43 4.93 -18.43
CA SER A 90 14.30 4.48 -17.62
C SER A 90 13.17 3.95 -18.49
N GLY A 91 12.44 2.96 -17.98
CA GLY A 91 11.33 2.40 -18.74
C GLY A 91 11.04 0.97 -18.33
N GLU A 92 12.06 0.24 -17.88
CA GLU A 92 11.87 -1.13 -17.43
C GLU A 92 11.00 -1.15 -16.16
N LEU A 93 9.91 -1.89 -16.22
CA LEU A 93 8.92 -1.92 -15.13
C LEU A 93 8.43 -3.35 -14.87
N SER A 94 9.18 -4.11 -14.06
CA SER A 94 8.75 -5.46 -13.67
C SER A 94 9.00 -5.77 -12.19
N ASP A 95 10.24 -5.69 -11.72
CA ASP A 95 10.55 -6.00 -10.30
C ASP A 95 9.78 -5.13 -9.31
N LYS A 96 9.41 -3.94 -9.75
CA LYS A 96 8.63 -3.05 -8.90
C LYS A 96 7.26 -3.65 -8.60
N LYS A 97 6.75 -4.51 -9.48
CA LYS A 97 5.47 -5.18 -9.27
C LYS A 97 5.67 -6.34 -8.29
N ASN A 98 6.83 -6.98 -8.38
CA ASN A 98 7.19 -8.07 -7.48
C ASN A 98 7.31 -7.52 -6.04
N GLU A 99 7.86 -6.33 -5.91
CA GLU A 99 7.91 -5.67 -4.60
C GLU A 99 6.48 -5.42 -4.09
N GLU A 100 5.59 -4.98 -4.96
CA GLU A 100 4.20 -4.72 -4.54
C GLU A 100 3.52 -5.98 -4.06
N LYS A 101 3.76 -7.07 -4.78
CA LYS A 101 3.18 -8.37 -4.44
C LYS A 101 3.46 -8.72 -2.98
N ASP A 102 4.67 -8.44 -2.51
CA ASP A 102 5.04 -8.74 -1.13
C ASP A 102 4.68 -7.65 -0.12
N LEU A 103 4.71 -6.39 -0.54
CA LEU A 103 4.44 -5.25 0.35
C LEU A 103 2.96 -4.93 0.54
N PHE A 104 2.17 -5.13 -0.50
CA PHE A 104 0.75 -4.76 -0.53
C PHE A 104 -0.16 -5.93 -0.85
N GLY A 105 0.22 -6.71 -1.86
CA GLY A 105 -0.62 -7.82 -2.30
C GLY A 105 -1.87 -7.28 -2.96
N SER A 106 -1.71 -6.32 -3.87
CA SER A 106 -2.84 -5.66 -4.52
C SER A 106 -2.82 -5.65 -6.05
N ASP A 107 -1.68 -5.93 -6.66
CA ASP A 107 -1.56 -5.87 -8.13
C ASP A 107 -0.47 -6.82 -8.62
N SER A 108 -0.58 -7.27 -9.86
CA SER A 108 0.40 -8.18 -10.46
C SER A 108 0.26 -8.16 -11.98
N GLU A 109 1.33 -8.48 -12.70
CA GLU A 109 1.27 -8.54 -14.16
C GLU A 109 0.88 -9.96 -14.59
N SER A 110 0.29 -10.08 -15.77
CA SER A 110 -0.20 -11.38 -16.26
C SER A 110 0.60 -11.97 -17.41
N GLY A 111 1.41 -11.17 -18.09
CA GLY A 111 2.11 -11.65 -19.27
C GLY A 111 1.11 -11.85 -20.38
N ASN A 112 1.23 -12.96 -21.11
CA ASN A 112 0.35 -13.34 -22.23
C ASN A 112 0.47 -12.37 -23.42
N GLU A 113 1.69 -11.97 -23.72
CA GLU A 113 1.98 -11.11 -24.86
C GLU A 113 2.36 -12.07 -25.99
N GLU A 114 1.90 -11.82 -27.21
CA GLU A 114 2.12 -12.72 -28.35
C GLU A 114 2.70 -11.99 -29.56
N GLU A 115 3.62 -12.66 -30.25
CA GLU A 115 4.29 -12.16 -31.48
C GLU A 115 4.93 -10.75 -31.34
N ASN A 116 4.17 -9.71 -31.69
CA ASN A 116 4.61 -8.30 -31.64
C ASN A 116 5.90 -8.00 -32.43
N MET A 1 10.81 6.67 13.01
CA MET A 1 9.37 6.57 12.67
C MET A 1 9.01 5.18 12.20
N GLU A 2 9.96 4.29 11.93
CA GLU A 2 9.61 2.93 11.49
C GLU A 2 8.74 2.28 12.54
N ASP A 3 9.13 2.52 13.78
CA ASP A 3 8.41 2.03 14.93
C ASP A 3 6.98 2.55 14.99
N GLU A 4 6.74 3.78 14.57
CA GLU A 4 5.39 4.34 14.56
C GLU A 4 4.58 3.76 13.42
N VAL A 5 5.23 3.53 12.29
CA VAL A 5 4.53 2.97 11.14
C VAL A 5 4.14 1.53 11.53
N VAL A 6 5.06 0.82 12.13
CA VAL A 6 4.79 -0.51 12.70
C VAL A 6 3.60 -0.39 13.67
N ARG A 7 3.61 0.59 14.57
CA ARG A 7 2.50 0.75 15.50
C ARG A 7 1.19 0.96 14.75
N PHE A 8 1.19 1.83 13.75
CA PHE A 8 0.00 2.05 12.93
C PHE A 8 -0.47 0.75 12.28
N ALA A 9 0.45 0.01 11.70
CA ALA A 9 0.12 -1.25 11.05
C ALA A 9 -0.49 -2.25 12.05
N LYS A 10 0.07 -2.33 13.25
CA LYS A 10 -0.48 -3.26 14.25
C LYS A 10 -1.82 -2.77 14.81
N LYS A 11 -2.03 -1.46 14.91
CA LYS A 11 -3.32 -0.94 15.36
C LYS A 11 -4.35 -1.37 14.31
N MET A 12 -4.02 -1.18 13.03
CA MET A 12 -4.91 -1.57 11.93
C MET A 12 -5.20 -3.06 11.92
N ASP A 13 -4.16 -3.86 12.06
CA ASP A 13 -4.28 -5.32 12.07
C ASP A 13 -5.25 -5.80 13.15
N LYS A 14 -5.30 -5.10 14.27
CA LYS A 14 -6.20 -5.51 15.35
C LYS A 14 -7.64 -5.19 15.01
N MET A 15 -7.88 -4.12 14.26
CA MET A 15 -9.24 -3.79 13.84
C MET A 15 -9.68 -4.80 12.80
N VAL A 16 -8.71 -5.21 11.99
CA VAL A 16 -8.91 -6.20 10.95
C VAL A 16 -9.32 -7.52 11.58
N GLN A 17 -8.64 -7.93 12.65
CA GLN A 17 -8.98 -9.16 13.36
C GLN A 17 -10.38 -9.07 13.99
N LYS A 18 -10.73 -7.89 14.48
CA LYS A 18 -12.06 -7.67 15.07
C LYS A 18 -13.15 -7.39 14.03
N LYS A 19 -12.76 -7.40 12.75
CA LYS A 19 -13.67 -7.14 11.61
C LYS A 19 -14.42 -5.80 11.73
N ASN A 20 -13.79 -4.83 12.38
CA ASN A 20 -14.37 -3.50 12.55
C ASN A 20 -13.28 -2.46 12.38
N ALA A 21 -12.95 -2.16 11.13
CA ALA A 21 -11.89 -1.23 10.80
C ALA A 21 -12.32 0.24 10.71
N ALA A 22 -13.48 0.59 11.24
CA ALA A 22 -13.94 1.98 11.19
C ALA A 22 -12.94 2.92 11.89
N GLY A 23 -12.34 2.45 12.97
CA GLY A 23 -11.36 3.23 13.72
C GLY A 23 -10.12 3.60 12.93
N ALA A 24 -9.86 2.86 11.85
CA ALA A 24 -8.69 3.08 10.99
C ALA A 24 -8.72 4.46 10.34
N LEU A 25 -9.88 5.10 10.34
CA LEU A 25 -10.03 6.44 9.80
C LEU A 25 -8.97 7.38 10.34
N ASP A 26 -8.78 7.35 11.65
CA ASP A 26 -7.88 8.27 12.29
C ASP A 26 -6.45 7.92 11.93
N LEU A 27 -6.21 6.64 11.72
CA LEU A 27 -4.89 6.17 11.37
C LEU A 27 -4.49 6.63 9.97
N LEU A 28 -5.30 6.35 8.97
CA LEU A 28 -5.04 6.78 7.64
C LEU A 28 -4.92 8.30 7.52
N LYS A 29 -5.69 9.07 8.29
CA LYS A 29 -5.52 10.52 8.37
C LYS A 29 -4.07 10.89 8.69
N GLU A 30 -3.49 10.26 9.71
CA GLU A 30 -2.10 10.57 10.12
C GLU A 30 -1.13 10.17 9.04
N LEU A 31 -1.37 9.03 8.44
CA LEU A 31 -0.50 8.50 7.39
C LEU A 31 -0.40 9.42 6.18
N LYS A 32 -1.41 10.24 5.94
CA LYS A 32 -1.36 11.17 4.80
C LYS A 32 -0.35 12.29 5.06
N ASN A 33 0.04 12.47 6.31
CA ASN A 33 1.00 13.50 6.69
C ASN A 33 2.39 12.89 6.99
N ILE A 34 2.52 11.58 6.78
CA ILE A 34 3.78 10.89 7.08
C ILE A 34 4.52 10.57 5.78
N PRO A 35 5.83 10.91 5.70
CA PRO A 35 6.69 10.60 4.56
C PRO A 35 7.06 9.11 4.51
N MET A 36 6.10 8.31 4.07
CA MET A 36 6.31 6.88 3.87
C MET A 36 7.41 6.68 2.84
N THR A 37 8.17 5.61 2.98
CA THR A 37 9.28 5.30 2.07
C THR A 37 9.13 3.84 1.69
N LEU A 38 9.86 3.39 0.68
CA LEU A 38 9.77 2.00 0.25
C LEU A 38 10.27 1.12 1.38
N GLU A 39 11.29 1.63 2.03
CA GLU A 39 11.94 0.90 3.14
C GLU A 39 10.93 0.63 4.24
N LEU A 40 10.05 1.59 4.47
CA LEU A 40 9.00 1.43 5.47
C LEU A 40 8.00 0.37 5.03
N LEU A 41 7.66 0.33 3.76
CA LEU A 41 6.69 -0.65 3.29
C LEU A 41 7.28 -2.04 3.38
N GLN A 42 8.58 -2.13 3.23
CA GLN A 42 9.29 -3.40 3.33
C GLN A 42 9.38 -3.90 4.77
N SER A 43 9.80 -3.04 5.69
CA SER A 43 9.95 -3.45 7.10
C SER A 43 8.65 -3.47 7.91
N THR A 44 7.79 -2.48 7.73
CA THR A 44 6.59 -2.34 8.54
C THR A 44 5.39 -3.05 7.90
N ARG A 45 5.49 -3.27 6.59
CA ARG A 45 4.42 -3.92 5.77
C ARG A 45 3.10 -3.22 5.97
N ILE A 46 3.16 -1.91 6.15
CA ILE A 46 1.95 -1.12 6.35
C ILE A 46 1.10 -1.10 5.08
N GLY A 47 1.72 -1.33 3.93
CA GLY A 47 0.96 -1.40 2.70
C GLY A 47 -0.07 -2.50 2.80
N MET A 48 0.32 -3.62 3.39
CA MET A 48 -0.56 -4.78 3.56
C MET A 48 -1.65 -4.44 4.58
N SER A 49 -1.29 -3.69 5.61
CA SER A 49 -2.26 -3.31 6.64
C SER A 49 -3.31 -2.37 6.06
N VAL A 50 -2.89 -1.29 5.43
CA VAL A 50 -3.83 -0.36 4.79
C VAL A 50 -4.64 -1.06 3.70
N ASN A 51 -4.02 -1.96 2.93
CA ASN A 51 -4.77 -2.74 1.93
C ASN A 51 -5.87 -3.53 2.61
N ALA A 52 -5.53 -4.19 3.71
CA ALA A 52 -6.50 -4.99 4.44
C ALA A 52 -7.62 -4.09 4.97
N ILE A 53 -7.29 -2.93 5.48
CA ILE A 53 -8.32 -2.01 5.98
C ILE A 53 -9.31 -1.64 4.89
N ARG A 54 -8.83 -1.39 3.68
CA ARG A 54 -9.72 -1.03 2.57
C ARG A 54 -10.77 -2.11 2.31
N LYS A 55 -10.41 -3.37 2.49
CA LYS A 55 -11.31 -4.49 2.21
C LYS A 55 -12.04 -5.08 3.42
N GLN A 56 -11.53 -4.72 4.59
CA GLN A 56 -12.12 -5.15 5.88
C GLN A 56 -12.96 -4.05 6.54
N SER A 57 -13.16 -2.94 5.84
CA SER A 57 -13.96 -1.84 6.38
C SER A 57 -15.24 -1.63 5.59
N THR A 58 -16.32 -1.38 6.30
CA THR A 58 -17.61 -1.04 5.69
C THR A 58 -17.75 0.48 5.70
N ASP A 59 -16.80 1.14 6.33
CA ASP A 59 -16.76 2.60 6.40
C ASP A 59 -16.11 3.07 5.11
N GLU A 60 -16.86 3.74 4.25
CA GLU A 60 -16.29 4.17 2.99
C GLU A 60 -15.30 5.31 3.14
N GLU A 61 -15.37 6.10 4.19
CA GLU A 61 -14.37 7.15 4.37
C GLU A 61 -13.05 6.46 4.62
N VAL A 62 -13.07 5.37 5.38
CA VAL A 62 -11.87 4.67 5.66
C VAL A 62 -11.30 4.08 4.37
N THR A 63 -12.16 3.52 3.53
CA THR A 63 -11.68 2.96 2.27
C THR A 63 -11.14 4.05 1.36
N SER A 64 -11.75 5.23 1.41
CA SER A 64 -11.34 6.38 0.60
C SER A 64 -9.99 6.91 1.06
N LEU A 65 -9.76 6.89 2.36
CA LEU A 65 -8.48 7.32 2.88
C LEU A 65 -7.43 6.27 2.49
N ALA A 66 -7.75 5.01 2.74
CA ALA A 66 -6.83 3.91 2.48
C ALA A 66 -6.46 3.79 1.01
N LYS A 67 -7.44 3.84 0.12
CA LYS A 67 -7.18 3.71 -1.32
C LYS A 67 -6.22 4.81 -1.79
N SER A 68 -6.27 5.96 -1.14
CA SER A 68 -5.37 7.07 -1.45
C SER A 68 -3.93 6.68 -1.11
N LEU A 69 -3.71 6.17 0.10
CA LEU A 69 -2.39 5.76 0.51
C LEU A 69 -1.81 4.69 -0.38
N ILE A 70 -2.58 3.68 -0.74
CA ILE A 70 -2.05 2.59 -1.55
C ILE A 70 -1.46 3.11 -2.86
N LYS A 71 -2.19 3.97 -3.56
CA LYS A 71 -1.72 4.46 -4.85
C LYS A 71 -0.54 5.39 -4.71
N SER A 72 -0.50 6.15 -3.63
CA SER A 72 0.59 7.09 -3.42
C SER A 72 1.86 6.38 -2.97
N TRP A 73 1.70 5.41 -2.09
CA TRP A 73 2.80 4.62 -1.55
C TRP A 73 3.38 3.70 -2.62
N LYS A 74 2.60 3.42 -3.63
CA LYS A 74 3.03 2.53 -4.72
C LYS A 74 4.22 3.14 -5.42
N LYS A 75 4.24 4.46 -5.49
CA LYS A 75 5.34 5.21 -6.11
C LYS A 75 6.69 4.91 -5.49
N LEU A 76 6.68 4.45 -4.26
CA LEU A 76 7.92 4.24 -3.53
C LEU A 76 8.69 3.04 -4.11
N LEU A 77 7.97 2.00 -4.52
CA LEU A 77 8.58 0.84 -5.19
C LEU A 77 8.54 0.96 -6.71
N ASP A 78 7.55 1.67 -7.21
CA ASP A 78 7.34 1.83 -8.66
C ASP A 78 8.29 2.84 -9.27
N GLY A 79 8.67 3.84 -8.50
CA GLY A 79 9.51 4.91 -8.98
C GLY A 79 8.67 6.12 -9.33
N GLY A 80 9.30 7.11 -9.96
CA GLY A 80 8.57 8.32 -10.32
C GLY A 80 7.48 8.05 -11.33
N SER A 81 7.79 7.15 -12.28
CA SER A 81 6.84 6.73 -13.32
C SER A 81 6.16 7.92 -14.02
N GLY A 82 6.97 8.76 -14.64
CA GLY A 82 6.46 9.93 -15.33
C GLY A 82 5.69 9.56 -16.58
N SER A 83 4.67 10.33 -16.90
CA SER A 83 3.85 10.07 -18.08
C SER A 83 4.69 10.31 -19.33
N GLY A 84 4.68 9.36 -20.24
CA GLY A 84 5.42 9.49 -21.50
C GLY A 84 6.93 9.44 -21.34
N SER A 85 7.42 9.01 -20.18
CA SER A 85 8.86 8.95 -19.95
C SER A 85 9.48 7.64 -20.44
N GLY A 86 8.64 6.69 -20.80
CA GLY A 86 9.13 5.42 -21.32
C GLY A 86 9.68 5.60 -22.71
N SER A 87 10.83 4.99 -23.00
CA SER A 87 11.47 5.09 -24.30
C SER A 87 12.37 3.88 -24.47
N GLY A 88 12.73 3.56 -25.71
CA GLY A 88 13.61 2.44 -25.98
C GLY A 88 12.85 1.15 -26.18
N SER A 89 13.38 0.06 -25.67
CA SER A 89 12.78 -1.26 -25.78
C SER A 89 13.33 -2.04 -24.60
N SER A 90 12.76 -3.22 -24.32
CA SER A 90 13.18 -4.05 -23.18
C SER A 90 13.09 -3.26 -21.86
N GLY A 91 12.03 -2.47 -21.75
CA GLY A 91 11.80 -1.66 -20.57
C GLY A 91 10.50 -2.08 -19.91
N GLU A 92 9.99 -1.23 -19.01
CA GLU A 92 8.73 -1.49 -18.31
C GLU A 92 8.69 -2.82 -17.56
N LEU A 93 9.85 -3.22 -17.05
CA LEU A 93 9.96 -4.45 -16.28
C LEU A 93 9.03 -4.37 -15.08
N SER A 94 8.28 -5.44 -14.86
CA SER A 94 7.28 -5.50 -13.80
C SER A 94 7.87 -6.01 -12.48
N ASP A 95 9.14 -5.72 -12.24
CA ASP A 95 9.82 -6.14 -11.02
C ASP A 95 9.09 -5.61 -9.80
N LYS A 96 8.51 -4.43 -9.96
CA LYS A 96 7.79 -3.77 -8.89
C LYS A 96 6.51 -4.51 -8.53
N LYS A 97 5.98 -5.30 -9.46
CA LYS A 97 4.70 -5.98 -9.23
C LYS A 97 4.87 -7.12 -8.24
N ASN A 98 5.92 -7.90 -8.38
CA ASN A 98 6.14 -9.00 -7.42
C ASN A 98 6.54 -8.46 -6.06
N GLU A 99 7.13 -7.28 -6.03
CA GLU A 99 7.45 -6.62 -4.76
C GLU A 99 6.12 -6.17 -4.13
N GLU A 100 5.31 -5.47 -4.91
CA GLU A 100 4.00 -4.97 -4.45
C GLU A 100 3.13 -6.07 -3.87
N LYS A 101 3.12 -7.24 -4.51
CA LYS A 101 2.30 -8.37 -4.03
C LYS A 101 2.63 -8.70 -2.57
N ASP A 102 3.89 -8.54 -2.21
CA ASP A 102 4.38 -8.84 -0.88
C ASP A 102 4.21 -7.69 0.10
N LEU A 103 4.34 -6.47 -0.41
CA LEU A 103 4.27 -5.28 0.42
C LEU A 103 2.84 -4.79 0.65
N PHE A 104 1.97 -5.05 -0.32
CA PHE A 104 0.58 -4.59 -0.30
C PHE A 104 -0.46 -5.67 -0.58
N GLY A 105 -0.22 -6.51 -1.59
CA GLY A 105 -1.21 -7.49 -1.99
C GLY A 105 -2.37 -6.77 -2.65
N SER A 106 -2.03 -5.79 -3.49
CA SER A 106 -3.02 -4.91 -4.11
C SER A 106 -3.13 -5.10 -5.61
N ASP A 107 -2.81 -6.29 -6.10
CA ASP A 107 -2.97 -6.62 -7.52
C ASP A 107 -4.42 -6.36 -7.90
N SER A 108 -5.32 -6.78 -7.00
CA SER A 108 -6.78 -6.56 -7.07
C SER A 108 -7.59 -7.13 -8.24
N GLU A 109 -7.09 -7.00 -9.45
CA GLU A 109 -7.82 -7.41 -10.66
C GLU A 109 -6.91 -8.31 -11.49
N SER A 110 -7.50 -9.09 -12.38
CA SER A 110 -6.75 -10.05 -13.19
C SER A 110 -6.30 -9.47 -14.53
N GLY A 111 -5.15 -9.96 -15.01
CA GLY A 111 -4.65 -9.55 -16.32
C GLY A 111 -3.58 -8.47 -16.25
N ASN A 112 -2.98 -8.20 -17.40
CA ASN A 112 -1.95 -7.19 -17.56
C ASN A 112 -1.84 -6.97 -19.06
N GLU A 113 -1.16 -5.90 -19.46
CA GLU A 113 -0.93 -5.63 -20.88
C GLU A 113 0.41 -6.28 -21.23
N GLU A 114 0.52 -6.85 -22.42
CA GLU A 114 1.79 -7.42 -22.90
C GLU A 114 1.84 -7.53 -24.43
N GLU A 115 0.70 -7.77 -25.07
CA GLU A 115 0.63 -7.80 -26.53
C GLU A 115 0.34 -6.40 -27.06
N ASN A 116 0.64 -6.14 -28.33
CA ASN A 116 0.40 -4.84 -28.96
C ASN A 116 0.15 -5.04 -30.45
N MET A 1 11.09 6.62 12.69
CA MET A 1 9.63 6.49 12.41
C MET A 1 9.28 5.09 11.91
N GLU A 2 10.18 4.12 11.97
CA GLU A 2 9.82 2.75 11.57
C GLU A 2 8.76 2.30 12.55
N ASP A 3 9.05 2.56 13.81
CA ASP A 3 8.16 2.29 14.92
C ASP A 3 6.84 3.03 14.77
N GLU A 4 6.90 4.26 14.28
CA GLU A 4 5.72 5.09 14.07
C GLU A 4 4.76 4.39 13.12
N VAL A 5 5.31 3.82 12.06
CA VAL A 5 4.51 3.15 11.04
C VAL A 5 4.07 1.76 11.52
N VAL A 6 4.96 1.02 12.18
CA VAL A 6 4.63 -0.27 12.78
C VAL A 6 3.43 -0.09 13.71
N ARG A 7 3.38 1.00 14.47
CA ARG A 7 2.22 1.28 15.34
C ARG A 7 0.96 1.26 14.51
N PHE A 8 0.94 1.98 13.41
CA PHE A 8 -0.24 2.05 12.57
C PHE A 8 -0.62 0.70 12.01
N ALA A 9 0.35 -0.07 11.53
CA ALA A 9 0.05 -1.39 10.96
C ALA A 9 -0.58 -2.32 12.02
N LYS A 10 -0.03 -2.32 13.22
CA LYS A 10 -0.58 -3.17 14.29
C LYS A 10 -1.92 -2.62 14.79
N LYS A 11 -2.06 -1.30 14.84
CA LYS A 11 -3.32 -0.67 15.23
C LYS A 11 -4.39 -1.03 14.21
N MET A 12 -4.03 -1.17 12.94
CA MET A 12 -4.98 -1.57 11.92
C MET A 12 -5.41 -3.03 12.01
N ASP A 13 -4.47 -3.95 12.12
CA ASP A 13 -4.84 -5.36 12.09
C ASP A 13 -5.70 -5.81 13.28
N LYS A 14 -5.51 -5.22 14.44
CA LYS A 14 -6.35 -5.58 15.58
C LYS A 14 -7.82 -5.33 15.25
N MET A 15 -8.01 -4.30 14.43
CA MET A 15 -9.33 -3.97 13.90
C MET A 15 -9.81 -4.99 12.87
N VAL A 16 -8.94 -5.43 11.95
CA VAL A 16 -9.35 -6.38 10.92
C VAL A 16 -9.70 -7.73 11.53
N GLN A 17 -9.00 -8.13 12.59
CA GLN A 17 -9.30 -9.39 13.27
C GLN A 17 -10.71 -9.37 13.87
N LYS A 18 -11.15 -8.20 14.31
CA LYS A 18 -12.49 -8.03 14.88
C LYS A 18 -13.50 -7.52 13.86
N LYS A 19 -13.05 -7.36 12.62
CA LYS A 19 -13.85 -6.87 11.49
C LYS A 19 -14.56 -5.54 11.77
N ASN A 20 -13.95 -4.69 12.57
CA ASN A 20 -14.50 -3.36 12.88
C ASN A 20 -13.39 -2.34 12.68
N ALA A 21 -13.18 -1.97 11.43
CA ALA A 21 -12.09 -1.07 11.06
C ALA A 21 -12.49 0.41 10.95
N ALA A 22 -13.64 0.79 11.51
CA ALA A 22 -14.08 2.18 11.46
C ALA A 22 -13.03 3.13 12.07
N GLY A 23 -12.42 2.68 13.16
CA GLY A 23 -11.38 3.46 13.85
C GLY A 23 -10.16 3.75 13.00
N ALA A 24 -9.97 2.97 11.94
CA ALA A 24 -8.83 3.12 11.05
C ALA A 24 -8.83 4.47 10.32
N LEU A 25 -9.97 5.15 10.32
CA LEU A 25 -10.08 6.48 9.73
C LEU A 25 -8.97 7.36 10.26
N ASP A 26 -8.84 7.36 11.57
CA ASP A 26 -7.87 8.21 12.23
C ASP A 26 -6.46 7.75 11.94
N LEU A 27 -6.28 6.45 11.75
CA LEU A 27 -4.93 5.93 11.46
C LEU A 27 -4.47 6.39 10.09
N LEU A 28 -5.30 6.19 9.07
CA LEU A 28 -5.03 6.62 7.74
C LEU A 28 -4.89 8.16 7.66
N LYS A 29 -5.65 8.93 8.44
CA LYS A 29 -5.45 10.38 8.53
C LYS A 29 -4.00 10.74 8.86
N GLU A 30 -3.42 10.10 9.88
CA GLU A 30 -2.03 10.42 10.29
C GLU A 30 -1.07 10.01 9.18
N LEU A 31 -1.35 8.86 8.60
CA LEU A 31 -0.54 8.29 7.53
C LEU A 31 -0.41 9.19 6.31
N LYS A 32 -1.40 10.03 6.08
CA LYS A 32 -1.34 10.98 4.95
C LYS A 32 -0.33 12.09 5.16
N ASN A 33 0.11 12.29 6.39
CA ASN A 33 1.10 13.32 6.71
C ASN A 33 2.49 12.70 6.87
N ILE A 34 2.54 11.38 6.94
CA ILE A 34 3.81 10.69 7.14
C ILE A 34 4.53 10.44 5.81
N PRO A 35 5.82 10.81 5.72
CA PRO A 35 6.65 10.56 4.53
C PRO A 35 7.02 9.08 4.42
N MET A 36 6.05 8.27 4.02
CA MET A 36 6.27 6.84 3.79
C MET A 36 7.35 6.66 2.73
N THR A 37 8.14 5.61 2.88
CA THR A 37 9.22 5.32 1.95
C THR A 37 9.08 3.86 1.58
N LEU A 38 9.77 3.44 0.53
CA LEU A 38 9.73 2.06 0.10
C LEU A 38 10.28 1.18 1.24
N GLU A 39 11.27 1.71 1.93
CA GLU A 39 11.92 1.00 3.05
C GLU A 39 10.90 0.67 4.12
N LEU A 40 10.03 1.62 4.40
CA LEU A 40 9.01 1.43 5.42
C LEU A 40 8.02 0.36 4.99
N LEU A 41 7.69 0.29 3.71
CA LEU A 41 6.74 -0.70 3.24
C LEU A 41 7.35 -2.08 3.33
N GLN A 42 8.65 -2.16 3.16
CA GLN A 42 9.36 -3.44 3.26
C GLN A 42 9.40 -3.92 4.71
N SER A 43 9.88 -3.08 5.61
CA SER A 43 10.01 -3.48 7.03
C SER A 43 8.68 -3.50 7.81
N THR A 44 7.98 -2.38 7.83
CA THR A 44 6.76 -2.24 8.64
C THR A 44 5.59 -2.98 8.01
N ARG A 45 5.73 -3.26 6.72
CA ARG A 45 4.72 -3.99 5.92
C ARG A 45 3.34 -3.35 6.03
N ILE A 46 3.33 -2.03 6.15
CA ILE A 46 2.09 -1.31 6.33
C ILE A 46 1.26 -1.24 5.06
N GLY A 47 1.88 -1.46 3.92
CA GLY A 47 1.15 -1.44 2.66
C GLY A 47 0.05 -2.47 2.71
N MET A 48 0.34 -3.62 3.28
CA MET A 48 -0.63 -4.71 3.38
C MET A 48 -1.69 -4.39 4.42
N SER A 49 -1.29 -3.72 5.50
CA SER A 49 -2.25 -3.35 6.55
C SER A 49 -3.27 -2.35 6.04
N VAL A 50 -2.82 -1.28 5.40
CA VAL A 50 -3.75 -0.29 4.84
C VAL A 50 -4.63 -0.97 3.77
N ASN A 51 -4.04 -1.84 2.96
CA ASN A 51 -4.80 -2.56 1.94
C ASN A 51 -5.88 -3.45 2.56
N ALA A 52 -5.55 -4.08 3.67
CA ALA A 52 -6.50 -4.93 4.38
C ALA A 52 -7.66 -4.10 4.93
N ILE A 53 -7.37 -2.91 5.45
CA ILE A 53 -8.42 -2.03 5.97
C ILE A 53 -9.39 -1.66 4.86
N ARG A 54 -8.89 -1.38 3.68
CA ARG A 54 -9.73 -0.99 2.55
C ARG A 54 -10.80 -2.04 2.24
N LYS A 55 -10.49 -3.31 2.46
CA LYS A 55 -11.42 -4.39 2.16
C LYS A 55 -12.18 -4.92 3.38
N GLN A 56 -11.69 -4.54 4.54
CA GLN A 56 -12.30 -4.91 5.84
C GLN A 56 -13.10 -3.79 6.52
N SER A 57 -13.27 -2.69 5.82
CA SER A 57 -14.04 -1.56 6.36
C SER A 57 -15.25 -1.26 5.50
N THR A 58 -16.37 -0.97 6.15
CA THR A 58 -17.60 -0.59 5.45
C THR A 58 -17.66 0.92 5.36
N ASP A 59 -16.95 1.58 6.26
CA ASP A 59 -16.87 3.03 6.32
C ASP A 59 -16.18 3.55 5.07
N GLU A 60 -16.86 4.36 4.28
CA GLU A 60 -16.30 4.82 3.02
C GLU A 60 -15.19 5.84 3.19
N GLU A 61 -15.22 6.60 4.26
CA GLU A 61 -14.15 7.56 4.52
C GLU A 61 -12.85 6.77 4.68
N VAL A 62 -12.94 5.63 5.34
CA VAL A 62 -11.78 4.81 5.60
C VAL A 62 -11.27 4.18 4.33
N THR A 63 -12.15 3.63 3.51
CA THR A 63 -11.71 3.01 2.27
C THR A 63 -11.14 4.08 1.35
N SER A 64 -11.70 5.29 1.40
CA SER A 64 -11.19 6.40 0.60
C SER A 64 -9.84 6.86 1.06
N LEU A 65 -9.63 6.93 2.37
CA LEU A 65 -8.32 7.30 2.90
C LEU A 65 -7.33 6.21 2.56
N ALA A 66 -7.71 4.96 2.77
CA ALA A 66 -6.82 3.84 2.52
C ALA A 66 -6.44 3.72 1.04
N LYS A 67 -7.41 3.81 0.14
CA LYS A 67 -7.10 3.70 -1.29
C LYS A 67 -6.15 4.80 -1.74
N SER A 68 -6.24 5.95 -1.09
CA SER A 68 -5.36 7.07 -1.36
C SER A 68 -3.93 6.68 -1.06
N LEU A 69 -3.75 6.15 0.14
CA LEU A 69 -2.44 5.77 0.65
C LEU A 69 -1.83 4.68 -0.21
N ILE A 70 -2.60 3.68 -0.58
CA ILE A 70 -2.06 2.59 -1.41
C ILE A 70 -1.52 3.11 -2.73
N LYS A 71 -2.29 3.92 -3.43
CA LYS A 71 -1.86 4.41 -4.74
C LYS A 71 -0.68 5.36 -4.63
N SER A 72 -0.61 6.08 -3.54
CA SER A 72 0.50 7.02 -3.32
C SER A 72 1.77 6.29 -2.91
N TRP A 73 1.63 5.33 -2.01
CA TRP A 73 2.76 4.53 -1.52
C TRP A 73 3.32 3.63 -2.59
N LYS A 74 2.51 3.35 -3.59
CA LYS A 74 2.93 2.50 -4.71
C LYS A 74 4.06 3.22 -5.44
N LYS A 75 4.03 4.54 -5.46
CA LYS A 75 5.06 5.33 -6.15
C LYS A 75 6.46 5.10 -5.60
N LEU A 76 6.54 4.61 -4.38
CA LEU A 76 7.80 4.43 -3.70
C LEU A 76 8.62 3.30 -4.32
N LEU A 77 7.95 2.25 -4.80
CA LEU A 77 8.60 1.16 -5.54
C LEU A 77 8.52 1.40 -7.06
N ASP A 78 7.43 2.02 -7.48
CA ASP A 78 7.15 2.31 -8.90
C ASP A 78 8.14 3.30 -9.51
N GLY A 79 8.67 4.22 -8.71
CA GLY A 79 9.64 5.17 -9.20
C GLY A 79 10.60 5.69 -8.15
N GLY A 80 10.94 4.85 -7.18
CA GLY A 80 11.83 5.27 -6.11
C GLY A 80 13.28 5.39 -6.53
N SER A 81 13.70 4.50 -7.41
CA SER A 81 15.08 4.47 -7.89
C SER A 81 15.09 3.77 -9.23
N GLY A 82 16.25 3.72 -9.89
CA GLY A 82 16.35 2.96 -11.11
C GLY A 82 16.27 1.49 -10.73
N SER A 83 15.72 0.66 -11.60
CA SER A 83 15.57 -0.77 -11.29
C SER A 83 16.13 -1.62 -12.42
N GLY A 84 17.20 -2.33 -12.12
CA GLY A 84 17.88 -3.17 -13.11
C GLY A 84 19.30 -2.67 -13.33
N SER A 85 20.22 -3.58 -13.62
CA SER A 85 21.64 -3.23 -13.79
C SER A 85 21.96 -2.56 -15.13
N GLY A 86 21.08 -2.69 -16.11
CA GLY A 86 21.34 -2.11 -17.41
C GLY A 86 20.44 -2.70 -18.48
N SER A 87 20.63 -2.28 -19.72
CA SER A 87 19.83 -2.78 -20.83
C SER A 87 20.25 -4.20 -21.20
N GLY A 88 19.27 -5.07 -21.39
CA GLY A 88 19.57 -6.44 -21.77
C GLY A 88 18.30 -7.09 -22.30
N SER A 89 18.42 -8.21 -23.00
CA SER A 89 17.27 -8.88 -23.60
C SER A 89 16.64 -9.91 -22.66
N SER A 90 16.78 -9.71 -21.37
CA SER A 90 16.23 -10.65 -20.38
C SER A 90 14.71 -10.51 -20.25
N GLY A 91 14.20 -9.31 -20.49
CA GLY A 91 12.77 -9.07 -20.36
C GLY A 91 12.28 -9.18 -18.93
N GLU A 92 13.18 -8.96 -17.97
CA GLU A 92 12.84 -9.11 -16.56
C GLU A 92 11.83 -8.06 -16.09
N LEU A 93 10.69 -8.56 -15.61
CA LEU A 93 9.60 -7.71 -15.11
C LEU A 93 9.00 -8.26 -13.80
N SER A 94 9.08 -9.57 -13.61
CA SER A 94 8.51 -10.23 -12.45
C SER A 94 9.17 -9.75 -11.17
N ASP A 95 10.45 -9.47 -11.25
CA ASP A 95 11.24 -8.94 -10.13
C ASP A 95 10.59 -7.69 -9.53
N LYS A 96 10.23 -6.75 -10.39
CA LYS A 96 9.64 -5.50 -9.96
C LYS A 96 8.23 -5.69 -9.42
N LYS A 97 7.46 -6.59 -10.03
CA LYS A 97 6.09 -6.85 -9.58
C LYS A 97 6.11 -7.53 -8.20
N ASN A 98 7.15 -8.31 -7.95
CA ASN A 98 7.29 -9.02 -6.69
C ASN A 98 7.29 -8.08 -5.49
N GLU A 99 7.81 -6.88 -5.67
CA GLU A 99 7.87 -5.92 -4.57
C GLU A 99 6.47 -5.60 -4.08
N GLU A 100 5.57 -5.26 -4.97
CA GLU A 100 4.22 -4.89 -4.56
C GLU A 100 3.48 -6.08 -3.95
N LYS A 101 3.68 -7.24 -4.56
CA LYS A 101 3.06 -8.48 -4.08
C LYS A 101 3.40 -8.69 -2.61
N ASP A 102 4.68 -8.59 -2.28
CA ASP A 102 5.11 -8.81 -0.91
C ASP A 102 4.74 -7.66 0.03
N LEU A 103 4.78 -6.43 -0.45
CA LEU A 103 4.53 -5.25 0.39
C LEU A 103 3.06 -4.92 0.64
N PHE A 104 2.23 -5.09 -0.39
CA PHE A 104 0.81 -4.72 -0.33
C PHE A 104 -0.13 -5.88 -0.54
N GLY A 105 0.22 -6.80 -1.42
CA GLY A 105 -0.65 -7.92 -1.72
C GLY A 105 -1.91 -7.47 -2.42
N SER A 106 -1.77 -6.61 -3.43
CA SER A 106 -2.92 -6.11 -4.20
C SER A 106 -3.09 -6.96 -5.46
N ASP A 107 -2.70 -8.21 -5.35
CA ASP A 107 -2.79 -9.18 -6.44
C ASP A 107 -4.24 -9.61 -6.70
N SER A 108 -4.40 -10.64 -7.52
CA SER A 108 -5.71 -11.14 -7.98
C SER A 108 -6.33 -10.09 -8.90
N GLU A 109 -5.46 -9.45 -9.65
CA GLU A 109 -5.83 -8.43 -10.63
C GLU A 109 -5.09 -8.87 -11.91
N SER A 110 -5.59 -8.47 -13.07
CA SER A 110 -5.02 -8.89 -14.36
C SER A 110 -3.68 -8.19 -14.67
N GLY A 111 -3.11 -8.51 -15.82
CA GLY A 111 -1.87 -7.90 -16.24
C GLY A 111 -1.44 -8.50 -17.58
N ASN A 112 -0.50 -7.84 -18.25
CA ASN A 112 0.04 -8.29 -19.55
C ASN A 112 -1.07 -8.48 -20.59
N GLU A 113 -2.03 -7.57 -20.57
CA GLU A 113 -3.14 -7.59 -21.51
C GLU A 113 -2.66 -6.95 -22.83
N GLU A 114 -3.40 -7.13 -23.91
CA GLU A 114 -2.96 -6.65 -25.22
C GLU A 114 -3.43 -5.23 -25.57
N GLU A 115 -2.67 -4.59 -26.45
CA GLU A 115 -2.90 -3.23 -26.95
C GLU A 115 -2.97 -2.19 -25.81
N ASN A 116 -3.66 -1.08 -26.07
CA ASN A 116 -3.82 0.06 -25.15
C ASN A 116 -2.47 0.69 -24.77
N MET A 1 11.50 6.63 11.17
CA MET A 1 10.11 6.52 11.73
C MET A 1 9.59 5.09 11.59
N GLU A 2 10.44 4.09 11.80
CA GLU A 2 9.99 2.71 11.57
C GLU A 2 8.90 2.22 12.52
N ASP A 3 9.15 2.26 13.82
CA ASP A 3 8.15 1.76 14.77
C ASP A 3 6.89 2.60 14.72
N GLU A 4 7.01 3.86 14.36
CA GLU A 4 5.86 4.75 14.26
C GLU A 4 4.84 4.13 13.30
N VAL A 5 5.34 3.71 12.15
CA VAL A 5 4.50 3.08 11.13
C VAL A 5 4.08 1.67 11.56
N VAL A 6 5.00 0.92 12.17
CA VAL A 6 4.66 -0.41 12.70
C VAL A 6 3.47 -0.31 13.64
N ARG A 7 3.45 0.68 14.52
CA ARG A 7 2.32 0.85 15.44
C ARG A 7 1.02 1.05 14.69
N PHE A 8 1.02 1.84 13.62
CA PHE A 8 -0.20 2.02 12.83
C PHE A 8 -0.62 0.68 12.21
N ALA A 9 0.32 -0.07 11.66
CA ALA A 9 0.02 -1.35 11.03
C ALA A 9 -0.58 -2.35 12.05
N LYS A 10 0.01 -2.40 13.24
CA LYS A 10 -0.46 -3.31 14.29
C LYS A 10 -1.85 -2.89 14.77
N LYS A 11 -2.09 -1.59 14.86
CA LYS A 11 -3.41 -1.09 15.26
C LYS A 11 -4.44 -1.53 14.22
N MET A 12 -4.11 -1.38 12.94
CA MET A 12 -5.02 -1.78 11.87
C MET A 12 -5.35 -3.25 11.89
N ASP A 13 -4.37 -4.11 12.09
CA ASP A 13 -4.62 -5.56 12.10
C ASP A 13 -5.66 -5.92 13.16
N LYS A 14 -5.63 -5.24 14.28
CA LYS A 14 -6.58 -5.53 15.36
C LYS A 14 -7.99 -5.12 14.95
N MET A 15 -8.11 -4.06 14.17
CA MET A 15 -9.41 -3.63 13.67
C MET A 15 -9.89 -4.63 12.63
N VAL A 16 -8.95 -5.14 11.86
CA VAL A 16 -9.19 -6.13 10.83
C VAL A 16 -9.72 -7.42 11.47
N GLN A 17 -9.09 -7.89 12.53
CA GLN A 17 -9.54 -9.09 13.23
C GLN A 17 -10.93 -8.90 13.83
N LYS A 18 -11.17 -7.73 14.42
CA LYS A 18 -12.47 -7.42 15.02
C LYS A 18 -13.53 -7.08 13.99
N LYS A 19 -13.11 -6.96 12.72
CA LYS A 19 -14.01 -6.66 11.59
C LYS A 19 -14.76 -5.35 11.81
N ASN A 20 -14.10 -4.44 12.51
CA ASN A 20 -14.62 -3.11 12.80
C ASN A 20 -13.47 -2.14 12.58
N ALA A 21 -13.36 -1.63 11.36
CA ALA A 21 -12.26 -0.76 10.98
C ALA A 21 -12.64 0.72 10.85
N ALA A 22 -13.79 1.11 11.39
CA ALA A 22 -14.21 2.52 11.34
C ALA A 22 -13.13 3.42 11.98
N GLY A 23 -12.57 2.95 13.09
CA GLY A 23 -11.53 3.70 13.79
C GLY A 23 -10.25 3.92 12.99
N ALA A 24 -10.05 3.12 11.96
CA ALA A 24 -8.86 3.22 11.12
C ALA A 24 -8.82 4.55 10.38
N LEU A 25 -9.94 5.25 10.32
CA LEU A 25 -10.00 6.57 9.68
C LEU A 25 -8.89 7.46 10.18
N ASP A 26 -8.73 7.50 11.49
CA ASP A 26 -7.74 8.36 12.12
C ASP A 26 -6.33 7.87 11.84
N LEU A 27 -6.13 6.57 11.71
CA LEU A 27 -4.80 6.02 11.45
C LEU A 27 -4.37 6.42 10.06
N LEU A 28 -5.29 6.29 9.13
CA LEU A 28 -5.05 6.59 7.73
C LEU A 28 -4.87 8.11 7.52
N LYS A 29 -5.59 8.92 8.28
CA LYS A 29 -5.38 10.38 8.28
C LYS A 29 -3.91 10.71 8.57
N GLU A 30 -3.36 10.12 9.62
CA GLU A 30 -1.97 10.41 10.01
C GLU A 30 -1.02 9.92 8.93
N LEU A 31 -1.32 8.76 8.37
CA LEU A 31 -0.48 8.14 7.34
C LEU A 31 -0.31 9.01 6.11
N LYS A 32 -1.28 9.86 5.84
CA LYS A 32 -1.20 10.81 4.71
C LYS A 32 -0.18 11.93 4.95
N ASN A 33 0.16 12.17 6.21
CA ASN A 33 1.15 13.20 6.54
C ASN A 33 2.53 12.57 6.71
N ILE A 34 2.55 11.28 7.00
CA ILE A 34 3.81 10.57 7.22
C ILE A 34 4.56 10.39 5.90
N PRO A 35 5.86 10.79 5.87
CA PRO A 35 6.74 10.62 4.70
C PRO A 35 7.18 9.16 4.54
N MET A 36 6.23 8.32 4.17
CA MET A 36 6.47 6.90 3.92
C MET A 36 7.50 6.76 2.80
N THR A 37 8.32 5.71 2.89
CA THR A 37 9.35 5.45 1.92
C THR A 37 9.21 4.00 1.51
N LEU A 38 9.90 3.60 0.45
CA LEU A 38 9.88 2.21 0.01
C LEU A 38 10.44 1.35 1.14
N GLU A 39 11.47 1.85 1.78
CA GLU A 39 12.15 1.12 2.87
C GLU A 39 11.20 0.87 4.02
N LEU A 40 10.37 1.86 4.32
CA LEU A 40 9.40 1.73 5.40
C LEU A 40 8.41 0.63 5.09
N LEU A 41 7.98 0.53 3.85
CA LEU A 41 6.97 -0.47 3.47
C LEU A 41 7.54 -1.86 3.62
N GLN A 42 8.83 -1.98 3.36
CA GLN A 42 9.51 -3.27 3.46
C GLN A 42 9.56 -3.72 4.92
N SER A 43 10.09 -2.89 5.81
CA SER A 43 10.22 -3.25 7.23
C SER A 43 8.90 -3.29 8.01
N THR A 44 8.01 -2.33 7.78
CA THR A 44 6.78 -2.24 8.58
C THR A 44 5.60 -3.00 8.00
N ARG A 45 5.71 -3.34 6.71
CA ARG A 45 4.68 -4.09 5.97
C ARG A 45 3.30 -3.43 6.04
N ILE A 46 3.30 -2.11 6.21
CA ILE A 46 2.05 -1.37 6.39
C ILE A 46 1.21 -1.31 5.10
N GLY A 47 1.84 -1.52 3.95
CA GLY A 47 1.11 -1.51 2.70
C GLY A 47 -0.01 -2.54 2.75
N MET A 48 0.30 -3.69 3.32
CA MET A 48 -0.69 -4.77 3.43
C MET A 48 -1.75 -4.45 4.47
N SER A 49 -1.37 -3.80 5.56
CA SER A 49 -2.31 -3.41 6.61
C SER A 49 -3.34 -2.42 6.09
N VAL A 50 -2.88 -1.35 5.45
CA VAL A 50 -3.80 -0.37 4.87
C VAL A 50 -4.68 -1.03 3.79
N ASN A 51 -4.09 -1.93 3.00
CA ASN A 51 -4.85 -2.64 1.97
C ASN A 51 -5.99 -3.45 2.60
N ALA A 52 -5.68 -4.15 3.67
CA ALA A 52 -6.67 -4.96 4.37
C ALA A 52 -7.81 -4.09 4.91
N ILE A 53 -7.48 -2.94 5.48
CA ILE A 53 -8.51 -2.05 6.02
C ILE A 53 -9.50 -1.63 4.95
N ARG A 54 -9.02 -1.37 3.75
CA ARG A 54 -9.88 -0.96 2.65
C ARG A 54 -10.98 -1.97 2.35
N LYS A 55 -10.69 -3.26 2.50
CA LYS A 55 -11.69 -4.29 2.21
C LYS A 55 -12.45 -4.75 3.44
N GLN A 56 -11.92 -4.42 4.60
CA GLN A 56 -12.53 -4.78 5.88
C GLN A 56 -13.43 -3.69 6.47
N SER A 57 -13.35 -2.49 5.91
CA SER A 57 -14.15 -1.37 6.41
C SER A 57 -15.41 -1.18 5.58
N THR A 58 -16.52 -0.93 6.27
CA THR A 58 -17.79 -0.62 5.61
C THR A 58 -17.94 0.89 5.56
N ASP A 59 -17.05 1.58 6.26
CA ASP A 59 -17.06 3.04 6.32
C ASP A 59 -16.34 3.58 5.09
N GLU A 60 -17.02 4.39 4.31
CA GLU A 60 -16.44 4.88 3.05
C GLU A 60 -15.31 5.87 3.25
N GLU A 61 -15.35 6.64 4.32
CA GLU A 61 -14.28 7.58 4.59
C GLU A 61 -12.98 6.80 4.74
N VAL A 62 -13.04 5.66 5.39
CA VAL A 62 -11.87 4.86 5.66
C VAL A 62 -11.38 4.21 4.38
N THR A 63 -12.28 3.66 3.58
CA THR A 63 -11.84 3.00 2.36
C THR A 63 -11.26 4.03 1.40
N SER A 64 -11.81 5.23 1.41
CA SER A 64 -11.30 6.30 0.58
C SER A 64 -9.94 6.78 1.05
N LEU A 65 -9.73 6.84 2.35
CA LEU A 65 -8.41 7.22 2.87
C LEU A 65 -7.42 6.11 2.51
N ALA A 66 -7.79 4.87 2.76
CA ALA A 66 -6.89 3.75 2.53
C ALA A 66 -6.52 3.58 1.07
N LYS A 67 -7.50 3.66 0.17
CA LYS A 67 -7.22 3.53 -1.27
C LYS A 67 -6.29 4.65 -1.73
N SER A 68 -6.35 5.78 -1.05
CA SER A 68 -5.46 6.90 -1.35
C SER A 68 -4.02 6.56 -0.98
N LEU A 69 -3.77 6.03 0.21
CA LEU A 69 -2.43 5.66 0.59
C LEU A 69 -1.82 4.63 -0.33
N ILE A 70 -2.59 3.61 -0.71
CA ILE A 70 -2.03 2.56 -1.57
C ILE A 70 -1.53 3.17 -2.87
N LYS A 71 -2.32 4.03 -3.50
CA LYS A 71 -1.90 4.65 -4.77
C LYS A 71 -0.69 5.56 -4.60
N SER A 72 -0.57 6.23 -3.47
CA SER A 72 0.55 7.13 -3.22
C SER A 72 1.83 6.34 -2.87
N TRP A 73 1.69 5.39 -1.95
CA TRP A 73 2.81 4.57 -1.49
C TRP A 73 3.36 3.69 -2.61
N LYS A 74 2.54 3.45 -3.61
CA LYS A 74 2.97 2.63 -4.74
C LYS A 74 4.03 3.38 -5.51
N LYS A 75 3.98 4.71 -5.51
CA LYS A 75 4.96 5.52 -6.25
C LYS A 75 6.36 5.37 -5.69
N LEU A 76 6.46 4.88 -4.46
CA LEU A 76 7.75 4.73 -3.79
C LEU A 76 8.57 3.63 -4.46
N LEU A 77 7.93 2.50 -4.73
CA LEU A 77 8.58 1.39 -5.45
C LEU A 77 8.53 1.62 -6.95
N ASP A 78 7.37 2.07 -7.41
CA ASP A 78 7.10 2.26 -8.84
C ASP A 78 8.06 3.26 -9.49
N GLY A 79 8.49 4.25 -8.72
CA GLY A 79 9.38 5.27 -9.24
C GLY A 79 8.56 6.40 -9.81
N GLY A 80 7.84 7.09 -8.93
CA GLY A 80 6.97 8.19 -9.34
C GLY A 80 7.72 9.37 -9.96
N SER A 81 9.03 9.39 -9.84
CA SER A 81 9.87 10.40 -10.45
C SER A 81 11.20 9.71 -10.73
N GLY A 82 11.88 10.11 -11.80
CA GLY A 82 13.14 9.47 -12.15
C GLY A 82 12.90 8.12 -12.78
N SER A 83 13.89 7.24 -12.69
CA SER A 83 13.82 5.89 -13.26
C SER A 83 13.54 5.93 -14.78
N GLY A 84 12.99 4.86 -15.33
CA GLY A 84 12.68 4.82 -16.74
C GLY A 84 12.08 3.48 -17.12
N SER A 85 11.42 3.40 -18.27
CA SER A 85 10.78 2.16 -18.71
C SER A 85 11.71 1.26 -19.51
N GLY A 86 12.83 1.79 -19.97
CA GLY A 86 13.78 0.99 -20.76
C GLY A 86 13.27 0.68 -22.16
N SER A 87 12.27 1.42 -22.61
CA SER A 87 11.66 1.20 -23.91
C SER A 87 12.68 1.30 -25.05
N GLY A 88 12.58 0.38 -26.00
CA GLY A 88 13.50 0.36 -27.13
C GLY A 88 14.07 -1.04 -27.31
N SER A 89 14.02 -1.84 -26.26
CA SER A 89 14.45 -3.23 -26.30
C SER A 89 13.57 -3.98 -25.33
N SER A 90 13.45 -5.29 -25.49
CA SER A 90 12.65 -6.11 -24.59
C SER A 90 13.51 -6.56 -23.42
N GLY A 91 12.89 -6.80 -22.27
CA GLY A 91 13.60 -7.23 -21.08
C GLY A 91 13.21 -6.39 -19.87
N GLU A 92 11.92 -6.11 -19.75
CA GLU A 92 11.40 -5.29 -18.65
C GLU A 92 11.55 -6.02 -17.31
N LEU A 93 12.45 -5.54 -16.46
CA LEU A 93 12.71 -6.17 -15.16
C LEU A 93 11.45 -6.25 -14.29
N SER A 94 10.63 -5.20 -14.37
CA SER A 94 9.34 -5.13 -13.68
C SER A 94 9.40 -5.39 -12.16
N ASP A 95 10.51 -5.03 -11.52
CA ASP A 95 10.71 -5.24 -10.07
C ASP A 95 9.58 -4.64 -9.25
N LYS A 96 8.97 -3.61 -9.81
CA LYS A 96 7.88 -2.87 -9.18
C LYS A 96 6.76 -3.81 -8.75
N LYS A 97 6.50 -4.83 -9.56
CA LYS A 97 5.41 -5.77 -9.29
C LYS A 97 5.82 -6.69 -8.15
N ASN A 98 7.07 -7.12 -8.17
CA ASN A 98 7.57 -8.05 -7.16
C ASN A 98 7.56 -7.40 -5.79
N GLU A 99 7.99 -6.15 -5.72
CA GLU A 99 7.99 -5.44 -4.45
C GLU A 99 6.57 -5.25 -3.95
N GLU A 100 5.65 -4.88 -4.84
CA GLU A 100 4.27 -4.66 -4.44
C GLU A 100 3.63 -5.96 -3.95
N LYS A 101 3.96 -7.05 -4.60
CA LYS A 101 3.45 -8.37 -4.22
C LYS A 101 3.82 -8.69 -2.77
N ASP A 102 5.04 -8.35 -2.37
CA ASP A 102 5.50 -8.63 -1.02
C ASP A 102 4.99 -7.62 0.02
N LEU A 103 5.03 -6.34 -0.33
CA LEU A 103 4.70 -5.26 0.58
C LEU A 103 3.21 -5.01 0.79
N PHE A 104 2.43 -5.19 -0.28
CA PHE A 104 1.00 -4.90 -0.26
C PHE A 104 0.16 -6.16 -0.46
N GLY A 105 0.60 -7.03 -1.35
CA GLY A 105 -0.13 -8.26 -1.64
C GLY A 105 -1.46 -7.97 -2.31
N SER A 106 -1.53 -6.89 -3.07
CA SER A 106 -2.75 -6.48 -3.72
C SER A 106 -2.93 -7.24 -5.03
N ASP A 107 -4.19 -7.41 -5.43
CA ASP A 107 -4.54 -8.02 -6.71
C ASP A 107 -3.97 -7.13 -7.83
N SER A 108 -4.37 -5.86 -7.79
CA SER A 108 -3.86 -4.81 -8.70
C SER A 108 -4.05 -5.00 -10.21
N GLU A 109 -4.85 -5.95 -10.65
CA GLU A 109 -5.08 -6.12 -12.08
C GLU A 109 -6.08 -5.08 -12.57
N SER A 110 -5.84 -4.50 -13.73
CA SER A 110 -6.71 -3.47 -14.30
C SER A 110 -6.30 -3.20 -15.75
N GLY A 111 -7.28 -3.11 -16.64
CA GLY A 111 -7.02 -2.85 -18.03
C GLY A 111 -8.32 -2.54 -18.73
N ASN A 112 -8.35 -2.73 -20.04
CA ASN A 112 -9.56 -2.55 -20.84
C ASN A 112 -9.60 -3.82 -21.67
N GLU A 113 -10.74 -4.12 -22.27
CA GLU A 113 -10.88 -5.29 -23.11
C GLU A 113 -11.14 -4.84 -24.54
N GLU A 114 -10.56 -5.56 -25.50
CA GLU A 114 -10.74 -5.24 -26.92
C GLU A 114 -11.97 -6.02 -27.40
N GLU A 115 -12.83 -5.39 -28.19
CA GLU A 115 -14.02 -6.07 -28.72
C GLU A 115 -14.11 -5.83 -30.23
N ASN A 116 -14.71 -6.77 -30.95
CA ASN A 116 -14.87 -6.69 -32.40
C ASN A 116 -16.04 -7.57 -32.81
N MET A 1 10.79 6.96 13.03
CA MET A 1 9.36 6.74 12.72
C MET A 1 9.10 5.33 12.22
N GLU A 2 10.12 4.46 12.14
CA GLU A 2 9.90 3.11 11.63
C GLU A 2 8.91 2.37 12.54
N ASP A 3 9.16 2.44 13.84
CA ASP A 3 8.29 1.80 14.80
C ASP A 3 6.92 2.42 14.74
N GLU A 4 6.82 3.73 14.53
CA GLU A 4 5.51 4.38 14.48
C GLU A 4 4.66 3.82 13.34
N VAL A 5 5.26 3.58 12.19
CA VAL A 5 4.51 2.98 11.09
C VAL A 5 4.10 1.55 11.49
N VAL A 6 5.00 0.82 12.12
CA VAL A 6 4.67 -0.52 12.64
C VAL A 6 3.47 -0.37 13.58
N ARG A 7 3.47 0.64 14.43
CA ARG A 7 2.36 0.87 15.36
C ARG A 7 1.09 1.07 14.56
N PHE A 8 1.11 1.85 13.49
CA PHE A 8 -0.11 2.05 12.70
C PHE A 8 -0.62 0.75 12.14
N ALA A 9 0.26 -0.09 11.59
CA ALA A 9 -0.18 -1.36 11.05
C ALA A 9 -0.82 -2.18 12.16
N LYS A 10 -0.22 -2.21 13.34
CA LYS A 10 -0.78 -3.02 14.42
C LYS A 10 -2.06 -2.41 14.98
N LYS A 11 -2.17 -1.08 15.00
CA LYS A 11 -3.42 -0.44 15.39
C LYS A 11 -4.48 -0.91 14.40
N MET A 12 -4.15 -0.94 13.11
CA MET A 12 -5.08 -1.39 12.07
C MET A 12 -5.43 -2.87 12.12
N ASP A 13 -4.44 -3.75 12.19
CA ASP A 13 -4.71 -5.16 12.15
C ASP A 13 -5.55 -5.61 13.35
N LYS A 14 -5.40 -4.96 14.49
CA LYS A 14 -6.24 -5.28 15.65
C LYS A 14 -7.70 -5.03 15.28
N MET A 15 -7.95 -4.05 14.42
CA MET A 15 -9.31 -3.77 13.96
C MET A 15 -9.80 -4.83 12.98
N VAL A 16 -8.94 -5.31 12.08
CA VAL A 16 -9.35 -6.29 11.08
C VAL A 16 -9.75 -7.59 11.76
N GLN A 17 -9.07 -7.93 12.85
CA GLN A 17 -9.38 -9.15 13.61
C GLN A 17 -10.77 -9.08 14.24
N LYS A 18 -11.26 -7.88 14.52
CA LYS A 18 -12.60 -7.71 15.11
C LYS A 18 -13.63 -7.25 14.08
N LYS A 19 -13.21 -7.16 12.82
CA LYS A 19 -14.07 -6.72 11.71
C LYS A 19 -14.70 -5.34 11.94
N ASN A 20 -14.04 -4.50 12.72
CA ASN A 20 -14.54 -3.16 13.02
C ASN A 20 -13.41 -2.16 12.79
N ALA A 21 -13.21 -1.82 11.52
CA ALA A 21 -12.14 -0.94 11.11
C ALA A 21 -12.54 0.53 10.96
N ALA A 22 -13.68 0.92 11.53
CA ALA A 22 -14.12 2.31 11.47
C ALA A 22 -13.06 3.26 12.05
N GLY A 23 -12.44 2.84 13.15
CA GLY A 23 -11.40 3.65 13.80
C GLY A 23 -10.17 3.88 12.95
N ALA A 24 -9.98 3.04 11.94
CA ALA A 24 -8.83 3.12 11.05
C ALA A 24 -8.83 4.42 10.26
N LEU A 25 -9.96 5.10 10.22
CA LEU A 25 -10.08 6.38 9.55
C LEU A 25 -9.00 7.29 10.05
N ASP A 26 -8.96 7.42 11.36
CA ASP A 26 -8.05 8.33 11.98
C ASP A 26 -6.61 7.89 11.76
N LEU A 27 -6.38 6.59 11.68
CA LEU A 27 -5.04 6.06 11.45
C LEU A 27 -4.54 6.45 10.06
N LEU A 28 -5.35 6.20 9.04
CA LEU A 28 -5.04 6.59 7.71
C LEU A 28 -4.89 8.11 7.57
N LYS A 29 -5.67 8.90 8.29
CA LYS A 29 -5.49 10.36 8.32
C LYS A 29 -4.05 10.72 8.70
N GLU A 30 -3.50 10.11 9.74
CA GLU A 30 -2.13 10.40 10.16
C GLU A 30 -1.16 9.96 9.07
N LEU A 31 -1.42 8.79 8.51
CA LEU A 31 -0.59 8.20 7.45
C LEU A 31 -0.50 9.08 6.20
N LYS A 32 -1.54 9.86 5.95
CA LYS A 32 -1.56 10.78 4.81
C LYS A 32 -0.51 11.88 4.95
N ASN A 33 -0.06 12.12 6.17
CA ASN A 33 0.94 13.16 6.45
C ASN A 33 2.32 12.57 6.71
N ILE A 34 2.42 11.25 6.69
CA ILE A 34 3.70 10.59 6.99
C ILE A 34 4.51 10.37 5.70
N PRO A 35 5.80 10.76 5.71
CA PRO A 35 6.72 10.56 4.59
C PRO A 35 7.15 9.09 4.46
N MET A 36 6.20 8.26 4.07
CA MET A 36 6.42 6.84 3.84
C MET A 36 7.47 6.68 2.74
N THR A 37 8.26 5.62 2.84
CA THR A 37 9.31 5.34 1.87
C THR A 37 9.17 3.88 1.48
N LEU A 38 9.87 3.47 0.45
CA LEU A 38 9.83 2.07 0.02
C LEU A 38 10.40 1.23 1.14
N GLU A 39 11.42 1.78 1.77
CA GLU A 39 12.12 1.10 2.88
C GLU A 39 11.14 0.81 4.02
N LEU A 40 10.27 1.78 4.29
CA LEU A 40 9.29 1.62 5.35
C LEU A 40 8.30 0.52 5.00
N LEU A 41 7.90 0.44 3.74
CA LEU A 41 6.90 -0.55 3.34
C LEU A 41 7.45 -1.95 3.45
N GLN A 42 8.75 -2.07 3.25
CA GLN A 42 9.42 -3.35 3.37
C GLN A 42 9.46 -3.78 4.84
N SER A 43 10.01 -2.93 5.69
CA SER A 43 10.16 -3.25 7.11
C SER A 43 8.84 -3.37 7.89
N THR A 44 7.95 -2.42 7.70
CA THR A 44 6.72 -2.35 8.48
C THR A 44 5.56 -3.10 7.85
N ARG A 45 5.68 -3.38 6.56
CA ARG A 45 4.66 -4.07 5.74
C ARG A 45 3.28 -3.43 5.89
N ILE A 46 3.28 -2.13 6.12
CA ILE A 46 2.04 -1.38 6.33
C ILE A 46 1.20 -1.28 5.07
N GLY A 47 1.83 -1.47 3.92
CA GLY A 47 1.10 -1.44 2.67
C GLY A 47 0.00 -2.48 2.73
N MET A 48 0.32 -3.63 3.31
CA MET A 48 -0.63 -4.72 3.42
C MET A 48 -1.71 -4.41 4.44
N SER A 49 -1.34 -3.79 5.56
CA SER A 49 -2.33 -3.42 6.58
C SER A 49 -3.33 -2.40 6.06
N VAL A 50 -2.86 -1.31 5.47
CA VAL A 50 -3.77 -0.31 4.91
C VAL A 50 -4.64 -0.97 3.81
N ASN A 51 -4.04 -1.84 3.01
CA ASN A 51 -4.78 -2.55 1.97
C ASN A 51 -5.84 -3.47 2.55
N ALA A 52 -5.54 -4.09 3.68
CA ALA A 52 -6.51 -4.94 4.35
C ALA A 52 -7.66 -4.10 4.88
N ILE A 53 -7.36 -2.95 5.48
CA ILE A 53 -8.42 -2.07 6.00
C ILE A 53 -9.37 -1.68 4.89
N ARG A 54 -8.83 -1.42 3.70
CA ARG A 54 -9.65 -1.05 2.56
C ARG A 54 -10.75 -2.08 2.25
N LYS A 55 -10.48 -3.36 2.49
CA LYS A 55 -11.47 -4.42 2.24
C LYS A 55 -12.20 -4.88 3.49
N GLN A 56 -11.60 -4.62 4.64
CA GLN A 56 -12.17 -5.00 5.95
C GLN A 56 -13.00 -3.89 6.60
N SER A 57 -13.21 -2.80 5.88
CA SER A 57 -14.01 -1.68 6.38
C SER A 57 -15.16 -1.37 5.45
N THR A 58 -16.31 -1.03 6.03
CA THR A 58 -17.49 -0.64 5.25
C THR A 58 -17.60 0.87 5.26
N ASP A 59 -16.83 1.49 6.14
CA ASP A 59 -16.81 2.94 6.30
C ASP A 59 -16.14 3.56 5.08
N GLU A 60 -16.85 4.39 4.35
CA GLU A 60 -16.29 4.93 3.12
C GLU A 60 -15.15 5.91 3.32
N GLU A 61 -15.16 6.69 4.40
CA GLU A 61 -14.05 7.62 4.59
C GLU A 61 -12.77 6.80 4.75
N VAL A 62 -12.85 5.69 5.46
CA VAL A 62 -11.72 4.82 5.67
C VAL A 62 -11.23 4.21 4.37
N THR A 63 -12.13 3.67 3.57
CA THR A 63 -11.71 3.05 2.32
C THR A 63 -11.15 4.10 1.39
N SER A 64 -11.70 5.31 1.43
CA SER A 64 -11.22 6.40 0.60
C SER A 64 -9.84 6.87 1.03
N LEU A 65 -9.58 6.86 2.33
CA LEU A 65 -8.27 7.24 2.82
C LEU A 65 -7.28 6.13 2.49
N ALA A 66 -7.67 4.89 2.76
CA ALA A 66 -6.81 3.75 2.53
C ALA A 66 -6.43 3.63 1.06
N LYS A 67 -7.41 3.72 0.17
CA LYS A 67 -7.13 3.63 -1.27
C LYS A 67 -6.18 4.76 -1.70
N SER A 68 -6.25 5.89 -1.02
CA SER A 68 -5.36 7.01 -1.30
C SER A 68 -3.93 6.63 -0.93
N LEU A 69 -3.73 6.08 0.27
CA LEU A 69 -2.42 5.66 0.69
C LEU A 69 -1.82 4.62 -0.23
N ILE A 70 -2.57 3.62 -0.65
CA ILE A 70 -2.02 2.58 -1.51
C ILE A 70 -1.50 3.19 -2.81
N LYS A 71 -2.24 4.13 -3.38
CA LYS A 71 -1.82 4.75 -4.64
C LYS A 71 -0.59 5.62 -4.45
N SER A 72 -0.54 6.37 -3.37
CA SER A 72 0.60 7.24 -3.12
C SER A 72 1.85 6.46 -2.75
N TRP A 73 1.68 5.44 -1.93
CA TRP A 73 2.79 4.60 -1.47
C TRP A 73 3.33 3.73 -2.59
N LYS A 74 2.52 3.49 -3.60
CA LYS A 74 2.94 2.67 -4.72
C LYS A 74 4.10 3.36 -5.42
N LYS A 75 4.07 4.69 -5.46
CA LYS A 75 5.13 5.47 -6.12
C LYS A 75 6.50 5.19 -5.56
N LEU A 76 6.54 4.72 -4.32
CA LEU A 76 7.79 4.51 -3.63
C LEU A 76 8.58 3.40 -4.30
N LEU A 77 7.89 2.35 -4.74
CA LEU A 77 8.52 1.26 -5.49
C LEU A 77 8.40 1.48 -7.00
N ASP A 78 7.21 1.86 -7.43
CA ASP A 78 6.85 2.03 -8.85
C ASP A 78 7.66 3.11 -9.54
N GLY A 79 7.98 4.19 -8.84
CA GLY A 79 8.71 5.29 -9.44
C GLY A 79 10.20 5.07 -9.51
N GLY A 80 10.68 4.04 -8.82
CA GLY A 80 12.12 3.76 -8.77
C GLY A 80 12.87 4.69 -7.84
N SER A 81 12.72 5.99 -8.09
CA SER A 81 13.33 7.04 -7.28
C SER A 81 12.42 7.38 -6.11
N GLY A 82 11.27 6.71 -6.05
CA GLY A 82 10.29 6.97 -5.02
C GLY A 82 9.33 8.08 -5.38
N SER A 83 9.53 8.68 -6.54
CA SER A 83 8.72 9.80 -6.99
C SER A 83 8.55 9.73 -8.51
N GLY A 84 7.86 10.70 -9.08
CA GLY A 84 7.63 10.73 -10.52
C GLY A 84 6.27 10.16 -10.89
N SER A 85 5.98 10.09 -12.18
CA SER A 85 4.72 9.53 -12.64
C SER A 85 4.85 9.00 -14.05
N GLY A 86 4.23 7.85 -14.28
CA GLY A 86 4.23 7.21 -15.58
C GLY A 86 3.51 5.91 -15.36
N SER A 87 3.39 5.08 -16.37
CA SER A 87 2.77 3.76 -16.27
C SER A 87 3.15 3.08 -17.57
N GLY A 88 3.20 1.75 -17.59
CA GLY A 88 3.51 1.04 -18.82
C GLY A 88 3.80 -0.42 -18.55
N SER A 89 3.77 -1.24 -19.58
CA SER A 89 4.06 -2.68 -19.47
C SER A 89 4.57 -3.20 -20.81
N SER A 90 5.19 -2.31 -21.57
CA SER A 90 5.70 -2.62 -22.91
C SER A 90 7.02 -3.40 -22.88
N GLY A 91 7.03 -4.51 -22.15
CA GLY A 91 8.23 -5.32 -22.01
C GLY A 91 9.07 -4.92 -20.81
N GLU A 92 10.27 -5.49 -20.77
CA GLU A 92 11.27 -5.28 -19.69
C GLU A 92 10.86 -5.92 -18.35
N LEU A 93 11.86 -6.19 -17.50
CA LEU A 93 11.63 -6.82 -16.21
C LEU A 93 10.97 -5.84 -15.23
N SER A 94 9.66 -5.97 -15.11
CA SER A 94 8.88 -5.13 -14.19
C SER A 94 8.95 -5.69 -12.77
N ASP A 95 10.15 -5.73 -12.20
CA ASP A 95 10.38 -6.28 -10.86
C ASP A 95 9.58 -5.64 -9.75
N LYS A 96 9.09 -4.43 -9.98
CA LYS A 96 8.28 -3.74 -8.97
C LYS A 96 6.96 -4.44 -8.73
N LYS A 97 6.54 -5.32 -9.64
CA LYS A 97 5.34 -6.13 -9.43
C LYS A 97 5.59 -7.07 -8.27
N ASN A 98 6.80 -7.62 -8.20
CA ASN A 98 7.17 -8.57 -7.15
C ASN A 98 7.21 -7.85 -5.81
N GLU A 99 7.77 -6.64 -5.82
CA GLU A 99 7.86 -5.85 -4.59
C GLU A 99 6.46 -5.51 -4.08
N GLU A 100 5.55 -5.14 -4.98
CA GLU A 100 4.20 -4.79 -4.57
C GLU A 100 3.47 -5.99 -3.98
N LYS A 101 3.70 -7.17 -4.55
CA LYS A 101 3.06 -8.39 -4.06
C LYS A 101 3.43 -8.65 -2.60
N ASP A 102 4.69 -8.41 -2.27
CA ASP A 102 5.19 -8.61 -0.90
C ASP A 102 4.76 -7.52 0.07
N LEU A 103 4.75 -6.29 -0.42
CA LEU A 103 4.49 -5.13 0.42
C LEU A 103 3.02 -4.78 0.62
N PHE A 104 2.21 -5.04 -0.40
CA PHE A 104 0.78 -4.70 -0.39
C PHE A 104 -0.12 -5.88 -0.68
N GLY A 105 0.25 -6.66 -1.69
CA GLY A 105 -0.58 -7.79 -2.09
C GLY A 105 -1.92 -7.31 -2.64
N SER A 106 -1.90 -6.25 -3.44
CA SER A 106 -3.15 -5.69 -3.95
C SER A 106 -3.78 -6.53 -5.04
N ASP A 107 -2.93 -7.26 -5.76
CA ASP A 107 -3.35 -8.14 -6.87
C ASP A 107 -4.29 -7.41 -7.83
N SER A 108 -3.94 -6.15 -8.09
CA SER A 108 -4.76 -5.26 -8.92
C SER A 108 -4.46 -5.42 -10.41
N GLU A 109 -4.21 -6.66 -10.83
CA GLU A 109 -3.88 -6.96 -12.22
C GLU A 109 -5.14 -7.13 -13.08
N SER A 110 -5.74 -6.02 -13.47
CA SER A 110 -6.95 -6.02 -14.30
C SER A 110 -6.66 -6.28 -15.78
N GLY A 111 -5.38 -6.36 -16.12
CA GLY A 111 -4.95 -6.55 -17.50
C GLY A 111 -3.90 -5.51 -17.81
N ASN A 112 -2.86 -5.89 -18.54
CA ASN A 112 -1.73 -4.99 -18.84
C ASN A 112 -1.09 -5.40 -20.16
N GLU A 113 -1.91 -5.67 -21.17
CA GLU A 113 -1.40 -6.17 -22.46
C GLU A 113 -2.24 -5.62 -23.61
N GLU A 114 -1.56 -5.04 -24.59
CA GLU A 114 -2.20 -4.46 -25.77
C GLU A 114 -1.12 -4.39 -26.85
N GLU A 115 -1.49 -4.15 -28.10
CA GLU A 115 -0.50 -4.01 -29.16
C GLU A 115 0.17 -2.66 -28.97
N ASN A 116 1.50 -2.63 -28.91
CA ASN A 116 2.24 -1.42 -28.61
C ASN A 116 3.56 -1.40 -29.38
N MET A 1 11.28 6.51 12.58
CA MET A 1 9.80 6.45 12.42
C MET A 1 9.32 5.05 12.11
N GLU A 2 10.20 4.06 12.04
CA GLU A 2 9.77 2.70 11.68
C GLU A 2 8.77 2.19 12.71
N ASP A 3 9.10 2.40 13.98
CA ASP A 3 8.25 1.99 15.09
C ASP A 3 6.90 2.66 15.03
N GLU A 4 6.86 3.92 14.61
CA GLU A 4 5.60 4.65 14.52
C GLU A 4 4.72 4.05 13.41
N VAL A 5 5.33 3.68 12.31
CA VAL A 5 4.57 3.10 11.20
C VAL A 5 4.11 1.69 11.62
N VAL A 6 4.99 0.94 12.24
CA VAL A 6 4.64 -0.37 12.81
C VAL A 6 3.47 -0.21 13.77
N ARG A 7 3.48 0.81 14.63
CA ARG A 7 2.37 1.04 15.56
C ARG A 7 1.07 1.19 14.78
N PHE A 8 1.08 2.02 13.76
CA PHE A 8 -0.11 2.19 12.92
C PHE A 8 -0.54 0.88 12.24
N ALA A 9 0.42 0.14 11.70
CA ALA A 9 0.15 -1.12 11.02
C ALA A 9 -0.48 -2.13 11.98
N LYS A 10 0.07 -2.23 13.18
CA LYS A 10 -0.45 -3.18 14.17
C LYS A 10 -1.80 -2.71 14.71
N LYS A 11 -2.00 -1.41 14.84
CA LYS A 11 -3.31 -0.90 15.26
C LYS A 11 -4.33 -1.35 14.21
N MET A 12 -4.01 -1.17 12.93
CA MET A 12 -4.91 -1.58 11.85
C MET A 12 -5.13 -3.09 11.80
N ASP A 13 -4.09 -3.88 11.91
CA ASP A 13 -4.22 -5.34 11.88
C ASP A 13 -5.15 -5.87 12.97
N LYS A 14 -5.13 -5.23 14.12
CA LYS A 14 -6.01 -5.64 15.23
C LYS A 14 -7.47 -5.32 14.88
N MET A 15 -7.70 -4.25 14.13
CA MET A 15 -9.06 -3.90 13.70
C MET A 15 -9.53 -4.91 12.67
N VAL A 16 -8.59 -5.30 11.83
CA VAL A 16 -8.83 -6.26 10.77
C VAL A 16 -9.24 -7.61 11.38
N GLN A 17 -8.50 -8.06 12.38
CA GLN A 17 -8.81 -9.33 13.06
C GLN A 17 -10.18 -9.27 13.75
N LYS A 18 -10.50 -8.13 14.35
CA LYS A 18 -11.77 -7.97 15.05
C LYS A 18 -12.93 -7.62 14.14
N LYS A 19 -12.65 -7.50 12.84
CA LYS A 19 -13.67 -7.18 11.81
C LYS A 19 -14.42 -5.88 12.11
N ASN A 20 -13.73 -4.94 12.73
CA ASN A 20 -14.30 -3.63 13.06
C ASN A 20 -13.21 -2.60 12.80
N ALA A 21 -13.21 -2.04 11.60
CA ALA A 21 -12.14 -1.16 11.15
C ALA A 21 -12.55 0.30 10.85
N ALA A 22 -13.70 0.72 11.33
CA ALA A 22 -14.14 2.11 11.12
C ALA A 22 -13.13 3.08 11.79
N GLY A 23 -12.62 2.68 12.94
CA GLY A 23 -11.66 3.48 13.69
C GLY A 23 -10.35 3.77 12.95
N ALA A 24 -10.08 3.00 11.91
CA ALA A 24 -8.87 3.17 11.10
C ALA A 24 -8.82 4.54 10.44
N LEU A 25 -9.95 5.23 10.38
CA LEU A 25 -10.01 6.57 9.81
C LEU A 25 -8.91 7.48 10.33
N ASP A 26 -8.75 7.52 11.63
CA ASP A 26 -7.77 8.37 12.25
C ASP A 26 -6.36 7.92 11.94
N LEU A 27 -6.18 6.62 11.77
CA LEU A 27 -4.85 6.07 11.53
C LEU A 27 -4.43 6.48 10.12
N LEU A 28 -5.35 6.31 9.18
CA LEU A 28 -5.08 6.64 7.79
C LEU A 28 -4.88 8.15 7.59
N LYS A 29 -5.61 8.97 8.34
CA LYS A 29 -5.38 10.42 8.36
C LYS A 29 -3.92 10.72 8.71
N GLU A 30 -3.42 10.10 9.77
CA GLU A 30 -2.03 10.32 10.22
C GLU A 30 -1.04 9.88 9.14
N LEU A 31 -1.34 8.76 8.49
CA LEU A 31 -0.45 8.24 7.45
C LEU A 31 -0.31 9.17 6.26
N LYS A 32 -1.28 10.05 6.06
CA LYS A 32 -1.18 11.02 4.97
C LYS A 32 -0.21 12.14 5.29
N ASN A 33 0.18 12.27 6.55
CA ASN A 33 1.16 13.29 6.95
C ASN A 33 2.57 12.69 6.97
N ILE A 34 2.63 11.38 7.18
CA ILE A 34 3.91 10.69 7.31
C ILE A 34 4.60 10.48 5.95
N PRO A 35 5.88 10.87 5.84
CA PRO A 35 6.68 10.67 4.63
C PRO A 35 7.12 9.21 4.47
N MET A 36 6.16 8.38 4.09
CA MET A 36 6.41 6.95 3.86
C MET A 36 7.49 6.76 2.79
N THR A 37 8.27 5.72 2.94
CA THR A 37 9.36 5.41 2.00
C THR A 37 9.20 3.96 1.61
N LEU A 38 9.88 3.53 0.56
CA LEU A 38 9.82 2.13 0.14
C LEU A 38 10.38 1.26 1.27
N GLU A 39 11.42 1.74 1.91
CA GLU A 39 12.06 0.99 3.01
C GLU A 39 11.06 0.70 4.13
N LEU A 40 10.23 1.70 4.44
CA LEU A 40 9.23 1.53 5.49
C LEU A 40 8.20 0.49 5.08
N LEU A 41 7.83 0.46 3.81
CA LEU A 41 6.83 -0.50 3.37
C LEU A 41 7.36 -1.92 3.44
N GLN A 42 8.66 -2.06 3.25
CA GLN A 42 9.30 -3.37 3.33
C GLN A 42 9.28 -3.91 4.76
N SER A 43 9.80 -3.15 5.70
CA SER A 43 9.92 -3.62 7.08
C SER A 43 8.64 -3.53 7.94
N THR A 44 7.87 -2.46 7.79
CA THR A 44 6.66 -2.29 8.60
C THR A 44 5.48 -3.01 7.96
N ARG A 45 5.60 -3.27 6.65
CA ARG A 45 4.57 -3.95 5.84
C ARG A 45 3.21 -3.28 5.99
N ILE A 46 3.21 -1.97 6.16
CA ILE A 46 1.98 -1.23 6.38
C ILE A 46 1.11 -1.17 5.12
N GLY A 47 1.71 -1.37 3.97
CA GLY A 47 0.94 -1.40 2.73
C GLY A 47 -0.12 -2.50 2.81
N MET A 48 0.25 -3.62 3.41
CA MET A 48 -0.65 -4.74 3.57
C MET A 48 -1.76 -4.40 4.57
N SER A 49 -1.40 -3.72 5.65
CA SER A 49 -2.37 -3.35 6.67
C SER A 49 -3.42 -2.39 6.11
N VAL A 50 -2.97 -1.33 5.44
CA VAL A 50 -3.90 -0.39 4.80
C VAL A 50 -4.76 -1.10 3.74
N ASN A 51 -4.16 -1.95 2.93
CA ASN A 51 -4.94 -2.69 1.93
C ASN A 51 -5.98 -3.60 2.59
N ALA A 52 -5.64 -4.17 3.74
CA ALA A 52 -6.57 -5.01 4.48
C ALA A 52 -7.73 -4.16 5.04
N ILE A 53 -7.44 -2.98 5.57
CA ILE A 53 -8.50 -2.10 6.09
C ILE A 53 -9.46 -1.74 4.98
N ARG A 54 -8.92 -1.49 3.80
CA ARG A 54 -9.74 -1.13 2.65
C ARG A 54 -10.80 -2.19 2.31
N LYS A 55 -10.49 -3.47 2.55
CA LYS A 55 -11.43 -4.55 2.23
C LYS A 55 -12.22 -5.05 3.44
N GLN A 56 -11.70 -4.78 4.63
CA GLN A 56 -12.33 -5.19 5.90
C GLN A 56 -13.22 -4.13 6.52
N SER A 57 -13.23 -2.94 5.96
CA SER A 57 -14.02 -1.85 6.51
C SER A 57 -15.06 -1.36 5.54
N THR A 58 -16.18 -0.88 6.08
CA THR A 58 -17.29 -0.40 5.29
C THR A 58 -17.40 1.12 5.30
N ASP A 59 -16.43 1.80 5.89
CA ASP A 59 -16.52 3.25 5.98
C ASP A 59 -16.11 3.86 4.65
N GLU A 60 -16.95 4.69 4.04
CA GLU A 60 -16.57 5.29 2.77
C GLU A 60 -15.32 6.16 2.99
N GLU A 61 -15.23 6.82 4.14
CA GLU A 61 -14.06 7.64 4.42
C GLU A 61 -12.81 6.77 4.50
N VAL A 62 -12.85 5.67 5.24
CA VAL A 62 -11.64 4.88 5.42
C VAL A 62 -11.25 4.16 4.15
N THR A 63 -12.21 3.72 3.34
CA THR A 63 -11.85 3.05 2.10
C THR A 63 -11.23 4.07 1.18
N SER A 64 -11.70 5.30 1.25
CA SER A 64 -11.16 6.37 0.41
C SER A 64 -9.80 6.82 0.89
N LEU A 65 -9.60 6.91 2.19
CA LEU A 65 -8.29 7.27 2.72
C LEU A 65 -7.32 6.15 2.40
N ALA A 66 -7.70 4.92 2.69
CA ALA A 66 -6.82 3.78 2.48
C ALA A 66 -6.45 3.62 1.01
N LYS A 67 -7.42 3.67 0.10
CA LYS A 67 -7.11 3.53 -1.32
C LYS A 67 -6.19 4.66 -1.79
N SER A 68 -6.27 5.81 -1.11
CA SER A 68 -5.38 6.93 -1.42
C SER A 68 -3.95 6.59 -1.04
N LEU A 69 -3.73 6.07 0.15
CA LEU A 69 -2.38 5.70 0.55
C LEU A 69 -1.80 4.65 -0.35
N ILE A 70 -2.56 3.64 -0.74
CA ILE A 70 -2.02 2.59 -1.61
C ILE A 70 -1.50 3.20 -2.90
N LYS A 71 -2.28 4.06 -3.53
CA LYS A 71 -1.88 4.67 -4.79
C LYS A 71 -0.70 5.62 -4.63
N SER A 72 -0.60 6.25 -3.47
CA SER A 72 0.50 7.17 -3.20
C SER A 72 1.79 6.43 -2.87
N TRP A 73 1.69 5.41 -2.05
CA TRP A 73 2.82 4.61 -1.59
C TRP A 73 3.38 3.71 -2.67
N LYS A 74 2.57 3.42 -3.67
CA LYS A 74 2.99 2.57 -4.78
C LYS A 74 4.07 3.28 -5.57
N LYS A 75 4.03 4.60 -5.58
CA LYS A 75 5.01 5.41 -6.29
C LYS A 75 6.41 5.24 -5.74
N LEU A 76 6.52 4.68 -4.54
CA LEU A 76 7.82 4.51 -3.87
C LEU A 76 8.61 3.34 -4.44
N LEU A 77 7.93 2.27 -4.83
CA LEU A 77 8.58 1.09 -5.45
C LEU A 77 8.44 1.03 -6.96
N ASP A 78 7.40 1.65 -7.49
CA ASP A 78 7.13 1.58 -8.92
C ASP A 78 7.94 2.63 -9.70
N GLY A 79 8.72 3.41 -8.97
CA GLY A 79 9.58 4.40 -9.58
C GLY A 79 10.29 5.13 -8.45
N GLY A 80 11.21 6.00 -8.79
CA GLY A 80 11.93 6.74 -7.76
C GLY A 80 12.81 5.81 -6.95
N SER A 81 13.11 6.20 -5.71
CA SER A 81 13.94 5.40 -4.79
C SER A 81 15.23 4.87 -5.42
N GLY A 82 15.88 5.70 -6.23
CA GLY A 82 17.12 5.32 -6.84
C GLY A 82 18.19 5.15 -5.78
N SER A 83 19.10 4.22 -6.00
CA SER A 83 20.15 3.93 -5.03
C SER A 83 21.36 3.40 -5.78
N GLY A 84 22.51 3.37 -5.12
CA GLY A 84 23.72 2.93 -5.78
C GLY A 84 24.20 4.00 -6.73
N SER A 85 24.88 3.60 -7.79
CA SER A 85 25.42 4.54 -8.76
C SER A 85 24.41 4.98 -9.85
N GLY A 86 23.12 4.97 -9.54
CA GLY A 86 22.13 5.33 -10.54
C GLY A 86 20.73 5.44 -9.97
N SER A 87 19.76 5.55 -10.86
CA SER A 87 18.34 5.69 -10.48
C SER A 87 17.52 4.49 -10.93
N GLY A 88 18.17 3.34 -11.07
CA GLY A 88 17.49 2.15 -11.53
C GLY A 88 17.36 2.20 -13.04
N SER A 89 16.33 1.56 -13.58
CA SER A 89 16.08 1.55 -15.01
C SER A 89 14.57 1.62 -15.21
N SER A 90 14.15 2.02 -16.41
CA SER A 90 12.73 2.15 -16.73
C SER A 90 12.50 1.57 -18.11
N GLY A 91 11.35 0.93 -18.32
CA GLY A 91 11.03 0.32 -19.60
C GLY A 91 11.82 -0.93 -19.88
N GLU A 92 12.48 -1.47 -18.87
CA GLU A 92 13.32 -2.67 -19.03
C GLU A 92 12.82 -3.85 -18.17
N LEU A 93 12.61 -3.60 -16.88
CA LEU A 93 12.19 -4.67 -15.95
C LEU A 93 10.88 -4.31 -15.25
N SER A 94 10.04 -5.31 -15.04
CA SER A 94 8.72 -5.13 -14.41
C SER A 94 8.63 -5.85 -13.06
N ASP A 95 9.78 -6.16 -12.46
CA ASP A 95 9.84 -6.90 -11.19
C ASP A 95 9.10 -6.19 -10.04
N LYS A 96 8.87 -4.90 -10.21
CA LYS A 96 8.20 -4.08 -9.20
C LYS A 96 6.83 -4.64 -8.81
N LYS A 97 6.14 -5.31 -9.74
CA LYS A 97 4.83 -5.88 -9.42
C LYS A 97 4.95 -7.04 -8.43
N ASN A 98 6.09 -7.71 -8.43
CA ASN A 98 6.30 -8.84 -7.55
C ASN A 98 6.55 -8.33 -6.15
N GLU A 99 7.33 -7.27 -6.01
CA GLU A 99 7.57 -6.69 -4.69
C GLU A 99 6.23 -6.18 -4.15
N GLU A 100 5.46 -5.51 -5.00
CA GLU A 100 4.14 -4.98 -4.61
C GLU A 100 3.24 -6.08 -4.08
N LYS A 101 3.28 -7.26 -4.70
CA LYS A 101 2.45 -8.40 -4.26
C LYS A 101 2.75 -8.73 -2.80
N ASP A 102 3.99 -8.51 -2.37
CA ASP A 102 4.40 -8.81 -1.01
C ASP A 102 4.20 -7.65 -0.05
N LEU A 103 4.36 -6.43 -0.54
CA LEU A 103 4.23 -5.24 0.32
C LEU A 103 2.78 -4.79 0.50
N PHE A 104 1.97 -5.03 -0.53
CA PHE A 104 0.57 -4.60 -0.56
C PHE A 104 -0.42 -5.71 -0.90
N GLY A 105 -0.10 -6.52 -1.89
CA GLY A 105 -1.01 -7.57 -2.30
C GLY A 105 -2.29 -6.99 -2.90
N SER A 106 -2.14 -5.99 -3.76
CA SER A 106 -3.29 -5.28 -4.33
C SER A 106 -3.63 -5.72 -5.75
N ASP A 107 -3.43 -6.99 -6.04
CA ASP A 107 -3.75 -7.58 -7.35
C ASP A 107 -5.28 -7.73 -7.47
N SER A 108 -5.78 -7.93 -8.69
CA SER A 108 -7.24 -8.04 -8.93
C SER A 108 -7.66 -8.76 -10.22
N GLU A 109 -6.91 -8.61 -11.31
CA GLU A 109 -7.31 -9.16 -12.62
C GLU A 109 -6.08 -9.80 -13.29
N SER A 110 -6.29 -10.65 -14.28
CA SER A 110 -5.18 -11.31 -14.98
C SER A 110 -5.54 -11.56 -16.44
N GLY A 111 -4.53 -11.74 -17.30
CA GLY A 111 -4.77 -12.05 -18.70
C GLY A 111 -4.85 -10.81 -19.57
N ASN A 112 -5.23 -10.99 -20.84
CA ASN A 112 -5.33 -9.90 -21.82
C ASN A 112 -3.99 -9.16 -21.94
N GLU A 113 -2.92 -9.94 -21.97
CA GLU A 113 -1.55 -9.41 -21.98
C GLU A 113 -0.73 -9.99 -23.16
N GLU A 114 -1.42 -10.59 -24.12
CA GLU A 114 -0.76 -11.15 -25.30
C GLU A 114 -0.94 -10.21 -26.48
N GLU A 115 0.10 -10.04 -27.28
CA GLU A 115 0.07 -9.17 -28.46
C GLU A 115 0.30 -10.04 -29.70
N ASN A 116 -0.41 -9.75 -30.77
CA ASN A 116 -0.31 -10.52 -32.01
C ASN A 116 -0.19 -9.54 -33.18
N MET A 1 11.27 6.78 12.03
CA MET A 1 9.79 6.62 12.14
C MET A 1 9.37 5.17 11.91
N GLU A 2 10.30 4.22 12.01
CA GLU A 2 9.97 2.83 11.71
C GLU A 2 8.91 2.26 12.63
N ASP A 3 9.13 2.33 13.95
CA ASP A 3 8.14 1.83 14.89
C ASP A 3 6.82 2.57 14.75
N GLU A 4 6.85 3.86 14.47
CA GLU A 4 5.60 4.62 14.36
C GLU A 4 4.70 4.01 13.29
N VAL A 5 5.28 3.65 12.16
CA VAL A 5 4.50 3.05 11.08
C VAL A 5 4.07 1.65 11.52
N VAL A 6 4.96 0.90 12.16
CA VAL A 6 4.60 -0.41 12.72
C VAL A 6 3.40 -0.26 13.67
N ARG A 7 3.40 0.77 14.50
CA ARG A 7 2.28 1.00 15.42
C ARG A 7 1.00 1.16 14.62
N PHE A 8 1.01 1.94 13.55
CA PHE A 8 -0.19 2.10 12.73
C PHE A 8 -0.60 0.76 12.11
N ALA A 9 0.35 -0.01 11.60
CA ALA A 9 0.04 -1.30 10.98
C ALA A 9 -0.60 -2.26 11.99
N LYS A 10 -0.05 -2.33 13.19
CA LYS A 10 -0.58 -3.25 14.20
C LYS A 10 -1.91 -2.75 14.73
N LYS A 11 -2.07 -1.43 14.85
CA LYS A 11 -3.35 -0.86 15.28
C LYS A 11 -4.40 -1.29 14.26
N MET A 12 -4.06 -1.19 12.98
CA MET A 12 -4.99 -1.57 11.92
C MET A 12 -5.34 -3.04 11.92
N ASP A 13 -4.38 -3.94 12.02
CA ASP A 13 -4.72 -5.36 11.96
C ASP A 13 -5.59 -5.79 13.13
N LYS A 14 -5.40 -5.21 14.30
CA LYS A 14 -6.27 -5.52 15.43
C LYS A 14 -7.71 -5.19 15.07
N MET A 15 -7.91 -4.18 14.23
CA MET A 15 -9.26 -3.86 13.74
C MET A 15 -9.75 -4.88 12.71
N VAL A 16 -8.89 -5.36 11.83
CA VAL A 16 -9.31 -6.33 10.81
C VAL A 16 -9.69 -7.65 11.45
N GLN A 17 -8.99 -8.03 12.52
CA GLN A 17 -9.34 -9.25 13.25
C GLN A 17 -10.74 -9.13 13.85
N LYS A 18 -11.06 -7.95 14.36
CA LYS A 18 -12.39 -7.69 14.94
C LYS A 18 -13.43 -7.33 13.88
N LYS A 19 -12.99 -7.24 12.63
CA LYS A 19 -13.85 -6.87 11.48
C LYS A 19 -14.55 -5.52 11.71
N ASN A 20 -13.93 -4.66 12.49
CA ASN A 20 -14.48 -3.33 12.79
C ASN A 20 -13.39 -2.31 12.59
N ALA A 21 -13.19 -1.92 11.34
CA ALA A 21 -12.12 -1.01 10.97
C ALA A 21 -12.55 0.46 10.82
N ALA A 22 -13.70 0.84 11.36
CA ALA A 22 -14.14 2.24 11.29
C ALA A 22 -13.11 3.17 11.98
N GLY A 23 -12.56 2.70 13.09
CA GLY A 23 -11.56 3.47 13.83
C GLY A 23 -10.29 3.77 13.05
N ALA A 24 -10.05 3.00 12.00
CA ALA A 24 -8.88 3.15 11.15
C ALA A 24 -8.83 4.49 10.46
N LEU A 25 -9.96 5.19 10.41
CA LEU A 25 -10.03 6.52 9.80
C LEU A 25 -8.91 7.40 10.30
N ASP A 26 -8.75 7.43 11.61
CA ASP A 26 -7.75 8.26 12.25
C ASP A 26 -6.33 7.78 11.98
N LEU A 27 -6.17 6.48 11.82
CA LEU A 27 -4.84 5.91 11.57
C LEU A 27 -4.39 6.31 10.17
N LEU A 28 -5.33 6.22 9.24
CA LEU A 28 -5.08 6.56 7.85
C LEU A 28 -4.90 8.07 7.66
N LYS A 29 -5.65 8.88 8.42
CA LYS A 29 -5.44 10.34 8.46
C LYS A 29 -3.99 10.67 8.76
N GLU A 30 -3.42 10.01 9.76
CA GLU A 30 -2.02 10.26 10.13
C GLU A 30 -1.09 9.85 9.00
N LEU A 31 -1.39 8.70 8.40
CA LEU A 31 -0.56 8.17 7.32
C LEU A 31 -0.51 9.06 6.10
N LYS A 32 -1.56 9.83 5.89
CA LYS A 32 -1.61 10.80 4.78
C LYS A 32 -0.60 11.92 4.97
N ASN A 33 -0.17 12.14 6.20
CA ASN A 33 0.79 13.19 6.53
C ASN A 33 2.19 12.61 6.75
N ILE A 34 2.32 11.29 6.66
CA ILE A 34 3.60 10.64 6.92
C ILE A 34 4.39 10.43 5.63
N PRO A 35 5.68 10.83 5.61
CA PRO A 35 6.59 10.64 4.47
C PRO A 35 7.03 9.17 4.34
N MET A 36 6.09 8.33 3.96
CA MET A 36 6.34 6.90 3.74
C MET A 36 7.41 6.72 2.67
N THR A 37 8.17 5.64 2.81
CA THR A 37 9.25 5.33 1.89
C THR A 37 9.08 3.87 1.50
N LEU A 38 9.84 3.40 0.53
CA LEU A 38 9.73 2.01 0.10
C LEU A 38 10.31 1.19 1.24
N GLU A 39 11.35 1.74 1.84
CA GLU A 39 12.06 1.12 2.95
C GLU A 39 11.10 0.81 4.09
N LEU A 40 10.17 1.73 4.32
CA LEU A 40 9.19 1.57 5.37
C LEU A 40 8.17 0.51 5.02
N LEU A 41 7.80 0.41 3.77
CA LEU A 41 6.80 -0.56 3.37
C LEU A 41 7.38 -1.93 3.56
N GLN A 42 8.66 -2.06 3.31
CA GLN A 42 9.35 -3.34 3.49
C GLN A 42 9.41 -3.72 4.97
N SER A 43 9.95 -2.86 5.81
CA SER A 43 10.09 -3.18 7.23
C SER A 43 8.76 -3.31 7.99
N THR A 44 7.84 -2.40 7.73
CA THR A 44 6.59 -2.33 8.51
C THR A 44 5.41 -3.07 7.87
N ARG A 45 5.53 -3.37 6.57
CA ARG A 45 4.46 -4.01 5.76
C ARG A 45 3.13 -3.27 5.92
N ILE A 46 3.21 -1.96 6.11
CA ILE A 46 2.00 -1.18 6.32
C ILE A 46 1.17 -1.12 5.06
N GLY A 47 1.80 -1.35 3.92
CA GLY A 47 1.06 -1.37 2.67
C GLY A 47 -0.03 -2.42 2.75
N MET A 48 0.29 -3.57 3.33
CA MET A 48 -0.67 -4.65 3.45
C MET A 48 -1.72 -4.33 4.51
N SER A 49 -1.31 -3.67 5.59
CA SER A 49 -2.27 -3.29 6.64
C SER A 49 -3.30 -2.31 6.11
N VAL A 50 -2.86 -1.25 5.46
CA VAL A 50 -3.77 -0.29 4.85
C VAL A 50 -4.65 -0.98 3.80
N ASN A 51 -4.05 -1.85 3.00
CA ASN A 51 -4.81 -2.59 1.97
C ASN A 51 -5.86 -3.51 2.61
N ALA A 52 -5.53 -4.09 3.76
CA ALA A 52 -6.46 -4.95 4.47
C ALA A 52 -7.63 -4.12 4.99
N ILE A 53 -7.36 -2.94 5.54
CA ILE A 53 -8.42 -2.06 6.04
C ILE A 53 -9.35 -1.69 4.90
N ARG A 54 -8.78 -1.43 3.74
CA ARG A 54 -9.56 -1.06 2.57
C ARG A 54 -10.62 -2.11 2.20
N LYS A 55 -10.33 -3.38 2.44
CA LYS A 55 -11.26 -4.46 2.10
C LYS A 55 -12.07 -4.96 3.30
N GLN A 56 -11.61 -4.62 4.49
CA GLN A 56 -12.25 -5.03 5.76
C GLN A 56 -13.07 -3.91 6.41
N SER A 57 -13.27 -2.81 5.71
CA SER A 57 -14.06 -1.70 6.24
C SER A 57 -15.26 -1.39 5.36
N THR A 58 -16.38 -1.09 6.00
CA THR A 58 -17.60 -0.70 5.29
C THR A 58 -17.72 0.82 5.33
N ASP A 59 -16.79 1.45 6.03
CA ASP A 59 -16.75 2.91 6.16
C ASP A 59 -16.08 3.45 4.90
N GLU A 60 -16.80 4.24 4.12
CA GLU A 60 -16.23 4.73 2.87
C GLU A 60 -15.15 5.77 3.09
N GLU A 61 -15.23 6.57 4.14
CA GLU A 61 -14.17 7.53 4.41
C GLU A 61 -12.88 6.75 4.69
N VAL A 62 -12.98 5.63 5.42
CA VAL A 62 -11.80 4.83 5.70
C VAL A 62 -11.26 4.23 4.42
N THR A 63 -12.12 3.66 3.59
CA THR A 63 -11.63 3.06 2.36
C THR A 63 -11.07 4.13 1.43
N SER A 64 -11.63 5.32 1.44
CA SER A 64 -11.14 6.43 0.64
C SER A 64 -9.77 6.90 1.11
N LEU A 65 -9.58 6.94 2.41
CA LEU A 65 -8.28 7.33 2.95
C LEU A 65 -7.29 6.23 2.56
N ALA A 66 -7.67 4.99 2.80
CA ALA A 66 -6.78 3.85 2.54
C ALA A 66 -6.43 3.70 1.06
N LYS A 67 -7.41 3.80 0.18
CA LYS A 67 -7.16 3.68 -1.27
C LYS A 67 -6.23 4.79 -1.74
N SER A 68 -6.27 5.93 -1.06
CA SER A 68 -5.37 7.05 -1.35
C SER A 68 -3.93 6.66 -1.01
N LEU A 69 -3.71 6.13 0.19
CA LEU A 69 -2.39 5.71 0.58
C LEU A 69 -1.80 4.66 -0.32
N ILE A 70 -2.58 3.67 -0.72
CA ILE A 70 -2.03 2.59 -1.56
C ILE A 70 -1.44 3.19 -2.85
N LYS A 71 -2.13 4.12 -3.48
CA LYS A 71 -1.60 4.73 -4.70
C LYS A 71 -0.38 5.59 -4.40
N SER A 72 -0.45 6.37 -3.33
CA SER A 72 0.65 7.26 -2.95
C SER A 72 1.90 6.49 -2.55
N TRP A 73 1.71 5.31 -1.99
CA TRP A 73 2.81 4.46 -1.57
C TRP A 73 3.36 3.58 -2.70
N LYS A 74 2.55 3.34 -3.71
CA LYS A 74 2.97 2.47 -4.84
C LYS A 74 4.04 3.18 -5.64
N LYS A 75 4.00 4.50 -5.64
CA LYS A 75 5.01 5.31 -6.32
C LYS A 75 6.39 5.15 -5.68
N LEU A 76 6.44 4.61 -4.47
CA LEU A 76 7.70 4.42 -3.76
C LEU A 76 8.43 3.21 -4.31
N LEU A 77 7.68 2.18 -4.65
CA LEU A 77 8.23 0.96 -5.25
C LEU A 77 8.84 1.28 -6.57
N ASP A 78 8.09 2.09 -7.30
CA ASP A 78 8.42 2.35 -8.67
C ASP A 78 9.50 3.41 -8.84
N GLY A 79 9.50 4.39 -7.94
CA GLY A 79 10.43 5.51 -8.02
C GLY A 79 9.80 6.65 -8.81
N GLY A 80 8.72 6.33 -9.50
CA GLY A 80 7.98 7.29 -10.30
C GLY A 80 6.53 6.91 -10.26
N SER A 81 5.79 7.20 -11.31
CA SER A 81 4.37 6.85 -11.40
C SER A 81 4.06 6.48 -12.84
N GLY A 82 5.03 5.82 -13.46
CA GLY A 82 4.93 5.49 -14.87
C GLY A 82 5.39 6.69 -15.70
N SER A 83 5.55 6.49 -17.00
CA SER A 83 5.98 7.57 -17.89
C SER A 83 4.78 8.34 -18.46
N GLY A 84 3.59 7.79 -18.27
CA GLY A 84 2.37 8.39 -18.78
C GLY A 84 1.80 7.56 -19.92
N SER A 85 0.51 7.67 -20.16
CA SER A 85 -0.17 6.86 -21.17
C SER A 85 0.32 7.15 -22.58
N GLY A 86 0.77 8.39 -22.81
CA GLY A 86 1.27 8.77 -24.13
C GLY A 86 2.60 8.12 -24.47
N SER A 87 3.26 7.55 -23.48
CA SER A 87 4.54 6.88 -23.68
C SER A 87 4.37 5.38 -23.89
N GLY A 88 3.14 4.90 -23.78
CA GLY A 88 2.90 3.48 -23.92
C GLY A 88 3.24 2.76 -22.63
N SER A 89 3.64 1.49 -22.74
CA SER A 89 4.00 0.68 -21.59
C SER A 89 5.08 -0.29 -22.08
N SER A 90 5.81 -0.89 -21.16
CA SER A 90 6.89 -1.82 -21.51
C SER A 90 7.04 -2.82 -20.37
N GLY A 91 7.52 -4.01 -20.70
CA GLY A 91 7.81 -5.03 -19.70
C GLY A 91 9.29 -4.97 -19.38
N GLU A 92 9.79 -6.00 -18.72
CA GLU A 92 11.19 -6.17 -18.28
C GLU A 92 11.56 -5.23 -17.11
N LEU A 93 12.40 -5.74 -16.21
CA LEU A 93 12.80 -5.08 -14.94
C LEU A 93 11.55 -4.80 -14.09
N SER A 94 10.52 -5.60 -14.30
CA SER A 94 9.25 -5.48 -13.59
C SER A 94 9.30 -5.99 -12.15
N ASP A 95 10.45 -5.93 -11.50
CA ASP A 95 10.61 -6.46 -10.15
C ASP A 95 9.73 -5.77 -9.12
N LYS A 96 9.32 -4.55 -9.44
CA LYS A 96 8.41 -3.78 -8.58
C LYS A 96 7.08 -4.51 -8.39
N LYS A 97 6.76 -5.41 -9.32
CA LYS A 97 5.55 -6.22 -9.26
C LYS A 97 5.67 -7.24 -8.13
N ASN A 98 6.86 -7.80 -7.97
CA ASN A 98 7.13 -8.78 -6.92
C ASN A 98 7.21 -8.07 -5.58
N GLU A 99 7.86 -6.92 -5.59
CA GLU A 99 8.01 -6.09 -4.40
C GLU A 99 6.62 -5.73 -3.84
N GLU A 100 5.71 -5.34 -4.72
CA GLU A 100 4.36 -4.98 -4.31
C GLU A 100 3.58 -6.15 -3.73
N LYS A 101 3.79 -7.33 -4.27
CA LYS A 101 3.07 -8.53 -3.83
C LYS A 101 3.28 -8.76 -2.35
N ASP A 102 4.52 -8.59 -1.91
CA ASP A 102 4.88 -8.80 -0.51
C ASP A 102 4.46 -7.64 0.39
N LEU A 103 4.60 -6.43 -0.13
CA LEU A 103 4.35 -5.23 0.66
C LEU A 103 2.90 -4.80 0.78
N PHE A 104 2.11 -5.13 -0.22
CA PHE A 104 0.70 -4.72 -0.28
C PHE A 104 -0.27 -5.85 -0.53
N GLY A 105 0.06 -6.70 -1.50
CA GLY A 105 -0.86 -7.77 -1.88
C GLY A 105 -2.08 -7.17 -2.55
N SER A 106 -1.87 -6.20 -3.42
CA SER A 106 -2.96 -5.54 -4.14
C SER A 106 -3.15 -6.25 -5.47
N ASP A 107 -3.54 -7.50 -5.40
CA ASP A 107 -3.69 -8.38 -6.56
C ASP A 107 -4.45 -7.74 -7.71
N SER A 108 -5.55 -7.08 -7.38
CA SER A 108 -6.38 -6.36 -8.36
C SER A 108 -6.81 -7.21 -9.56
N GLU A 109 -7.27 -8.42 -9.28
CA GLU A 109 -7.75 -9.36 -10.30
C GLU A 109 -6.62 -9.62 -11.32
N SER A 110 -6.87 -9.39 -12.60
CA SER A 110 -5.88 -9.57 -13.67
C SER A 110 -5.31 -11.01 -13.73
N GLY A 111 -4.23 -11.19 -14.48
CA GLY A 111 -3.60 -12.50 -14.57
C GLY A 111 -2.63 -12.58 -15.73
N ASN A 112 -3.14 -12.41 -16.95
CA ASN A 112 -2.32 -12.43 -18.15
C ASN A 112 -2.93 -11.43 -19.12
N GLU A 113 -2.11 -10.90 -20.02
CA GLU A 113 -2.55 -9.94 -21.02
C GLU A 113 -1.67 -10.17 -22.25
N GLU A 114 -1.44 -11.46 -22.51
CA GLU A 114 -0.60 -11.95 -23.61
C GLU A 114 0.86 -11.46 -23.56
N GLU A 115 1.27 -11.05 -22.36
CA GLU A 115 2.64 -10.63 -22.09
C GLU A 115 3.53 -11.86 -22.32
N ASN A 116 4.61 -11.70 -23.09
CA ASN A 116 5.52 -12.78 -23.45
C ASN A 116 6.90 -12.18 -23.54
N MET A 1 11.23 6.45 12.49
CA MET A 1 9.74 6.35 12.40
C MET A 1 9.29 4.95 11.98
N GLU A 2 10.21 3.99 11.85
CA GLU A 2 9.81 2.64 11.46
C GLU A 2 8.84 2.10 12.48
N ASP A 3 9.19 2.32 13.74
CA ASP A 3 8.38 1.91 14.87
C ASP A 3 7.01 2.56 14.89
N GLU A 4 6.91 3.80 14.44
CA GLU A 4 5.63 4.49 14.41
C GLU A 4 4.73 3.87 13.36
N VAL A 5 5.31 3.54 12.22
CA VAL A 5 4.52 2.96 11.14
C VAL A 5 4.12 1.53 11.53
N VAL A 6 5.04 0.79 12.13
CA VAL A 6 4.74 -0.52 12.69
C VAL A 6 3.56 -0.37 13.64
N ARG A 7 3.61 0.62 14.53
CA ARG A 7 2.53 0.85 15.49
C ARG A 7 1.21 1.06 14.76
N PHE A 8 1.20 1.88 13.73
CA PHE A 8 -0.01 2.09 12.94
C PHE A 8 -0.55 0.80 12.33
N ALA A 9 0.30 -0.01 11.72
CA ALA A 9 -0.17 -1.26 11.12
C ALA A 9 -0.73 -2.18 12.21
N LYS A 10 -0.04 -2.30 13.33
CA LYS A 10 -0.51 -3.21 14.37
C LYS A 10 -1.80 -2.72 15.01
N LYS A 11 -2.03 -1.40 14.99
CA LYS A 11 -3.32 -0.86 15.42
C LYS A 11 -4.37 -1.29 14.38
N MET A 12 -4.05 -1.14 13.10
CA MET A 12 -4.98 -1.51 12.00
C MET A 12 -5.33 -2.99 12.02
N ASP A 13 -4.35 -3.87 12.11
CA ASP A 13 -4.63 -5.29 12.05
C ASP A 13 -5.50 -5.76 13.23
N LYS A 14 -5.40 -5.11 14.37
CA LYS A 14 -6.28 -5.46 15.49
C LYS A 14 -7.72 -5.14 15.09
N MET A 15 -7.91 -4.11 14.28
CA MET A 15 -9.23 -3.75 13.81
C MET A 15 -9.77 -4.75 12.78
N VAL A 16 -8.91 -5.27 11.92
CA VAL A 16 -9.35 -6.23 10.90
C VAL A 16 -9.82 -7.51 11.57
N GLN A 17 -9.20 -7.88 12.68
CA GLN A 17 -9.58 -9.08 13.43
C GLN A 17 -11.00 -8.97 14.00
N LYS A 18 -11.35 -7.81 14.54
CA LYS A 18 -12.71 -7.61 15.07
C LYS A 18 -13.70 -7.17 13.99
N LYS A 19 -13.21 -7.10 12.75
CA LYS A 19 -14.01 -6.66 11.59
C LYS A 19 -14.70 -5.31 11.81
N ASN A 20 -14.03 -4.45 12.56
CA ASN A 20 -14.56 -3.13 12.88
C ASN A 20 -13.42 -2.13 12.67
N ALA A 21 -13.20 -1.78 11.42
CA ALA A 21 -12.09 -0.91 11.05
C ALA A 21 -12.47 0.57 10.95
N ALA A 22 -13.60 0.96 11.50
CA ALA A 22 -14.02 2.37 11.49
C ALA A 22 -12.94 3.28 12.11
N GLY A 23 -12.34 2.79 13.20
CA GLY A 23 -11.29 3.55 13.88
C GLY A 23 -10.05 3.81 13.03
N ALA A 24 -9.87 3.03 11.98
CA ALA A 24 -8.74 3.18 11.09
C ALA A 24 -8.75 4.53 10.38
N LEU A 25 -9.91 5.19 10.36
CA LEU A 25 -10.02 6.52 9.76
C LEU A 25 -8.94 7.43 10.29
N ASP A 26 -8.82 7.44 11.60
CA ASP A 26 -7.88 8.31 12.27
C ASP A 26 -6.44 7.88 12.01
N LEU A 27 -6.21 6.59 11.82
CA LEU A 27 -4.85 6.12 11.58
C LEU A 27 -4.43 6.55 10.18
N LEU A 28 -5.30 6.33 9.22
CA LEU A 28 -5.04 6.64 7.83
C LEU A 28 -4.90 8.14 7.61
N LYS A 29 -5.64 8.94 8.36
CA LYS A 29 -5.46 10.40 8.36
C LYS A 29 -4.00 10.76 8.65
N GLU A 30 -3.42 10.16 9.68
CA GLU A 30 -2.04 10.47 10.06
C GLU A 30 -1.06 10.00 8.99
N LEU A 31 -1.33 8.84 8.40
CA LEU A 31 -0.47 8.29 7.36
C LEU A 31 -0.35 9.18 6.13
N LYS A 32 -1.33 10.04 5.91
CA LYS A 32 -1.28 10.96 4.77
C LYS A 32 -0.30 12.10 5.00
N ASN A 33 0.13 12.29 6.24
CA ASN A 33 1.10 13.34 6.56
C ASN A 33 2.50 12.74 6.80
N ILE A 34 2.55 11.43 6.94
CA ILE A 34 3.81 10.75 7.20
C ILE A 34 4.59 10.51 5.90
N PRO A 35 5.89 10.86 5.88
CA PRO A 35 6.77 10.63 4.73
C PRO A 35 7.15 9.15 4.59
N MET A 36 6.17 8.35 4.16
CA MET A 36 6.38 6.93 3.92
C MET A 36 7.41 6.76 2.81
N THR A 37 8.19 5.71 2.90
CA THR A 37 9.24 5.42 1.93
C THR A 37 9.13 3.97 1.53
N LEU A 38 9.89 3.56 0.53
CA LEU A 38 9.95 2.16 0.11
C LEU A 38 10.48 1.36 1.30
N GLU A 39 11.47 1.92 1.97
CA GLU A 39 12.13 1.21 3.08
C GLU A 39 11.12 0.92 4.18
N LEU A 40 10.27 1.89 4.45
CA LEU A 40 9.26 1.74 5.48
C LEU A 40 8.28 0.64 5.11
N LEU A 41 7.89 0.58 3.84
CA LEU A 41 6.89 -0.39 3.41
C LEU A 41 7.43 -1.80 3.51
N GLN A 42 8.73 -1.93 3.33
CA GLN A 42 9.38 -3.24 3.43
C GLN A 42 9.39 -3.73 4.89
N SER A 43 9.93 -2.94 5.79
CA SER A 43 10.04 -3.34 7.20
C SER A 43 8.73 -3.38 7.97
N THR A 44 7.87 -2.39 7.76
CA THR A 44 6.63 -2.27 8.55
C THR A 44 5.48 -3.03 7.91
N ARG A 45 5.62 -3.27 6.60
CA ARG A 45 4.63 -3.96 5.77
C ARG A 45 3.23 -3.36 5.92
N ILE A 46 3.21 -2.05 6.13
CA ILE A 46 1.97 -1.33 6.34
C ILE A 46 1.12 -1.25 5.08
N GLY A 47 1.74 -1.40 3.91
CA GLY A 47 1.00 -1.37 2.68
C GLY A 47 -0.09 -2.43 2.70
N MET A 48 0.24 -3.59 3.25
CA MET A 48 -0.70 -4.69 3.33
C MET A 48 -1.78 -4.43 4.39
N SER A 49 -1.40 -3.81 5.49
CA SER A 49 -2.37 -3.47 6.54
C SER A 49 -3.40 -2.47 6.02
N VAL A 50 -2.94 -1.39 5.42
CA VAL A 50 -3.86 -0.42 4.81
C VAL A 50 -4.72 -1.08 3.73
N ASN A 51 -4.13 -1.94 2.92
CA ASN A 51 -4.90 -2.63 1.88
C ASN A 51 -5.98 -3.53 2.50
N ALA A 52 -5.67 -4.16 3.62
CA ALA A 52 -6.63 -4.99 4.32
C ALA A 52 -7.75 -4.12 4.88
N ILE A 53 -7.42 -2.97 5.44
CA ILE A 53 -8.43 -2.07 6.00
C ILE A 53 -9.43 -1.68 4.91
N ARG A 54 -8.95 -1.43 3.70
CA ARG A 54 -9.83 -1.06 2.58
C ARG A 54 -10.93 -2.10 2.34
N LYS A 55 -10.61 -3.37 2.54
CA LYS A 55 -11.58 -4.45 2.28
C LYS A 55 -12.29 -4.98 3.52
N GLN A 56 -11.75 -4.60 4.66
CA GLN A 56 -12.31 -4.97 5.98
C GLN A 56 -13.09 -3.84 6.66
N SER A 57 -13.32 -2.76 5.94
CA SER A 57 -14.08 -1.62 6.47
C SER A 57 -15.32 -1.35 5.62
N THR A 58 -16.41 -1.02 6.29
CA THR A 58 -17.65 -0.65 5.61
C THR A 58 -17.73 0.86 5.49
N ASP A 59 -16.96 1.52 6.35
CA ASP A 59 -16.89 2.98 6.39
C ASP A 59 -16.19 3.45 5.11
N GLU A 60 -16.87 4.21 4.27
CA GLU A 60 -16.27 4.62 3.01
C GLU A 60 -15.17 5.66 3.20
N GLU A 61 -15.26 6.46 4.24
CA GLU A 61 -14.21 7.43 4.52
C GLU A 61 -12.91 6.67 4.70
N VAL A 62 -12.97 5.52 5.35
CA VAL A 62 -11.81 4.73 5.63
C VAL A 62 -11.28 4.08 4.35
N THR A 63 -12.15 3.51 3.53
CA THR A 63 -11.70 2.89 2.29
C THR A 63 -11.12 3.96 1.38
N SER A 64 -11.70 5.16 1.40
CA SER A 64 -11.22 6.26 0.58
C SER A 64 -9.89 6.79 1.08
N LEU A 65 -9.69 6.82 2.39
CA LEU A 65 -8.41 7.23 2.91
C LEU A 65 -7.38 6.16 2.54
N ALA A 66 -7.73 4.91 2.76
CA ALA A 66 -6.82 3.80 2.53
C ALA A 66 -6.45 3.63 1.05
N LYS A 67 -7.43 3.70 0.14
CA LYS A 67 -7.13 3.56 -1.29
C LYS A 67 -6.18 4.67 -1.75
N SER A 68 -6.25 5.82 -1.09
CA SER A 68 -5.37 6.94 -1.39
C SER A 68 -3.94 6.58 -1.06
N LEU A 69 -3.70 6.02 0.12
CA LEU A 69 -2.36 5.63 0.48
C LEU A 69 -1.80 4.58 -0.45
N ILE A 70 -2.58 3.57 -0.82
CA ILE A 70 -2.04 2.51 -1.68
C ILE A 70 -1.50 3.09 -2.98
N LYS A 71 -2.28 3.92 -3.66
CA LYS A 71 -1.83 4.50 -4.94
C LYS A 71 -0.67 5.47 -4.77
N SER A 72 -0.61 6.18 -3.65
CA SER A 72 0.49 7.13 -3.42
C SER A 72 1.78 6.41 -3.00
N TRP A 73 1.64 5.45 -2.11
CA TRP A 73 2.77 4.66 -1.61
C TRP A 73 3.37 3.77 -2.68
N LYS A 74 2.58 3.48 -3.70
CA LYS A 74 3.03 2.59 -4.79
C LYS A 74 4.14 3.28 -5.56
N LYS A 75 4.11 4.60 -5.59
CA LYS A 75 5.16 5.36 -6.29
C LYS A 75 6.52 5.19 -5.62
N LEU A 76 6.53 4.75 -4.37
CA LEU A 76 7.77 4.61 -3.62
C LEU A 76 8.61 3.43 -4.08
N LEU A 77 7.96 2.30 -4.30
CA LEU A 77 8.67 1.08 -4.72
C LEU A 77 8.95 1.12 -6.21
N ASP A 78 8.13 1.85 -6.94
CA ASP A 78 8.22 1.92 -8.41
C ASP A 78 9.32 2.88 -8.89
N GLY A 79 10.13 3.38 -7.96
CA GLY A 79 11.19 4.31 -8.32
C GLY A 79 12.25 3.73 -9.24
N GLY A 80 12.94 4.60 -9.96
CA GLY A 80 13.98 4.14 -10.87
C GLY A 80 15.12 3.50 -10.11
N SER A 81 15.58 2.35 -10.57
CA SER A 81 16.63 1.59 -9.89
C SER A 81 18.00 1.79 -10.54
N GLY A 82 18.09 2.76 -11.43
CA GLY A 82 19.33 3.01 -12.15
C GLY A 82 19.33 2.29 -13.48
N SER A 83 20.50 2.07 -14.05
CA SER A 83 20.63 1.40 -15.34
C SER A 83 20.82 -0.09 -15.12
N GLY A 84 20.28 -0.90 -16.02
CA GLY A 84 20.39 -2.35 -15.91
C GLY A 84 19.07 -3.00 -15.53
N SER A 85 18.06 -2.78 -16.36
CA SER A 85 16.71 -3.29 -16.10
C SER A 85 16.59 -4.82 -16.04
N GLY A 86 17.52 -5.53 -16.64
CA GLY A 86 17.48 -6.98 -16.63
C GLY A 86 18.09 -7.57 -17.89
N SER A 87 17.89 -8.86 -18.08
CA SER A 87 18.40 -9.56 -19.27
C SER A 87 17.56 -9.23 -20.49
N GLY A 88 18.15 -9.38 -21.68
CA GLY A 88 17.45 -9.08 -22.91
C GLY A 88 17.19 -10.30 -23.78
N SER A 89 15.95 -10.45 -24.19
CA SER A 89 15.43 -11.53 -25.05
C SER A 89 13.94 -11.22 -24.99
N SER A 90 13.09 -12.13 -25.44
CA SER A 90 11.65 -11.95 -25.26
C SER A 90 11.37 -12.21 -23.77
N GLY A 91 10.33 -11.58 -23.24
CA GLY A 91 9.98 -11.73 -21.85
C GLY A 91 9.77 -10.36 -21.24
N GLU A 92 9.15 -10.31 -20.07
CA GLU A 92 8.80 -9.05 -19.43
C GLU A 92 9.57 -8.87 -18.14
N LEU A 93 10.07 -7.65 -17.92
CA LEU A 93 10.82 -7.32 -16.72
C LEU A 93 9.90 -6.45 -15.86
N SER A 94 9.58 -6.92 -14.66
CA SER A 94 8.62 -6.21 -13.80
C SER A 94 8.86 -6.44 -12.31
N ASP A 95 10.09 -6.25 -11.87
CA ASP A 95 10.46 -6.45 -10.47
C ASP A 95 9.59 -5.64 -9.51
N LYS A 96 9.11 -4.50 -9.95
CA LYS A 96 8.29 -3.64 -9.09
C LYS A 96 6.96 -4.29 -8.73
N LYS A 97 6.45 -5.16 -9.61
CA LYS A 97 5.20 -5.86 -9.33
C LYS A 97 5.48 -6.96 -8.32
N ASN A 98 6.67 -7.56 -8.42
CA ASN A 98 7.08 -8.62 -7.49
C ASN A 98 7.23 -8.02 -6.10
N GLU A 99 7.81 -6.83 -6.03
CA GLU A 99 7.98 -6.12 -4.75
C GLU A 99 6.59 -5.86 -4.15
N GLU A 100 5.72 -5.24 -4.93
CA GLU A 100 4.37 -4.89 -4.48
C GLU A 100 3.58 -6.09 -3.96
N LYS A 101 3.79 -7.25 -4.57
CA LYS A 101 3.11 -8.48 -4.15
C LYS A 101 3.33 -8.74 -2.68
N ASP A 102 4.55 -8.53 -2.21
CA ASP A 102 4.89 -8.76 -0.81
C ASP A 102 4.55 -7.57 0.06
N LEU A 103 4.70 -6.37 -0.47
CA LEU A 103 4.51 -5.15 0.32
C LEU A 103 3.05 -4.74 0.53
N PHE A 104 2.20 -5.07 -0.44
CA PHE A 104 0.79 -4.68 -0.41
C PHE A 104 -0.15 -5.85 -0.68
N GLY A 105 0.18 -6.64 -1.70
CA GLY A 105 -0.69 -7.73 -2.08
C GLY A 105 -1.99 -7.16 -2.64
N SER A 106 -1.87 -6.22 -3.57
CA SER A 106 -3.04 -5.55 -4.13
C SER A 106 -3.87 -6.44 -5.05
N ASP A 107 -3.37 -7.63 -5.36
CA ASP A 107 -4.06 -8.60 -6.23
C ASP A 107 -5.46 -8.91 -5.71
N SER A 108 -6.46 -8.41 -6.42
CA SER A 108 -7.86 -8.67 -6.07
C SER A 108 -8.73 -8.59 -7.32
N GLU A 109 -8.61 -7.49 -8.04
CA GLU A 109 -9.39 -7.24 -9.25
C GLU A 109 -9.03 -8.26 -10.35
N SER A 110 -7.76 -8.64 -10.40
CA SER A 110 -7.26 -9.69 -11.30
C SER A 110 -7.69 -9.58 -12.78
N GLY A 111 -7.70 -8.38 -13.30
CA GLY A 111 -8.09 -8.15 -14.68
C GLY A 111 -7.16 -7.14 -15.32
N ASN A 112 -7.61 -6.47 -16.38
CA ASN A 112 -6.81 -5.45 -17.04
C ASN A 112 -7.69 -4.21 -17.16
N GLU A 113 -7.10 -3.06 -16.93
CA GLU A 113 -7.80 -1.78 -17.04
C GLU A 113 -6.79 -0.74 -17.54
N GLU A 114 -5.62 -0.73 -16.93
CA GLU A 114 -4.54 0.18 -17.30
C GLU A 114 -3.56 -0.42 -18.33
N GLU A 115 -4.04 -0.63 -19.56
CA GLU A 115 -3.16 -1.14 -20.62
C GLU A 115 -2.03 -0.12 -20.86
N ASN A 116 -0.79 -0.58 -20.87
CA ASN A 116 0.39 0.27 -21.03
C ASN A 116 1.53 -0.62 -21.49
N MET A 1 11.21 6.98 12.25
CA MET A 1 9.73 6.77 12.33
C MET A 1 9.36 5.34 11.99
N GLU A 2 10.28 4.38 12.10
CA GLU A 2 9.95 3.00 11.72
C GLU A 2 8.88 2.43 12.64
N ASP A 3 9.11 2.49 13.94
CA ASP A 3 8.17 1.94 14.89
C ASP A 3 6.86 2.71 14.84
N GLU A 4 6.91 3.98 14.47
CA GLU A 4 5.71 4.80 14.36
C GLU A 4 4.76 4.18 13.34
N VAL A 5 5.31 3.76 12.20
CA VAL A 5 4.51 3.14 11.16
C VAL A 5 4.04 1.76 11.62
N VAL A 6 4.93 1.02 12.27
CA VAL A 6 4.57 -0.27 12.88
C VAL A 6 3.37 -0.11 13.83
N ARG A 7 3.33 0.96 14.62
CA ARG A 7 2.19 1.20 15.52
C ARG A 7 0.91 1.24 14.71
N PHE A 8 0.91 2.01 13.64
CA PHE A 8 -0.26 2.11 12.78
C PHE A 8 -0.62 0.74 12.20
N ALA A 9 0.35 0.04 11.63
CA ALA A 9 0.09 -1.27 11.02
C ALA A 9 -0.49 -2.27 12.03
N LYS A 10 0.11 -2.34 13.21
CA LYS A 10 -0.34 -3.28 14.24
C LYS A 10 -1.68 -2.91 14.84
N LYS A 11 -2.04 -1.63 14.86
CA LYS A 11 -3.36 -1.22 15.34
C LYS A 11 -4.37 -1.66 14.27
N MET A 12 -4.06 -1.38 13.00
CA MET A 12 -4.95 -1.74 11.89
C MET A 12 -5.20 -3.24 11.82
N ASP A 13 -4.14 -4.01 11.95
CA ASP A 13 -4.22 -5.47 11.90
C ASP A 13 -5.21 -6.02 12.95
N LYS A 14 -5.29 -5.36 14.08
CA LYS A 14 -6.21 -5.79 15.14
C LYS A 14 -7.64 -5.42 14.81
N MET A 15 -7.83 -4.31 14.10
CA MET A 15 -9.18 -3.91 13.68
C MET A 15 -9.65 -4.91 12.63
N VAL A 16 -8.70 -5.34 11.82
CA VAL A 16 -8.94 -6.32 10.76
C VAL A 16 -9.38 -7.64 11.39
N GLN A 17 -8.67 -8.09 12.41
CA GLN A 17 -9.02 -9.33 13.09
C GLN A 17 -10.39 -9.24 13.76
N LYS A 18 -10.69 -8.08 14.34
CA LYS A 18 -11.99 -7.87 15.01
C LYS A 18 -13.11 -7.51 14.05
N LYS A 19 -12.80 -7.45 12.76
CA LYS A 19 -13.76 -7.14 11.70
C LYS A 19 -14.48 -5.80 11.94
N ASN A 20 -13.76 -4.85 12.53
CA ASN A 20 -14.30 -3.53 12.82
C ASN A 20 -13.22 -2.50 12.57
N ALA A 21 -13.07 -2.11 11.32
CA ALA A 21 -12.02 -1.17 10.92
C ALA A 21 -12.50 0.28 10.82
N ALA A 22 -13.64 0.60 11.42
CA ALA A 22 -14.14 1.99 11.42
C ALA A 22 -13.10 2.92 12.08
N GLY A 23 -12.49 2.42 13.15
CA GLY A 23 -11.48 3.19 13.88
C GLY A 23 -10.23 3.51 13.06
N ALA A 24 -10.02 2.77 11.98
CA ALA A 24 -8.84 2.95 11.13
C ALA A 24 -8.84 4.31 10.47
N LEU A 25 -9.99 4.96 10.47
CA LEU A 25 -10.12 6.29 9.89
C LEU A 25 -9.04 7.21 10.40
N ASP A 26 -8.82 7.20 11.70
CA ASP A 26 -7.93 8.15 12.29
C ASP A 26 -6.50 7.82 11.92
N LEU A 27 -6.23 6.53 11.78
CA LEU A 27 -4.89 6.05 11.48
C LEU A 27 -4.47 6.45 10.09
N LEU A 28 -5.40 6.31 9.16
CA LEU A 28 -5.12 6.61 7.77
C LEU A 28 -4.96 8.11 7.60
N LYS A 29 -5.64 8.89 8.43
CA LYS A 29 -5.52 10.34 8.40
C LYS A 29 -4.08 10.75 8.76
N GLU A 30 -3.51 10.13 9.78
CA GLU A 30 -2.12 10.44 10.16
C GLU A 30 -1.17 9.99 9.07
N LEU A 31 -1.46 8.83 8.49
CA LEU A 31 -0.61 8.26 7.43
C LEU A 31 -0.50 9.15 6.21
N LYS A 32 -1.51 9.97 5.96
CA LYS A 32 -1.47 10.93 4.85
C LYS A 32 -0.39 11.98 5.06
N ASN A 33 0.00 12.20 6.31
CA ASN A 33 1.00 13.21 6.67
C ASN A 33 2.38 12.60 6.88
N ILE A 34 2.47 11.28 6.77
CA ILE A 34 3.73 10.58 7.03
C ILE A 34 4.51 10.37 5.74
N PRO A 35 5.81 10.75 5.72
CA PRO A 35 6.71 10.56 4.58
C PRO A 35 7.11 9.09 4.40
N MET A 36 6.14 8.28 4.01
CA MET A 36 6.36 6.86 3.78
C MET A 36 7.40 6.65 2.68
N THR A 37 8.19 5.60 2.82
CA THR A 37 9.24 5.27 1.87
C THR A 37 9.09 3.81 1.51
N LEU A 38 9.78 3.38 0.46
CA LEU A 38 9.78 1.96 0.07
C LEU A 38 10.36 1.17 1.24
N GLU A 39 11.34 1.75 1.88
CA GLU A 39 12.04 1.10 3.00
C GLU A 39 11.06 0.78 4.12
N LEU A 40 10.17 1.72 4.39
CA LEU A 40 9.16 1.53 5.41
C LEU A 40 8.16 0.47 5.01
N LEU A 41 7.80 0.43 3.75
CA LEU A 41 6.82 -0.54 3.29
C LEU A 41 7.40 -1.94 3.41
N GLN A 42 8.70 -2.05 3.24
CA GLN A 42 9.38 -3.34 3.39
C GLN A 42 9.43 -3.76 4.86
N SER A 43 9.96 -2.91 5.73
CA SER A 43 10.11 -3.26 7.14
C SER A 43 8.79 -3.36 7.91
N THR A 44 7.91 -2.40 7.71
CA THR A 44 6.67 -2.31 8.51
C THR A 44 5.48 -3.03 7.86
N ARG A 45 5.59 -3.31 6.56
CA ARG A 45 4.51 -3.95 5.75
C ARG A 45 3.18 -3.24 5.95
N ILE A 46 3.24 -1.93 6.13
CA ILE A 46 2.03 -1.14 6.35
C ILE A 46 1.19 -1.11 5.07
N GLY A 47 1.81 -1.34 3.93
CA GLY A 47 1.06 -1.37 2.69
C GLY A 47 -0.02 -2.43 2.75
N MET A 48 0.30 -3.59 3.32
CA MET A 48 -0.65 -4.67 3.41
C MET A 48 -1.70 -4.36 4.48
N SER A 49 -1.29 -3.69 5.55
CA SER A 49 -2.22 -3.31 6.61
C SER A 49 -3.28 -2.34 6.08
N VAL A 50 -2.84 -1.28 5.43
CA VAL A 50 -3.78 -0.31 4.84
C VAL A 50 -4.65 -0.99 3.78
N ASN A 51 -4.06 -1.89 2.99
CA ASN A 51 -4.84 -2.64 1.99
C ASN A 51 -5.96 -3.44 2.66
N ALA A 52 -5.62 -4.15 3.71
CA ALA A 52 -6.59 -4.97 4.43
C ALA A 52 -7.72 -4.11 4.98
N ILE A 53 -7.40 -2.93 5.51
CA ILE A 53 -8.44 -2.04 6.03
C ILE A 53 -9.41 -1.64 4.93
N ARG A 54 -8.91 -1.38 3.73
CA ARG A 54 -9.79 -0.96 2.64
C ARG A 54 -10.87 -2.01 2.36
N LYS A 55 -10.52 -3.29 2.50
CA LYS A 55 -11.47 -4.37 2.21
C LYS A 55 -12.23 -4.87 3.43
N GLN A 56 -11.72 -4.55 4.60
CA GLN A 56 -12.35 -4.91 5.87
C GLN A 56 -13.19 -3.78 6.49
N SER A 57 -13.27 -2.65 5.81
CA SER A 57 -14.06 -1.51 6.29
C SER A 57 -15.23 -1.21 5.37
N THR A 58 -16.36 -0.90 5.97
CA THR A 58 -17.56 -0.52 5.24
C THR A 58 -17.66 1.00 5.18
N ASP A 59 -16.83 1.66 5.95
CA ASP A 59 -16.85 3.11 6.05
C ASP A 59 -16.16 3.71 4.84
N GLU A 60 -16.88 4.52 4.08
CA GLU A 60 -16.31 5.09 2.88
C GLU A 60 -15.19 6.08 3.14
N GLU A 61 -15.21 6.76 4.27
CA GLU A 61 -14.15 7.69 4.58
C GLU A 61 -12.85 6.88 4.68
N VAL A 62 -12.86 5.84 5.47
CA VAL A 62 -11.72 4.97 5.65
C VAL A 62 -11.24 4.38 4.33
N THR A 63 -12.14 3.89 3.50
CA THR A 63 -11.72 3.29 2.24
C THR A 63 -11.15 4.33 1.27
N SER A 64 -11.63 5.56 1.32
CA SER A 64 -11.18 6.61 0.43
C SER A 64 -9.80 7.06 0.89
N LEU A 65 -9.60 7.02 2.19
CA LEU A 65 -8.33 7.35 2.75
C LEU A 65 -7.32 6.25 2.46
N ALA A 66 -7.71 5.02 2.71
CA ALA A 66 -6.83 3.88 2.50
C ALA A 66 -6.46 3.73 1.02
N LYS A 67 -7.43 3.85 0.11
CA LYS A 67 -7.13 3.73 -1.34
C LYS A 67 -6.15 4.83 -1.75
N SER A 68 -6.20 5.97 -1.07
CA SER A 68 -5.30 7.08 -1.36
C SER A 68 -3.87 6.71 -0.98
N LEU A 69 -3.68 6.15 0.21
CA LEU A 69 -2.36 5.72 0.63
C LEU A 69 -1.78 4.67 -0.28
N ILE A 70 -2.56 3.68 -0.69
CA ILE A 70 -2.03 2.62 -1.55
C ILE A 70 -1.44 3.22 -2.83
N LYS A 71 -2.15 4.14 -3.46
CA LYS A 71 -1.63 4.76 -4.68
C LYS A 71 -0.39 5.61 -4.40
N SER A 72 -0.43 6.37 -3.32
CA SER A 72 0.69 7.25 -2.96
C SER A 72 1.93 6.47 -2.56
N TRP A 73 1.72 5.31 -1.97
CA TRP A 73 2.80 4.45 -1.54
C TRP A 73 3.34 3.53 -2.65
N LYS A 74 2.52 3.24 -3.64
CA LYS A 74 2.94 2.32 -4.71
C LYS A 74 4.06 2.94 -5.51
N LYS A 75 3.98 4.25 -5.72
CA LYS A 75 5.03 4.98 -6.46
C LYS A 75 6.39 4.91 -5.77
N LEU A 76 6.42 4.52 -4.51
CA LEU A 76 7.68 4.44 -3.77
C LEU A 76 8.52 3.28 -4.27
N LEU A 77 7.87 2.20 -4.68
CA LEU A 77 8.58 1.02 -5.18
C LEU A 77 8.56 0.94 -6.70
N ASP A 78 7.46 1.39 -7.27
CA ASP A 78 7.24 1.34 -8.72
C ASP A 78 7.91 2.49 -9.48
N GLY A 79 8.13 3.60 -8.79
CA GLY A 79 8.75 4.77 -9.40
C GLY A 79 7.78 5.61 -10.21
N GLY A 80 7.28 5.05 -11.30
CA GLY A 80 6.33 5.75 -12.15
C GLY A 80 6.95 6.63 -13.23
N SER A 81 8.26 6.58 -13.41
CA SER A 81 8.93 7.36 -14.44
C SER A 81 10.21 6.63 -14.84
N GLY A 82 10.62 6.76 -16.10
CA GLY A 82 11.81 6.09 -16.59
C GLY A 82 11.85 6.12 -18.10
N SER A 83 12.86 5.49 -18.69
CA SER A 83 13.00 5.43 -20.14
C SER A 83 12.08 4.34 -20.71
N GLY A 84 11.13 4.72 -21.53
CA GLY A 84 10.23 3.77 -22.15
C GLY A 84 9.38 4.47 -23.18
N SER A 85 8.49 3.74 -23.84
CA SER A 85 7.59 4.32 -24.84
C SER A 85 6.38 3.41 -24.93
N GLY A 86 5.23 3.98 -25.22
CA GLY A 86 4.00 3.19 -25.29
C GLY A 86 3.43 2.93 -23.92
N SER A 87 2.38 2.13 -23.86
CA SER A 87 1.72 1.77 -22.60
C SER A 87 0.92 0.51 -22.89
N GLY A 88 0.54 -0.22 -21.85
CA GLY A 88 -0.26 -1.42 -22.05
C GLY A 88 0.60 -2.65 -22.29
N SER A 89 0.05 -3.60 -23.04
CA SER A 89 0.70 -4.89 -23.34
C SER A 89 0.93 -5.70 -22.05
N SER A 90 1.74 -6.73 -22.13
CA SER A 90 2.04 -7.59 -21.00
C SER A 90 3.43 -8.17 -21.20
N GLY A 91 4.00 -8.75 -20.16
CA GLY A 91 5.34 -9.33 -20.26
C GLY A 91 6.38 -8.31 -19.87
N GLU A 92 5.95 -7.37 -19.04
CA GLU A 92 6.82 -6.28 -18.57
C GLU A 92 7.90 -6.83 -17.64
N LEU A 93 7.56 -7.94 -16.98
CA LEU A 93 8.47 -8.66 -16.07
C LEU A 93 9.14 -7.73 -15.04
N SER A 94 8.39 -6.76 -14.54
CA SER A 94 8.93 -5.79 -13.60
C SER A 94 9.01 -6.38 -12.19
N ASP A 95 10.18 -6.26 -11.58
CA ASP A 95 10.41 -6.75 -10.21
C ASP A 95 9.46 -6.11 -9.22
N LYS A 96 9.03 -4.90 -9.57
CA LYS A 96 8.13 -4.13 -8.73
C LYS A 96 6.80 -4.82 -8.50
N LYS A 97 6.40 -5.67 -9.44
CA LYS A 97 5.15 -6.40 -9.31
C LYS A 97 5.32 -7.45 -8.20
N ASN A 98 6.47 -8.09 -8.18
CA ASN A 98 6.77 -9.11 -7.18
C ASN A 98 6.95 -8.44 -5.81
N GLU A 99 7.60 -7.29 -5.80
CA GLU A 99 7.82 -6.52 -4.58
C GLU A 99 6.45 -6.17 -3.99
N GLU A 100 5.58 -5.56 -4.79
CA GLU A 100 4.25 -5.15 -4.34
C GLU A 100 3.45 -6.32 -3.78
N LYS A 101 3.58 -7.48 -4.39
CA LYS A 101 2.86 -8.68 -3.92
C LYS A 101 3.16 -8.93 -2.45
N ASP A 102 4.40 -8.73 -2.06
CA ASP A 102 4.81 -8.94 -0.67
C ASP A 102 4.51 -7.76 0.24
N LEU A 103 4.64 -6.56 -0.30
CA LEU A 103 4.49 -5.35 0.50
C LEU A 103 3.04 -4.91 0.70
N PHE A 104 2.19 -5.25 -0.25
CA PHE A 104 0.76 -4.86 -0.23
C PHE A 104 -0.16 -6.05 -0.45
N GLY A 105 0.15 -6.90 -1.42
CA GLY A 105 -0.72 -8.01 -1.76
C GLY A 105 -1.97 -7.48 -2.43
N SER A 106 -1.80 -6.46 -3.25
CA SER A 106 -2.93 -5.79 -3.90
C SER A 106 -3.26 -6.35 -5.28
N ASP A 107 -2.27 -6.96 -5.91
CA ASP A 107 -2.42 -7.47 -7.27
C ASP A 107 -1.68 -8.81 -7.41
N SER A 108 -1.70 -9.36 -8.62
CA SER A 108 -1.01 -10.62 -8.96
C SER A 108 -1.46 -11.81 -8.13
N GLU A 109 -2.76 -12.04 -8.07
CA GLU A 109 -3.32 -13.19 -7.39
C GLU A 109 -3.24 -14.41 -8.31
N SER A 110 -3.32 -15.60 -7.73
CA SER A 110 -3.28 -16.84 -8.50
C SER A 110 -4.61 -17.07 -9.21
N GLY A 111 -4.56 -17.75 -10.35
CA GLY A 111 -5.78 -18.06 -11.08
C GLY A 111 -5.45 -18.53 -12.48
N ASN A 112 -6.39 -19.22 -13.10
CA ASN A 112 -6.26 -19.77 -14.46
C ASN A 112 -5.08 -20.75 -14.58
N GLU A 113 -4.75 -21.41 -13.48
CA GLU A 113 -3.66 -22.39 -13.47
C GLU A 113 -4.26 -23.73 -13.93
N GLU A 114 -3.40 -24.63 -14.40
CA GLU A 114 -3.86 -25.92 -14.94
C GLU A 114 -4.36 -26.89 -13.87
N GLU A 115 -3.85 -26.75 -12.66
CA GLU A 115 -4.25 -27.59 -11.53
C GLU A 115 -4.58 -26.60 -10.41
N ASN A 116 -5.61 -26.89 -9.61
CA ASN A 116 -6.07 -25.96 -8.57
C ASN A 116 -6.47 -26.77 -7.34
N MET A 1 11.32 6.73 12.42
CA MET A 1 9.83 6.62 12.43
C MET A 1 9.38 5.20 12.10
N GLU A 2 10.27 4.21 12.13
CA GLU A 2 9.86 2.85 11.75
C GLU A 2 8.82 2.29 12.69
N ASP A 3 9.07 2.41 13.99
CA ASP A 3 8.18 1.89 15.01
C ASP A 3 6.86 2.61 14.95
N GLU A 4 6.86 3.87 14.52
CA GLU A 4 5.64 4.66 14.40
C GLU A 4 4.72 4.01 13.36
N VAL A 5 5.31 3.62 12.24
CA VAL A 5 4.57 2.99 11.16
C VAL A 5 4.14 1.58 11.57
N VAL A 6 5.05 0.84 12.20
CA VAL A 6 4.72 -0.49 12.73
C VAL A 6 3.55 -0.36 13.70
N ARG A 7 3.56 0.65 14.56
CA ARG A 7 2.45 0.88 15.49
C ARG A 7 1.16 1.03 14.67
N PHE A 8 1.16 1.85 13.64
CA PHE A 8 -0.04 2.02 12.82
C PHE A 8 -0.47 0.71 12.16
N ALA A 9 0.46 -0.07 11.63
CA ALA A 9 0.10 -1.34 11.00
C ALA A 9 -0.52 -2.33 12.01
N LYS A 10 0.05 -2.37 13.21
CA LYS A 10 -0.44 -3.28 14.25
C LYS A 10 -1.73 -2.77 14.86
N LYS A 11 -1.93 -1.45 14.86
CA LYS A 11 -3.20 -0.89 15.31
C LYS A 11 -4.28 -1.32 14.32
N MET A 12 -3.97 -1.20 13.02
CA MET A 12 -4.92 -1.54 11.96
C MET A 12 -5.39 -2.98 11.98
N ASP A 13 -4.48 -3.92 12.07
CA ASP A 13 -4.89 -5.33 12.06
C ASP A 13 -5.75 -5.70 13.26
N LYS A 14 -5.51 -5.07 14.42
CA LYS A 14 -6.36 -5.33 15.57
C LYS A 14 -7.81 -4.98 15.25
N MET A 15 -8.01 -4.02 14.35
CA MET A 15 -9.34 -3.66 13.91
C MET A 15 -9.93 -4.68 12.94
N VAL A 16 -9.11 -5.23 12.06
CA VAL A 16 -9.60 -6.21 11.07
C VAL A 16 -10.02 -7.49 11.78
N GLN A 17 -9.29 -7.86 12.83
CA GLN A 17 -9.64 -9.03 13.63
C GLN A 17 -10.97 -8.80 14.33
N LYS A 18 -11.17 -7.58 14.82
CA LYS A 18 -12.42 -7.24 15.50
C LYS A 18 -13.54 -6.94 14.50
N LYS A 19 -13.22 -6.96 13.21
CA LYS A 19 -14.17 -6.65 12.13
C LYS A 19 -14.84 -5.27 12.29
N ASN A 20 -14.13 -4.37 12.95
CA ASN A 20 -14.59 -2.99 13.15
C ASN A 20 -13.44 -2.05 12.81
N ALA A 21 -13.27 -1.79 11.53
CA ALA A 21 -12.15 -0.97 11.05
C ALA A 21 -12.55 0.48 10.79
N ALA A 22 -13.69 0.93 11.31
CA ALA A 22 -14.10 2.33 11.14
C ALA A 22 -13.09 3.26 11.84
N GLY A 23 -12.58 2.80 12.98
CA GLY A 23 -11.61 3.57 13.75
C GLY A 23 -10.31 3.86 12.99
N ALA A 24 -10.06 3.09 11.94
CA ALA A 24 -8.87 3.25 11.11
C ALA A 24 -8.85 4.60 10.41
N LEU A 25 -9.97 5.30 10.36
CA LEU A 25 -10.06 6.62 9.73
C LEU A 25 -8.96 7.53 10.21
N ASP A 26 -8.81 7.60 11.53
CA ASP A 26 -7.82 8.46 12.16
C ASP A 26 -6.41 8.01 11.86
N LEU A 27 -6.22 6.70 11.75
CA LEU A 27 -4.90 6.15 11.51
C LEU A 27 -4.45 6.53 10.10
N LEU A 28 -5.36 6.37 9.16
CA LEU A 28 -5.08 6.67 7.76
C LEU A 28 -4.87 8.18 7.56
N LYS A 29 -5.63 8.99 8.27
CA LYS A 29 -5.39 10.44 8.29
C LYS A 29 -3.95 10.75 8.70
N GLU A 30 -3.46 10.09 9.75
CA GLU A 30 -2.07 10.31 10.20
C GLU A 30 -1.08 9.84 9.14
N LEU A 31 -1.38 8.73 8.48
CA LEU A 31 -0.49 8.22 7.44
C LEU A 31 -0.33 9.14 6.25
N LYS A 32 -1.30 10.03 6.03
CA LYS A 32 -1.20 11.01 4.94
C LYS A 32 -0.20 12.11 5.29
N ASN A 33 0.13 12.25 6.56
CA ASN A 33 1.07 13.28 7.03
C ASN A 33 2.47 12.70 7.17
N ILE A 34 2.58 11.40 7.04
CA ILE A 34 3.85 10.71 7.22
C ILE A 34 4.56 10.49 5.88
N PRO A 35 5.86 10.86 5.80
CA PRO A 35 6.68 10.66 4.60
C PRO A 35 7.10 9.19 4.46
N MET A 36 6.15 8.37 4.05
CA MET A 36 6.38 6.94 3.83
C MET A 36 7.45 6.75 2.77
N THR A 37 8.27 5.73 2.93
CA THR A 37 9.36 5.44 1.98
C THR A 37 9.22 3.98 1.58
N LEU A 38 9.93 3.57 0.54
CA LEU A 38 9.91 2.18 0.10
C LEU A 38 10.41 1.30 1.24
N GLU A 39 11.44 1.78 1.93
CA GLU A 39 12.06 1.06 3.04
C GLU A 39 11.06 0.79 4.16
N LEU A 40 10.25 1.78 4.44
CA LEU A 40 9.23 1.63 5.47
C LEU A 40 8.23 0.56 5.07
N LEU A 41 7.85 0.54 3.81
CA LEU A 41 6.86 -0.43 3.37
C LEU A 41 7.44 -1.83 3.47
N GLN A 42 8.73 -1.93 3.22
CA GLN A 42 9.41 -3.23 3.32
C GLN A 42 9.47 -3.69 4.78
N SER A 43 10.03 -2.87 5.66
CA SER A 43 10.20 -3.26 7.06
C SER A 43 8.90 -3.36 7.88
N THR A 44 7.97 -2.44 7.66
CA THR A 44 6.75 -2.38 8.47
C THR A 44 5.58 -3.11 7.86
N ARG A 45 5.67 -3.40 6.54
CA ARG A 45 4.59 -4.05 5.76
C ARG A 45 3.27 -3.35 5.96
N ILE A 46 3.30 -2.03 6.12
CA ILE A 46 2.07 -1.30 6.36
C ILE A 46 1.19 -1.29 5.09
N GLY A 47 1.81 -1.46 3.93
CA GLY A 47 1.03 -1.50 2.69
C GLY A 47 -0.04 -2.56 2.76
N MET A 48 0.30 -3.72 3.33
CA MET A 48 -0.64 -4.83 3.45
C MET A 48 -1.74 -4.53 4.47
N SER A 49 -1.37 -3.89 5.58
CA SER A 49 -2.38 -3.51 6.61
C SER A 49 -3.40 -2.54 6.06
N VAL A 50 -2.95 -1.46 5.42
CA VAL A 50 -3.88 -0.50 4.82
C VAL A 50 -4.74 -1.17 3.75
N ASN A 51 -4.13 -2.04 2.95
CA ASN A 51 -4.89 -2.74 1.92
C ASN A 51 -5.99 -3.59 2.55
N ALA A 52 -5.69 -4.24 3.68
CA ALA A 52 -6.67 -5.03 4.37
C ALA A 52 -7.78 -4.14 4.92
N ILE A 53 -7.44 -2.99 5.49
CA ILE A 53 -8.44 -2.07 6.04
C ILE A 53 -9.42 -1.65 4.94
N ARG A 54 -8.90 -1.43 3.73
CA ARG A 54 -9.75 -1.02 2.62
C ARG A 54 -10.87 -2.02 2.33
N LYS A 55 -10.64 -3.30 2.54
CA LYS A 55 -11.68 -4.31 2.29
C LYS A 55 -12.41 -4.75 3.55
N GLN A 56 -11.81 -4.51 4.70
CA GLN A 56 -12.39 -4.89 6.00
C GLN A 56 -13.22 -3.79 6.64
N SER A 57 -13.22 -2.61 6.04
CA SER A 57 -14.00 -1.49 6.56
C SER A 57 -15.24 -1.27 5.70
N THR A 58 -16.36 -0.99 6.36
CA THR A 58 -17.61 -0.69 5.66
C THR A 58 -17.78 0.82 5.57
N ASP A 59 -16.82 1.53 6.13
CA ASP A 59 -16.83 2.99 6.15
C ASP A 59 -16.18 3.54 4.87
N GLU A 60 -16.93 4.33 4.13
CA GLU A 60 -16.43 4.88 2.86
C GLU A 60 -15.31 5.89 3.05
N GLU A 61 -15.31 6.68 4.11
CA GLU A 61 -14.20 7.61 4.33
C GLU A 61 -12.95 6.80 4.56
N VAL A 62 -13.03 5.72 5.31
CA VAL A 62 -11.86 4.90 5.60
C VAL A 62 -11.35 4.24 4.34
N THR A 63 -12.22 3.68 3.53
CA THR A 63 -11.78 3.01 2.30
C THR A 63 -11.21 4.04 1.34
N SER A 64 -11.76 5.23 1.34
CA SER A 64 -11.25 6.31 0.47
C SER A 64 -9.90 6.82 0.97
N LEU A 65 -9.70 6.89 2.27
CA LEU A 65 -8.40 7.29 2.81
C LEU A 65 -7.40 6.20 2.47
N ALA A 66 -7.78 4.95 2.71
CA ALA A 66 -6.90 3.82 2.48
C ALA A 66 -6.53 3.65 1.00
N LYS A 67 -7.49 3.73 0.09
CA LYS A 67 -7.20 3.57 -1.36
C LYS A 67 -6.22 4.66 -1.80
N SER A 68 -6.27 5.80 -1.12
CA SER A 68 -5.38 6.90 -1.42
C SER A 68 -3.95 6.56 -1.00
N LEU A 69 -3.75 6.05 0.20
CA LEU A 69 -2.40 5.67 0.61
C LEU A 69 -1.82 4.62 -0.30
N ILE A 70 -2.59 3.61 -0.66
CA ILE A 70 -2.06 2.54 -1.51
C ILE A 70 -1.51 3.12 -2.82
N LYS A 71 -2.29 3.95 -3.48
CA LYS A 71 -1.85 4.51 -4.76
C LYS A 71 -0.70 5.52 -4.61
N SER A 72 -0.64 6.20 -3.48
CA SER A 72 0.45 7.15 -3.23
C SER A 72 1.74 6.38 -2.90
N TRP A 73 1.64 5.41 -2.03
CA TRP A 73 2.79 4.61 -1.59
C TRP A 73 3.37 3.76 -2.71
N LYS A 74 2.54 3.49 -3.71
CA LYS A 74 2.96 2.70 -4.87
C LYS A 74 4.01 3.43 -5.69
N LYS A 75 4.03 4.75 -5.60
CA LYS A 75 5.05 5.53 -6.31
C LYS A 75 6.46 5.26 -5.78
N LEU A 76 6.54 4.84 -4.52
CA LEU A 76 7.82 4.65 -3.84
C LEU A 76 8.60 3.45 -4.38
N LEU A 77 7.92 2.32 -4.54
CA LEU A 77 8.55 1.11 -5.05
C LEU A 77 8.77 1.18 -6.54
N ASP A 78 7.94 1.96 -7.20
CA ASP A 78 7.95 2.09 -8.65
C ASP A 78 9.17 2.91 -9.14
N GLY A 79 9.71 3.75 -8.28
CA GLY A 79 10.88 4.54 -8.64
C GLY A 79 12.10 3.65 -8.78
N GLY A 80 13.01 4.04 -9.65
CA GLY A 80 14.21 3.26 -9.90
C GLY A 80 14.98 3.87 -11.02
N SER A 81 15.90 3.11 -11.61
CA SER A 81 16.68 3.59 -12.75
C SER A 81 15.78 3.61 -14.01
N GLY A 82 16.21 4.37 -15.01
CA GLY A 82 15.42 4.50 -16.23
C GLY A 82 14.46 5.67 -16.09
N SER A 83 13.39 5.66 -16.88
CA SER A 83 12.40 6.74 -16.86
C SER A 83 11.13 6.30 -16.12
N GLY A 84 11.19 5.17 -15.43
CA GLY A 84 10.03 4.65 -14.71
C GLY A 84 8.97 4.11 -15.64
N SER A 85 9.32 3.90 -16.90
CA SER A 85 8.37 3.44 -17.92
C SER A 85 8.21 1.92 -17.94
N GLY A 86 8.84 1.22 -17.00
CA GLY A 86 8.75 -0.23 -16.96
C GLY A 86 9.83 -0.93 -17.77
N SER A 87 9.77 -2.27 -17.79
CA SER A 87 10.77 -3.14 -18.44
C SER A 87 12.19 -2.81 -17.96
N GLY A 88 13.20 -3.15 -18.73
CA GLY A 88 14.56 -2.80 -18.36
C GLY A 88 15.55 -3.20 -19.43
N SER A 89 16.81 -2.91 -19.20
CA SER A 89 17.84 -3.31 -20.15
C SER A 89 18.05 -4.79 -19.90
N SER A 90 17.95 -5.58 -20.97
CA SER A 90 18.06 -7.04 -20.89
C SER A 90 17.03 -7.63 -19.91
N GLY A 91 15.90 -6.95 -19.73
CA GLY A 91 14.87 -7.44 -18.83
C GLY A 91 13.52 -7.26 -19.47
N GLU A 92 12.75 -8.34 -19.53
CA GLU A 92 11.44 -8.34 -20.16
C GLU A 92 10.40 -7.49 -19.42
N LEU A 93 10.40 -7.60 -18.10
CA LEU A 93 9.46 -6.86 -17.25
C LEU A 93 10.28 -6.18 -16.16
N SER A 94 9.70 -5.19 -15.50
CA SER A 94 10.37 -4.52 -14.41
C SER A 94 9.95 -5.18 -13.09
N ASP A 95 10.86 -5.21 -12.13
CA ASP A 95 10.67 -5.90 -10.84
C ASP A 95 9.64 -5.24 -9.92
N LYS A 96 9.04 -4.17 -10.41
CA LYS A 96 8.12 -3.34 -9.63
C LYS A 96 6.90 -4.10 -9.17
N LYS A 97 6.49 -5.12 -9.92
CA LYS A 97 5.33 -5.92 -9.52
C LYS A 97 5.69 -6.80 -8.32
N ASN A 98 6.89 -7.34 -8.29
CA ASN A 98 7.30 -8.21 -7.19
C ASN A 98 7.43 -7.44 -5.90
N GLU A 99 7.98 -6.23 -6.00
CA GLU A 99 8.10 -5.35 -4.83
C GLU A 99 6.71 -5.13 -4.24
N GLU A 100 5.73 -4.93 -5.10
CA GLU A 100 4.37 -4.71 -4.64
C GLU A 100 3.77 -5.96 -4.02
N LYS A 101 4.01 -7.11 -4.65
CA LYS A 101 3.43 -8.39 -4.18
C LYS A 101 3.84 -8.69 -2.75
N ASP A 102 5.06 -8.31 -2.37
CA ASP A 102 5.53 -8.56 -1.03
C ASP A 102 5.02 -7.51 -0.04
N LEU A 103 4.97 -6.26 -0.46
CA LEU A 103 4.61 -5.16 0.42
C LEU A 103 3.10 -4.95 0.61
N PHE A 104 2.34 -5.19 -0.43
CA PHE A 104 0.89 -4.94 -0.44
C PHE A 104 0.09 -6.19 -0.75
N GLY A 105 0.55 -6.96 -1.74
CA GLY A 105 -0.17 -8.15 -2.15
C GLY A 105 -1.43 -7.77 -2.88
N SER A 106 -1.34 -6.78 -3.76
CA SER A 106 -2.49 -6.22 -4.47
C SER A 106 -2.41 -6.53 -5.95
N ASP A 107 -1.80 -7.66 -6.27
CA ASP A 107 -1.69 -8.16 -7.64
C ASP A 107 -2.21 -9.59 -7.61
N SER A 108 -3.50 -9.75 -7.82
CA SER A 108 -4.13 -11.07 -7.74
C SER A 108 -5.29 -11.21 -8.73
N GLU A 109 -5.34 -10.28 -9.66
CA GLU A 109 -6.41 -10.19 -10.65
C GLU A 109 -5.98 -10.83 -11.97
N SER A 110 -6.96 -11.29 -12.75
CA SER A 110 -6.70 -11.94 -14.03
C SER A 110 -7.97 -11.86 -14.87
N GLY A 111 -7.86 -12.08 -16.17
CA GLY A 111 -9.02 -12.01 -17.03
C GLY A 111 -9.14 -10.61 -17.60
N ASN A 112 -10.24 -10.33 -18.27
CA ASN A 112 -10.49 -9.01 -18.84
C ASN A 112 -12.00 -8.97 -19.06
N GLU A 113 -12.56 -7.80 -19.31
CA GLU A 113 -14.00 -7.65 -19.57
C GLU A 113 -14.25 -7.64 -21.08
N GLU A 114 -13.17 -7.41 -21.84
CA GLU A 114 -13.20 -7.35 -23.31
C GLU A 114 -14.09 -6.20 -23.82
N GLU A 115 -14.40 -5.27 -22.92
CA GLU A 115 -15.20 -4.08 -23.26
C GLU A 115 -14.36 -3.12 -24.11
N ASN A 116 -14.97 -2.49 -25.10
CA ASN A 116 -14.27 -1.56 -26.00
C ASN A 116 -15.30 -0.54 -26.51
N MET A 1 10.69 6.73 13.28
CA MET A 1 9.28 6.61 12.79
C MET A 1 9.00 5.23 12.25
N GLU A 2 9.99 4.36 12.09
CA GLU A 2 9.71 3.00 11.60
C GLU A 2 8.78 2.34 12.59
N ASP A 3 9.10 2.53 13.85
CA ASP A 3 8.32 2.06 14.97
C ASP A 3 6.90 2.62 14.94
N GLU A 4 6.76 3.88 14.58
CA GLU A 4 5.43 4.50 14.53
C GLU A 4 4.60 3.91 13.40
N VAL A 5 5.23 3.62 12.29
CA VAL A 5 4.52 3.04 11.15
C VAL A 5 4.09 1.63 11.55
N VAL A 6 4.99 0.90 12.20
CA VAL A 6 4.68 -0.40 12.76
C VAL A 6 3.49 -0.26 13.71
N ARG A 7 3.46 0.77 14.54
CA ARG A 7 2.31 1.00 15.42
C ARG A 7 1.04 1.15 14.61
N PHE A 8 1.03 1.92 13.54
CA PHE A 8 -0.17 2.06 12.72
C PHE A 8 -0.58 0.72 12.13
N ALA A 9 0.36 -0.06 11.61
CA ALA A 9 0.04 -1.35 11.02
C ALA A 9 -0.58 -2.30 12.05
N LYS A 10 -0.03 -2.33 13.25
CA LYS A 10 -0.54 -3.22 14.30
C LYS A 10 -1.89 -2.71 14.81
N LYS A 11 -2.05 -1.40 14.90
CA LYS A 11 -3.34 -0.83 15.31
C LYS A 11 -4.40 -1.26 14.31
N MET A 12 -4.07 -1.20 13.02
CA MET A 12 -5.01 -1.60 11.97
C MET A 12 -5.41 -3.06 12.04
N ASP A 13 -4.47 -3.98 12.17
CA ASP A 13 -4.83 -5.40 12.14
C ASP A 13 -5.71 -5.79 13.34
N LYS A 14 -5.51 -5.16 14.48
CA LYS A 14 -6.39 -5.43 15.62
C LYS A 14 -7.83 -5.10 15.23
N MET A 15 -8.01 -4.10 14.37
CA MET A 15 -9.35 -3.78 13.86
C MET A 15 -9.85 -4.78 12.82
N VAL A 16 -8.98 -5.32 11.97
CA VAL A 16 -9.43 -6.25 10.94
C VAL A 16 -9.90 -7.54 11.60
N GLN A 17 -9.28 -7.91 12.71
CA GLN A 17 -9.68 -9.10 13.46
C GLN A 17 -11.11 -8.98 13.98
N LYS A 18 -11.47 -7.80 14.47
CA LYS A 18 -12.82 -7.58 15.01
C LYS A 18 -13.77 -6.97 13.97
N LYS A 19 -13.24 -6.77 12.76
CA LYS A 19 -13.99 -6.19 11.63
C LYS A 19 -14.61 -4.83 11.96
N ASN A 20 -14.02 -4.10 12.90
CA ASN A 20 -14.53 -2.79 13.32
C ASN A 20 -13.60 -1.67 12.82
N ALA A 21 -13.07 -1.87 11.62
CA ALA A 21 -12.08 -0.97 11.04
C ALA A 21 -12.52 0.46 10.69
N ALA A 22 -13.67 0.91 11.20
CA ALA A 22 -14.09 2.30 11.01
C ALA A 22 -13.10 3.20 11.79
N GLY A 23 -12.58 2.69 12.89
CA GLY A 23 -11.63 3.43 13.71
C GLY A 23 -10.33 3.74 12.99
N ALA A 24 -10.06 2.98 11.93
CA ALA A 24 -8.87 3.15 11.11
C ALA A 24 -8.84 4.51 10.42
N LEU A 25 -9.96 5.19 10.38
CA LEU A 25 -10.05 6.53 9.78
C LEU A 25 -8.94 7.43 10.27
N ASP A 26 -8.79 7.47 11.58
CA ASP A 26 -7.80 8.32 12.21
C ASP A 26 -6.38 7.86 11.91
N LEU A 27 -6.19 6.55 11.77
CA LEU A 27 -4.86 6.00 11.51
C LEU A 27 -4.43 6.42 10.11
N LEU A 28 -5.34 6.28 9.18
CA LEU A 28 -5.09 6.60 7.79
C LEU A 28 -4.93 8.11 7.59
N LYS A 29 -5.67 8.92 8.35
CA LYS A 29 -5.47 10.37 8.36
C LYS A 29 -4.01 10.72 8.66
N GLU A 30 -3.43 10.13 9.70
CA GLU A 30 -2.04 10.43 10.07
C GLU A 30 -1.08 9.95 9.00
N LEU A 31 -1.39 8.81 8.42
CA LEU A 31 -0.55 8.22 7.38
C LEU A 31 -0.42 9.10 6.15
N LYS A 32 -1.40 9.94 5.90
CA LYS A 32 -1.33 10.89 4.77
C LYS A 32 -0.31 12.00 5.04
N ASN A 33 0.05 12.20 6.30
CA ASN A 33 1.00 13.23 6.68
C ASN A 33 2.40 12.65 6.90
N ILE A 34 2.49 11.33 6.92
CA ILE A 34 3.78 10.66 7.16
C ILE A 34 4.51 10.45 5.83
N PRO A 35 5.80 10.84 5.77
CA PRO A 35 6.65 10.62 4.60
C PRO A 35 7.05 9.14 4.49
N MET A 36 6.11 8.32 4.06
CA MET A 36 6.34 6.90 3.85
C MET A 36 7.43 6.73 2.80
N THR A 37 8.22 5.68 2.94
CA THR A 37 9.31 5.39 2.01
C THR A 37 9.17 3.94 1.62
N LEU A 38 9.90 3.51 0.61
CA LEU A 38 9.84 2.12 0.17
C LEU A 38 10.40 1.26 1.30
N GLU A 39 11.41 1.79 1.94
CA GLU A 39 12.07 1.11 3.06
C GLU A 39 11.05 0.76 4.14
N LEU A 40 10.16 1.70 4.41
CA LEU A 40 9.12 1.50 5.40
C LEU A 40 8.13 0.44 4.96
N LEU A 41 7.79 0.40 3.69
CA LEU A 41 6.81 -0.58 3.22
C LEU A 41 7.37 -1.98 3.28
N GLN A 42 8.67 -2.09 3.11
CA GLN A 42 9.34 -3.40 3.20
C GLN A 42 9.40 -3.86 4.66
N SER A 43 9.93 -3.01 5.53
CA SER A 43 10.12 -3.35 6.95
C SER A 43 8.81 -3.42 7.76
N THR A 44 8.02 -2.37 7.70
CA THR A 44 6.80 -2.27 8.52
C THR A 44 5.63 -3.00 7.89
N ARG A 45 5.75 -3.26 6.59
CA ARG A 45 4.72 -3.96 5.80
C ARG A 45 3.35 -3.30 5.94
N ILE A 46 3.35 -2.00 6.12
CA ILE A 46 2.11 -1.26 6.34
C ILE A 46 1.25 -1.20 5.08
N GLY A 47 1.86 -1.39 3.93
CA GLY A 47 1.11 -1.40 2.69
C GLY A 47 0.03 -2.45 2.76
N MET A 48 0.36 -3.60 3.32
CA MET A 48 -0.58 -4.71 3.44
C MET A 48 -1.65 -4.41 4.50
N SER A 49 -1.28 -3.74 5.58
CA SER A 49 -2.23 -3.38 6.62
C SER A 49 -3.27 -2.39 6.12
N VAL A 50 -2.83 -1.32 5.48
CA VAL A 50 -3.76 -0.34 4.91
C VAL A 50 -4.64 -1.03 3.85
N ASN A 51 -4.04 -1.90 3.06
CA ASN A 51 -4.78 -2.63 2.04
C ASN A 51 -5.85 -3.54 2.66
N ALA A 52 -5.54 -4.14 3.79
CA ALA A 52 -6.51 -4.99 4.47
C ALA A 52 -7.66 -4.13 4.99
N ILE A 53 -7.37 -2.96 5.53
CA ILE A 53 -8.42 -2.07 6.03
C ILE A 53 -9.36 -1.68 4.89
N ARG A 54 -8.80 -1.45 3.72
CA ARG A 54 -9.59 -1.08 2.54
C ARG A 54 -10.70 -2.11 2.23
N LYS A 55 -10.43 -3.38 2.48
CA LYS A 55 -11.42 -4.43 2.21
C LYS A 55 -12.20 -4.89 3.44
N GLN A 56 -11.66 -4.58 4.61
CA GLN A 56 -12.27 -4.96 5.90
C GLN A 56 -13.08 -3.84 6.56
N SER A 57 -13.27 -2.74 5.85
CA SER A 57 -14.07 -1.62 6.38
C SER A 57 -15.25 -1.30 5.48
N THR A 58 -16.38 -1.02 6.11
CA THR A 58 -17.60 -0.63 5.39
C THR A 58 -17.73 0.88 5.39
N ASP A 59 -16.80 1.53 6.07
CA ASP A 59 -16.77 2.98 6.16
C ASP A 59 -16.12 3.51 4.88
N GLU A 60 -16.84 4.29 4.10
CA GLU A 60 -16.30 4.78 2.85
C GLU A 60 -15.21 5.80 3.07
N GLU A 61 -15.27 6.56 4.15
CA GLU A 61 -14.23 7.53 4.43
C GLU A 61 -12.92 6.76 4.66
N VAL A 62 -13.00 5.63 5.35
CA VAL A 62 -11.83 4.82 5.62
C VAL A 62 -11.31 4.21 4.35
N THR A 63 -12.17 3.64 3.53
CA THR A 63 -11.71 3.01 2.30
C THR A 63 -11.14 4.06 1.38
N SER A 64 -11.69 5.27 1.39
CA SER A 64 -11.18 6.36 0.58
C SER A 64 -9.82 6.84 1.06
N LEU A 65 -9.62 6.89 2.37
CA LEU A 65 -8.32 7.26 2.91
C LEU A 65 -7.33 6.17 2.56
N ALA A 66 -7.72 4.92 2.76
CA ALA A 66 -6.83 3.79 2.52
C ALA A 66 -6.47 3.65 1.04
N LYS A 67 -7.44 3.71 0.15
CA LYS A 67 -7.17 3.58 -1.30
C LYS A 67 -6.25 4.71 -1.77
N SER A 68 -6.33 5.85 -1.11
CA SER A 68 -5.46 6.99 -1.40
C SER A 68 -4.01 6.63 -1.12
N LEU A 69 -3.79 6.08 0.06
CA LEU A 69 -2.46 5.74 0.54
C LEU A 69 -1.83 4.67 -0.31
N ILE A 70 -2.59 3.65 -0.69
CA ILE A 70 -2.03 2.57 -1.52
C ILE A 70 -1.49 3.16 -2.82
N LYS A 71 -2.27 4.00 -3.48
CA LYS A 71 -1.84 4.60 -4.76
C LYS A 71 -0.59 5.48 -4.59
N SER A 72 -0.50 6.23 -3.51
CA SER A 72 0.65 7.11 -3.31
C SER A 72 1.88 6.31 -2.90
N TRP A 73 1.71 5.35 -2.00
CA TRP A 73 2.82 4.53 -1.53
C TRP A 73 3.34 3.61 -2.62
N LYS A 74 2.53 3.36 -3.63
CA LYS A 74 2.94 2.50 -4.74
C LYS A 74 4.09 3.19 -5.45
N LYS A 75 4.07 4.52 -5.49
CA LYS A 75 5.14 5.30 -6.14
C LYS A 75 6.50 5.13 -5.49
N LEU A 76 6.54 4.59 -4.29
CA LEU A 76 7.80 4.43 -3.58
C LEU A 76 8.61 3.28 -4.20
N LEU A 77 7.93 2.22 -4.60
CA LEU A 77 8.57 1.10 -5.31
C LEU A 77 8.57 1.32 -6.83
N ASP A 78 7.47 1.87 -7.31
CA ASP A 78 7.26 2.13 -8.75
C ASP A 78 8.26 3.18 -9.24
N GLY A 79 8.58 4.12 -8.36
CA GLY A 79 9.51 5.18 -8.69
C GLY A 79 8.81 6.45 -9.12
N GLY A 80 9.61 7.43 -9.52
CA GLY A 80 9.09 8.69 -10.01
C GLY A 80 9.40 8.77 -11.48
N SER A 81 8.82 9.72 -12.18
CA SER A 81 9.09 9.88 -13.61
C SER A 81 10.57 10.17 -13.85
N GLY A 82 11.23 9.28 -14.56
CA GLY A 82 12.65 9.41 -14.82
C GLY A 82 13.06 8.25 -15.70
N SER A 83 14.32 7.87 -15.65
CA SER A 83 14.83 6.75 -16.45
C SER A 83 15.95 6.11 -15.66
N GLY A 84 16.33 4.89 -16.03
CA GLY A 84 17.38 4.17 -15.32
C GLY A 84 17.76 2.96 -16.13
N SER A 85 18.57 2.08 -15.56
CA SER A 85 19.05 0.87 -16.25
C SER A 85 19.80 1.27 -17.54
N GLY A 86 19.74 0.45 -18.56
CA GLY A 86 20.41 0.76 -19.81
C GLY A 86 20.03 -0.25 -20.88
N SER A 87 20.60 -0.09 -22.07
CA SER A 87 20.33 -1.01 -23.17
C SER A 87 20.85 -2.40 -22.82
N GLY A 88 20.03 -3.42 -23.06
CA GLY A 88 20.42 -4.79 -22.76
C GLY A 88 19.49 -5.80 -23.39
N SER A 89 18.21 -5.46 -23.48
CA SER A 89 17.21 -6.33 -24.09
C SER A 89 16.25 -5.41 -24.84
N SER A 90 15.44 -5.99 -25.72
CA SER A 90 14.48 -5.22 -26.52
C SER A 90 13.20 -4.88 -25.78
N GLY A 91 13.17 -5.18 -24.48
CA GLY A 91 12.01 -4.92 -23.66
C GLY A 91 12.49 -4.99 -22.22
N GLU A 92 11.65 -4.59 -21.29
CA GLU A 92 12.02 -4.56 -19.88
C GLU A 92 11.17 -5.52 -19.04
N LEU A 93 11.37 -5.49 -17.72
CA LEU A 93 10.66 -6.39 -16.82
C LEU A 93 9.88 -5.57 -15.79
N SER A 94 8.64 -5.98 -15.53
CA SER A 94 7.79 -5.31 -14.52
C SER A 94 8.19 -5.76 -13.11
N ASP A 95 9.46 -5.56 -12.78
CA ASP A 95 10.04 -6.01 -11.51
C ASP A 95 9.32 -5.45 -10.30
N LYS A 96 9.03 -4.16 -10.34
CA LYS A 96 8.39 -3.51 -9.20
C LYS A 96 6.96 -3.98 -8.98
N LYS A 97 6.34 -4.46 -10.04
CA LYS A 97 4.98 -4.97 -9.93
C LYS A 97 4.99 -6.24 -9.07
N ASN A 98 6.07 -7.00 -9.15
CA ASN A 98 6.21 -8.20 -8.32
C ASN A 98 6.43 -7.80 -6.86
N GLU A 99 7.20 -6.76 -6.61
CA GLU A 99 7.48 -6.34 -5.23
C GLU A 99 6.18 -5.94 -4.53
N GLU A 100 5.30 -5.28 -5.26
CA GLU A 100 3.98 -4.87 -4.74
C GLU A 100 3.21 -6.05 -4.16
N LYS A 101 3.33 -7.22 -4.78
CA LYS A 101 2.62 -8.42 -4.34
C LYS A 101 3.00 -8.76 -2.90
N ASP A 102 4.24 -8.49 -2.53
CA ASP A 102 4.74 -8.79 -1.20
C ASP A 102 4.50 -7.66 -0.21
N LEU A 103 4.62 -6.43 -0.68
CA LEU A 103 4.50 -5.26 0.21
C LEU A 103 3.05 -4.88 0.51
N PHE A 104 2.17 -5.12 -0.46
CA PHE A 104 0.76 -4.75 -0.36
C PHE A 104 -0.18 -5.92 -0.58
N GLY A 105 0.09 -6.70 -1.62
CA GLY A 105 -0.82 -7.77 -2.00
C GLY A 105 -2.11 -7.14 -2.47
N SER A 106 -1.99 -6.04 -3.21
CA SER A 106 -3.15 -5.28 -3.66
C SER A 106 -3.63 -5.76 -5.01
N ASP A 107 -2.73 -5.78 -5.98
CA ASP A 107 -3.10 -6.15 -7.34
C ASP A 107 -1.98 -6.95 -8.00
N SER A 108 -0.80 -6.35 -8.10
CA SER A 108 0.40 -6.93 -8.75
C SER A 108 0.17 -7.42 -10.20
N GLU A 109 -0.93 -6.99 -10.78
CA GLU A 109 -1.31 -7.37 -12.15
C GLU A 109 -1.44 -6.13 -13.02
N SER A 110 -2.23 -5.17 -12.57
CA SER A 110 -2.48 -3.97 -13.35
C SER A 110 -1.25 -3.08 -13.51
N GLY A 111 -1.16 -2.42 -14.66
CA GLY A 111 -0.04 -1.56 -14.98
C GLY A 111 -0.44 -0.78 -16.22
N ASN A 112 0.50 -0.24 -16.96
CA ASN A 112 0.16 0.47 -18.20
C ASN A 112 0.11 -0.56 -19.33
N GLU A 113 -0.55 -0.23 -20.42
CA GLU A 113 -0.63 -1.09 -21.59
C GLU A 113 -0.64 -0.13 -22.78
N GLU A 114 0.05 -0.48 -23.86
CA GLU A 114 0.19 0.39 -25.01
C GLU A 114 0.55 -0.46 -26.23
N GLU A 115 0.30 0.08 -27.43
CA GLU A 115 0.64 -0.60 -28.69
C GLU A 115 1.27 0.38 -29.68
N ASN A 116 0.55 1.47 -29.95
CA ASN A 116 1.01 2.55 -30.86
C ASN A 116 1.46 2.02 -32.25
N MET A 1 11.25 7.01 11.99
CA MET A 1 9.78 6.85 12.17
C MET A 1 9.35 5.41 11.90
N GLU A 2 10.24 4.45 12.07
CA GLU A 2 9.89 3.05 11.78
C GLU A 2 8.83 2.51 12.72
N ASP A 3 9.05 2.59 14.03
CA ASP A 3 8.10 2.04 14.99
C ASP A 3 6.75 2.72 14.87
N GLU A 4 6.74 4.00 14.54
CA GLU A 4 5.49 4.73 14.40
C GLU A 4 4.61 4.09 13.35
N VAL A 5 5.19 3.76 12.21
CA VAL A 5 4.45 3.13 11.13
C VAL A 5 4.05 1.71 11.56
N VAL A 6 4.97 0.98 12.19
CA VAL A 6 4.67 -0.34 12.75
C VAL A 6 3.46 -0.26 13.71
N ARG A 7 3.42 0.76 14.57
CA ARG A 7 2.31 0.91 15.52
C ARG A 7 1.02 1.04 14.75
N PHE A 8 1.01 1.87 13.72
CA PHE A 8 -0.18 2.03 12.90
C PHE A 8 -0.57 0.72 12.22
N ALA A 9 0.39 0.00 11.65
CA ALA A 9 0.12 -1.27 10.98
C ALA A 9 -0.47 -2.29 11.96
N LYS A 10 0.11 -2.40 13.14
CA LYS A 10 -0.38 -3.35 14.14
C LYS A 10 -1.74 -2.94 14.70
N LYS A 11 -2.03 -1.64 14.79
CA LYS A 11 -3.35 -1.21 15.25
C LYS A 11 -4.35 -1.62 14.19
N MET A 12 -4.01 -1.39 12.93
CA MET A 12 -4.91 -1.75 11.82
C MET A 12 -5.18 -3.23 11.78
N ASP A 13 -4.16 -4.06 11.95
CA ASP A 13 -4.33 -5.52 11.90
C ASP A 13 -5.30 -6.00 12.97
N LYS A 14 -5.32 -5.32 14.09
CA LYS A 14 -6.22 -5.70 15.19
C LYS A 14 -7.65 -5.29 14.85
N MET A 15 -7.82 -4.22 14.10
CA MET A 15 -9.15 -3.80 13.65
C MET A 15 -9.66 -4.79 12.63
N VAL A 16 -8.74 -5.27 11.81
CA VAL A 16 -9.01 -6.26 10.78
C VAL A 16 -9.49 -7.54 11.45
N GLN A 17 -8.80 -8.00 12.47
CA GLN A 17 -9.21 -9.20 13.20
C GLN A 17 -10.58 -9.03 13.85
N LYS A 18 -10.85 -7.84 14.39
CA LYS A 18 -12.15 -7.55 15.03
C LYS A 18 -13.27 -7.25 14.03
N LYS A 19 -12.95 -7.24 12.75
CA LYS A 19 -13.90 -6.92 11.67
C LYS A 19 -14.56 -5.55 11.89
N ASN A 20 -13.85 -4.66 12.58
CA ASN A 20 -14.34 -3.31 12.87
C ASN A 20 -13.22 -2.33 12.59
N ALA A 21 -13.12 -1.91 11.34
CA ALA A 21 -12.06 -1.01 10.90
C ALA A 21 -12.49 0.44 10.71
N ALA A 22 -13.63 0.83 11.27
CA ALA A 22 -14.09 2.22 11.18
C ALA A 22 -13.06 3.16 11.85
N GLY A 23 -12.50 2.70 12.97
CA GLY A 23 -11.51 3.47 13.71
C GLY A 23 -10.23 3.76 12.93
N ALA A 24 -10.00 3.00 11.85
CA ALA A 24 -8.81 3.16 11.04
C ALA A 24 -8.75 4.52 10.36
N LEU A 25 -9.89 5.22 10.31
CA LEU A 25 -9.95 6.55 9.70
C LEU A 25 -8.87 7.46 10.25
N ASP A 26 -8.71 7.44 11.56
CA ASP A 26 -7.81 8.35 12.21
C ASP A 26 -6.37 7.98 11.92
N LEU A 27 -6.14 6.69 11.75
CA LEU A 27 -4.82 6.19 11.46
C LEU A 27 -4.43 6.58 10.06
N LEU A 28 -5.33 6.39 9.13
CA LEU A 28 -5.07 6.68 7.73
C LEU A 28 -4.88 8.19 7.53
N LYS A 29 -5.59 9.00 8.30
CA LYS A 29 -5.35 10.45 8.32
C LYS A 29 -3.89 10.75 8.65
N GLU A 30 -3.40 10.13 9.72
CA GLU A 30 -2.01 10.35 10.15
C GLU A 30 -1.04 9.90 9.08
N LEU A 31 -1.34 8.78 8.45
CA LEU A 31 -0.47 8.24 7.40
C LEU A 31 -0.35 9.16 6.19
N LYS A 32 -1.33 10.02 5.96
CA LYS A 32 -1.26 10.97 4.85
C LYS A 32 -0.26 12.09 5.14
N ASN A 33 0.06 12.28 6.41
CA ASN A 33 1.01 13.32 6.81
C ASN A 33 2.40 12.73 7.02
N ILE A 34 2.50 11.41 6.99
CA ILE A 34 3.77 10.73 7.23
C ILE A 34 4.51 10.47 5.91
N PRO A 35 5.80 10.86 5.83
CA PRO A 35 6.65 10.64 4.66
C PRO A 35 7.06 9.17 4.52
N MET A 36 6.11 8.35 4.10
CA MET A 36 6.34 6.93 3.87
C MET A 36 7.41 6.74 2.80
N THR A 37 8.20 5.69 2.93
CA THR A 37 9.28 5.38 1.98
C THR A 37 9.15 3.92 1.59
N LEU A 38 9.85 3.52 0.55
CA LEU A 38 9.86 2.12 0.13
C LEU A 38 10.40 1.26 1.27
N GLU A 39 11.41 1.79 1.95
CA GLU A 39 12.06 1.09 3.05
C GLU A 39 11.07 0.81 4.18
N LEU A 40 10.20 1.77 4.43
CA LEU A 40 9.18 1.61 5.47
C LEU A 40 8.16 0.56 5.08
N LEU A 41 7.80 0.48 3.81
CA LEU A 41 6.82 -0.51 3.39
C LEU A 41 7.39 -1.90 3.53
N GLN A 42 8.68 -2.03 3.29
CA GLN A 42 9.36 -3.32 3.43
C GLN A 42 9.42 -3.73 4.90
N SER A 43 9.94 -2.86 5.75
CA SER A 43 10.12 -3.17 7.17
C SER A 43 8.84 -3.24 7.99
N THR A 44 7.95 -2.28 7.82
CA THR A 44 6.74 -2.20 8.64
C THR A 44 5.55 -2.93 8.03
N ARG A 45 5.66 -3.27 6.75
CA ARG A 45 4.63 -4.02 6.00
C ARG A 45 3.26 -3.34 6.05
N ILE A 46 3.26 -2.01 6.19
CA ILE A 46 2.01 -1.29 6.37
C ILE A 46 1.16 -1.24 5.10
N GLY A 47 1.79 -1.44 3.94
CA GLY A 47 1.03 -1.46 2.69
C GLY A 47 -0.04 -2.51 2.73
N MET A 48 0.29 -3.66 3.29
CA MET A 48 -0.65 -4.77 3.39
C MET A 48 -1.71 -4.49 4.44
N SER A 49 -1.34 -3.85 5.54
CA SER A 49 -2.29 -3.49 6.58
C SER A 49 -3.35 -2.52 6.05
N VAL A 50 -2.93 -1.45 5.42
CA VAL A 50 -3.87 -0.51 4.81
C VAL A 50 -4.72 -1.21 3.75
N ASN A 51 -4.12 -2.09 2.97
CA ASN A 51 -4.88 -2.83 1.95
C ASN A 51 -6.00 -3.66 2.61
N ALA A 52 -5.67 -4.29 3.74
CA ALA A 52 -6.64 -5.10 4.47
C ALA A 52 -7.75 -4.21 5.05
N ILE A 53 -7.41 -3.04 5.55
CA ILE A 53 -8.41 -2.11 6.09
C ILE A 53 -9.39 -1.71 4.98
N ARG A 54 -8.87 -1.46 3.80
CA ARG A 54 -9.71 -1.04 2.67
C ARG A 54 -10.81 -2.05 2.33
N LYS A 55 -10.56 -3.32 2.55
CA LYS A 55 -11.53 -4.37 2.23
C LYS A 55 -12.33 -4.84 3.45
N GLN A 56 -11.84 -4.52 4.63
CA GLN A 56 -12.49 -4.88 5.90
C GLN A 56 -13.36 -3.76 6.48
N SER A 57 -13.32 -2.59 5.87
CA SER A 57 -14.08 -1.44 6.37
C SER A 57 -15.34 -1.18 5.57
N THR A 58 -16.40 -0.82 6.26
CA THR A 58 -17.67 -0.44 5.67
C THR A 58 -17.77 1.09 5.66
N ASP A 59 -16.76 1.73 6.23
CA ASP A 59 -16.71 3.19 6.34
C ASP A 59 -16.09 3.78 5.08
N GLU A 60 -16.81 4.70 4.44
CA GLU A 60 -16.31 5.26 3.19
C GLU A 60 -15.13 6.20 3.38
N GLU A 61 -15.06 6.94 4.48
CA GLU A 61 -13.91 7.80 4.72
C GLU A 61 -12.70 6.91 4.83
N VAL A 62 -12.79 5.83 5.60
CA VAL A 62 -11.68 4.91 5.74
C VAL A 62 -11.25 4.34 4.40
N THR A 63 -12.18 3.87 3.59
CA THR A 63 -11.81 3.27 2.32
C THR A 63 -11.24 4.31 1.38
N SER A 64 -11.74 5.54 1.43
CA SER A 64 -11.23 6.63 0.60
C SER A 64 -9.85 7.05 1.04
N LEU A 65 -9.59 7.02 2.34
CA LEU A 65 -8.28 7.35 2.84
C LEU A 65 -7.32 6.22 2.46
N ALA A 66 -7.72 4.99 2.72
CA ALA A 66 -6.88 3.84 2.45
C ALA A 66 -6.56 3.68 0.96
N LYS A 67 -7.55 3.84 0.09
CA LYS A 67 -7.31 3.72 -1.36
C LYS A 67 -6.32 4.80 -1.81
N SER A 68 -6.30 5.92 -1.10
CA SER A 68 -5.36 7.00 -1.40
C SER A 68 -3.94 6.61 -1.03
N LEU A 69 -3.73 6.05 0.15
CA LEU A 69 -2.40 5.64 0.56
C LEU A 69 -1.84 4.59 -0.36
N ILE A 70 -2.61 3.58 -0.73
CA ILE A 70 -2.10 2.52 -1.59
C ILE A 70 -1.58 3.11 -2.90
N LYS A 71 -2.33 4.03 -3.48
CA LYS A 71 -1.88 4.68 -4.73
C LYS A 71 -0.62 5.52 -4.53
N SER A 72 -0.55 6.28 -3.45
CA SER A 72 0.60 7.15 -3.20
C SER A 72 1.85 6.32 -2.89
N TRP A 73 1.69 5.34 -2.02
CA TRP A 73 2.79 4.49 -1.57
C TRP A 73 3.31 3.59 -2.68
N LYS A 74 2.49 3.33 -3.68
CA LYS A 74 2.87 2.46 -4.80
C LYS A 74 3.99 3.12 -5.57
N LYS A 75 4.00 4.44 -5.60
CA LYS A 75 5.04 5.18 -6.31
C LYS A 75 6.42 4.98 -5.70
N LEU A 76 6.47 4.58 -4.44
CA LEU A 76 7.73 4.46 -3.71
C LEU A 76 8.59 3.30 -4.17
N LEU A 77 7.96 2.19 -4.51
CA LEU A 77 8.69 1.04 -5.05
C LEU A 77 8.91 1.28 -6.53
N ASP A 78 7.88 1.83 -7.18
CA ASP A 78 7.88 2.04 -8.62
C ASP A 78 8.97 3.00 -9.12
N GLY A 79 9.32 3.99 -8.30
CA GLY A 79 10.35 4.94 -8.67
C GLY A 79 10.80 5.74 -7.46
N GLY A 80 11.70 6.69 -7.67
CA GLY A 80 12.17 7.50 -6.56
C GLY A 80 13.14 8.59 -6.95
N SER A 81 13.98 8.32 -7.95
CA SER A 81 14.90 9.33 -8.43
C SER A 81 14.11 10.40 -9.18
N GLY A 82 14.53 11.65 -9.07
CA GLY A 82 13.83 12.73 -9.74
C GLY A 82 12.43 12.91 -9.16
N SER A 83 11.43 12.99 -10.04
CA SER A 83 10.05 13.16 -9.63
C SER A 83 9.34 11.82 -9.41
N GLY A 84 10.09 10.74 -9.55
CA GLY A 84 9.53 9.40 -9.43
C GLY A 84 9.17 8.87 -10.80
N SER A 85 8.51 7.71 -10.82
CA SER A 85 8.11 7.06 -12.05
C SER A 85 6.76 7.61 -12.54
N GLY A 86 6.36 7.20 -13.73
CA GLY A 86 5.08 7.63 -14.28
C GLY A 86 4.73 6.93 -15.57
N SER A 87 5.72 6.77 -16.45
CA SER A 87 5.53 6.06 -17.72
C SER A 87 6.91 5.67 -18.22
N GLY A 88 6.96 4.78 -19.21
CA GLY A 88 8.23 4.35 -19.78
C GLY A 88 8.66 3.02 -19.19
N SER A 89 9.54 2.31 -19.92
CA SER A 89 10.05 1.00 -19.50
C SER A 89 8.98 -0.01 -19.12
N SER A 90 7.85 0.03 -19.82
CA SER A 90 6.78 -0.92 -19.60
C SER A 90 7.31 -2.29 -19.97
N GLY A 91 7.18 -3.26 -19.10
CA GLY A 91 7.68 -4.60 -19.37
C GLY A 91 9.16 -4.74 -19.03
N GLU A 92 9.96 -3.77 -19.46
CA GLU A 92 11.41 -3.78 -19.24
C GLU A 92 11.76 -3.92 -17.75
N LEU A 93 11.04 -3.18 -16.92
CA LEU A 93 11.31 -3.19 -15.48
C LEU A 93 10.06 -3.65 -14.72
N SER A 94 9.63 -4.88 -14.99
CA SER A 94 8.43 -5.42 -14.35
C SER A 94 8.60 -5.96 -12.93
N ASP A 95 9.83 -5.91 -12.40
CA ASP A 95 10.13 -6.44 -11.06
C ASP A 95 9.29 -5.77 -9.96
N LYS A 96 8.82 -4.56 -10.23
CA LYS A 96 8.03 -3.79 -9.27
C LYS A 96 6.73 -4.51 -8.90
N LYS A 97 6.28 -5.42 -9.75
CA LYS A 97 5.08 -6.22 -9.48
C LYS A 97 5.35 -7.14 -8.30
N ASN A 98 6.57 -7.65 -8.21
CA ASN A 98 6.95 -8.54 -7.12
C ASN A 98 7.07 -7.74 -5.83
N GLU A 99 7.67 -6.57 -5.92
CA GLU A 99 7.82 -5.70 -4.76
C GLU A 99 6.45 -5.40 -4.18
N GLU A 100 5.49 -5.10 -5.03
CA GLU A 100 4.15 -4.79 -4.57
C GLU A 100 3.50 -6.01 -3.95
N LYS A 101 3.70 -7.17 -4.55
CA LYS A 101 3.12 -8.42 -4.04
C LYS A 101 3.56 -8.65 -2.61
N ASP A 102 4.83 -8.40 -2.34
CA ASP A 102 5.39 -8.60 -1.00
C ASP A 102 4.92 -7.56 0.01
N LEU A 103 4.86 -6.32 -0.42
CA LEU A 103 4.53 -5.19 0.45
C LEU A 103 3.05 -4.90 0.66
N PHE A 104 2.24 -5.16 -0.34
CA PHE A 104 0.81 -4.86 -0.34
C PHE A 104 -0.07 -6.09 -0.59
N GLY A 105 0.34 -6.94 -1.53
CA GLY A 105 -0.46 -8.10 -1.88
C GLY A 105 -1.72 -7.69 -2.63
N SER A 106 -1.61 -6.63 -3.41
CA SER A 106 -2.74 -6.06 -4.14
C SER A 106 -2.66 -6.47 -5.60
N ASP A 107 -2.46 -7.75 -5.83
CA ASP A 107 -2.28 -8.30 -7.17
C ASP A 107 -3.59 -8.27 -7.99
N SER A 108 -3.89 -7.08 -8.51
CA SER A 108 -5.06 -6.83 -9.33
C SER A 108 -4.58 -6.32 -10.68
N GLU A 109 -3.27 -6.45 -10.87
CA GLU A 109 -2.55 -6.03 -12.08
C GLU A 109 -2.74 -4.55 -12.46
N SER A 110 -2.31 -4.19 -13.66
CA SER A 110 -2.39 -2.81 -14.14
C SER A 110 -2.67 -2.70 -15.64
N GLY A 111 -2.73 -3.81 -16.35
CA GLY A 111 -2.93 -3.81 -17.79
C GLY A 111 -2.82 -5.23 -18.29
N ASN A 112 -2.98 -5.43 -19.59
CA ASN A 112 -2.93 -6.76 -20.21
C ASN A 112 -2.26 -6.57 -21.57
N GLU A 113 -2.12 -7.69 -22.31
CA GLU A 113 -1.49 -7.74 -23.66
C GLU A 113 0.04 -7.70 -23.56
N GLU A 114 0.73 -8.25 -24.55
CA GLU A 114 2.18 -8.36 -24.54
C GLU A 114 2.68 -8.48 -25.99
N GLU A 115 3.98 -8.27 -26.20
CA GLU A 115 4.61 -8.38 -27.52
C GLU A 115 5.95 -9.07 -27.32
N ASN A 116 6.34 -9.94 -28.25
CA ASN A 116 7.59 -10.71 -28.15
C ASN A 116 8.06 -11.11 -29.56
N MET A 1 11.20 6.81 12.63
CA MET A 1 9.71 6.70 12.56
C MET A 1 9.27 5.29 12.21
N GLU A 2 10.17 4.31 12.18
CA GLU A 2 9.78 2.96 11.79
C GLU A 2 8.77 2.38 12.76
N ASP A 3 9.06 2.53 14.03
CA ASP A 3 8.19 2.01 15.08
C ASP A 3 6.83 2.67 15.03
N GLU A 4 6.78 3.94 14.64
CA GLU A 4 5.50 4.65 14.52
C GLU A 4 4.65 4.01 13.41
N VAL A 5 5.27 3.68 12.30
CA VAL A 5 4.54 3.08 11.19
C VAL A 5 4.08 1.67 11.61
N VAL A 6 4.96 0.93 12.25
CA VAL A 6 4.61 -0.38 12.83
C VAL A 6 3.44 -0.22 13.82
N ARG A 7 3.44 0.84 14.63
CA ARG A 7 2.32 1.07 15.57
C ARG A 7 1.04 1.19 14.77
N PHE A 8 1.05 1.96 13.71
CA PHE A 8 -0.14 2.12 12.88
C PHE A 8 -0.55 0.79 12.24
N ALA A 9 0.39 0.06 11.67
CA ALA A 9 0.09 -1.21 11.02
C ALA A 9 -0.50 -2.22 12.00
N LYS A 10 0.08 -2.31 13.20
CA LYS A 10 -0.42 -3.26 14.19
C LYS A 10 -1.78 -2.81 14.72
N LYS A 11 -1.99 -1.50 14.83
CA LYS A 11 -3.30 -0.99 15.25
C LYS A 11 -4.32 -1.42 14.19
N MET A 12 -3.99 -1.29 12.91
CA MET A 12 -4.89 -1.67 11.84
C MET A 12 -5.20 -3.17 11.84
N ASP A 13 -4.19 -4.01 11.95
CA ASP A 13 -4.39 -5.46 11.96
C ASP A 13 -5.35 -5.92 13.06
N LYS A 14 -5.31 -5.24 14.20
CA LYS A 14 -6.21 -5.57 15.31
C LYS A 14 -7.66 -5.25 14.95
N MET A 15 -7.86 -4.24 14.12
CA MET A 15 -9.21 -3.88 13.66
C MET A 15 -9.67 -4.87 12.62
N VAL A 16 -8.72 -5.33 11.82
CA VAL A 16 -8.94 -6.32 10.79
C VAL A 16 -9.42 -7.61 11.46
N GLN A 17 -8.74 -8.03 12.51
CA GLN A 17 -9.13 -9.22 13.27
C GLN A 17 -10.53 -9.09 13.87
N LYS A 18 -10.88 -7.90 14.35
CA LYS A 18 -12.20 -7.67 14.94
C LYS A 18 -13.28 -7.35 13.91
N LYS A 19 -12.88 -7.29 12.63
CA LYS A 19 -13.79 -6.96 11.52
C LYS A 19 -14.51 -5.63 11.74
N ASN A 20 -13.85 -4.69 12.38
CA ASN A 20 -14.42 -3.38 12.67
C ASN A 20 -13.33 -2.33 12.50
N ALA A 21 -13.14 -1.90 11.27
CA ALA A 21 -12.08 -0.97 10.93
C ALA A 21 -12.50 0.50 10.87
N ALA A 22 -13.65 0.85 11.43
CA ALA A 22 -14.08 2.25 11.43
C ALA A 22 -13.05 3.13 12.18
N GLY A 23 -12.43 2.55 13.20
CA GLY A 23 -11.41 3.26 13.97
C GLY A 23 -10.17 3.63 13.16
N ALA A 24 -9.98 2.99 12.02
CA ALA A 24 -8.83 3.23 11.15
C ALA A 24 -8.89 4.63 10.53
N LEU A 25 -10.05 5.27 10.58
CA LEU A 25 -10.23 6.61 10.07
C LEU A 25 -9.14 7.55 10.58
N ASP A 26 -8.90 7.50 11.87
CA ASP A 26 -7.89 8.35 12.50
C ASP A 26 -6.47 7.93 12.11
N LEU A 27 -6.26 6.64 11.91
CA LEU A 27 -4.93 6.13 11.62
C LEU A 27 -4.49 6.55 10.23
N LEU A 28 -5.40 6.38 9.28
CA LEU A 28 -5.12 6.67 7.88
C LEU A 28 -4.95 8.17 7.65
N LYS A 29 -5.63 8.98 8.46
CA LYS A 29 -5.45 10.44 8.41
C LYS A 29 -4.01 10.82 8.73
N GLU A 30 -3.41 10.17 9.73
CA GLU A 30 -2.02 10.46 10.08
C GLU A 30 -1.07 10.02 8.95
N LEU A 31 -1.38 8.87 8.35
CA LEU A 31 -0.54 8.35 7.27
C LEU A 31 -0.48 9.23 6.04
N LYS A 32 -1.48 10.10 5.89
CA LYS A 32 -1.50 11.06 4.78
C LYS A 32 -0.43 12.12 4.91
N ASN A 33 0.02 12.38 6.13
CA ASN A 33 1.05 13.38 6.36
C ASN A 33 2.42 12.75 6.47
N ILE A 34 2.45 11.48 6.82
CA ILE A 34 3.72 10.82 7.06
C ILE A 34 4.48 10.53 5.74
N PRO A 35 5.77 10.94 5.67
CA PRO A 35 6.65 10.68 4.52
C PRO A 35 7.10 9.22 4.43
N MET A 36 6.17 8.37 4.04
CA MET A 36 6.42 6.94 3.86
C MET A 36 7.50 6.73 2.80
N THR A 37 8.28 5.66 2.98
CA THR A 37 9.36 5.32 2.05
C THR A 37 9.22 3.86 1.66
N LEU A 38 9.92 3.45 0.62
CA LEU A 38 9.92 2.05 0.20
C LEU A 38 10.44 1.19 1.35
N GLU A 39 11.45 1.69 2.03
CA GLU A 39 12.09 0.96 3.12
C GLU A 39 11.09 0.65 4.22
N LEU A 40 10.24 1.62 4.52
CA LEU A 40 9.21 1.46 5.53
C LEU A 40 8.18 0.42 5.08
N LEU A 41 7.82 0.41 3.81
CA LEU A 41 6.86 -0.56 3.31
C LEU A 41 7.41 -1.97 3.39
N GLN A 42 8.71 -2.10 3.19
CA GLN A 42 9.36 -3.40 3.28
C GLN A 42 9.39 -3.88 4.73
N SER A 43 9.89 -3.06 5.64
CA SER A 43 10.03 -3.47 7.04
C SER A 43 8.71 -3.56 7.82
N THR A 44 7.90 -2.51 7.75
CA THR A 44 6.68 -2.42 8.55
C THR A 44 5.49 -3.11 7.89
N ARG A 45 5.61 -3.35 6.58
CA ARG A 45 4.55 -3.96 5.75
C ARG A 45 3.21 -3.27 5.93
N ILE A 46 3.24 -1.97 6.13
CA ILE A 46 2.02 -1.23 6.35
C ILE A 46 1.18 -1.17 5.07
N GLY A 47 1.81 -1.37 3.92
CA GLY A 47 1.08 -1.38 2.67
C GLY A 47 -0.01 -2.45 2.71
N MET A 48 0.29 -3.60 3.27
CA MET A 48 -0.67 -4.69 3.35
C MET A 48 -1.70 -4.40 4.44
N SER A 49 -1.29 -3.77 5.53
CA SER A 49 -2.24 -3.40 6.59
C SER A 49 -3.29 -2.44 6.06
N VAL A 50 -2.87 -1.39 5.39
CA VAL A 50 -3.82 -0.44 4.79
C VAL A 50 -4.68 -1.15 3.73
N ASN A 51 -4.09 -2.01 2.93
CA ASN A 51 -4.87 -2.76 1.93
C ASN A 51 -5.94 -3.62 2.59
N ALA A 52 -5.60 -4.23 3.71
CA ALA A 52 -6.55 -5.05 4.46
C ALA A 52 -7.68 -4.17 5.01
N ILE A 53 -7.35 -2.99 5.53
CA ILE A 53 -8.37 -2.07 6.04
C ILE A 53 -9.34 -1.68 4.94
N ARG A 54 -8.84 -1.43 3.74
CA ARG A 54 -9.72 -1.05 2.63
C ARG A 54 -10.79 -2.09 2.36
N LYS A 55 -10.45 -3.37 2.50
CA LYS A 55 -11.41 -4.45 2.21
C LYS A 55 -12.19 -4.94 3.43
N GLN A 56 -11.72 -4.57 4.60
CA GLN A 56 -12.38 -4.92 5.87
C GLN A 56 -13.25 -3.79 6.45
N SER A 57 -13.18 -2.61 5.85
CA SER A 57 -13.94 -1.47 6.33
C SER A 57 -15.27 -1.32 5.60
N THR A 58 -16.29 -0.96 6.34
CA THR A 58 -17.61 -0.66 5.76
C THR A 58 -17.79 0.86 5.73
N ASP A 59 -16.77 1.57 6.19
CA ASP A 59 -16.77 3.03 6.24
C ASP A 59 -16.13 3.58 4.97
N GLU A 60 -16.86 4.40 4.24
CA GLU A 60 -16.37 4.95 2.99
C GLU A 60 -15.27 5.97 3.20
N GLU A 61 -15.26 6.67 4.33
CA GLU A 61 -14.17 7.62 4.58
C GLU A 61 -12.89 6.82 4.64
N VAL A 62 -12.93 5.73 5.38
CA VAL A 62 -11.77 4.90 5.60
C VAL A 62 -11.31 4.24 4.31
N THR A 63 -12.22 3.71 3.50
CA THR A 63 -11.79 3.08 2.25
C THR A 63 -11.22 4.12 1.30
N SER A 64 -11.79 5.32 1.28
CA SER A 64 -11.27 6.39 0.41
C SER A 64 -9.91 6.86 0.89
N LEU A 65 -9.75 6.91 2.20
CA LEU A 65 -8.47 7.26 2.80
C LEU A 65 -7.43 6.19 2.47
N ALA A 66 -7.78 4.95 2.71
CA ALA A 66 -6.88 3.83 2.51
C ALA A 66 -6.50 3.66 1.03
N LYS A 67 -7.46 3.77 0.11
CA LYS A 67 -7.14 3.63 -1.32
C LYS A 67 -6.18 4.74 -1.74
N SER A 68 -6.23 5.88 -1.08
CA SER A 68 -5.33 6.99 -1.38
C SER A 68 -3.90 6.62 -1.00
N LEU A 69 -3.70 6.04 0.18
CA LEU A 69 -2.38 5.63 0.59
C LEU A 69 -1.79 4.59 -0.34
N ILE A 70 -2.57 3.60 -0.73
CA ILE A 70 -2.04 2.56 -1.62
C ILE A 70 -1.53 3.20 -2.91
N LYS A 71 -2.31 4.08 -3.52
CA LYS A 71 -1.88 4.75 -4.76
C LYS A 71 -0.64 5.62 -4.54
N SER A 72 -0.55 6.31 -3.42
CA SER A 72 0.61 7.17 -3.16
C SER A 72 1.86 6.36 -2.89
N TRP A 73 1.73 5.34 -2.05
CA TRP A 73 2.85 4.51 -1.63
C TRP A 73 3.38 3.63 -2.75
N LYS A 74 2.56 3.38 -3.75
CA LYS A 74 2.97 2.52 -4.88
C LYS A 74 4.08 3.20 -5.64
N LYS A 75 4.07 4.52 -5.64
CA LYS A 75 5.10 5.29 -6.33
C LYS A 75 6.48 5.11 -5.71
N LEU A 76 6.51 4.68 -4.46
CA LEU A 76 7.77 4.54 -3.72
C LEU A 76 8.59 3.34 -4.21
N LEU A 77 7.93 2.22 -4.43
CA LEU A 77 8.61 1.01 -4.90
C LEU A 77 8.83 1.01 -6.41
N ASP A 78 7.89 1.57 -7.16
CA ASP A 78 7.98 1.55 -8.61
C ASP A 78 8.99 2.57 -9.12
N GLY A 79 9.22 3.58 -8.32
CA GLY A 79 10.20 4.61 -8.66
C GLY A 79 9.69 5.59 -9.69
N GLY A 80 10.54 6.54 -10.06
CA GLY A 80 10.17 7.55 -11.04
C GLY A 80 10.88 7.40 -12.37
N SER A 81 11.71 6.39 -12.50
CA SER A 81 12.46 6.18 -13.73
C SER A 81 11.63 5.59 -14.87
N GLY A 82 10.65 4.76 -14.53
CA GLY A 82 9.79 4.12 -15.53
C GLY A 82 10.45 2.94 -16.25
N SER A 83 11.71 3.12 -16.67
CA SER A 83 12.51 2.10 -17.36
C SER A 83 11.90 1.56 -18.65
N GLY A 84 11.03 2.36 -19.26
CA GLY A 84 10.41 2.01 -20.53
C GLY A 84 11.32 2.30 -21.70
N SER A 85 12.53 1.74 -21.64
CA SER A 85 13.62 1.96 -22.61
C SER A 85 14.18 3.37 -22.45
N GLY A 86 15.29 3.66 -23.11
CA GLY A 86 15.91 4.97 -22.99
C GLY A 86 16.68 5.12 -21.69
N SER A 87 17.94 4.71 -21.70
CA SER A 87 18.83 4.82 -20.53
C SER A 87 18.29 4.17 -19.25
N GLY A 88 17.61 3.04 -19.39
CA GLY A 88 17.10 2.32 -18.24
C GLY A 88 18.22 1.62 -17.48
N SER A 89 18.80 2.33 -16.52
CA SER A 89 19.94 1.82 -15.75
C SER A 89 19.52 0.89 -14.60
N SER A 90 18.22 0.67 -14.45
CA SER A 90 17.69 -0.20 -13.42
C SER A 90 16.27 -0.54 -13.87
N GLY A 91 15.63 -1.49 -13.22
CA GLY A 91 14.28 -1.87 -13.62
C GLY A 91 14.30 -2.79 -14.82
N GLU A 92 15.39 -3.54 -14.96
CA GLU A 92 15.59 -4.45 -16.09
C GLU A 92 14.56 -5.59 -16.05
N LEU A 93 14.05 -5.87 -14.86
CA LEU A 93 13.02 -6.89 -14.67
C LEU A 93 11.85 -6.20 -13.96
N SER A 94 10.67 -6.80 -14.03
CA SER A 94 9.48 -6.25 -13.38
C SER A 94 9.49 -6.53 -11.87
N ASP A 95 10.64 -6.38 -11.25
CA ASP A 95 10.83 -6.67 -9.83
C ASP A 95 9.92 -5.84 -8.94
N LYS A 96 9.67 -4.60 -9.34
CA LYS A 96 8.80 -3.70 -8.59
C LYS A 96 7.39 -4.25 -8.47
N LYS A 97 6.95 -5.00 -9.48
CA LYS A 97 5.62 -5.59 -9.45
C LYS A 97 5.59 -6.78 -8.50
N ASN A 98 6.73 -7.43 -8.31
CA ASN A 98 6.82 -8.56 -7.39
C ASN A 98 6.87 -8.02 -5.96
N GLU A 99 7.51 -6.88 -5.78
CA GLU A 99 7.53 -6.25 -4.48
C GLU A 99 6.10 -5.94 -4.07
N GLU A 100 5.34 -5.27 -4.93
CA GLU A 100 3.96 -4.92 -4.60
C GLU A 100 3.16 -6.15 -4.13
N LYS A 101 3.37 -7.28 -4.78
CA LYS A 101 2.69 -8.53 -4.38
C LYS A 101 2.96 -8.86 -2.91
N ASP A 102 4.18 -8.65 -2.46
CA ASP A 102 4.56 -8.94 -1.06
C ASP A 102 4.32 -7.78 -0.07
N LEU A 103 4.48 -6.56 -0.56
CA LEU A 103 4.37 -5.37 0.27
C LEU A 103 2.91 -4.95 0.47
N PHE A 104 2.06 -5.23 -0.49
CA PHE A 104 0.65 -4.83 -0.45
C PHE A 104 -0.32 -5.97 -0.72
N GLY A 105 -0.04 -6.75 -1.75
CA GLY A 105 -0.94 -7.82 -2.12
C GLY A 105 -2.18 -7.28 -2.83
N SER A 106 -1.98 -6.30 -3.70
CA SER A 106 -3.08 -5.70 -4.44
C SER A 106 -3.20 -6.40 -5.80
N ASP A 107 -4.26 -6.07 -6.52
CA ASP A 107 -4.59 -6.70 -7.79
C ASP A 107 -5.45 -5.72 -8.58
N SER A 108 -5.80 -6.11 -9.80
CA SER A 108 -6.67 -5.32 -10.67
C SER A 108 -7.33 -6.33 -11.60
N GLU A 109 -8.53 -6.03 -12.06
CA GLU A 109 -9.28 -6.96 -12.91
C GLU A 109 -8.62 -7.17 -14.27
N SER A 110 -8.09 -6.11 -14.85
CA SER A 110 -7.38 -6.21 -16.12
C SER A 110 -6.14 -5.33 -16.19
N GLY A 111 -6.25 -4.10 -15.71
CA GLY A 111 -5.12 -3.17 -15.75
C GLY A 111 -5.04 -2.48 -17.09
N ASN A 112 -6.15 -2.49 -17.82
CA ASN A 112 -6.21 -1.86 -19.13
C ASN A 112 -6.92 -0.52 -19.01
N GLU A 113 -6.35 0.51 -19.65
CA GLU A 113 -6.87 1.89 -19.66
C GLU A 113 -6.92 2.56 -18.27
N GLU A 114 -7.21 3.85 -18.26
CA GLU A 114 -7.29 4.64 -17.02
C GLU A 114 -8.66 5.30 -16.90
N GLU A 115 -9.65 4.53 -16.48
CA GLU A 115 -11.01 5.04 -16.28
C GLU A 115 -11.09 5.98 -15.06
N ASN A 116 -12.16 6.76 -15.00
CA ASN A 116 -12.31 7.80 -13.96
C ASN A 116 -13.19 7.33 -12.81
N MET A 1 10.86 6.66 13.07
CA MET A 1 9.44 6.51 12.65
C MET A 1 9.15 5.13 12.10
N GLU A 2 10.11 4.20 12.09
CA GLU A 2 9.81 2.84 11.62
C GLU A 2 8.77 2.29 12.58
N ASP A 3 9.05 2.50 13.86
CA ASP A 3 8.17 2.12 14.94
C ASP A 3 6.81 2.76 14.81
N GLU A 4 6.76 4.01 14.38
CA GLU A 4 5.51 4.76 14.24
C GLU A 4 4.63 4.09 13.20
N VAL A 5 5.24 3.65 12.11
CA VAL A 5 4.49 3.01 11.03
C VAL A 5 4.08 1.60 11.47
N VAL A 6 5.00 0.88 12.10
CA VAL A 6 4.68 -0.44 12.67
C VAL A 6 3.49 -0.27 13.63
N ARG A 7 3.49 0.80 14.42
CA ARG A 7 2.40 1.08 15.34
C ARG A 7 1.09 1.17 14.58
N PHE A 8 1.05 1.98 13.52
CA PHE A 8 -0.17 2.08 12.71
C PHE A 8 -0.59 0.73 12.13
N ALA A 9 0.35 -0.04 11.60
CA ALA A 9 0.02 -1.34 11.02
C ALA A 9 -0.59 -2.29 12.07
N LYS A 10 -0.01 -2.31 13.26
CA LYS A 10 -0.53 -3.17 14.33
C LYS A 10 -1.85 -2.65 14.89
N LYS A 11 -2.03 -1.33 14.91
CA LYS A 11 -3.32 -0.75 15.33
C LYS A 11 -4.38 -1.23 14.33
N MET A 12 -4.04 -1.18 13.05
CA MET A 12 -4.98 -1.60 11.99
C MET A 12 -5.40 -3.05 12.07
N ASP A 13 -4.46 -3.97 12.23
CA ASP A 13 -4.84 -5.38 12.22
C ASP A 13 -5.73 -5.76 13.41
N LYS A 14 -5.54 -5.11 14.54
CA LYS A 14 -6.43 -5.37 15.69
C LYS A 14 -7.87 -5.07 15.28
N MET A 15 -8.06 -4.11 14.39
CA MET A 15 -9.39 -3.80 13.86
C MET A 15 -9.88 -4.87 12.88
N VAL A 16 -8.99 -5.40 12.03
CA VAL A 16 -9.40 -6.40 11.04
C VAL A 16 -9.80 -7.70 11.75
N GLN A 17 -9.14 -8.01 12.87
CA GLN A 17 -9.50 -9.20 13.65
C GLN A 17 -10.91 -9.03 14.22
N LYS A 18 -11.24 -7.81 14.62
CA LYS A 18 -12.57 -7.50 15.15
C LYS A 18 -13.59 -7.22 14.05
N LYS A 19 -13.13 -7.24 12.80
CA LYS A 19 -13.96 -6.97 11.62
C LYS A 19 -14.65 -5.60 11.67
N ASN A 20 -14.06 -4.68 12.42
CA ASN A 20 -14.61 -3.32 12.56
C ASN A 20 -13.47 -2.33 12.42
N ALA A 21 -13.19 -1.94 11.20
CA ALA A 21 -12.10 -1.03 10.89
C ALA A 21 -12.50 0.45 10.79
N ALA A 22 -13.68 0.82 11.30
CA ALA A 22 -14.11 2.22 11.24
C ALA A 22 -13.08 3.16 11.90
N GLY A 23 -12.51 2.71 13.01
CA GLY A 23 -11.51 3.49 13.74
C GLY A 23 -10.25 3.79 12.95
N ALA A 24 -10.01 3.01 11.91
CA ALA A 24 -8.84 3.15 11.05
C ALA A 24 -8.81 4.50 10.33
N LEU A 25 -9.95 5.17 10.31
CA LEU A 25 -10.06 6.50 9.71
C LEU A 25 -8.93 7.40 10.21
N ASP A 26 -8.75 7.43 11.51
CA ASP A 26 -7.75 8.27 12.13
C ASP A 26 -6.34 7.80 11.80
N LEU A 27 -6.18 6.50 11.66
CA LEU A 27 -4.86 5.94 11.37
C LEU A 27 -4.43 6.36 9.97
N LEU A 28 -5.31 6.19 9.00
CA LEU A 28 -5.05 6.62 7.66
C LEU A 28 -4.91 8.15 7.54
N LYS A 29 -5.69 8.92 8.31
CA LYS A 29 -5.49 10.39 8.36
C LYS A 29 -4.04 10.71 8.71
N GLU A 30 -3.51 10.08 9.75
CA GLU A 30 -2.14 10.34 10.18
C GLU A 30 -1.14 9.93 9.13
N LEU A 31 -1.41 8.80 8.49
CA LEU A 31 -0.52 8.24 7.48
C LEU A 31 -0.35 9.15 6.27
N LYS A 32 -1.34 9.98 6.00
CA LYS A 32 -1.25 10.96 4.90
C LYS A 32 -0.22 12.03 5.21
N ASN A 33 0.11 12.21 6.48
CA ASN A 33 1.06 13.23 6.91
C ASN A 33 2.45 12.61 7.17
N ILE A 34 2.60 11.33 6.88
CA ILE A 34 3.87 10.64 7.11
C ILE A 34 4.60 10.43 5.79
N PRO A 35 5.89 10.80 5.74
CA PRO A 35 6.74 10.60 4.56
C PRO A 35 7.13 9.12 4.41
N MET A 36 6.16 8.31 4.02
CA MET A 36 6.38 6.88 3.78
C MET A 36 7.45 6.71 2.71
N THR A 37 8.25 5.66 2.85
CA THR A 37 9.33 5.37 1.93
C THR A 37 9.21 3.92 1.55
N LEU A 38 9.96 3.50 0.54
CA LEU A 38 9.96 2.10 0.12
C LEU A 38 10.46 1.27 1.29
N GLU A 39 11.45 1.80 1.98
CA GLU A 39 12.09 1.13 3.11
C GLU A 39 11.05 0.77 4.17
N LEU A 40 10.14 1.69 4.41
CA LEU A 40 9.11 1.48 5.40
C LEU A 40 8.13 0.41 4.96
N LEU A 41 7.81 0.34 3.69
CA LEU A 41 6.86 -0.65 3.21
C LEU A 41 7.49 -2.03 3.32
N GLN A 42 8.79 -2.09 3.09
CA GLN A 42 9.53 -3.35 3.14
C GLN A 42 9.60 -3.90 4.56
N SER A 43 9.87 -3.04 5.53
CA SER A 43 9.97 -3.48 6.93
C SER A 43 8.64 -3.54 7.68
N THR A 44 7.88 -2.46 7.65
CA THR A 44 6.65 -2.35 8.44
C THR A 44 5.46 -3.05 7.79
N ARG A 45 5.57 -3.29 6.48
CA ARG A 45 4.51 -3.92 5.66
C ARG A 45 3.17 -3.25 5.86
N ILE A 46 3.21 -1.95 6.05
CA ILE A 46 2.00 -1.18 6.28
C ILE A 46 1.16 -1.13 5.01
N GLY A 47 1.79 -1.38 3.86
CA GLY A 47 1.05 -1.43 2.61
C GLY A 47 -0.01 -2.51 2.70
N MET A 48 0.33 -3.64 3.30
CA MET A 48 -0.61 -4.73 3.44
C MET A 48 -1.67 -4.41 4.50
N SER A 49 -1.28 -3.71 5.55
CA SER A 49 -2.23 -3.32 6.60
C SER A 49 -3.27 -2.34 6.06
N VAL A 50 -2.83 -1.28 5.41
CA VAL A 50 -3.77 -0.32 4.82
C VAL A 50 -4.64 -1.02 3.76
N ASN A 51 -4.05 -1.92 2.98
CA ASN A 51 -4.82 -2.69 1.99
C ASN A 51 -5.93 -3.48 2.68
N ALA A 52 -5.60 -4.15 3.77
CA ALA A 52 -6.56 -4.94 4.50
C ALA A 52 -7.68 -4.06 5.02
N ILE A 53 -7.37 -2.88 5.52
CA ILE A 53 -8.40 -1.97 6.04
C ILE A 53 -9.39 -1.61 4.94
N ARG A 54 -8.91 -1.37 3.73
CA ARG A 54 -9.80 -1.01 2.62
C ARG A 54 -10.87 -2.07 2.38
N LYS A 55 -10.53 -3.34 2.60
CA LYS A 55 -11.46 -4.44 2.35
C LYS A 55 -12.17 -4.96 3.59
N GLN A 56 -11.66 -4.57 4.73
CA GLN A 56 -12.23 -4.93 6.04
C GLN A 56 -13.03 -3.80 6.69
N SER A 57 -13.27 -2.72 5.96
CA SER A 57 -14.05 -1.59 6.45
C SER A 57 -15.30 -1.34 5.63
N THR A 58 -16.41 -1.15 6.32
CA THR A 58 -17.69 -0.81 5.68
C THR A 58 -17.75 0.69 5.47
N ASP A 59 -17.03 1.40 6.30
CA ASP A 59 -16.99 2.87 6.26
C ASP A 59 -16.26 3.31 5.00
N GLU A 60 -16.95 3.95 4.08
CA GLU A 60 -16.32 4.38 2.84
C GLU A 60 -15.31 5.49 3.08
N GLU A 61 -15.48 6.26 4.14
CA GLU A 61 -14.51 7.30 4.45
C GLU A 61 -13.14 6.64 4.66
N VAL A 62 -13.15 5.47 5.30
CA VAL A 62 -11.94 4.75 5.60
C VAL A 62 -11.38 4.13 4.34
N THR A 63 -12.22 3.54 3.50
CA THR A 63 -11.76 2.92 2.27
C THR A 63 -11.18 3.99 1.35
N SER A 64 -11.76 5.18 1.40
CA SER A 64 -11.30 6.30 0.60
C SER A 64 -9.96 6.83 1.09
N LEU A 65 -9.74 6.85 2.39
CA LEU A 65 -8.46 7.25 2.93
C LEU A 65 -7.43 6.17 2.60
N ALA A 66 -7.80 4.92 2.79
CA ALA A 66 -6.90 3.80 2.53
C ALA A 66 -6.50 3.70 1.05
N LYS A 67 -7.47 3.79 0.14
CA LYS A 67 -7.18 3.69 -1.30
C LYS A 67 -6.21 4.80 -1.75
N SER A 68 -6.29 5.93 -1.07
CA SER A 68 -5.38 7.06 -1.34
C SER A 68 -3.96 6.67 -1.03
N LEU A 69 -3.78 6.09 0.14
CA LEU A 69 -2.47 5.74 0.65
C LEU A 69 -1.81 4.68 -0.19
N ILE A 70 -2.57 3.68 -0.64
CA ILE A 70 -1.98 2.62 -1.46
C ILE A 70 -1.35 3.22 -2.71
N LYS A 71 -2.05 4.11 -3.39
CA LYS A 71 -1.48 4.70 -4.61
C LYS A 71 -0.31 5.63 -4.31
N SER A 72 -0.40 6.38 -3.23
CA SER A 72 0.67 7.29 -2.84
C SER A 72 1.94 6.52 -2.46
N TRP A 73 1.76 5.34 -1.91
CA TRP A 73 2.87 4.48 -1.52
C TRP A 73 3.42 3.62 -2.65
N LYS A 74 2.62 3.38 -3.67
CA LYS A 74 3.02 2.51 -4.80
C LYS A 74 4.16 3.16 -5.54
N LYS A 75 4.10 4.47 -5.65
CA LYS A 75 5.14 5.25 -6.32
C LYS A 75 6.53 5.11 -5.68
N LEU A 76 6.57 4.59 -4.46
CA LEU A 76 7.83 4.43 -3.74
C LEU A 76 8.65 3.26 -4.28
N LEU A 77 8.02 2.10 -4.47
CA LEU A 77 8.70 0.94 -5.07
C LEU A 77 8.85 1.20 -6.56
N ASP A 78 7.86 1.86 -7.13
CA ASP A 78 7.83 2.16 -8.55
C ASP A 78 8.72 3.36 -8.93
N GLY A 79 9.68 3.67 -8.08
CA GLY A 79 10.58 4.79 -8.33
C GLY A 79 11.34 4.68 -9.64
N GLY A 80 11.81 5.82 -10.12
CA GLY A 80 12.49 5.89 -11.39
C GLY A 80 12.96 7.32 -11.60
N SER A 81 13.09 7.76 -12.85
CA SER A 81 13.56 9.11 -13.16
C SER A 81 12.63 10.20 -12.62
N GLY A 82 11.36 9.87 -12.44
CA GLY A 82 10.39 10.83 -11.92
C GLY A 82 10.08 11.92 -12.93
N SER A 83 10.52 11.72 -14.17
CA SER A 83 10.35 12.69 -15.24
C SER A 83 10.36 11.91 -16.55
N GLY A 84 9.73 12.48 -17.57
CA GLY A 84 9.62 11.84 -18.86
C GLY A 84 8.15 11.65 -19.20
N SER A 85 7.85 11.10 -20.36
CA SER A 85 6.47 10.89 -20.80
C SER A 85 6.39 9.57 -21.55
N GLY A 86 5.21 8.99 -21.62
CA GLY A 86 5.02 7.75 -22.33
C GLY A 86 3.58 7.32 -22.18
N SER A 87 3.22 6.19 -22.79
CA SER A 87 1.87 5.63 -22.69
C SER A 87 2.11 4.14 -22.82
N GLY A 88 1.39 3.34 -22.06
CA GLY A 88 1.57 1.88 -22.08
C GLY A 88 2.78 1.43 -21.29
N SER A 89 3.94 2.02 -21.59
CA SER A 89 5.21 1.75 -20.92
C SER A 89 5.64 0.28 -21.01
N SER A 90 5.73 -0.20 -22.24
CA SER A 90 6.13 -1.56 -22.54
C SER A 90 7.39 -2.02 -21.81
N GLY A 91 7.31 -3.21 -21.23
CA GLY A 91 8.43 -3.81 -20.55
C GLY A 91 7.97 -5.17 -20.07
N GLU A 92 8.88 -5.95 -19.54
CA GLU A 92 8.53 -7.28 -19.04
C GLU A 92 9.35 -7.52 -17.78
N LEU A 93 8.88 -8.46 -16.96
CA LEU A 93 9.57 -8.87 -15.72
C LEU A 93 9.86 -7.69 -14.78
N SER A 94 8.99 -6.68 -14.81
CA SER A 94 9.12 -5.51 -13.94
C SER A 94 9.01 -5.92 -12.47
N ASP A 95 10.14 -5.96 -11.78
CA ASP A 95 10.20 -6.45 -10.40
C ASP A 95 9.31 -5.75 -9.39
N LYS A 96 8.90 -4.53 -9.71
CA LYS A 96 8.01 -3.78 -8.83
C LYS A 96 6.67 -4.49 -8.66
N LYS A 97 6.31 -5.32 -9.62
CA LYS A 97 5.06 -6.09 -9.54
C LYS A 97 5.21 -7.17 -8.46
N ASN A 98 6.43 -7.67 -8.28
CA ASN A 98 6.70 -8.67 -7.24
C ASN A 98 6.83 -7.97 -5.90
N GLU A 99 7.49 -6.82 -5.88
CA GLU A 99 7.64 -6.04 -4.65
C GLU A 99 6.27 -5.71 -4.08
N GLU A 100 5.35 -5.27 -4.93
CA GLU A 100 4.03 -4.91 -4.47
C GLU A 100 3.34 -6.13 -3.86
N LYS A 101 3.48 -7.28 -4.51
CA LYS A 101 2.86 -8.52 -4.04
C LYS A 101 3.31 -8.80 -2.60
N ASP A 102 4.54 -8.47 -2.26
CA ASP A 102 5.02 -8.72 -0.90
C ASP A 102 4.70 -7.60 0.10
N LEU A 103 4.84 -6.37 -0.35
CA LEU A 103 4.64 -5.19 0.51
C LEU A 103 3.18 -4.86 0.76
N PHE A 104 2.34 -5.12 -0.24
CA PHE A 104 0.91 -4.79 -0.21
C PHE A 104 0.03 -6.01 -0.40
N GLY A 105 0.35 -6.83 -1.39
CA GLY A 105 -0.49 -7.97 -1.71
C GLY A 105 -1.80 -7.47 -2.26
N SER A 106 -1.72 -6.45 -3.11
CA SER A 106 -2.91 -5.79 -3.64
C SER A 106 -3.24 -6.17 -5.07
N ASP A 107 -2.52 -5.63 -6.05
CA ASP A 107 -2.85 -5.86 -7.46
C ASP A 107 -1.66 -5.55 -8.39
N SER A 108 -1.13 -6.58 -9.03
CA SER A 108 0.00 -6.42 -9.95
C SER A 108 -0.52 -5.97 -11.31
N GLU A 109 -0.53 -4.66 -11.53
CA GLU A 109 -1.04 -4.07 -12.76
C GLU A 109 -0.35 -4.66 -14.01
N SER A 110 -1.16 -5.18 -14.92
CA SER A 110 -0.65 -5.90 -16.10
C SER A 110 0.11 -5.08 -17.12
N GLY A 111 -0.51 -4.01 -17.60
CA GLY A 111 0.03 -3.19 -18.68
C GLY A 111 -1.05 -3.14 -19.75
N ASN A 112 -1.01 -2.16 -20.65
CA ASN A 112 -2.02 -2.03 -21.71
C ASN A 112 -1.62 -1.04 -22.81
N GLU A 113 -1.25 -1.54 -23.98
CA GLU A 113 -0.97 -0.68 -25.13
C GLU A 113 -1.39 -1.38 -26.43
N GLU A 114 -2.50 -0.92 -26.99
CA GLU A 114 -3.08 -1.46 -28.24
C GLU A 114 -3.37 -2.97 -28.20
N GLU A 115 -4.60 -3.29 -27.79
CA GLU A 115 -5.11 -4.67 -27.65
C GLU A 115 -4.44 -5.47 -26.52
N ASN A 116 -3.97 -4.72 -25.51
CA ASN A 116 -3.43 -5.19 -24.20
C ASN A 116 -1.92 -5.40 -24.18
N MET A 1 10.63 6.75 13.05
CA MET A 1 9.29 6.61 12.43
C MET A 1 9.03 5.19 11.97
N GLU A 2 10.01 4.29 11.96
CA GLU A 2 9.72 2.91 11.54
C GLU A 2 8.75 2.31 12.53
N ASP A 3 9.06 2.49 13.81
CA ASP A 3 8.23 2.01 14.90
C ASP A 3 6.86 2.65 14.85
N GLU A 4 6.82 3.93 14.51
CA GLU A 4 5.58 4.69 14.41
C GLU A 4 4.67 4.07 13.35
N VAL A 5 5.23 3.70 12.21
CA VAL A 5 4.44 3.10 11.13
C VAL A 5 4.04 1.68 11.54
N VAL A 6 4.95 0.93 12.15
CA VAL A 6 4.64 -0.39 12.69
C VAL A 6 3.44 -0.25 13.63
N ARG A 7 3.42 0.79 14.47
CA ARG A 7 2.28 0.98 15.38
C ARG A 7 0.98 1.14 14.60
N PHE A 8 0.96 1.89 13.50
CA PHE A 8 -0.26 2.02 12.72
C PHE A 8 -0.65 0.67 12.12
N ALA A 9 0.31 -0.07 11.59
CA ALA A 9 0.02 -1.38 11.00
C ALA A 9 -0.56 -2.36 12.02
N LYS A 10 0.03 -2.40 13.21
CA LYS A 10 -0.47 -3.31 14.26
C LYS A 10 -1.80 -2.85 14.82
N LYS A 11 -2.04 -1.54 14.84
CA LYS A 11 -3.35 -1.03 15.26
C LYS A 11 -4.39 -1.50 14.25
N MET A 12 -4.07 -1.36 12.96
CA MET A 12 -5.00 -1.78 11.89
C MET A 12 -5.33 -3.25 11.92
N ASP A 13 -4.33 -4.09 12.15
CA ASP A 13 -4.53 -5.54 12.14
C ASP A 13 -5.57 -5.97 13.18
N LYS A 14 -5.59 -5.28 14.29
CA LYS A 14 -6.53 -5.58 15.36
C LYS A 14 -7.94 -5.18 14.96
N MET A 15 -8.07 -4.13 14.16
CA MET A 15 -9.39 -3.72 13.67
C MET A 15 -9.86 -4.73 12.64
N VAL A 16 -8.90 -5.20 11.85
CA VAL A 16 -9.13 -6.18 10.81
C VAL A 16 -9.65 -7.48 11.42
N GLN A 17 -9.01 -7.93 12.50
CA GLN A 17 -9.44 -9.14 13.20
C GLN A 17 -10.85 -9.00 13.76
N LYS A 18 -11.19 -7.81 14.21
CA LYS A 18 -12.52 -7.55 14.78
C LYS A 18 -13.56 -7.19 13.71
N LYS A 19 -13.14 -7.12 12.46
CA LYS A 19 -14.00 -6.72 11.32
C LYS A 19 -14.67 -5.36 11.58
N ASN A 20 -14.00 -4.50 12.34
CA ASN A 20 -14.51 -3.18 12.67
C ASN A 20 -13.39 -2.17 12.47
N ALA A 21 -13.20 -1.76 11.23
CA ALA A 21 -12.12 -0.86 10.87
C ALA A 21 -12.54 0.62 10.77
N ALA A 22 -13.68 0.99 11.32
CA ALA A 22 -14.11 2.40 11.27
C ALA A 22 -13.06 3.29 11.97
N GLY A 23 -12.50 2.78 13.06
CA GLY A 23 -11.48 3.52 13.80
C GLY A 23 -10.21 3.80 13.01
N ALA A 24 -9.99 3.05 11.93
CA ALA A 24 -8.83 3.20 11.08
C ALA A 24 -8.80 4.55 10.39
N LEU A 25 -9.94 5.25 10.37
CA LEU A 25 -10.01 6.57 9.76
C LEU A 25 -8.91 7.46 10.29
N ASP A 26 -8.78 7.47 11.60
CA ASP A 26 -7.79 8.30 12.26
C ASP A 26 -6.37 7.83 11.98
N LEU A 27 -6.19 6.53 11.79
CA LEU A 27 -4.84 6.00 11.52
C LEU A 27 -4.39 6.42 10.14
N LEU A 28 -5.31 6.29 9.19
CA LEU A 28 -5.05 6.61 7.81
C LEU A 28 -4.88 8.13 7.62
N LYS A 29 -5.59 8.93 8.39
CA LYS A 29 -5.37 10.38 8.43
C LYS A 29 -3.90 10.71 8.71
N GLU A 30 -3.32 10.11 9.74
CA GLU A 30 -1.94 10.42 10.11
C GLU A 30 -0.98 9.92 9.03
N LEU A 31 -1.33 8.79 8.45
CA LEU A 31 -0.51 8.19 7.40
C LEU A 31 -0.37 9.06 6.17
N LYS A 32 -1.34 9.93 5.94
CA LYS A 32 -1.28 10.89 4.82
C LYS A 32 -0.27 12.01 5.09
N ASN A 33 0.11 12.18 6.35
CA ASN A 33 1.07 13.21 6.75
C ASN A 33 2.47 12.61 6.90
N ILE A 34 2.55 11.29 6.94
CA ILE A 34 3.84 10.61 7.13
C ILE A 34 4.54 10.44 5.78
N PRO A 35 5.83 10.83 5.69
CA PRO A 35 6.66 10.65 4.49
C PRO A 35 7.07 9.17 4.35
N MET A 36 6.11 8.34 3.99
CA MET A 36 6.35 6.92 3.79
C MET A 36 7.39 6.74 2.68
N THR A 37 8.21 5.72 2.81
CA THR A 37 9.26 5.43 1.84
C THR A 37 9.17 3.96 1.51
N LEU A 38 9.90 3.53 0.49
CA LEU A 38 9.94 2.11 0.14
C LEU A 38 10.52 1.34 1.32
N GLU A 39 11.50 1.95 1.96
CA GLU A 39 12.18 1.33 3.10
C GLU A 39 11.17 1.02 4.20
N LEU A 40 10.30 1.98 4.46
CA LEU A 40 9.27 1.81 5.48
C LEU A 40 8.32 0.69 5.11
N LEU A 41 7.94 0.62 3.85
CA LEU A 41 6.96 -0.40 3.42
C LEU A 41 7.54 -1.79 3.56
N GLN A 42 8.83 -1.90 3.37
CA GLN A 42 9.51 -3.20 3.50
C GLN A 42 9.56 -3.63 4.96
N SER A 43 10.08 -2.78 5.84
CA SER A 43 10.22 -3.12 7.26
C SER A 43 8.90 -3.21 8.02
N THR A 44 7.99 -2.26 7.80
CA THR A 44 6.75 -2.19 8.58
C THR A 44 5.62 -2.97 7.94
N ARG A 45 5.77 -3.25 6.64
CA ARG A 45 4.78 -3.99 5.84
C ARG A 45 3.37 -3.40 5.97
N ILE A 46 3.33 -2.08 6.13
CA ILE A 46 2.07 -1.37 6.34
C ILE A 46 1.21 -1.31 5.08
N GLY A 47 1.83 -1.48 3.92
CA GLY A 47 1.06 -1.46 2.68
C GLY A 47 -0.05 -2.49 2.73
N MET A 48 0.27 -3.66 3.28
CA MET A 48 -0.70 -4.74 3.37
C MET A 48 -1.74 -4.46 4.45
N SER A 49 -1.35 -3.79 5.53
CA SER A 49 -2.29 -3.43 6.58
C SER A 49 -3.32 -2.44 6.06
N VAL A 50 -2.88 -1.37 5.43
CA VAL A 50 -3.79 -0.40 4.83
C VAL A 50 -4.68 -1.08 3.77
N ASN A 51 -4.09 -1.98 2.98
CA ASN A 51 -4.85 -2.70 1.96
C ASN A 51 -5.95 -3.57 2.60
N ALA A 52 -5.64 -4.19 3.73
CA ALA A 52 -6.61 -5.01 4.42
C ALA A 52 -7.76 -4.13 4.95
N ILE A 53 -7.43 -2.98 5.51
CA ILE A 53 -8.45 -2.05 6.02
C ILE A 53 -9.39 -1.64 4.90
N ARG A 54 -8.83 -1.41 3.72
CA ARG A 54 -9.62 -1.02 2.56
C ARG A 54 -10.75 -2.01 2.24
N LYS A 55 -10.51 -3.29 2.48
CA LYS A 55 -11.53 -4.31 2.20
C LYS A 55 -12.32 -4.77 3.43
N GLN A 56 -11.77 -4.50 4.60
CA GLN A 56 -12.40 -4.88 5.87
C GLN A 56 -13.26 -3.76 6.47
N SER A 57 -13.28 -2.59 5.84
CA SER A 57 -14.04 -1.46 6.36
C SER A 57 -15.35 -1.26 5.64
N THR A 58 -16.40 -0.98 6.42
CA THR A 58 -17.71 -0.65 5.88
C THR A 58 -17.84 0.87 5.83
N ASP A 59 -16.83 1.55 6.36
CA ASP A 59 -16.77 3.00 6.41
C ASP A 59 -16.11 3.47 5.12
N GLU A 60 -16.82 4.24 4.30
CA GLU A 60 -16.25 4.69 3.04
C GLU A 60 -15.18 5.76 3.23
N GLU A 61 -15.27 6.55 4.28
CA GLU A 61 -14.23 7.55 4.54
C GLU A 61 -12.93 6.81 4.78
N VAL A 62 -12.99 5.69 5.50
CA VAL A 62 -11.81 4.89 5.75
C VAL A 62 -11.29 4.29 4.46
N THR A 63 -12.15 3.72 3.63
CA THR A 63 -11.67 3.12 2.41
C THR A 63 -11.11 4.18 1.48
N SER A 64 -11.68 5.37 1.50
CA SER A 64 -11.20 6.48 0.68
C SER A 64 -9.82 6.95 1.14
N LEU A 65 -9.61 6.96 2.45
CA LEU A 65 -8.29 7.30 2.97
C LEU A 65 -7.31 6.20 2.60
N ALA A 66 -7.72 4.95 2.77
CA ALA A 66 -6.86 3.81 2.52
C ALA A 66 -6.49 3.66 1.04
N LYS A 67 -7.48 3.77 0.14
CA LYS A 67 -7.21 3.62 -1.31
C LYS A 67 -6.24 4.71 -1.77
N SER A 68 -6.29 5.87 -1.12
CA SER A 68 -5.40 6.97 -1.43
C SER A 68 -3.97 6.60 -1.11
N LEU A 69 -3.78 6.05 0.07
CA LEU A 69 -2.47 5.70 0.57
C LEU A 69 -1.84 4.60 -0.28
N ILE A 70 -2.61 3.60 -0.67
CA ILE A 70 -2.06 2.53 -1.51
C ILE A 70 -1.52 3.12 -2.81
N LYS A 71 -2.32 3.95 -3.46
CA LYS A 71 -1.90 4.56 -4.73
C LYS A 71 -0.67 5.45 -4.58
N SER A 72 -0.60 6.21 -3.51
CA SER A 72 0.55 7.09 -3.29
C SER A 72 1.80 6.30 -2.91
N TRP A 73 1.65 5.33 -2.03
CA TRP A 73 2.77 4.51 -1.57
C TRP A 73 3.30 3.59 -2.66
N LYS A 74 2.47 3.30 -3.65
CA LYS A 74 2.87 2.43 -4.76
C LYS A 74 3.98 3.11 -5.52
N LYS A 75 3.99 4.44 -5.52
CA LYS A 75 5.03 5.21 -6.22
C LYS A 75 6.41 5.01 -5.60
N LEU A 76 6.45 4.55 -4.36
CA LEU A 76 7.71 4.42 -3.63
C LEU A 76 8.57 3.28 -4.17
N LEU A 77 7.93 2.14 -4.45
CA LEU A 77 8.63 0.99 -5.03
C LEU A 77 8.77 1.20 -6.53
N ASP A 78 7.77 1.84 -7.11
CA ASP A 78 7.71 2.12 -8.56
C ASP A 78 8.81 3.08 -9.02
N GLY A 79 9.16 4.01 -8.15
CA GLY A 79 10.16 5.03 -8.49
C GLY A 79 9.48 6.19 -9.21
N GLY A 80 8.62 5.84 -10.16
CA GLY A 80 7.86 6.82 -10.90
C GLY A 80 8.39 7.04 -12.31
N SER A 81 7.48 7.33 -13.23
CA SER A 81 7.83 7.59 -14.63
C SER A 81 7.55 9.04 -15.02
N GLY A 82 6.58 9.66 -14.37
CA GLY A 82 6.23 11.04 -14.69
C GLY A 82 5.67 11.15 -16.10
N SER A 83 6.37 11.87 -16.95
CA SER A 83 5.95 12.05 -18.36
C SER A 83 6.80 11.17 -19.27
N GLY A 84 7.37 10.11 -18.70
CA GLY A 84 8.17 9.18 -19.48
C GLY A 84 7.32 8.34 -20.42
N SER A 85 7.97 7.54 -21.25
CA SER A 85 7.27 6.70 -22.21
C SER A 85 7.95 5.34 -22.21
N GLY A 86 7.24 4.32 -22.67
CA GLY A 86 7.74 2.96 -22.63
C GLY A 86 6.83 2.18 -21.70
N SER A 87 7.43 1.32 -20.87
CA SER A 87 6.69 0.48 -19.91
C SER A 87 5.78 -0.55 -20.61
N GLY A 88 5.07 -1.34 -19.84
CA GLY A 88 4.14 -2.31 -20.41
C GLY A 88 3.16 -2.83 -19.39
N SER A 89 2.07 -3.42 -19.86
CA SER A 89 1.02 -3.93 -18.98
C SER A 89 0.96 -5.46 -18.96
N SER A 90 0.87 -6.07 -20.14
CA SER A 90 0.67 -7.51 -20.27
C SER A 90 1.78 -8.43 -19.73
N GLY A 91 3.03 -7.98 -19.74
CA GLY A 91 4.11 -8.84 -19.27
C GLY A 91 5.40 -8.10 -18.98
N GLU A 92 5.28 -6.93 -18.37
CA GLU A 92 6.45 -6.11 -18.07
C GLU A 92 7.31 -6.77 -16.98
N LEU A 93 8.58 -6.98 -17.29
CA LEU A 93 9.51 -7.66 -16.37
C LEU A 93 10.19 -6.70 -15.38
N SER A 94 9.39 -5.99 -14.60
CA SER A 94 9.92 -5.08 -13.59
C SER A 94 9.93 -5.75 -12.21
N ASP A 95 11.06 -5.71 -11.54
CA ASP A 95 11.23 -6.31 -10.21
C ASP A 95 10.20 -5.79 -9.22
N LYS A 96 9.91 -4.51 -9.31
CA LYS A 96 9.05 -3.84 -8.36
C LYS A 96 7.60 -4.27 -8.43
N LYS A 97 7.21 -4.99 -9.48
CA LYS A 97 5.87 -5.55 -9.57
C LYS A 97 5.78 -6.68 -8.56
N ASN A 98 6.89 -7.39 -8.35
CA ASN A 98 6.91 -8.50 -7.39
C ASN A 98 7.03 -7.99 -5.97
N GLU A 99 7.69 -6.84 -5.77
CA GLU A 99 7.77 -6.28 -4.43
C GLU A 99 6.37 -5.96 -3.95
N GLU A 100 5.58 -5.32 -4.79
CA GLU A 100 4.22 -4.93 -4.42
C GLU A 100 3.39 -6.10 -3.90
N LYS A 101 3.56 -7.26 -4.50
CA LYS A 101 2.86 -8.47 -4.09
C LYS A 101 3.12 -8.77 -2.61
N ASP A 102 4.35 -8.57 -2.19
CA ASP A 102 4.74 -8.84 -0.82
C ASP A 102 4.50 -7.66 0.12
N LEU A 103 4.63 -6.45 -0.40
CA LEU A 103 4.48 -5.23 0.41
C LEU A 103 3.02 -4.80 0.61
N PHE A 104 2.18 -5.10 -0.38
CA PHE A 104 0.76 -4.70 -0.37
C PHE A 104 -0.20 -5.84 -0.66
N GLY A 105 0.08 -6.62 -1.69
CA GLY A 105 -0.79 -7.70 -2.09
C GLY A 105 -2.04 -7.22 -2.82
N SER A 106 -1.88 -6.28 -3.74
CA SER A 106 -3.02 -5.75 -4.49
C SER A 106 -3.37 -6.68 -5.65
N ASP A 107 -4.41 -7.48 -5.44
CA ASP A 107 -4.94 -8.39 -6.45
C ASP A 107 -5.87 -7.65 -7.41
N SER A 108 -6.29 -6.48 -6.97
CA SER A 108 -7.24 -5.66 -7.71
C SER A 108 -6.55 -4.77 -8.75
N GLU A 109 -7.35 -4.25 -9.68
CA GLU A 109 -6.92 -3.34 -10.75
C GLU A 109 -5.98 -4.02 -11.77
N SER A 110 -6.57 -4.93 -12.54
CA SER A 110 -5.87 -5.67 -13.59
C SER A 110 -6.88 -5.86 -14.73
N GLY A 111 -6.44 -6.38 -15.86
CA GLY A 111 -7.31 -6.58 -17.01
C GLY A 111 -6.71 -7.62 -17.95
N ASN A 112 -7.25 -7.77 -19.15
CA ASN A 112 -6.75 -8.77 -20.13
C ASN A 112 -6.85 -8.22 -21.55
N GLU A 113 -8.00 -7.61 -21.86
CA GLU A 113 -8.25 -6.90 -23.13
C GLU A 113 -7.82 -7.55 -24.46
N GLU A 114 -8.72 -8.32 -25.06
CA GLU A 114 -8.48 -8.96 -26.35
C GLU A 114 -8.69 -7.95 -27.50
N GLU A 115 -8.22 -8.29 -28.68
CA GLU A 115 -8.30 -7.38 -29.84
C GLU A 115 -9.64 -7.47 -30.59
N ASN A 116 -10.13 -6.30 -31.02
CA ASN A 116 -11.37 -6.13 -31.80
C ASN A 116 -12.64 -6.53 -31.03
N MET A 1 11.13 6.79 12.36
CA MET A 1 9.64 6.64 12.31
C MET A 1 9.24 5.21 11.97
N GLU A 2 10.18 4.27 11.89
CA GLU A 2 9.82 2.89 11.54
C GLU A 2 8.85 2.34 12.57
N ASP A 3 9.17 2.58 13.83
CA ASP A 3 8.37 2.16 14.95
C ASP A 3 6.98 2.76 14.89
N GLU A 4 6.87 4.01 14.47
CA GLU A 4 5.57 4.67 14.41
C GLU A 4 4.69 4.05 13.31
N VAL A 5 5.30 3.70 12.20
CA VAL A 5 4.54 3.10 11.10
C VAL A 5 4.10 1.71 11.54
N VAL A 6 4.99 0.98 12.20
CA VAL A 6 4.66 -0.30 12.81
C VAL A 6 3.46 -0.14 13.74
N ARG A 7 3.42 0.92 14.55
CA ARG A 7 2.27 1.14 15.43
C ARG A 7 0.99 1.22 14.63
N PHE A 8 0.97 2.01 13.57
CA PHE A 8 -0.21 2.11 12.73
C PHE A 8 -0.60 0.76 12.13
N ALA A 9 0.36 0.02 11.59
CA ALA A 9 0.09 -1.28 10.99
C ALA A 9 -0.49 -2.27 12.01
N LYS A 10 0.12 -2.33 13.19
CA LYS A 10 -0.33 -3.27 14.23
C LYS A 10 -1.67 -2.85 14.82
N LYS A 11 -1.96 -1.55 14.83
CA LYS A 11 -3.27 -1.08 15.27
C LYS A 11 -4.31 -1.56 14.26
N MET A 12 -4.03 -1.38 12.97
CA MET A 12 -4.96 -1.78 11.90
C MET A 12 -5.27 -3.27 11.92
N ASP A 13 -4.25 -4.10 12.08
CA ASP A 13 -4.43 -5.55 12.09
C ASP A 13 -5.43 -6.02 13.16
N LYS A 14 -5.48 -5.30 14.27
CA LYS A 14 -6.39 -5.63 15.36
C LYS A 14 -7.82 -5.25 15.00
N MET A 15 -7.97 -4.19 14.22
CA MET A 15 -9.30 -3.76 13.77
C MET A 15 -9.80 -4.76 12.75
N VAL A 16 -8.88 -5.24 11.94
CA VAL A 16 -9.13 -6.22 10.89
C VAL A 16 -9.69 -7.49 11.53
N GLN A 17 -9.05 -7.97 12.58
CA GLN A 17 -9.51 -9.18 13.28
C GLN A 17 -10.88 -8.96 13.94
N LYS A 18 -11.14 -7.75 14.40
CA LYS A 18 -12.42 -7.43 15.04
C LYS A 18 -13.51 -7.06 14.04
N LYS A 19 -13.15 -7.01 12.76
CA LYS A 19 -14.06 -6.63 11.67
C LYS A 19 -14.70 -5.26 11.92
N ASN A 20 -13.99 -4.41 12.64
CA ASN A 20 -14.45 -3.06 12.96
C ASN A 20 -13.31 -2.10 12.69
N ALA A 21 -13.15 -1.75 11.43
CA ALA A 21 -12.05 -0.87 11.01
C ALA A 21 -12.45 0.61 10.89
N ALA A 22 -13.57 1.00 11.48
CA ALA A 22 -13.97 2.41 11.44
C ALA A 22 -12.89 3.29 12.11
N GLY A 23 -12.29 2.77 13.17
CA GLY A 23 -11.23 3.48 13.88
C GLY A 23 -9.99 3.75 13.04
N ALA A 24 -9.83 2.98 11.96
CA ALA A 24 -8.70 3.12 11.07
C ALA A 24 -8.70 4.46 10.36
N LEU A 25 -9.83 5.15 10.37
CA LEU A 25 -9.96 6.45 9.74
C LEU A 25 -8.89 7.40 10.25
N ASP A 26 -8.78 7.45 11.56
CA ASP A 26 -7.76 8.28 12.21
C ASP A 26 -6.36 7.82 11.80
N LEU A 27 -6.15 6.52 11.74
CA LEU A 27 -4.84 5.98 11.41
C LEU A 27 -4.42 6.38 10.01
N LEU A 28 -5.28 6.17 9.03
CA LEU A 28 -5.06 6.57 7.68
C LEU A 28 -4.94 8.08 7.51
N LYS A 29 -5.64 8.87 8.33
CA LYS A 29 -5.49 10.33 8.27
C LYS A 29 -4.08 10.71 8.66
N GLU A 30 -3.57 10.12 9.73
CA GLU A 30 -2.21 10.40 10.19
C GLU A 30 -1.21 9.98 9.14
N LEU A 31 -1.48 8.84 8.52
CA LEU A 31 -0.59 8.28 7.51
C LEU A 31 -0.42 9.17 6.29
N LYS A 32 -1.41 10.02 6.01
CA LYS A 32 -1.30 10.97 4.90
C LYS A 32 -0.28 12.06 5.21
N ASN A 33 0.05 12.24 6.48
CA ASN A 33 1.00 13.26 6.90
C ASN A 33 2.39 12.66 7.07
N ILE A 34 2.50 11.35 6.91
CA ILE A 34 3.76 10.64 7.12
C ILE A 34 4.51 10.43 5.79
N PRO A 35 5.81 10.80 5.76
CA PRO A 35 6.67 10.61 4.59
C PRO A 35 7.08 9.13 4.44
N MET A 36 6.11 8.31 4.04
CA MET A 36 6.34 6.89 3.80
C MET A 36 7.41 6.70 2.73
N THR A 37 8.20 5.65 2.87
CA THR A 37 9.28 5.35 1.95
C THR A 37 9.14 3.90 1.55
N LEU A 38 9.87 3.48 0.53
CA LEU A 38 9.85 2.09 0.09
C LEU A 38 10.36 1.23 1.24
N GLU A 39 11.37 1.72 1.94
CA GLU A 39 11.98 0.96 3.04
C GLU A 39 10.97 0.66 4.13
N LEU A 40 10.12 1.64 4.40
CA LEU A 40 9.10 1.48 5.42
C LEU A 40 8.10 0.40 5.02
N LEU A 41 7.75 0.34 3.75
CA LEU A 41 6.77 -0.64 3.30
C LEU A 41 7.34 -2.04 3.42
N GLN A 42 8.64 -2.16 3.21
CA GLN A 42 9.32 -3.45 3.29
C GLN A 42 9.32 -3.98 4.73
N SER A 43 9.77 -3.18 5.68
CA SER A 43 9.86 -3.62 7.07
C SER A 43 8.53 -3.60 7.83
N THR A 44 7.83 -2.48 7.78
CA THR A 44 6.61 -2.30 8.58
C THR A 44 5.42 -3.00 7.97
N ARG A 45 5.51 -3.29 6.67
CA ARG A 45 4.44 -3.95 5.88
C ARG A 45 3.12 -3.23 6.03
N ILE A 46 3.19 -1.92 6.18
CA ILE A 46 1.98 -1.14 6.37
C ILE A 46 1.18 -1.10 5.08
N GLY A 47 1.82 -1.33 3.95
CA GLY A 47 1.11 -1.38 2.69
C GLY A 47 0.04 -2.44 2.74
N MET A 48 0.38 -3.58 3.33
CA MET A 48 -0.57 -4.69 3.44
C MET A 48 -1.64 -4.39 4.49
N SER A 49 -1.26 -3.71 5.57
CA SER A 49 -2.23 -3.33 6.60
C SER A 49 -3.28 -2.37 6.05
N VAL A 50 -2.85 -1.30 5.41
CA VAL A 50 -3.79 -0.34 4.82
C VAL A 50 -4.64 -1.05 3.73
N ASN A 51 -4.02 -1.93 2.95
CA ASN A 51 -4.75 -2.70 1.92
C ASN A 51 -5.87 -3.51 2.58
N ALA A 52 -5.55 -4.19 3.67
CA ALA A 52 -6.51 -5.00 4.39
C ALA A 52 -7.65 -4.15 4.94
N ILE A 53 -7.35 -2.97 5.45
CA ILE A 53 -8.41 -2.09 5.98
C ILE A 53 -9.40 -1.71 4.88
N ARG A 54 -8.91 -1.43 3.69
CA ARG A 54 -9.80 -1.04 2.58
C ARG A 54 -10.87 -2.10 2.30
N LYS A 55 -10.51 -3.37 2.43
CA LYS A 55 -11.45 -4.46 2.14
C LYS A 55 -12.22 -4.96 3.36
N GLN A 56 -11.72 -4.63 4.53
CA GLN A 56 -12.36 -5.01 5.81
C GLN A 56 -13.23 -3.92 6.41
N SER A 57 -13.28 -2.75 5.78
CA SER A 57 -14.06 -1.62 6.30
C SER A 57 -15.30 -1.34 5.46
N THR A 58 -16.40 -1.07 6.15
CA THR A 58 -17.65 -0.67 5.50
C THR A 58 -17.76 0.85 5.53
N ASP A 59 -16.80 1.46 6.21
CA ASP A 59 -16.74 2.91 6.33
C ASP A 59 -16.11 3.44 5.05
N GLU A 60 -16.89 4.13 4.23
CA GLU A 60 -16.36 4.61 2.96
C GLU A 60 -15.33 5.70 3.09
N GLU A 61 -15.37 6.45 4.18
CA GLU A 61 -14.36 7.46 4.39
C GLU A 61 -13.05 6.70 4.57
N VAL A 62 -13.06 5.64 5.38
CA VAL A 62 -11.84 4.90 5.64
C VAL A 62 -11.32 4.27 4.36
N THR A 63 -12.18 3.67 3.55
CA THR A 63 -11.74 3.02 2.32
C THR A 63 -11.17 4.07 1.37
N SER A 64 -11.73 5.26 1.39
CA SER A 64 -11.24 6.36 0.55
C SER A 64 -9.89 6.87 1.03
N LEU A 65 -9.67 6.88 2.33
CA LEU A 65 -8.37 7.26 2.86
C LEU A 65 -7.36 6.17 2.51
N ALA A 66 -7.74 4.92 2.74
CA ALA A 66 -6.87 3.79 2.47
C ALA A 66 -6.49 3.70 0.99
N LYS A 67 -7.46 3.80 0.09
CA LYS A 67 -7.16 3.71 -1.35
C LYS A 67 -6.20 4.83 -1.78
N SER A 68 -6.29 5.97 -1.10
CA SER A 68 -5.40 7.10 -1.37
C SER A 68 -3.97 6.72 -1.03
N LEU A 69 -3.82 6.13 0.14
CA LEU A 69 -2.51 5.76 0.66
C LEU A 69 -1.85 4.69 -0.18
N ILE A 70 -2.61 3.71 -0.63
CA ILE A 70 -2.03 2.65 -1.46
C ILE A 70 -1.42 3.25 -2.72
N LYS A 71 -2.16 4.13 -3.40
CA LYS A 71 -1.63 4.78 -4.61
C LYS A 71 -0.39 5.62 -4.28
N SER A 72 -0.46 6.40 -3.22
CA SER A 72 0.66 7.27 -2.82
C SER A 72 1.91 6.46 -2.47
N TRP A 73 1.71 5.30 -1.87
CA TRP A 73 2.82 4.44 -1.46
C TRP A 73 3.36 3.54 -2.58
N LYS A 74 2.53 3.27 -3.58
CA LYS A 74 2.93 2.35 -4.67
C LYS A 74 4.02 2.99 -5.51
N LYS A 75 3.99 4.30 -5.64
CA LYS A 75 5.02 5.02 -6.39
C LYS A 75 6.41 4.92 -5.75
N LEU A 76 6.46 4.51 -4.49
CA LEU A 76 7.73 4.42 -3.76
C LEU A 76 8.61 3.29 -4.31
N LEU A 77 8.00 2.17 -4.65
CA LEU A 77 8.73 1.05 -5.27
C LEU A 77 8.85 1.27 -6.77
N ASP A 78 7.81 1.83 -7.36
CA ASP A 78 7.74 2.02 -8.82
C ASP A 78 8.78 3.02 -9.33
N GLY A 79 9.06 4.05 -8.53
CA GLY A 79 10.06 5.03 -8.90
C GLY A 79 9.57 6.00 -9.97
N GLY A 80 9.89 5.71 -11.22
CA GLY A 80 9.50 6.57 -12.32
C GLY A 80 10.20 6.21 -13.62
N SER A 81 9.61 5.28 -14.36
CA SER A 81 10.19 4.81 -15.62
C SER A 81 9.61 5.54 -16.83
N GLY A 82 8.69 6.46 -16.59
CA GLY A 82 8.00 7.17 -17.67
C GLY A 82 8.77 8.26 -18.38
N SER A 83 9.80 7.89 -19.13
CA SER A 83 10.59 8.85 -19.90
C SER A 83 11.17 8.13 -21.11
N GLY A 84 11.51 8.87 -22.16
CA GLY A 84 12.07 8.27 -23.36
C GLY A 84 11.73 9.10 -24.58
N SER A 85 12.14 8.64 -25.75
CA SER A 85 11.90 9.35 -27.01
C SER A 85 10.83 8.69 -27.86
N GLY A 86 9.76 8.22 -27.22
CA GLY A 86 8.68 7.57 -27.94
C GLY A 86 8.98 6.13 -28.30
N SER A 87 10.02 5.57 -27.69
CA SER A 87 10.47 4.22 -27.97
C SER A 87 9.57 3.12 -27.39
N GLY A 88 8.61 3.52 -26.55
CA GLY A 88 7.72 2.57 -25.91
C GLY A 88 8.33 2.07 -24.62
N SER A 89 7.60 1.25 -23.88
CA SER A 89 8.07 0.70 -22.61
C SER A 89 7.32 -0.61 -22.37
N SER A 90 7.85 -1.45 -21.50
CA SER A 90 7.19 -2.72 -21.16
C SER A 90 7.60 -3.17 -19.76
N GLY A 91 8.87 -3.49 -19.59
CA GLY A 91 9.38 -3.95 -18.30
C GLY A 91 9.23 -5.44 -18.12
N GLU A 92 8.56 -6.09 -19.07
CA GLU A 92 8.33 -7.54 -19.04
C GLU A 92 7.68 -7.95 -17.71
N LEU A 93 8.27 -8.92 -17.02
CA LEU A 93 7.72 -9.41 -15.76
C LEU A 93 7.68 -8.33 -14.69
N SER A 94 8.59 -7.37 -14.81
CA SER A 94 8.70 -6.21 -13.90
C SER A 94 8.81 -6.56 -12.41
N ASP A 95 10.02 -6.54 -11.88
CA ASP A 95 10.28 -6.88 -10.48
C ASP A 95 9.42 -6.11 -9.49
N LYS A 96 8.99 -4.91 -9.87
CA LYS A 96 8.15 -4.11 -8.98
C LYS A 96 6.77 -4.72 -8.74
N LYS A 97 6.33 -5.62 -9.62
CA LYS A 97 5.06 -6.32 -9.38
C LYS A 97 5.28 -7.27 -8.20
N ASN A 98 6.46 -7.87 -8.15
CA ASN A 98 6.80 -8.81 -7.07
C ASN A 98 6.97 -8.03 -5.76
N GLU A 99 7.65 -6.89 -5.82
CA GLU A 99 7.83 -6.07 -4.62
C GLU A 99 6.47 -5.66 -4.08
N GLU A 100 5.56 -5.27 -4.96
CA GLU A 100 4.23 -4.88 -4.53
C GLU A 100 3.45 -6.06 -3.94
N LYS A 101 3.61 -7.23 -4.55
CA LYS A 101 2.96 -8.45 -4.08
C LYS A 101 3.31 -8.71 -2.63
N ASP A 102 4.57 -8.50 -2.28
CA ASP A 102 5.03 -8.71 -0.91
C ASP A 102 4.60 -7.59 0.04
N LEU A 103 4.75 -6.36 -0.41
CA LEU A 103 4.50 -5.18 0.41
C LEU A 103 3.03 -4.83 0.63
N PHE A 104 2.21 -5.07 -0.38
CA PHE A 104 0.79 -4.71 -0.35
C PHE A 104 -0.14 -5.88 -0.59
N GLY A 105 0.18 -6.71 -1.58
CA GLY A 105 -0.69 -7.83 -1.92
C GLY A 105 -1.93 -7.36 -2.68
N SER A 106 -1.75 -6.40 -3.59
CA SER A 106 -2.87 -5.87 -4.38
C SER A 106 -3.03 -6.64 -5.69
N ASP A 107 -2.01 -7.44 -6.01
CA ASP A 107 -1.94 -8.27 -7.22
C ASP A 107 -1.87 -7.42 -8.52
N SER A 108 -1.76 -8.08 -9.67
CA SER A 108 -1.61 -7.38 -10.95
C SER A 108 -2.36 -8.06 -12.10
N GLU A 109 -3.31 -7.33 -12.71
CA GLU A 109 -4.09 -7.86 -13.84
C GLU A 109 -3.28 -7.96 -15.13
N SER A 110 -2.25 -7.13 -15.23
CA SER A 110 -1.34 -7.02 -16.40
C SER A 110 -1.97 -6.40 -17.67
N GLY A 111 -3.23 -6.72 -17.96
CA GLY A 111 -3.91 -6.16 -19.12
C GLY A 111 -4.49 -4.78 -18.85
N ASN A 112 -3.64 -3.79 -18.71
CA ASN A 112 -4.08 -2.41 -18.42
C ASN A 112 -4.33 -1.65 -19.72
N GLU A 113 -5.60 -1.46 -20.08
CA GLU A 113 -6.01 -0.68 -21.26
C GLU A 113 -5.30 -1.20 -22.53
N GLU A 114 -5.49 -2.49 -22.76
CA GLU A 114 -4.89 -3.20 -23.90
C GLU A 114 -5.71 -3.06 -25.19
N GLU A 115 -5.07 -3.39 -26.31
CA GLU A 115 -5.67 -3.33 -27.67
C GLU A 115 -6.07 -1.89 -28.06
N ASN A 116 -6.84 -1.73 -29.15
CA ASN A 116 -7.27 -0.41 -29.62
C ASN A 116 -8.54 -0.60 -30.43
N MET A 1 11.33 6.87 11.86
CA MET A 1 9.89 6.71 12.15
C MET A 1 9.43 5.27 11.89
N GLU A 2 10.31 4.29 12.01
CA GLU A 2 9.92 2.92 11.65
C GLU A 2 8.91 2.34 12.61
N ASP A 3 9.17 2.48 13.90
CA ASP A 3 8.28 1.96 14.92
C ASP A 3 6.93 2.64 14.82
N GLU A 4 6.95 3.92 14.49
CA GLU A 4 5.72 4.71 14.35
C GLU A 4 4.79 4.07 13.34
N VAL A 5 5.34 3.68 12.20
CA VAL A 5 4.56 3.06 11.14
C VAL A 5 4.11 1.66 11.58
N VAL A 6 5.01 0.90 12.21
CA VAL A 6 4.66 -0.41 12.76
C VAL A 6 3.47 -0.29 13.73
N ARG A 7 3.45 0.76 14.55
CA ARG A 7 2.33 0.98 15.48
C ARG A 7 1.04 1.11 14.70
N PHE A 8 1.03 1.91 13.64
CA PHE A 8 -0.16 2.07 12.81
C PHE A 8 -0.58 0.74 12.17
N ALA A 9 0.39 0.00 11.65
CA ALA A 9 0.11 -1.27 10.98
C ALA A 9 -0.51 -2.27 11.96
N LYS A 10 0.07 -2.41 13.14
CA LYS A 10 -0.43 -3.38 14.12
C LYS A 10 -1.76 -2.92 14.67
N LYS A 11 -1.99 -1.62 14.78
CA LYS A 11 -3.32 -1.11 15.19
C LYS A 11 -4.35 -1.57 14.17
N MET A 12 -4.03 -1.42 12.88
CA MET A 12 -4.96 -1.80 11.83
C MET A 12 -5.26 -3.28 11.78
N ASP A 13 -4.23 -4.11 11.88
CA ASP A 13 -4.39 -5.57 11.84
C ASP A 13 -5.36 -6.06 12.91
N LYS A 14 -5.36 -5.38 14.03
CA LYS A 14 -6.25 -5.75 15.12
C LYS A 14 -7.69 -5.38 14.81
N MET A 15 -7.89 -4.31 14.04
CA MET A 15 -9.24 -3.90 13.63
C MET A 15 -9.75 -4.89 12.60
N VAL A 16 -8.82 -5.35 11.78
CA VAL A 16 -9.09 -6.33 10.74
C VAL A 16 -9.58 -7.63 11.37
N GLN A 17 -8.87 -8.12 12.39
CA GLN A 17 -9.28 -9.35 13.07
C GLN A 17 -10.64 -9.18 13.76
N LYS A 18 -10.90 -7.99 14.30
CA LYS A 18 -12.18 -7.71 14.96
C LYS A 18 -13.28 -7.34 13.97
N LYS A 19 -12.94 -7.29 12.69
CA LYS A 19 -13.89 -6.96 11.60
C LYS A 19 -14.61 -5.64 11.85
N ASN A 20 -13.90 -4.70 12.47
CA ASN A 20 -14.44 -3.38 12.77
C ASN A 20 -13.34 -2.35 12.56
N ALA A 21 -13.23 -1.88 11.33
CA ALA A 21 -12.16 -0.96 10.94
C ALA A 21 -12.58 0.53 10.83
N ALA A 22 -13.72 0.91 11.39
CA ALA A 22 -14.15 2.31 11.33
C ALA A 22 -13.09 3.22 12.00
N GLY A 23 -12.48 2.71 13.07
CA GLY A 23 -11.47 3.46 13.80
C GLY A 23 -10.21 3.74 13.01
N ALA A 24 -10.03 3.05 11.90
CA ALA A 24 -8.84 3.19 11.06
C ALA A 24 -8.80 4.53 10.36
N LEU A 25 -9.91 5.24 10.35
CA LEU A 25 -9.99 6.57 9.72
C LEU A 25 -8.86 7.47 10.20
N ASP A 26 -8.71 7.53 11.51
CA ASP A 26 -7.72 8.38 12.13
C ASP A 26 -6.30 7.89 11.82
N LEU A 27 -6.13 6.59 11.67
CA LEU A 27 -4.81 6.03 11.38
C LEU A 27 -4.37 6.44 9.97
N LEU A 28 -5.29 6.29 9.01
CA LEU A 28 -5.04 6.69 7.66
C LEU A 28 -4.87 8.21 7.50
N LYS A 29 -5.62 9.01 8.27
CA LYS A 29 -5.42 10.46 8.30
C LYS A 29 -3.97 10.79 8.62
N GLU A 30 -3.43 10.16 9.66
CA GLU A 30 -2.03 10.42 10.05
C GLU A 30 -1.06 9.95 8.98
N LEU A 31 -1.35 8.81 8.39
CA LEU A 31 -0.49 8.22 7.36
C LEU A 31 -0.33 9.08 6.13
N LYS A 32 -1.31 9.94 5.88
CA LYS A 32 -1.22 10.88 4.75
C LYS A 32 -0.18 11.97 5.02
N ASN A 33 0.15 12.19 6.27
CA ASN A 33 1.10 13.24 6.67
C ASN A 33 2.48 12.64 6.93
N ILE A 34 2.56 11.31 6.93
CA ILE A 34 3.81 10.61 7.18
C ILE A 34 4.58 10.42 5.88
N PRO A 35 5.87 10.80 5.84
CA PRO A 35 6.74 10.64 4.67
C PRO A 35 7.17 9.19 4.50
N MET A 36 6.23 8.36 4.09
CA MET A 36 6.47 6.96 3.85
C MET A 36 7.52 6.77 2.77
N THR A 37 8.31 5.72 2.90
CA THR A 37 9.37 5.42 1.94
C THR A 37 9.23 3.96 1.54
N LEU A 38 9.91 3.54 0.48
CA LEU A 38 9.86 2.15 0.06
C LEU A 38 10.41 1.30 1.19
N GLU A 39 11.48 1.77 1.80
CA GLU A 39 12.13 1.04 2.90
C GLU A 39 11.19 0.83 4.06
N LEU A 40 10.38 1.83 4.36
CA LEU A 40 9.40 1.69 5.42
C LEU A 40 8.38 0.63 5.08
N LEU A 41 7.95 0.59 3.83
CA LEU A 41 6.96 -0.40 3.42
C LEU A 41 7.58 -1.77 3.51
N GLN A 42 8.86 -1.88 3.21
CA GLN A 42 9.55 -3.17 3.28
C GLN A 42 9.66 -3.72 4.70
N SER A 43 10.00 -2.88 5.66
CA SER A 43 10.14 -3.35 7.04
C SER A 43 8.83 -3.40 7.81
N THR A 44 7.98 -2.41 7.63
CA THR A 44 6.74 -2.32 8.42
C THR A 44 5.55 -3.04 7.78
N ARG A 45 5.65 -3.27 6.47
CA ARG A 45 4.58 -3.92 5.66
C ARG A 45 3.23 -3.27 5.87
N ILE A 46 3.24 -1.98 6.12
CA ILE A 46 2.01 -1.26 6.39
C ILE A 46 1.12 -1.22 5.14
N GLY A 47 1.72 -1.42 3.99
CA GLY A 47 0.95 -1.45 2.76
C GLY A 47 -0.11 -2.52 2.82
N MET A 48 0.24 -3.67 3.37
CA MET A 48 -0.72 -4.78 3.48
C MET A 48 -1.79 -4.46 4.52
N SER A 49 -1.40 -3.80 5.60
CA SER A 49 -2.36 -3.42 6.63
C SER A 49 -3.39 -2.45 6.09
N VAL A 50 -2.95 -1.37 5.45
CA VAL A 50 -3.88 -0.39 4.86
C VAL A 50 -4.74 -1.08 3.79
N ASN A 51 -4.17 -2.00 3.02
CA ASN A 51 -4.93 -2.74 1.99
C ASN A 51 -6.04 -3.56 2.66
N ALA A 52 -5.71 -4.29 3.71
CA ALA A 52 -6.69 -5.10 4.42
C ALA A 52 -7.81 -4.21 4.99
N ILE A 53 -7.47 -3.05 5.54
CA ILE A 53 -8.49 -2.15 6.05
C ILE A 53 -9.45 -1.74 4.95
N ARG A 54 -8.96 -1.48 3.75
CA ARG A 54 -9.86 -1.07 2.67
C ARG A 54 -10.93 -2.11 2.39
N LYS A 55 -10.58 -3.39 2.46
CA LYS A 55 -11.53 -4.44 2.15
C LYS A 55 -12.31 -4.95 3.36
N GLN A 56 -11.84 -4.60 4.54
CA GLN A 56 -12.53 -4.91 5.80
C GLN A 56 -13.42 -3.76 6.32
N SER A 57 -13.28 -2.58 5.78
CA SER A 57 -14.07 -1.42 6.22
C SER A 57 -15.33 -1.26 5.41
N THR A 58 -16.43 -1.00 6.10
CA THR A 58 -17.71 -0.70 5.47
C THR A 58 -17.92 0.82 5.51
N ASP A 59 -16.94 1.51 6.09
CA ASP A 59 -16.98 2.97 6.18
C ASP A 59 -16.27 3.51 4.94
N GLU A 60 -17.00 4.19 4.07
CA GLU A 60 -16.42 4.70 2.84
C GLU A 60 -15.39 5.80 3.09
N GLU A 61 -15.48 6.50 4.22
CA GLU A 61 -14.48 7.52 4.53
C GLU A 61 -13.15 6.82 4.71
N VAL A 62 -13.16 5.68 5.37
CA VAL A 62 -11.95 4.91 5.63
C VAL A 62 -11.42 4.32 4.34
N THR A 63 -12.28 3.78 3.49
CA THR A 63 -11.80 3.15 2.26
C THR A 63 -11.21 4.20 1.33
N SER A 64 -11.79 5.39 1.33
CA SER A 64 -11.30 6.49 0.51
C SER A 64 -9.95 6.97 1.00
N LEU A 65 -9.74 6.95 2.30
CA LEU A 65 -8.45 7.36 2.84
C LEU A 65 -7.43 6.26 2.51
N ALA A 66 -7.83 5.01 2.74
CA ALA A 66 -6.94 3.88 2.51
C ALA A 66 -6.52 3.73 1.05
N LYS A 67 -7.46 3.84 0.12
CA LYS A 67 -7.14 3.71 -1.31
C LYS A 67 -6.14 4.79 -1.73
N SER A 68 -6.19 5.93 -1.03
CA SER A 68 -5.27 7.03 -1.30
C SER A 68 -3.85 6.62 -0.92
N LEU A 69 -3.67 6.07 0.28
CA LEU A 69 -2.37 5.63 0.70
C LEU A 69 -1.79 4.57 -0.22
N ILE A 70 -2.59 3.59 -0.62
CA ILE A 70 -2.09 2.53 -1.50
C ILE A 70 -1.55 3.12 -2.81
N LYS A 71 -2.31 3.99 -3.44
CA LYS A 71 -1.91 4.56 -4.73
C LYS A 71 -0.69 5.47 -4.57
N SER A 72 -0.59 6.13 -3.44
CA SER A 72 0.54 7.03 -3.20
C SER A 72 1.82 6.27 -2.85
N TRP A 73 1.70 5.30 -1.95
CA TRP A 73 2.85 4.52 -1.49
C TRP A 73 3.43 3.65 -2.60
N LYS A 74 2.62 3.37 -3.59
CA LYS A 74 3.05 2.56 -4.73
C LYS A 74 4.10 3.30 -5.55
N LYS A 75 4.01 4.62 -5.58
CA LYS A 75 4.98 5.46 -6.30
C LYS A 75 6.40 5.31 -5.76
N LEU A 76 6.51 4.84 -4.51
CA LEU A 76 7.80 4.67 -3.86
C LEU A 76 8.59 3.49 -4.40
N LEU A 77 7.88 2.42 -4.75
CA LEU A 77 8.51 1.17 -5.21
C LEU A 77 8.46 0.92 -6.72
N ASP A 78 7.36 1.32 -7.34
CA ASP A 78 7.12 1.07 -8.75
C ASP A 78 7.50 2.31 -9.57
N GLY A 79 7.83 3.38 -8.85
CA GLY A 79 8.17 4.64 -9.49
C GLY A 79 6.96 5.51 -9.80
N GLY A 80 7.19 6.67 -10.41
CA GLY A 80 6.09 7.55 -10.75
C GLY A 80 6.32 8.35 -12.01
N SER A 81 7.17 7.82 -12.88
CA SER A 81 7.53 8.49 -14.11
C SER A 81 6.46 8.33 -15.19
N GLY A 82 6.40 9.27 -16.12
CA GLY A 82 5.48 9.17 -17.24
C GLY A 82 6.19 8.51 -18.39
N SER A 83 5.53 8.48 -19.55
CA SER A 83 6.10 7.93 -20.80
C SER A 83 6.53 6.45 -20.69
N GLY A 84 5.78 5.69 -19.90
CA GLY A 84 6.02 4.26 -19.79
C GLY A 84 5.27 3.52 -20.89
N SER A 85 5.50 2.20 -21.01
CA SER A 85 4.82 1.37 -22.01
C SER A 85 4.96 1.89 -23.44
N GLY A 86 6.13 2.42 -23.76
CA GLY A 86 6.39 2.99 -25.07
C GLY A 86 7.74 2.51 -25.59
N SER A 87 8.11 2.87 -26.80
CA SER A 87 9.39 2.46 -27.36
C SER A 87 10.52 3.05 -26.52
N GLY A 88 11.46 2.21 -26.13
CA GLY A 88 12.55 2.66 -25.28
C GLY A 88 13.47 1.51 -25.00
N SER A 89 14.14 1.54 -23.85
CA SER A 89 15.08 0.49 -23.47
C SER A 89 14.42 -0.84 -23.14
N SER A 90 13.11 -0.81 -22.97
CA SER A 90 12.31 -1.99 -22.60
C SER A 90 12.73 -2.54 -21.23
N GLY A 91 12.21 -3.71 -20.88
CA GLY A 91 12.58 -4.35 -19.62
C GLY A 91 11.36 -4.73 -18.80
N GLU A 92 10.79 -3.72 -18.15
CA GLU A 92 9.55 -3.86 -17.36
C GLU A 92 9.60 -5.04 -16.35
N LEU A 93 10.75 -5.14 -15.67
CA LEU A 93 11.04 -6.24 -14.75
C LEU A 93 9.94 -6.43 -13.71
N SER A 94 9.61 -7.68 -13.45
CA SER A 94 8.54 -8.04 -12.52
C SER A 94 8.96 -7.92 -11.07
N ASP A 95 10.21 -7.54 -10.81
CA ASP A 95 10.70 -7.43 -9.44
C ASP A 95 9.87 -6.46 -8.64
N LYS A 96 9.45 -5.36 -9.25
CA LYS A 96 8.68 -4.35 -8.53
C LYS A 96 7.25 -4.80 -8.32
N LYS A 97 6.81 -5.73 -9.15
CA LYS A 97 5.48 -6.29 -8.99
C LYS A 97 5.52 -7.28 -7.83
N ASN A 98 6.63 -7.97 -7.68
CA ASN A 98 6.80 -8.88 -6.56
C ASN A 98 7.01 -8.09 -5.28
N GLU A 99 7.66 -6.95 -5.39
CA GLU A 99 7.86 -6.07 -4.23
C GLU A 99 6.48 -5.64 -3.75
N GLU A 100 5.60 -5.29 -4.66
CA GLU A 100 4.25 -4.91 -4.29
C GLU A 100 3.51 -6.07 -3.65
N LYS A 101 3.67 -7.25 -4.20
CA LYS A 101 3.01 -8.45 -3.66
C LYS A 101 3.38 -8.67 -2.20
N ASP A 102 4.65 -8.45 -1.87
CA ASP A 102 5.11 -8.66 -0.50
C ASP A 102 4.68 -7.51 0.43
N LEU A 103 4.79 -6.29 -0.07
CA LEU A 103 4.50 -5.10 0.74
C LEU A 103 3.01 -4.81 0.92
N PHE A 104 2.23 -5.11 -0.10
CA PHE A 104 0.78 -4.83 -0.12
C PHE A 104 -0.06 -6.06 -0.39
N GLY A 105 0.31 -6.81 -1.40
CA GLY A 105 -0.47 -7.98 -1.80
C GLY A 105 -1.76 -7.57 -2.48
N SER A 106 -1.71 -6.55 -3.34
CA SER A 106 -2.93 -6.02 -3.96
C SER A 106 -3.43 -6.90 -5.08
N ASP A 107 -4.68 -7.30 -4.96
CA ASP A 107 -5.39 -8.11 -5.94
C ASP A 107 -6.07 -7.19 -6.95
N SER A 108 -6.38 -7.75 -8.11
CA SER A 108 -7.06 -7.02 -9.19
C SER A 108 -7.63 -8.00 -10.21
N GLU A 109 -8.84 -7.74 -10.67
CA GLU A 109 -9.53 -8.55 -11.69
C GLU A 109 -10.01 -7.62 -12.82
N SER A 110 -9.21 -6.60 -13.12
CA SER A 110 -9.54 -5.63 -14.15
C SER A 110 -8.55 -5.62 -15.29
N GLY A 111 -9.07 -5.70 -16.52
CA GLY A 111 -8.25 -5.68 -17.73
C GLY A 111 -8.77 -6.68 -18.74
N ASN A 112 -8.54 -6.43 -20.02
CA ASN A 112 -8.96 -7.32 -21.11
C ASN A 112 -8.31 -6.86 -22.41
N GLU A 113 -7.98 -7.81 -23.29
CA GLU A 113 -7.29 -7.51 -24.55
C GLU A 113 -8.04 -8.19 -25.69
N GLU A 114 -8.31 -7.44 -26.74
CA GLU A 114 -9.01 -7.97 -27.92
C GLU A 114 -8.13 -7.71 -29.15
N GLU A 115 -6.83 -7.91 -28.98
CA GLU A 115 -5.86 -7.68 -30.05
C GLU A 115 -5.85 -8.81 -31.09
N ASN A 116 -6.01 -10.04 -30.60
CA ASN A 116 -6.00 -11.28 -31.43
C ASN A 116 -4.74 -11.39 -32.29
N MET A 1 11.12 6.91 12.40
CA MET A 1 9.64 6.76 12.35
C MET A 1 9.23 5.32 12.07
N GLU A 2 10.16 4.38 11.98
CA GLU A 2 9.78 3.01 11.63
C GLU A 2 8.80 2.42 12.63
N ASP A 3 9.09 2.54 13.91
CA ASP A 3 8.23 1.97 14.94
C ASP A 3 6.84 2.59 14.93
N GLU A 4 6.72 3.85 14.52
CA GLU A 4 5.42 4.51 14.44
C GLU A 4 4.59 3.89 13.33
N VAL A 5 5.24 3.64 12.21
CA VAL A 5 4.55 3.03 11.08
C VAL A 5 4.17 1.59 11.45
N VAL A 6 5.10 0.86 12.08
CA VAL A 6 4.81 -0.50 12.59
C VAL A 6 3.61 -0.39 13.51
N ARG A 7 3.60 0.58 14.40
CA ARG A 7 2.50 0.77 15.32
C ARG A 7 1.20 1.00 14.57
N PHE A 8 1.20 1.82 13.54
CA PHE A 8 -0.01 2.02 12.74
C PHE A 8 -0.48 0.72 12.12
N ALA A 9 0.42 -0.08 11.58
CA ALA A 9 0.05 -1.36 10.97
C ALA A 9 -0.59 -2.28 12.02
N LYS A 10 -0.02 -2.29 13.22
CA LYS A 10 -0.58 -3.13 14.29
C LYS A 10 -1.89 -2.56 14.83
N LYS A 11 -2.03 -1.24 14.90
CA LYS A 11 -3.29 -0.63 15.31
C LYS A 11 -4.36 -1.10 14.33
N MET A 12 -4.03 -1.10 13.04
CA MET A 12 -4.97 -1.54 12.00
C MET A 12 -5.34 -3.01 12.05
N ASP A 13 -4.37 -3.91 12.15
CA ASP A 13 -4.68 -5.33 12.08
C ASP A 13 -5.53 -5.79 13.27
N LYS A 14 -5.37 -5.16 14.43
CA LYS A 14 -6.23 -5.47 15.56
C LYS A 14 -7.69 -5.19 15.18
N MET A 15 -7.91 -4.20 14.33
CA MET A 15 -9.26 -3.90 13.85
C MET A 15 -9.75 -4.94 12.86
N VAL A 16 -8.89 -5.41 11.95
CA VAL A 16 -9.31 -6.37 10.94
C VAL A 16 -9.67 -7.71 11.56
N GLN A 17 -8.98 -8.09 12.63
CA GLN A 17 -9.28 -9.33 13.35
C GLN A 17 -10.70 -9.29 13.90
N LYS A 18 -11.12 -8.11 14.35
CA LYS A 18 -12.45 -7.94 14.93
C LYS A 18 -13.48 -7.45 13.91
N LYS A 19 -13.05 -7.32 12.66
CA LYS A 19 -13.89 -6.86 11.55
C LYS A 19 -14.56 -5.50 11.81
N ASN A 20 -13.91 -4.65 12.59
CA ASN A 20 -14.44 -3.33 12.90
C ASN A 20 -13.34 -2.30 12.67
N ALA A 21 -13.13 -1.97 11.40
CA ALA A 21 -12.06 -1.05 11.01
C ALA A 21 -12.50 0.40 10.85
N ALA A 22 -13.65 0.79 11.39
CA ALA A 22 -14.11 2.17 11.31
C ALA A 22 -13.08 3.12 11.99
N GLY A 23 -12.51 2.67 13.09
CA GLY A 23 -11.53 3.45 13.83
C GLY A 23 -10.28 3.78 13.03
N ALA A 24 -10.03 3.01 11.99
CA ALA A 24 -8.88 3.19 11.12
C ALA A 24 -8.86 4.54 10.42
N LEU A 25 -9.99 5.23 10.40
CA LEU A 25 -10.09 6.55 9.79
C LEU A 25 -8.96 7.45 10.27
N ASP A 26 -8.77 7.49 11.57
CA ASP A 26 -7.76 8.34 12.17
C ASP A 26 -6.34 7.86 11.87
N LEU A 27 -6.18 6.56 11.71
CA LEU A 27 -4.86 5.99 11.44
C LEU A 27 -4.44 6.36 10.03
N LEU A 28 -5.39 6.27 9.12
CA LEU A 28 -5.14 6.59 7.72
C LEU A 28 -4.97 8.10 7.51
N LYS A 29 -5.71 8.92 8.26
CA LYS A 29 -5.48 10.37 8.27
C LYS A 29 -4.02 10.68 8.58
N GLU A 30 -3.49 10.05 9.62
CA GLU A 30 -2.10 10.27 10.03
C GLU A 30 -1.13 9.82 8.96
N LEU A 31 -1.44 8.70 8.32
CA LEU A 31 -0.57 8.14 7.31
C LEU A 31 -0.39 9.02 6.10
N LYS A 32 -1.38 9.86 5.83
CA LYS A 32 -1.28 10.85 4.74
C LYS A 32 -0.24 11.92 5.06
N ASN A 33 0.07 12.10 6.34
CA ASN A 33 1.03 13.12 6.79
C ASN A 33 2.41 12.52 7.01
N ILE A 34 2.54 11.22 6.84
CA ILE A 34 3.80 10.53 7.07
C ILE A 34 4.55 10.36 5.75
N PRO A 35 5.85 10.74 5.71
CA PRO A 35 6.71 10.56 4.55
C PRO A 35 7.12 9.08 4.41
N MET A 36 6.15 8.27 4.03
CA MET A 36 6.36 6.84 3.81
C MET A 36 7.42 6.66 2.73
N THR A 37 8.22 5.61 2.87
CA THR A 37 9.29 5.33 1.92
C THR A 37 9.16 3.87 1.54
N LEU A 38 9.89 3.46 0.51
CA LEU A 38 9.88 2.06 0.09
C LEU A 38 10.38 1.22 1.25
N GLU A 39 11.40 1.73 1.93
CA GLU A 39 12.02 0.98 3.04
C GLU A 39 11.02 0.71 4.15
N LEU A 40 10.17 1.68 4.41
CA LEU A 40 9.16 1.52 5.44
C LEU A 40 8.17 0.45 5.06
N LEU A 41 7.82 0.35 3.79
CA LEU A 41 6.85 -0.63 3.36
C LEU A 41 7.44 -2.02 3.50
N GLN A 42 8.74 -2.14 3.33
CA GLN A 42 9.42 -3.42 3.46
C GLN A 42 9.43 -3.89 4.92
N SER A 43 9.95 -3.06 5.81
CA SER A 43 10.08 -3.44 7.22
C SER A 43 8.80 -3.40 8.04
N THR A 44 7.97 -2.38 7.83
CA THR A 44 6.76 -2.21 8.65
C THR A 44 5.58 -2.95 8.05
N ARG A 45 5.70 -3.26 6.75
CA ARG A 45 4.69 -4.02 5.98
C ARG A 45 3.30 -3.37 6.08
N ILE A 46 3.30 -2.05 6.19
CA ILE A 46 2.05 -1.31 6.36
C ILE A 46 1.20 -1.26 5.08
N GLY A 47 1.81 -1.46 3.92
CA GLY A 47 1.06 -1.45 2.68
C GLY A 47 -0.05 -2.47 2.72
N MET A 48 0.24 -3.64 3.28
CA MET A 48 -0.72 -4.71 3.40
C MET A 48 -1.77 -4.38 4.45
N SER A 49 -1.37 -3.73 5.52
CA SER A 49 -2.32 -3.34 6.58
C SER A 49 -3.33 -2.33 6.06
N VAL A 50 -2.86 -1.26 5.43
CA VAL A 50 -3.78 -0.28 4.84
C VAL A 50 -4.67 -0.94 3.79
N ASN A 51 -4.11 -1.85 2.99
CA ASN A 51 -4.92 -2.56 1.99
C ASN A 51 -6.01 -3.39 2.66
N ALA A 52 -5.67 -4.07 3.74
CA ALA A 52 -6.62 -4.90 4.46
C ALA A 52 -7.74 -4.04 4.99
N ILE A 53 -7.44 -2.88 5.54
CA ILE A 53 -8.47 -1.98 6.07
C ILE A 53 -9.45 -1.61 4.97
N ARG A 54 -8.95 -1.35 3.77
CA ARG A 54 -9.81 -0.97 2.66
C ARG A 54 -10.89 -2.02 2.36
N LYS A 55 -10.56 -3.29 2.56
CA LYS A 55 -11.50 -4.37 2.27
C LYS A 55 -12.24 -4.92 3.50
N GLN A 56 -11.70 -4.58 4.66
CA GLN A 56 -12.28 -4.99 5.95
C GLN A 56 -13.09 -3.88 6.64
N SER A 57 -13.33 -2.79 5.94
CA SER A 57 -14.12 -1.68 6.49
C SER A 57 -15.34 -1.42 5.63
N THR A 58 -16.46 -1.13 6.28
CA THR A 58 -17.70 -0.78 5.60
C THR A 58 -17.83 0.74 5.58
N ASP A 59 -16.90 1.41 6.25
CA ASP A 59 -16.89 2.87 6.29
C ASP A 59 -16.20 3.35 5.02
N GLU A 60 -16.94 4.04 4.16
CA GLU A 60 -16.37 4.49 2.91
C GLU A 60 -15.33 5.59 3.10
N GLU A 61 -15.41 6.35 4.18
CA GLU A 61 -14.40 7.37 4.41
C GLU A 61 -13.09 6.65 4.64
N VAL A 62 -13.13 5.53 5.36
CA VAL A 62 -11.94 4.78 5.65
C VAL A 62 -11.40 4.15 4.39
N THR A 63 -12.25 3.57 3.56
CA THR A 63 -11.77 2.95 2.34
C THR A 63 -11.21 4.00 1.40
N SER A 64 -11.80 5.18 1.40
CA SER A 64 -11.33 6.30 0.57
C SER A 64 -9.97 6.79 1.04
N LEU A 65 -9.78 6.88 2.35
CA LEU A 65 -8.49 7.31 2.89
C LEU A 65 -7.46 6.25 2.53
N ALA A 66 -7.78 4.99 2.76
CA ALA A 66 -6.85 3.88 2.54
C ALA A 66 -6.47 3.74 1.08
N LYS A 67 -7.44 3.81 0.17
CA LYS A 67 -7.11 3.69 -1.26
C LYS A 67 -6.16 4.80 -1.70
N SER A 68 -6.25 5.95 -1.04
CA SER A 68 -5.37 7.07 -1.35
C SER A 68 -3.93 6.69 -1.00
N LEU A 69 -3.70 6.14 0.19
CA LEU A 69 -2.38 5.73 0.57
C LEU A 69 -1.79 4.68 -0.35
N ILE A 70 -2.57 3.68 -0.74
CA ILE A 70 -2.03 2.63 -1.59
C ILE A 70 -1.49 3.20 -2.90
N LYS A 71 -2.27 4.03 -3.57
CA LYS A 71 -1.84 4.60 -4.85
C LYS A 71 -0.62 5.52 -4.69
N SER A 72 -0.54 6.23 -3.57
CA SER A 72 0.60 7.12 -3.31
C SER A 72 1.86 6.33 -2.96
N TRP A 73 1.72 5.37 -2.06
CA TRP A 73 2.84 4.55 -1.59
C TRP A 73 3.39 3.64 -2.67
N LYS A 74 2.58 3.37 -3.66
CA LYS A 74 2.99 2.53 -4.78
C LYS A 74 4.06 3.25 -5.58
N LYS A 75 4.05 4.57 -5.56
CA LYS A 75 5.06 5.35 -6.27
C LYS A 75 6.44 5.17 -5.64
N LEU A 76 6.49 4.70 -4.41
CA LEU A 76 7.76 4.54 -3.69
C LEU A 76 8.57 3.41 -4.28
N LEU A 77 7.92 2.27 -4.50
CA LEU A 77 8.57 1.13 -5.14
C LEU A 77 8.81 1.48 -6.60
N ASP A 78 7.86 2.19 -7.16
CA ASP A 78 7.89 2.50 -8.58
C ASP A 78 9.04 3.45 -8.92
N GLY A 79 9.44 4.28 -7.96
CA GLY A 79 10.54 5.20 -8.17
C GLY A 79 11.90 4.59 -7.87
N GLY A 80 11.90 3.42 -7.25
CA GLY A 80 13.14 2.75 -6.92
C GLY A 80 13.75 3.25 -5.63
N SER A 81 15.02 2.92 -5.42
CA SER A 81 15.75 3.32 -4.22
C SER A 81 17.23 3.28 -4.59
N GLY A 82 18.10 3.44 -3.60
CA GLY A 82 19.53 3.39 -3.84
C GLY A 82 20.02 1.96 -3.96
N SER A 83 21.35 1.78 -3.88
CA SER A 83 22.00 0.48 -4.01
C SER A 83 21.70 -0.18 -5.37
N GLY A 84 21.81 -1.49 -5.45
CA GLY A 84 21.57 -2.20 -6.70
C GLY A 84 20.16 -2.74 -6.76
N SER A 85 19.58 -2.73 -7.95
CA SER A 85 18.21 -3.23 -8.17
C SER A 85 18.16 -3.94 -9.52
N GLY A 86 19.19 -4.74 -9.76
CA GLY A 86 19.35 -5.47 -11.01
C GLY A 86 20.46 -4.86 -11.83
N SER A 87 20.47 -5.15 -13.13
CA SER A 87 21.49 -4.62 -14.04
C SER A 87 21.38 -3.11 -14.23
N GLY A 88 20.29 -2.52 -13.78
CA GLY A 88 20.09 -1.09 -13.85
C GLY A 88 19.06 -0.68 -12.83
N SER A 89 19.11 0.58 -12.41
CA SER A 89 18.21 1.11 -11.37
C SER A 89 16.74 1.27 -11.77
N SER A 90 16.33 0.62 -12.85
CA SER A 90 14.96 0.72 -13.34
C SER A 90 14.06 -0.32 -12.66
N GLY A 91 14.65 -1.16 -11.82
CA GLY A 91 13.89 -2.23 -11.18
C GLY A 91 13.73 -3.33 -12.21
N GLU A 92 14.83 -4.02 -12.48
CA GLU A 92 14.88 -5.04 -13.53
C GLU A 92 13.79 -6.11 -13.35
N LEU A 93 13.25 -6.58 -14.48
CA LEU A 93 12.19 -7.60 -14.50
C LEU A 93 10.94 -7.14 -13.75
N SER A 94 10.74 -5.83 -13.71
CA SER A 94 9.60 -5.20 -13.04
C SER A 94 9.62 -5.54 -11.55
N ASP A 95 10.80 -5.41 -10.96
CA ASP A 95 10.98 -5.69 -9.53
C ASP A 95 10.02 -4.90 -8.65
N LYS A 96 9.65 -3.71 -9.08
CA LYS A 96 8.68 -2.90 -8.35
C LYS A 96 7.34 -3.63 -8.19
N LYS A 97 6.96 -4.46 -9.15
CA LYS A 97 5.72 -5.23 -9.04
C LYS A 97 5.93 -6.39 -8.07
N ASN A 98 7.13 -6.97 -8.06
CA ASN A 98 7.44 -8.06 -7.13
C ASN A 98 7.42 -7.55 -5.71
N GLU A 99 7.98 -6.36 -5.51
CA GLU A 99 7.97 -5.73 -4.21
C GLU A 99 6.54 -5.44 -3.80
N GLU A 100 5.72 -4.97 -4.73
CA GLU A 100 4.32 -4.68 -4.41
C GLU A 100 3.57 -5.93 -3.96
N LYS A 101 3.88 -7.07 -4.58
CA LYS A 101 3.26 -8.34 -4.22
C LYS A 101 3.49 -8.64 -2.74
N ASP A 102 4.69 -8.35 -2.27
CA ASP A 102 5.07 -8.67 -0.90
C ASP A 102 4.66 -7.59 0.09
N LEU A 103 4.86 -6.34 -0.27
CA LEU A 103 4.59 -5.20 0.61
C LEU A 103 3.12 -4.91 0.78
N PHE A 104 2.36 -5.09 -0.29
CA PHE A 104 0.93 -4.78 -0.30
C PHE A 104 0.03 -5.96 -0.57
N GLY A 105 0.33 -6.70 -1.63
CA GLY A 105 -0.56 -7.77 -2.07
C GLY A 105 -1.86 -7.12 -2.53
N SER A 106 -1.73 -5.91 -3.09
CA SER A 106 -2.90 -5.12 -3.46
C SER A 106 -3.48 -5.52 -4.80
N ASP A 107 -2.60 -5.78 -5.75
CA ASP A 107 -3.02 -6.11 -7.11
C ASP A 107 -2.08 -7.19 -7.61
N SER A 108 -2.55 -8.02 -8.54
CA SER A 108 -1.72 -9.08 -9.09
C SER A 108 -1.59 -8.96 -10.61
N GLU A 109 -2.66 -8.53 -11.24
CA GLU A 109 -2.70 -8.39 -12.69
C GLU A 109 -1.79 -7.26 -13.15
N SER A 110 -1.22 -7.39 -14.35
CA SER A 110 -0.33 -6.38 -14.91
C SER A 110 -0.21 -6.54 -16.42
N GLY A 111 -0.72 -5.58 -17.17
CA GLY A 111 -0.64 -5.62 -18.63
C GLY A 111 -1.12 -4.31 -19.21
N ASN A 112 -1.10 -4.20 -20.53
CA ASN A 112 -1.60 -3.01 -21.23
C ASN A 112 -2.10 -3.52 -22.58
N GLU A 113 -3.35 -3.22 -22.91
CA GLU A 113 -3.98 -3.69 -24.15
C GLU A 113 -4.05 -2.55 -25.15
N GLU A 114 -2.90 -1.91 -25.33
CA GLU A 114 -2.73 -0.73 -26.20
C GLU A 114 -3.62 0.45 -25.77
N GLU A 115 -3.46 0.79 -24.49
CA GLU A 115 -4.11 1.89 -23.76
C GLU A 115 -5.53 1.54 -23.30
N ASN A 116 -6.18 2.46 -22.59
CA ASN A 116 -7.48 2.24 -21.95
C ASN A 116 -8.27 3.53 -22.14
N MET A 1 11.34 6.79 12.03
CA MET A 1 9.87 6.69 12.14
C MET A 1 9.39 5.26 11.88
N GLU A 2 10.27 4.27 11.93
CA GLU A 2 9.85 2.90 11.61
C GLU A 2 8.84 2.38 12.61
N ASP A 3 9.13 2.58 13.90
CA ASP A 3 8.26 2.12 14.96
C ASP A 3 6.89 2.83 14.89
N GLU A 4 6.88 4.07 14.43
CA GLU A 4 5.65 4.83 14.29
C GLU A 4 4.72 4.13 13.29
N VAL A 5 5.29 3.73 12.16
CA VAL A 5 4.53 3.07 11.11
C VAL A 5 4.13 1.67 11.57
N VAL A 6 5.05 0.94 12.18
CA VAL A 6 4.73 -0.37 12.77
C VAL A 6 3.57 -0.23 13.75
N ARG A 7 3.59 0.82 14.59
CA ARG A 7 2.51 1.03 15.55
C ARG A 7 1.19 1.17 14.80
N PHE A 8 1.16 1.94 13.74
CA PHE A 8 -0.05 2.08 12.92
C PHE A 8 -0.47 0.76 12.27
N ALA A 9 0.47 0.02 11.70
CA ALA A 9 0.15 -1.25 11.04
C ALA A 9 -0.43 -2.25 12.04
N LYS A 10 0.14 -2.32 13.23
CA LYS A 10 -0.33 -3.25 14.24
C LYS A 10 -1.67 -2.78 14.80
N LYS A 11 -1.90 -1.47 14.87
CA LYS A 11 -3.22 -0.97 15.29
C LYS A 11 -4.25 -1.44 14.26
N MET A 12 -3.90 -1.33 12.97
CA MET A 12 -4.82 -1.72 11.90
C MET A 12 -5.13 -3.21 11.88
N ASP A 13 -4.12 -4.06 12.04
CA ASP A 13 -4.35 -5.51 12.02
C ASP A 13 -5.33 -5.96 13.10
N LYS A 14 -5.30 -5.28 14.23
CA LYS A 14 -6.20 -5.63 15.34
C LYS A 14 -7.65 -5.27 14.97
N MET A 15 -7.83 -4.24 14.16
CA MET A 15 -9.16 -3.86 13.71
C MET A 15 -9.64 -4.90 12.69
N VAL A 16 -8.69 -5.34 11.88
CA VAL A 16 -8.93 -6.35 10.85
C VAL A 16 -9.38 -7.65 11.51
N GLN A 17 -8.69 -8.06 12.57
CA GLN A 17 -9.05 -9.27 13.32
C GLN A 17 -10.44 -9.14 13.94
N LYS A 18 -10.77 -7.95 14.43
CA LYS A 18 -12.09 -7.70 15.04
C LYS A 18 -13.20 -7.49 14.00
N LYS A 19 -12.82 -7.45 12.73
CA LYS A 19 -13.76 -7.22 11.61
C LYS A 19 -14.54 -5.91 11.79
N ASN A 20 -13.88 -4.94 12.40
CA ASN A 20 -14.45 -3.61 12.61
C ASN A 20 -13.29 -2.65 12.48
N ALA A 21 -13.22 -2.00 11.32
CA ALA A 21 -12.11 -1.12 11.01
C ALA A 21 -12.50 0.35 10.78
N ALA A 22 -13.69 0.75 11.21
CA ALA A 22 -14.13 2.14 11.07
C ALA A 22 -13.14 3.10 11.75
N GLY A 23 -12.61 2.67 12.89
CA GLY A 23 -11.64 3.47 13.65
C GLY A 23 -10.33 3.75 12.90
N ALA A 24 -10.05 3.01 11.84
CA ALA A 24 -8.86 3.20 11.04
C ALA A 24 -8.84 4.56 10.36
N LEU A 25 -9.98 5.23 10.28
CA LEU A 25 -10.05 6.57 9.68
C LEU A 25 -8.96 7.48 10.24
N ASP A 26 -8.84 7.49 11.55
CA ASP A 26 -7.87 8.34 12.23
C ASP A 26 -6.44 7.90 11.98
N LEU A 27 -6.24 6.60 11.79
CA LEU A 27 -4.91 6.09 11.55
C LEU A 27 -4.46 6.51 10.16
N LEU A 28 -5.35 6.34 9.20
CA LEU A 28 -5.07 6.67 7.81
C LEU A 28 -4.89 8.17 7.61
N LYS A 29 -5.62 8.98 8.38
CA LYS A 29 -5.43 10.43 8.40
C LYS A 29 -3.97 10.76 8.69
N GLU A 30 -3.42 10.13 9.73
CA GLU A 30 -2.04 10.37 10.13
C GLU A 30 -1.06 9.89 9.06
N LEU A 31 -1.36 8.75 8.44
CA LEU A 31 -0.48 8.22 7.41
C LEU A 31 -0.34 9.13 6.19
N LYS A 32 -1.31 10.00 5.97
CA LYS A 32 -1.23 10.95 4.86
C LYS A 32 -0.22 12.07 5.17
N ASN A 33 0.11 12.24 6.44
CA ASN A 33 1.06 13.28 6.85
C ASN A 33 2.46 12.69 7.01
N ILE A 34 2.55 11.37 6.95
CA ILE A 34 3.82 10.69 7.16
C ILE A 34 4.55 10.45 5.84
N PRO A 35 5.85 10.84 5.76
CA PRO A 35 6.69 10.62 4.58
C PRO A 35 7.10 9.15 4.44
N MET A 36 6.14 8.33 4.04
CA MET A 36 6.36 6.90 3.81
C MET A 36 7.43 6.70 2.75
N THR A 37 8.23 5.66 2.90
CA THR A 37 9.30 5.34 1.97
C THR A 37 9.17 3.88 1.61
N LEU A 38 9.89 3.45 0.59
CA LEU A 38 9.88 2.05 0.20
C LEU A 38 10.42 1.21 1.35
N GLU A 39 11.43 1.76 2.02
CA GLU A 39 12.08 1.08 3.17
C GLU A 39 11.04 0.77 4.24
N LEU A 40 10.16 1.72 4.48
CA LEU A 40 9.13 1.54 5.48
C LEU A 40 8.13 0.49 5.06
N LEU A 41 7.78 0.41 3.80
CA LEU A 41 6.81 -0.57 3.35
C LEU A 41 7.37 -1.97 3.49
N GLN A 42 8.66 -2.10 3.28
CA GLN A 42 9.33 -3.38 3.39
C GLN A 42 9.39 -3.84 4.85
N SER A 43 9.94 -3.01 5.73
CA SER A 43 10.09 -3.37 7.14
C SER A 43 8.82 -3.38 7.98
N THR A 44 7.92 -2.41 7.76
CA THR A 44 6.71 -2.29 8.58
C THR A 44 5.52 -3.01 7.97
N ARG A 45 5.63 -3.33 6.69
CA ARG A 45 4.60 -4.05 5.92
C ARG A 45 3.23 -3.38 6.03
N ILE A 46 3.23 -2.06 6.16
CA ILE A 46 1.99 -1.32 6.36
C ILE A 46 1.13 -1.26 5.09
N GLY A 47 1.75 -1.46 3.93
CA GLY A 47 1.00 -1.46 2.68
C GLY A 47 -0.10 -2.50 2.74
N MET A 48 0.22 -3.66 3.29
CA MET A 48 -0.73 -4.76 3.39
C MET A 48 -1.78 -4.45 4.45
N SER A 49 -1.38 -3.80 5.53
CA SER A 49 -2.32 -3.42 6.59
C SER A 49 -3.37 -2.46 6.04
N VAL A 50 -2.95 -1.39 5.39
CA VAL A 50 -3.88 -0.45 4.78
C VAL A 50 -4.76 -1.12 3.73
N ASN A 51 -4.19 -2.02 2.93
CA ASN A 51 -4.97 -2.77 1.94
C ASN A 51 -6.09 -3.55 2.67
N ALA A 52 -5.72 -4.27 3.71
CA ALA A 52 -6.68 -5.05 4.47
C ALA A 52 -7.77 -4.17 5.05
N ILE A 53 -7.42 -3.00 5.57
CA ILE A 53 -8.42 -2.08 6.12
C ILE A 53 -9.42 -1.68 5.04
N ARG A 54 -8.96 -1.41 3.83
CA ARG A 54 -9.87 -0.99 2.77
C ARG A 54 -10.97 -2.04 2.54
N LYS A 55 -10.62 -3.31 2.58
CA LYS A 55 -11.61 -4.36 2.34
C LYS A 55 -12.38 -4.78 3.59
N GLN A 56 -11.76 -4.61 4.75
CA GLN A 56 -12.39 -4.98 6.03
C GLN A 56 -13.27 -3.89 6.66
N SER A 57 -13.05 -2.63 6.29
CA SER A 57 -13.81 -1.55 6.91
C SER A 57 -15.13 -1.27 6.23
N THR A 58 -15.10 -1.22 4.90
CA THR A 58 -16.26 -0.87 4.03
C THR A 58 -16.78 0.58 4.20
N ASP A 59 -16.51 1.19 5.35
CA ASP A 59 -16.86 2.59 5.61
C ASP A 59 -16.18 3.47 4.57
N GLU A 60 -16.94 4.26 3.83
CA GLU A 60 -16.36 4.99 2.70
C GLU A 60 -15.29 5.99 3.10
N GLU A 61 -15.43 6.65 4.23
CA GLU A 61 -14.40 7.57 4.69
C GLU A 61 -13.07 6.83 4.83
N VAL A 62 -13.12 5.60 5.33
CA VAL A 62 -11.92 4.81 5.54
C VAL A 62 -11.42 4.23 4.22
N THR A 63 -12.31 3.74 3.37
CA THR A 63 -11.85 3.16 2.11
C THR A 63 -11.27 4.24 1.22
N SER A 64 -11.83 5.44 1.24
CA SER A 64 -11.30 6.56 0.47
C SER A 64 -9.96 7.02 1.01
N LEU A 65 -9.78 6.98 2.32
CA LEU A 65 -8.48 7.33 2.87
C LEU A 65 -7.47 6.26 2.49
N ALA A 66 -7.83 5.00 2.72
CA ALA A 66 -6.91 3.89 2.47
C ALA A 66 -6.53 3.73 1.00
N LYS A 67 -7.49 3.85 0.09
CA LYS A 67 -7.19 3.71 -1.34
C LYS A 67 -6.20 4.81 -1.78
N SER A 68 -6.22 5.94 -1.08
CA SER A 68 -5.30 7.04 -1.37
C SER A 68 -3.88 6.64 -1.01
N LEU A 69 -3.66 6.09 0.18
CA LEU A 69 -2.34 5.68 0.58
C LEU A 69 -1.76 4.63 -0.35
N ILE A 70 -2.54 3.63 -0.73
CA ILE A 70 -2.02 2.58 -1.60
C ILE A 70 -1.46 3.18 -2.89
N LYS A 71 -2.21 4.04 -3.54
CA LYS A 71 -1.75 4.65 -4.79
C LYS A 71 -0.53 5.55 -4.58
N SER A 72 -0.50 6.28 -3.48
CA SER A 72 0.62 7.18 -3.21
C SER A 72 1.90 6.41 -2.87
N TRP A 73 1.74 5.39 -2.04
CA TRP A 73 2.86 4.57 -1.58
C TRP A 73 3.42 3.68 -2.69
N LYS A 74 2.60 3.40 -3.70
CA LYS A 74 3.02 2.56 -4.82
C LYS A 74 4.13 3.25 -5.59
N LYS A 75 4.06 4.57 -5.66
CA LYS A 75 5.05 5.37 -6.40
C LYS A 75 6.45 5.26 -5.80
N LEU A 76 6.54 4.76 -4.57
CA LEU A 76 7.82 4.63 -3.88
C LEU A 76 8.64 3.48 -4.47
N LEU A 77 8.00 2.33 -4.67
CA LEU A 77 8.68 1.17 -5.28
C LEU A 77 8.69 1.31 -6.79
N ASP A 78 7.56 1.71 -7.35
CA ASP A 78 7.34 1.86 -8.79
C ASP A 78 7.95 3.16 -9.32
N GLY A 79 8.94 3.65 -8.61
CA GLY A 79 9.61 4.89 -8.96
C GLY A 79 10.73 5.10 -7.96
N GLY A 80 10.62 6.16 -7.18
CA GLY A 80 11.63 6.45 -6.18
C GLY A 80 12.97 6.73 -6.81
N SER A 81 14.02 6.23 -6.19
CA SER A 81 15.38 6.41 -6.69
C SER A 81 15.79 5.29 -7.65
N GLY A 82 14.82 4.72 -8.36
CA GLY A 82 15.11 3.63 -9.28
C GLY A 82 15.96 4.10 -10.45
N SER A 83 16.82 3.22 -10.94
CA SER A 83 17.67 3.55 -12.08
C SER A 83 16.91 3.31 -13.37
N GLY A 84 17.12 4.18 -14.35
CA GLY A 84 16.46 4.05 -15.63
C GLY A 84 15.10 4.70 -15.64
N SER A 85 14.46 4.76 -16.80
CA SER A 85 13.15 5.36 -16.93
C SER A 85 12.46 4.78 -18.16
N GLY A 86 11.14 4.74 -18.13
CA GLY A 86 10.38 4.22 -19.26
C GLY A 86 10.12 2.73 -19.14
N SER A 87 9.11 2.27 -19.87
CA SER A 87 8.73 0.86 -19.88
C SER A 87 7.96 0.66 -21.19
N GLY A 88 7.72 -0.60 -21.56
CA GLY A 88 6.98 -0.90 -22.77
C GLY A 88 6.80 -2.40 -22.81
N SER A 89 6.17 -2.90 -23.85
CA SER A 89 5.90 -4.35 -24.06
C SER A 89 5.10 -5.01 -22.92
N SER A 90 4.86 -6.30 -23.05
CA SER A 90 4.14 -7.07 -22.03
C SER A 90 4.75 -8.47 -21.97
N GLY A 91 4.24 -9.32 -21.10
CA GLY A 91 4.75 -10.68 -20.95
C GLY A 91 5.83 -10.79 -19.89
N GLU A 92 6.70 -9.79 -19.84
CA GLU A 92 7.79 -9.76 -18.86
C GLU A 92 7.32 -9.49 -17.42
N LEU A 93 7.96 -10.15 -16.46
CA LEU A 93 7.62 -9.98 -15.04
C LEU A 93 8.40 -8.82 -14.43
N SER A 94 7.71 -7.72 -14.15
CA SER A 94 8.36 -6.53 -13.59
C SER A 94 8.71 -6.68 -12.11
N ASP A 95 9.94 -6.31 -11.76
CA ASP A 95 10.44 -6.34 -10.38
C ASP A 95 9.54 -5.55 -9.44
N LYS A 96 8.98 -4.47 -9.97
CA LYS A 96 8.17 -3.57 -9.18
C LYS A 96 6.89 -4.25 -8.70
N LYS A 97 6.37 -5.14 -9.53
CA LYS A 97 5.14 -5.84 -9.19
C LYS A 97 5.45 -6.91 -8.15
N ASN A 98 6.64 -7.50 -8.22
CA ASN A 98 7.04 -8.48 -7.22
C ASN A 98 7.15 -7.83 -5.85
N GLU A 99 7.73 -6.64 -5.79
CA GLU A 99 7.83 -5.93 -4.50
C GLU A 99 6.44 -5.58 -3.99
N GLU A 100 5.57 -5.11 -4.87
CA GLU A 100 4.21 -4.73 -4.46
C GLU A 100 3.45 -5.92 -3.89
N LYS A 101 3.62 -7.06 -4.54
CA LYS A 101 2.98 -8.29 -4.15
C LYS A 101 3.28 -8.66 -2.71
N ASP A 102 4.51 -8.45 -2.28
CA ASP A 102 4.91 -8.79 -0.92
C ASP A 102 4.57 -7.68 0.08
N LEU A 103 4.68 -6.43 -0.36
CA LEU A 103 4.47 -5.27 0.51
C LEU A 103 3.01 -4.92 0.74
N PHE A 104 2.20 -5.12 -0.28
CA PHE A 104 0.77 -4.77 -0.26
C PHE A 104 -0.14 -5.94 -0.52
N GLY A 105 0.23 -6.80 -1.45
CA GLY A 105 -0.63 -7.90 -1.83
C GLY A 105 -1.86 -7.37 -2.54
N SER A 106 -1.69 -6.28 -3.29
CA SER A 106 -2.81 -5.65 -3.99
C SER A 106 -2.97 -6.25 -5.36
N ASP A 107 -1.84 -6.60 -5.97
CA ASP A 107 -1.84 -7.23 -7.29
C ASP A 107 -0.52 -7.99 -7.48
N SER A 108 -0.34 -8.53 -8.68
CA SER A 108 0.85 -9.27 -9.07
C SER A 108 0.92 -9.31 -10.58
N GLU A 109 -0.26 -9.36 -11.20
CA GLU A 109 -0.43 -9.45 -12.66
C GLU A 109 0.25 -10.70 -13.25
N SER A 110 0.20 -10.84 -14.57
CA SER A 110 0.76 -11.98 -15.31
C SER A 110 0.85 -11.51 -16.75
N GLY A 111 1.38 -12.34 -17.65
CA GLY A 111 1.48 -11.98 -19.05
C GLY A 111 1.38 -13.22 -19.90
N ASN A 112 1.42 -13.05 -21.22
CA ASN A 112 1.30 -14.16 -22.16
C ASN A 112 2.70 -14.55 -22.63
N GLU A 113 2.79 -15.71 -23.27
CA GLU A 113 4.05 -16.20 -23.83
C GLU A 113 4.27 -15.61 -25.24
N GLU A 114 3.37 -14.73 -25.66
CA GLU A 114 3.41 -14.15 -27.00
C GLU A 114 3.15 -12.65 -26.95
N GLU A 115 3.73 -11.93 -27.91
CA GLU A 115 3.54 -10.48 -28.09
C GLU A 115 3.36 -10.20 -29.58
N ASN A 116 4.29 -10.75 -30.37
CA ASN A 116 4.32 -10.64 -31.85
C ASN A 116 4.53 -9.21 -32.34
N MET A 1 10.86 6.71 13.03
CA MET A 1 9.41 6.58 12.70
C MET A 1 9.07 5.18 12.22
N GLU A 2 10.04 4.26 12.14
CA GLU A 2 9.70 2.89 11.71
C GLU A 2 8.70 2.33 12.68
N ASP A 3 8.98 2.56 13.95
CA ASP A 3 8.13 2.13 15.05
C ASP A 3 6.72 2.71 14.93
N GLU A 4 6.61 3.96 14.49
CA GLU A 4 5.31 4.61 14.37
C GLU A 4 4.49 3.95 13.26
N VAL A 5 5.16 3.59 12.18
CA VAL A 5 4.49 2.94 11.07
C VAL A 5 4.09 1.53 11.50
N VAL A 6 5.00 0.83 12.16
CA VAL A 6 4.71 -0.49 12.73
C VAL A 6 3.51 -0.33 13.66
N ARG A 7 3.48 0.73 14.46
CA ARG A 7 2.37 1.00 15.37
C ARG A 7 1.07 1.10 14.58
N PHE A 8 1.04 1.91 13.54
CA PHE A 8 -0.16 2.02 12.71
C PHE A 8 -0.56 0.68 12.11
N ALA A 9 0.40 -0.07 11.58
CA ALA A 9 0.09 -1.37 10.98
C ALA A 9 -0.51 -2.34 12.01
N LYS A 10 0.05 -2.37 13.21
CA LYS A 10 -0.47 -3.26 14.25
C LYS A 10 -1.81 -2.76 14.78
N LYS A 11 -1.99 -1.44 14.88
CA LYS A 11 -3.28 -0.90 15.29
C LYS A 11 -4.31 -1.38 14.28
N MET A 12 -3.99 -1.29 12.99
CA MET A 12 -4.92 -1.72 11.94
C MET A 12 -5.27 -3.19 11.99
N ASP A 13 -4.27 -4.06 12.17
CA ASP A 13 -4.53 -5.50 12.18
C ASP A 13 -5.51 -5.89 13.27
N LYS A 14 -5.43 -5.22 14.40
CA LYS A 14 -6.33 -5.52 15.52
C LYS A 14 -7.77 -5.13 15.17
N MET A 15 -7.93 -4.09 14.36
CA MET A 15 -9.27 -3.70 13.90
C MET A 15 -9.77 -4.72 12.89
N VAL A 16 -8.84 -5.18 12.08
CA VAL A 16 -9.10 -6.16 11.03
C VAL A 16 -9.59 -7.46 11.65
N GLN A 17 -8.92 -7.93 12.70
CA GLN A 17 -9.34 -9.15 13.39
C GLN A 17 -10.72 -8.97 14.03
N LYS A 18 -10.98 -7.77 14.56
CA LYS A 18 -12.28 -7.47 15.17
C LYS A 18 -13.38 -7.21 14.15
N LYS A 19 -13.02 -7.15 12.88
CA LYS A 19 -13.96 -6.84 11.78
C LYS A 19 -14.68 -5.51 12.01
N ASN A 20 -14.00 -4.60 12.70
CA ASN A 20 -14.53 -3.27 12.98
C ASN A 20 -13.38 -2.31 12.77
N ALA A 21 -13.27 -1.82 11.55
CA ALA A 21 -12.15 -0.97 11.14
C ALA A 21 -12.54 0.49 10.88
N ALA A 22 -13.70 0.92 11.34
CA ALA A 22 -14.09 2.33 11.18
C ALA A 22 -13.06 3.25 11.87
N GLY A 23 -12.52 2.79 12.99
CA GLY A 23 -11.52 3.54 13.73
C GLY A 23 -10.23 3.80 12.95
N ALA A 24 -10.01 3.01 11.91
CA ALA A 24 -8.83 3.13 11.05
C ALA A 24 -8.81 4.47 10.33
N LEU A 25 -9.95 5.15 10.30
CA LEU A 25 -10.06 6.47 9.70
C LEU A 25 -8.94 7.37 10.21
N ASP A 26 -8.78 7.41 11.52
CA ASP A 26 -7.79 8.27 12.14
C ASP A 26 -6.37 7.80 11.84
N LEU A 27 -6.19 6.49 11.68
CA LEU A 27 -4.87 5.94 11.40
C LEU A 27 -4.42 6.37 10.00
N LEU A 28 -5.30 6.18 9.02
CA LEU A 28 -5.03 6.60 7.67
C LEU A 28 -4.90 8.13 7.54
N LYS A 29 -5.67 8.91 8.31
CA LYS A 29 -5.49 10.37 8.34
C LYS A 29 -4.03 10.73 8.65
N GLU A 30 -3.48 10.12 9.69
CA GLU A 30 -2.11 10.42 10.10
C GLU A 30 -1.12 9.97 9.02
N LEU A 31 -1.39 8.82 8.44
CA LEU A 31 -0.53 8.24 7.42
C LEU A 31 -0.40 9.11 6.18
N LYS A 32 -1.39 9.93 5.91
CA LYS A 32 -1.34 10.87 4.78
C LYS A 32 -0.33 11.99 5.01
N ASN A 33 0.07 12.21 6.25
CA ASN A 33 1.05 13.24 6.57
C ASN A 33 2.44 12.63 6.75
N ILE A 34 2.49 11.32 6.90
CA ILE A 34 3.76 10.63 7.13
C ILE A 34 4.52 10.44 5.81
N PRO A 35 5.82 10.82 5.78
CA PRO A 35 6.69 10.62 4.62
C PRO A 35 7.10 9.14 4.48
N MET A 36 6.12 8.32 4.09
CA MET A 36 6.34 6.89 3.87
C MET A 36 7.41 6.70 2.82
N THR A 37 8.21 5.67 2.96
CA THR A 37 9.28 5.37 2.02
C THR A 37 9.14 3.93 1.62
N LEU A 38 9.82 3.52 0.57
CA LEU A 38 9.78 2.14 0.13
C LEU A 38 10.36 1.26 1.24
N GLU A 39 11.37 1.80 1.91
CA GLU A 39 12.05 1.09 3.00
C GLU A 39 11.06 0.76 4.12
N LEU A 40 10.16 1.69 4.39
CA LEU A 40 9.16 1.49 5.41
C LEU A 40 8.16 0.44 4.99
N LEU A 41 7.80 0.40 3.73
CA LEU A 41 6.82 -0.58 3.28
C LEU A 41 7.41 -1.96 3.38
N GLN A 42 8.71 -2.05 3.15
CA GLN A 42 9.41 -3.32 3.25
C GLN A 42 9.49 -3.77 4.72
N SER A 43 9.97 -2.88 5.58
CA SER A 43 10.16 -3.23 6.99
C SER A 43 8.88 -3.36 7.84
N THR A 44 7.95 -2.45 7.63
CA THR A 44 6.72 -2.38 8.46
C THR A 44 5.54 -3.11 7.81
N ARG A 45 5.64 -3.35 6.51
CA ARG A 45 4.57 -3.98 5.69
C ARG A 45 3.23 -3.30 5.90
N ILE A 46 3.26 -1.98 6.10
CA ILE A 46 2.04 -1.24 6.34
C ILE A 46 1.19 -1.19 5.08
N GLY A 47 1.82 -1.40 3.94
CA GLY A 47 1.09 -1.42 2.69
C GLY A 47 -0.01 -2.47 2.77
N MET A 48 0.30 -3.62 3.32
CA MET A 48 -0.67 -4.71 3.42
C MET A 48 -1.73 -4.39 4.48
N SER A 49 -1.33 -3.73 5.56
CA SER A 49 -2.28 -3.36 6.61
C SER A 49 -3.31 -2.36 6.10
N VAL A 50 -2.86 -1.28 5.49
CA VAL A 50 -3.78 -0.29 4.93
C VAL A 50 -4.67 -0.96 3.87
N ASN A 51 -4.10 -1.82 3.05
CA ASN A 51 -4.86 -2.52 2.02
C ASN A 51 -5.95 -3.42 2.62
N ALA A 52 -5.62 -4.09 3.72
CA ALA A 52 -6.58 -4.94 4.40
C ALA A 52 -7.72 -4.10 4.98
N ILE A 53 -7.40 -2.93 5.51
CA ILE A 53 -8.43 -2.05 6.04
C ILE A 53 -9.39 -1.66 4.93
N ARG A 54 -8.88 -1.38 3.74
CA ARG A 54 -9.75 -0.99 2.63
C ARG A 54 -10.87 -2.00 2.40
N LYS A 55 -10.59 -3.28 2.58
CA LYS A 55 -11.62 -4.31 2.35
C LYS A 55 -12.39 -4.69 3.62
N GLN A 56 -11.78 -4.50 4.78
CA GLN A 56 -12.39 -4.83 6.08
C GLN A 56 -13.15 -3.69 6.76
N SER A 57 -13.05 -2.48 6.22
CA SER A 57 -13.63 -1.30 6.85
C SER A 57 -15.13 -1.14 6.81
N THR A 58 -15.73 -1.42 5.65
CA THR A 58 -17.17 -1.20 5.39
C THR A 58 -17.58 0.26 5.66
N ASP A 59 -16.58 1.14 5.64
CA ASP A 59 -16.75 2.58 5.84
C ASP A 59 -16.07 3.20 4.64
N GLU A 60 -16.82 3.89 3.78
CA GLU A 60 -16.21 4.40 2.57
C GLU A 60 -15.29 5.59 2.82
N GLU A 61 -15.39 6.25 3.96
CA GLU A 61 -14.42 7.30 4.27
C GLU A 61 -13.09 6.62 4.51
N VAL A 62 -13.14 5.48 5.20
CA VAL A 62 -11.93 4.77 5.52
C VAL A 62 -11.36 4.17 4.25
N THR A 63 -12.19 3.66 3.36
CA THR A 63 -11.67 3.13 2.11
C THR A 63 -11.09 4.27 1.29
N SER A 64 -11.67 5.45 1.34
CA SER A 64 -11.18 6.61 0.59
C SER A 64 -9.81 7.00 1.10
N LEU A 65 -9.64 6.98 2.40
CA LEU A 65 -8.35 7.29 2.98
C LEU A 65 -7.34 6.19 2.64
N ALA A 66 -7.74 4.94 2.81
CA ALA A 66 -6.85 3.81 2.53
C ALA A 66 -6.46 3.69 1.05
N LYS A 67 -7.43 3.79 0.16
CA LYS A 67 -7.18 3.65 -1.29
C LYS A 67 -6.23 4.76 -1.76
N SER A 68 -6.27 5.91 -1.11
CA SER A 68 -5.35 6.99 -1.40
C SER A 68 -3.93 6.59 -1.09
N LEU A 69 -3.76 6.06 0.11
CA LEU A 69 -2.45 5.69 0.63
C LEU A 69 -1.81 4.62 -0.22
N ILE A 70 -2.57 3.61 -0.63
CA ILE A 70 -2.00 2.54 -1.46
C ILE A 70 -1.45 3.11 -2.77
N LYS A 71 -2.21 3.94 -3.45
CA LYS A 71 -1.79 4.49 -4.74
C LYS A 71 -0.60 5.43 -4.59
N SER A 72 -0.55 6.14 -3.48
CA SER A 72 0.55 7.07 -3.23
C SER A 72 1.84 6.32 -2.86
N TRP A 73 1.71 5.33 -2.00
CA TRP A 73 2.84 4.53 -1.53
C TRP A 73 3.39 3.64 -2.63
N LYS A 74 2.58 3.37 -3.63
CA LYS A 74 3.00 2.53 -4.75
C LYS A 74 4.09 3.24 -5.53
N LYS A 75 4.07 4.57 -5.53
CA LYS A 75 5.09 5.35 -6.25
C LYS A 75 6.47 5.18 -5.64
N LEU A 76 6.53 4.68 -4.42
CA LEU A 76 7.80 4.52 -3.73
C LEU A 76 8.61 3.40 -4.37
N LEU A 77 7.94 2.34 -4.79
CA LEU A 77 8.57 1.24 -5.53
C LEU A 77 8.48 1.43 -7.04
N ASP A 78 7.31 1.78 -7.53
CA ASP A 78 7.05 1.91 -8.98
C ASP A 78 7.73 3.14 -9.59
N GLY A 79 8.03 4.12 -8.76
CA GLY A 79 8.64 5.34 -9.24
C GLY A 79 7.64 6.14 -10.05
N GLY A 80 8.12 6.69 -11.15
CA GLY A 80 7.28 7.47 -12.05
C GLY A 80 7.01 6.74 -13.35
N SER A 81 6.94 5.42 -13.31
CA SER A 81 6.73 4.63 -14.53
C SER A 81 5.41 4.97 -15.21
N GLY A 82 4.40 5.29 -14.41
CA GLY A 82 3.10 5.64 -14.95
C GLY A 82 2.24 4.40 -15.11
N SER A 83 2.86 3.32 -15.57
CA SER A 83 2.21 2.01 -15.72
C SER A 83 0.88 2.06 -16.49
N GLY A 84 0.95 2.55 -17.71
CA GLY A 84 -0.21 2.59 -18.57
C GLY A 84 -0.55 1.19 -19.07
N SER A 85 -1.78 1.01 -19.54
CA SER A 85 -2.23 -0.29 -20.02
C SER A 85 -1.59 -0.64 -21.36
N GLY A 86 -1.52 -1.93 -21.66
CA GLY A 86 -0.96 -2.39 -22.91
C GLY A 86 -0.61 -3.87 -22.85
N SER A 87 -0.09 -4.30 -21.72
CA SER A 87 0.24 -5.71 -21.49
C SER A 87 0.12 -5.94 -19.99
N GLY A 88 -0.40 -7.09 -19.59
CA GLY A 88 -0.54 -7.39 -18.18
C GLY A 88 0.85 -7.54 -17.58
N SER A 89 1.09 -6.83 -16.47
CA SER A 89 2.38 -6.80 -15.76
C SER A 89 3.59 -6.54 -16.68
N SER A 90 3.33 -5.99 -17.87
CA SER A 90 4.37 -5.76 -18.89
C SER A 90 5.09 -7.08 -19.26
N GLY A 91 4.37 -8.19 -19.20
CA GLY A 91 4.98 -9.49 -19.48
C GLY A 91 5.73 -10.03 -18.28
N GLU A 92 5.23 -9.70 -17.09
CA GLU A 92 5.86 -10.05 -15.81
C GLU A 92 7.31 -9.57 -15.77
N LEU A 93 7.50 -8.34 -16.21
CA LEU A 93 8.83 -7.75 -16.29
C LEU A 93 9.00 -6.63 -15.27
N SER A 94 10.11 -6.70 -14.54
CA SER A 94 10.58 -5.74 -13.51
C SER A 94 10.07 -6.10 -12.11
N ASP A 95 11.02 -6.21 -11.19
CA ASP A 95 10.77 -6.61 -9.79
C ASP A 95 9.84 -5.71 -8.99
N LYS A 96 9.36 -4.63 -9.57
CA LYS A 96 8.44 -3.76 -8.85
C LYS A 96 7.11 -4.47 -8.65
N LYS A 97 6.84 -5.50 -9.46
CA LYS A 97 5.67 -6.34 -9.25
C LYS A 97 5.92 -7.21 -8.03
N ASN A 98 7.11 -7.78 -7.94
CA ASN A 98 7.49 -8.62 -6.80
C ASN A 98 7.43 -7.80 -5.51
N GLU A 99 7.92 -6.58 -5.56
CA GLU A 99 7.88 -5.71 -4.40
C GLU A 99 6.46 -5.43 -3.96
N GLU A 100 5.57 -5.10 -4.89
CA GLU A 100 4.20 -4.78 -4.51
C GLU A 100 3.49 -5.99 -3.95
N LYS A 101 3.72 -7.15 -4.57
CA LYS A 101 3.13 -8.41 -4.12
C LYS A 101 3.44 -8.65 -2.65
N ASP A 102 4.69 -8.44 -2.26
CA ASP A 102 5.11 -8.66 -0.89
C ASP A 102 4.73 -7.55 0.09
N LEU A 103 4.74 -6.30 -0.39
CA LEU A 103 4.48 -5.14 0.48
C LEU A 103 3.01 -4.83 0.67
N PHE A 104 2.22 -5.05 -0.37
CA PHE A 104 0.78 -4.71 -0.36
C PHE A 104 -0.14 -5.89 -0.65
N GLY A 105 0.19 -6.65 -1.68
CA GLY A 105 -0.68 -7.73 -2.11
C GLY A 105 -1.97 -7.14 -2.65
N SER A 106 -1.84 -6.08 -3.44
CA SER A 106 -3.02 -5.36 -3.94
C SER A 106 -3.65 -6.02 -5.16
N ASP A 107 -2.82 -6.41 -6.12
CA ASP A 107 -3.30 -7.00 -7.37
C ASP A 107 -2.08 -7.64 -8.05
N SER A 108 -2.29 -8.51 -9.01
CA SER A 108 -1.19 -9.16 -9.75
C SER A 108 -1.68 -9.72 -11.08
N GLU A 109 -1.21 -9.19 -12.19
CA GLU A 109 -1.59 -9.72 -13.50
C GLU A 109 -0.77 -10.97 -13.81
N SER A 110 -1.44 -12.00 -14.29
CA SER A 110 -0.80 -13.27 -14.64
C SER A 110 -1.75 -13.91 -15.65
N GLY A 111 -1.35 -15.04 -16.25
CA GLY A 111 -2.17 -15.69 -17.25
C GLY A 111 -1.58 -15.50 -18.63
N ASN A 112 -0.46 -16.17 -18.90
CA ASN A 112 0.26 -16.04 -20.16
C ASN A 112 0.96 -17.37 -20.50
N GLU A 113 0.23 -18.47 -20.33
CA GLU A 113 0.80 -19.81 -20.51
C GLU A 113 -0.21 -20.78 -21.15
N GLU A 114 -0.94 -20.27 -22.14
CA GLU A 114 -1.95 -21.06 -22.86
C GLU A 114 -1.34 -22.12 -23.79
N GLU A 115 -2.15 -23.08 -24.19
CA GLU A 115 -1.75 -24.13 -25.14
C GLU A 115 -2.70 -24.04 -26.33
N ASN A 116 -2.22 -24.36 -27.53
CA ASN A 116 -3.02 -24.28 -28.74
C ASN A 116 -2.62 -25.40 -29.70
N MET A 1 11.43 6.71 11.41
CA MET A 1 10.02 6.60 11.92
C MET A 1 9.51 5.18 11.76
N GLU A 2 10.34 4.17 11.99
CA GLU A 2 9.91 2.80 11.72
C GLU A 2 8.86 2.30 12.69
N ASP A 3 9.12 2.40 13.99
CA ASP A 3 8.14 1.95 14.98
C ASP A 3 6.84 2.69 14.81
N GLU A 4 6.92 3.95 14.42
CA GLU A 4 5.72 4.76 14.23
C GLU A 4 4.75 4.10 13.24
N VAL A 5 5.30 3.70 12.10
CA VAL A 5 4.53 3.09 11.04
C VAL A 5 4.06 1.69 11.51
N VAL A 6 4.95 0.98 12.18
CA VAL A 6 4.62 -0.32 12.77
C VAL A 6 3.45 -0.19 13.73
N ARG A 7 3.44 0.84 14.57
CA ARG A 7 2.35 1.03 15.53
C ARG A 7 1.05 1.18 14.77
N PHE A 8 1.06 1.95 13.69
CA PHE A 8 -0.14 2.10 12.87
C PHE A 8 -0.57 0.77 12.26
N ALA A 9 0.38 -0.01 11.75
CA ALA A 9 0.06 -1.31 11.14
C ALA A 9 -0.53 -2.27 12.16
N LYS A 10 0.08 -2.35 13.33
CA LYS A 10 -0.41 -3.26 14.38
C LYS A 10 -1.78 -2.80 14.85
N LYS A 11 -2.01 -1.49 14.95
CA LYS A 11 -3.35 -0.99 15.30
C LYS A 11 -4.38 -1.44 14.26
N MET A 12 -4.06 -1.32 12.99
CA MET A 12 -4.97 -1.70 11.91
C MET A 12 -5.26 -3.18 11.90
N ASP A 13 -4.23 -4.01 12.02
CA ASP A 13 -4.41 -5.46 12.00
C ASP A 13 -5.35 -5.92 13.13
N LYS A 14 -5.30 -5.23 14.25
CA LYS A 14 -6.16 -5.57 15.37
C LYS A 14 -7.62 -5.24 15.02
N MET A 15 -7.85 -4.22 14.22
CA MET A 15 -9.21 -3.89 13.80
C MET A 15 -9.70 -4.91 12.81
N VAL A 16 -8.80 -5.35 11.94
CA VAL A 16 -9.06 -6.36 10.91
C VAL A 16 -9.49 -7.65 11.60
N GLN A 17 -8.74 -8.08 12.60
CA GLN A 17 -9.08 -9.28 13.35
C GLN A 17 -10.43 -9.13 14.05
N LYS A 18 -10.72 -7.96 14.61
CA LYS A 18 -11.99 -7.73 15.32
C LYS A 18 -13.16 -7.45 14.38
N LYS A 19 -12.89 -7.42 13.07
CA LYS A 19 -13.89 -7.16 12.03
C LYS A 19 -14.59 -5.81 12.23
N ASN A 20 -13.91 -4.88 12.87
CA ASN A 20 -14.47 -3.56 13.17
C ASN A 20 -13.37 -2.55 12.90
N ALA A 21 -13.35 -2.01 11.68
CA ALA A 21 -12.25 -1.16 11.23
C ALA A 21 -12.65 0.31 10.90
N ALA A 22 -13.80 0.77 11.38
CA ALA A 22 -14.22 2.16 11.17
C ALA A 22 -13.21 3.12 11.84
N GLY A 23 -12.70 2.71 13.02
CA GLY A 23 -11.74 3.52 13.75
C GLY A 23 -10.44 3.77 12.99
N ALA A 24 -10.20 3.04 11.91
CA ALA A 24 -9.01 3.21 11.08
C ALA A 24 -8.93 4.59 10.44
N LEU A 25 -10.05 5.31 10.41
CA LEU A 25 -10.10 6.67 9.84
C LEU A 25 -8.99 7.52 10.43
N ASP A 26 -8.86 7.48 11.74
CA ASP A 26 -7.88 8.28 12.45
C ASP A 26 -6.48 7.87 12.08
N LEU A 27 -6.29 6.58 11.89
CA LEU A 27 -4.98 6.04 11.57
C LEU A 27 -4.57 6.48 10.18
N LEU A 28 -5.45 6.29 9.21
CA LEU A 28 -5.18 6.67 7.85
C LEU A 28 -4.99 8.17 7.66
N LYS A 29 -5.67 8.99 8.46
CA LYS A 29 -5.47 10.44 8.45
C LYS A 29 -4.00 10.76 8.72
N GLU A 30 -3.45 10.15 9.76
CA GLU A 30 -2.03 10.38 10.13
C GLU A 30 -1.09 9.92 9.01
N LEU A 31 -1.38 8.79 8.40
CA LEU A 31 -0.52 8.22 7.35
C LEU A 31 -0.42 9.09 6.11
N LYS A 32 -1.36 9.99 5.93
CA LYS A 32 -1.32 10.92 4.81
C LYS A 32 -0.31 12.04 5.06
N ASN A 33 0.10 12.23 6.31
CA ASN A 33 1.05 13.30 6.64
C ASN A 33 2.47 12.74 6.90
N ILE A 34 2.57 11.41 6.87
CA ILE A 34 3.84 10.72 7.15
C ILE A 34 4.63 10.49 5.86
N PRO A 35 5.93 10.87 5.85
CA PRO A 35 6.81 10.64 4.70
C PRO A 35 7.21 9.16 4.58
N MET A 36 6.27 8.37 4.10
CA MET A 36 6.48 6.95 3.85
C MET A 36 7.56 6.80 2.78
N THR A 37 8.32 5.72 2.85
CA THR A 37 9.38 5.43 1.89
C THR A 37 9.21 3.96 1.49
N LEU A 38 9.88 3.53 0.43
CA LEU A 38 9.82 2.14 0.00
C LEU A 38 10.40 1.26 1.12
N GLU A 39 11.45 1.76 1.75
CA GLU A 39 12.10 1.03 2.85
C GLU A 39 11.12 0.79 3.99
N LEU A 40 10.33 1.81 4.30
CA LEU A 40 9.33 1.67 5.35
C LEU A 40 8.32 0.60 4.98
N LEU A 41 7.92 0.52 3.74
CA LEU A 41 6.91 -0.47 3.34
C LEU A 41 7.46 -1.87 3.47
N GLN A 42 8.74 -2.03 3.16
CA GLN A 42 9.39 -3.34 3.25
C GLN A 42 9.45 -3.84 4.69
N SER A 43 9.90 -2.99 5.61
CA SER A 43 10.05 -3.41 7.00
C SER A 43 8.74 -3.45 7.79
N THR A 44 7.90 -2.45 7.62
CA THR A 44 6.67 -2.34 8.42
C THR A 44 5.46 -3.05 7.83
N ARG A 45 5.55 -3.35 6.54
CA ARG A 45 4.47 -3.99 5.77
C ARG A 45 3.14 -3.28 5.95
N ILE A 46 3.18 -1.97 6.14
CA ILE A 46 1.97 -1.20 6.36
C ILE A 46 1.11 -1.21 5.10
N GLY A 47 1.73 -1.45 3.96
CA GLY A 47 0.98 -1.56 2.71
C GLY A 47 -0.08 -2.63 2.82
N MET A 48 0.28 -3.74 3.46
CA MET A 48 -0.62 -4.88 3.63
C MET A 48 -1.74 -4.52 4.59
N SER A 49 -1.38 -3.81 5.66
CA SER A 49 -2.35 -3.40 6.68
C SER A 49 -3.41 -2.46 6.11
N VAL A 50 -2.98 -1.41 5.43
CA VAL A 50 -3.90 -0.45 4.84
C VAL A 50 -4.75 -1.11 3.75
N ASN A 51 -4.16 -2.01 2.98
CA ASN A 51 -4.90 -2.72 1.96
C ASN A 51 -5.95 -3.59 2.65
N ALA A 52 -5.61 -4.21 3.78
CA ALA A 52 -6.56 -5.02 4.50
C ALA A 52 -7.71 -4.13 5.00
N ILE A 53 -7.41 -2.96 5.54
CA ILE A 53 -8.46 -2.06 6.03
C ILE A 53 -9.41 -1.69 4.88
N ARG A 54 -8.89 -1.47 3.69
CA ARG A 54 -9.76 -1.14 2.55
C ARG A 54 -10.79 -2.23 2.25
N LYS A 55 -10.42 -3.50 2.41
CA LYS A 55 -11.33 -4.61 2.10
C LYS A 55 -12.14 -5.08 3.32
N GLN A 56 -11.62 -4.85 4.53
CA GLN A 56 -12.28 -5.26 5.77
C GLN A 56 -13.25 -4.22 6.33
N SER A 57 -13.06 -2.95 5.98
CA SER A 57 -13.91 -1.90 6.53
C SER A 57 -14.99 -1.42 5.58
N THR A 58 -16.11 -0.99 6.16
CA THR A 58 -17.24 -0.49 5.39
C THR A 58 -17.36 1.03 5.41
N ASP A 59 -16.38 1.73 5.96
CA ASP A 59 -16.48 3.18 6.02
C ASP A 59 -16.05 3.76 4.68
N GLU A 60 -16.90 4.57 4.04
CA GLU A 60 -16.51 5.17 2.78
C GLU A 60 -15.34 6.12 2.98
N GLU A 61 -15.26 6.74 4.14
CA GLU A 61 -14.15 7.62 4.45
C GLU A 61 -12.85 6.83 4.51
N VAL A 62 -12.86 5.70 5.23
CA VAL A 62 -11.63 4.94 5.40
C VAL A 62 -11.23 4.23 4.12
N THR A 63 -12.18 3.78 3.33
CA THR A 63 -11.83 3.08 2.11
C THR A 63 -11.25 4.09 1.15
N SER A 64 -11.72 5.33 1.22
CA SER A 64 -11.18 6.41 0.40
C SER A 64 -9.80 6.89 0.91
N LEU A 65 -9.62 6.94 2.21
CA LEU A 65 -8.31 7.32 2.74
C LEU A 65 -7.31 6.22 2.44
N ALA A 66 -7.70 4.98 2.69
CA ALA A 66 -6.84 3.84 2.43
C ALA A 66 -6.48 3.74 0.96
N LYS A 67 -7.44 3.93 0.06
CA LYS A 67 -7.13 3.79 -1.36
C LYS A 67 -6.12 4.87 -1.79
N SER A 68 -6.15 5.99 -1.08
CA SER A 68 -5.22 7.08 -1.36
C SER A 68 -3.81 6.68 -0.96
N LEU A 69 -3.64 6.12 0.23
CA LEU A 69 -2.34 5.69 0.69
C LEU A 69 -1.73 4.65 -0.22
N ILE A 70 -2.50 3.64 -0.58
CA ILE A 70 -1.98 2.56 -1.45
C ILE A 70 -1.48 3.15 -2.76
N LYS A 71 -2.23 4.07 -3.36
CA LYS A 71 -1.80 4.68 -4.63
C LYS A 71 -0.58 5.57 -4.48
N SER A 72 -0.50 6.30 -3.37
CA SER A 72 0.61 7.21 -3.13
C SER A 72 1.89 6.44 -2.83
N TRP A 73 1.74 5.40 -2.02
CA TRP A 73 2.86 4.57 -1.58
C TRP A 73 3.40 3.69 -2.69
N LYS A 74 2.57 3.40 -3.67
CA LYS A 74 2.98 2.57 -4.80
C LYS A 74 4.03 3.31 -5.61
N LYS A 75 3.94 4.63 -5.62
CA LYS A 75 4.90 5.45 -6.33
C LYS A 75 6.32 5.30 -5.76
N LEU A 76 6.43 4.78 -4.56
CA LEU A 76 7.73 4.64 -3.88
C LEU A 76 8.51 3.44 -4.42
N LEU A 77 7.80 2.38 -4.77
CA LEU A 77 8.45 1.20 -5.37
C LEU A 77 8.39 1.27 -6.88
N ASP A 78 7.46 2.03 -7.43
CA ASP A 78 7.26 2.12 -8.88
C ASP A 78 8.02 3.33 -9.47
N GLY A 79 8.91 3.94 -8.69
CA GLY A 79 9.68 5.07 -9.16
C GLY A 79 11.03 5.20 -8.44
N GLY A 80 12.06 5.56 -9.18
CA GLY A 80 13.39 5.76 -8.61
C GLY A 80 14.17 4.48 -8.42
N SER A 81 13.53 3.50 -7.79
CA SER A 81 14.15 2.19 -7.55
C SER A 81 14.29 1.43 -8.86
N GLY A 82 15.32 0.60 -8.96
CA GLY A 82 15.53 -0.23 -10.14
C GLY A 82 15.69 0.54 -11.45
N SER A 83 16.13 1.78 -11.39
CA SER A 83 16.29 2.61 -12.59
C SER A 83 17.31 2.00 -13.56
N GLY A 84 18.22 1.18 -13.06
CA GLY A 84 19.23 0.57 -13.90
C GLY A 84 18.85 -0.80 -14.46
N SER A 85 17.61 -1.23 -14.28
CA SER A 85 17.18 -2.55 -14.77
C SER A 85 17.17 -2.59 -16.30
N GLY A 86 16.61 -1.56 -16.91
CA GLY A 86 16.49 -1.49 -18.36
C GLY A 86 15.34 -2.34 -18.91
N SER A 87 14.52 -1.75 -19.77
CA SER A 87 13.40 -2.47 -20.38
C SER A 87 13.00 -1.66 -21.59
N GLY A 88 12.12 -2.19 -22.43
CA GLY A 88 11.65 -1.47 -23.60
C GLY A 88 10.41 -0.65 -23.26
N SER A 89 9.67 -0.24 -24.30
CA SER A 89 8.44 0.53 -24.13
C SER A 89 7.27 -0.43 -23.90
N SER A 90 7.54 -1.70 -24.16
CA SER A 90 6.55 -2.76 -23.95
C SER A 90 6.60 -3.13 -22.48
N GLY A 91 5.44 -3.48 -21.92
CA GLY A 91 5.35 -3.82 -20.50
C GLY A 91 5.74 -5.24 -20.23
N GLU A 92 6.85 -5.69 -20.79
CA GLU A 92 7.30 -7.07 -20.62
C GLU A 92 7.76 -7.39 -19.20
N LEU A 93 8.47 -6.47 -18.57
CA LEU A 93 9.05 -6.74 -17.25
C LEU A 93 8.74 -5.66 -16.24
N SER A 94 8.35 -6.09 -15.05
CA SER A 94 8.06 -5.19 -13.94
C SER A 94 8.32 -5.95 -12.62
N ASP A 95 9.56 -5.98 -12.18
CA ASP A 95 9.95 -6.61 -10.91
C ASP A 95 9.20 -5.95 -9.74
N LYS A 96 8.81 -4.70 -9.94
CA LYS A 96 8.11 -3.95 -8.91
C LYS A 96 6.76 -4.61 -8.59
N LYS A 97 6.25 -5.45 -9.49
CA LYS A 97 5.01 -6.17 -9.23
C LYS A 97 5.27 -7.20 -8.12
N ASN A 98 6.47 -7.79 -8.12
CA ASN A 98 6.84 -8.76 -7.09
C ASN A 98 6.96 -8.04 -5.76
N GLU A 99 7.58 -6.86 -5.78
CA GLU A 99 7.70 -6.08 -4.56
C GLU A 99 6.33 -5.73 -4.03
N GLU A 100 5.44 -5.31 -4.92
CA GLU A 100 4.11 -4.92 -4.52
C GLU A 100 3.37 -6.08 -3.88
N LYS A 101 3.50 -7.27 -4.45
CA LYS A 101 2.83 -8.47 -3.95
C LYS A 101 3.21 -8.75 -2.50
N ASP A 102 4.46 -8.54 -2.18
CA ASP A 102 4.97 -8.81 -0.84
C ASP A 102 4.52 -7.70 0.14
N LEU A 103 4.64 -6.45 -0.32
CA LEU A 103 4.36 -5.28 0.52
C LEU A 103 2.86 -4.97 0.71
N PHE A 104 2.07 -5.19 -0.33
CA PHE A 104 0.64 -4.84 -0.36
C PHE A 104 -0.32 -5.99 -0.61
N GLY A 105 0.07 -6.91 -1.49
CA GLY A 105 -0.82 -8.00 -1.83
C GLY A 105 -2.05 -7.47 -2.57
N SER A 106 -1.82 -6.56 -3.51
CA SER A 106 -2.90 -5.93 -4.28
C SER A 106 -2.82 -6.39 -5.74
N ASP A 107 -1.73 -7.04 -6.10
CA ASP A 107 -1.58 -7.63 -7.42
C ASP A 107 -2.69 -8.69 -7.56
N SER A 108 -3.28 -8.77 -8.73
CA SER A 108 -4.40 -9.70 -8.96
C SER A 108 -4.41 -10.18 -10.40
N GLU A 109 -4.98 -11.35 -10.62
CA GLU A 109 -5.11 -11.91 -11.96
C GLU A 109 -6.15 -11.06 -12.72
N SER A 110 -5.69 -10.34 -13.73
CA SER A 110 -6.55 -9.49 -14.55
C SER A 110 -5.77 -9.21 -15.84
N GLY A 111 -6.42 -9.35 -16.98
CA GLY A 111 -5.73 -9.17 -18.25
C GLY A 111 -4.85 -10.39 -18.50
N ASN A 112 -3.80 -10.23 -19.29
CA ASN A 112 -2.82 -11.31 -19.57
C ASN A 112 -3.45 -12.48 -20.33
N GLU A 113 -4.26 -12.15 -21.31
CA GLU A 113 -4.91 -13.13 -22.16
C GLU A 113 -3.87 -13.88 -23.02
N GLU A 114 -4.08 -15.19 -23.15
CA GLU A 114 -3.21 -16.13 -23.92
C GLU A 114 -1.76 -16.32 -23.37
N GLU A 115 -1.47 -17.52 -22.89
CA GLU A 115 -0.14 -17.87 -22.40
C GLU A 115 0.79 -17.96 -23.61
N ASN A 116 1.92 -17.28 -23.54
CA ASN A 116 2.87 -17.22 -24.65
C ASN A 116 4.28 -17.32 -24.10
N MET A 1 11.40 6.62 11.91
CA MET A 1 9.91 6.52 12.05
C MET A 1 9.44 5.10 11.82
N GLU A 2 10.33 4.11 11.88
CA GLU A 2 9.91 2.73 11.58
C GLU A 2 8.89 2.27 12.60
N ASP A 3 9.21 2.49 13.87
CA ASP A 3 8.35 2.09 14.96
C ASP A 3 7.00 2.78 14.87
N GLU A 4 7.00 4.03 14.48
CA GLU A 4 5.76 4.80 14.33
C GLU A 4 4.81 4.11 13.35
N VAL A 5 5.35 3.70 12.21
CA VAL A 5 4.56 3.08 11.16
C VAL A 5 4.13 1.70 11.62
N VAL A 6 5.03 0.95 12.24
CA VAL A 6 4.70 -0.36 12.81
C VAL A 6 3.54 -0.20 13.81
N ARG A 7 3.55 0.84 14.64
CA ARG A 7 2.47 1.04 15.62
C ARG A 7 1.13 1.20 14.89
N PHE A 8 1.12 1.95 13.80
CA PHE A 8 -0.08 2.12 13.01
C PHE A 8 -0.52 0.79 12.38
N ALA A 9 0.41 0.06 11.76
CA ALA A 9 0.10 -1.22 11.13
C ALA A 9 -0.48 -2.20 12.14
N LYS A 10 0.15 -2.31 13.30
CA LYS A 10 -0.30 -3.24 14.33
C LYS A 10 -1.67 -2.84 14.88
N LYS A 11 -2.03 -1.57 14.87
CA LYS A 11 -3.37 -1.17 15.29
C LYS A 11 -4.37 -1.59 14.21
N MET A 12 -4.03 -1.36 12.95
CA MET A 12 -4.94 -1.71 11.84
C MET A 12 -5.19 -3.20 11.76
N ASP A 13 -4.16 -4.00 11.92
CA ASP A 13 -4.29 -5.47 11.87
C ASP A 13 -5.28 -5.98 12.91
N LYS A 14 -5.34 -5.31 14.05
CA LYS A 14 -6.26 -5.70 15.12
C LYS A 14 -7.69 -5.33 14.76
N MET A 15 -7.86 -4.29 13.97
CA MET A 15 -9.20 -3.88 13.52
C MET A 15 -9.68 -4.87 12.50
N VAL A 16 -8.74 -5.33 11.70
CA VAL A 16 -8.98 -6.34 10.68
C VAL A 16 -9.45 -7.62 11.34
N GLN A 17 -8.77 -8.05 12.41
CA GLN A 17 -9.17 -9.26 13.16
C GLN A 17 -10.57 -9.10 13.74
N LYS A 18 -10.87 -7.92 14.26
CA LYS A 18 -12.16 -7.64 14.87
C LYS A 18 -13.28 -7.34 13.87
N LYS A 19 -12.92 -7.26 12.59
CA LYS A 19 -13.85 -6.91 11.49
C LYS A 19 -14.56 -5.57 11.74
N ASN A 20 -13.87 -4.68 12.44
CA ASN A 20 -14.40 -3.34 12.75
C ASN A 20 -13.28 -2.33 12.48
N ALA A 21 -13.17 -1.89 11.23
CA ALA A 21 -12.10 -0.99 10.83
C ALA A 21 -12.51 0.48 10.69
N ALA A 22 -13.65 0.86 11.24
CA ALA A 22 -14.10 2.26 11.15
C ALA A 22 -13.07 3.16 11.84
N GLY A 23 -12.50 2.68 12.95
CA GLY A 23 -11.49 3.42 13.69
C GLY A 23 -10.20 3.71 12.92
N ALA A 24 -9.97 3.02 11.81
CA ALA A 24 -8.78 3.20 11.00
C ALA A 24 -8.75 4.57 10.33
N LEU A 25 -9.87 5.27 10.36
CA LEU A 25 -9.98 6.60 9.75
C LEU A 25 -8.86 7.51 10.25
N ASP A 26 -8.67 7.50 11.55
CA ASP A 26 -7.71 8.39 12.19
C ASP A 26 -6.31 7.98 11.84
N LEU A 27 -6.11 6.68 11.72
CA LEU A 27 -4.80 6.15 11.39
C LEU A 27 -4.41 6.57 9.98
N LEU A 28 -5.28 6.35 9.01
CA LEU A 28 -5.02 6.73 7.65
C LEU A 28 -4.84 8.24 7.52
N LYS A 29 -5.60 9.05 8.26
CA LYS A 29 -5.38 10.50 8.32
C LYS A 29 -3.94 10.83 8.72
N GLU A 30 -3.41 10.16 9.73
CA GLU A 30 -2.02 10.40 10.16
C GLU A 30 -1.04 9.92 9.09
N LEU A 31 -1.34 8.78 8.48
CA LEU A 31 -0.46 8.22 7.46
C LEU A 31 -0.34 9.10 6.22
N LYS A 32 -1.33 9.94 5.97
CA LYS A 32 -1.27 10.87 4.84
C LYS A 32 -0.24 11.98 5.08
N ASN A 33 0.12 12.20 6.34
CA ASN A 33 1.06 13.28 6.69
C ASN A 33 2.45 12.72 6.89
N ILE A 34 2.57 11.40 6.86
CA ILE A 34 3.84 10.72 7.11
C ILE A 34 4.60 10.50 5.80
N PRO A 35 5.89 10.89 5.74
CA PRO A 35 6.76 10.68 4.58
C PRO A 35 7.18 9.21 4.43
N MET A 36 6.23 8.38 4.06
CA MET A 36 6.46 6.95 3.85
C MET A 36 7.52 6.74 2.76
N THR A 37 8.28 5.67 2.89
CA THR A 37 9.35 5.34 1.94
C THR A 37 9.18 3.89 1.56
N LEU A 38 9.87 3.45 0.50
CA LEU A 38 9.87 2.05 0.11
C LEU A 38 10.42 1.23 1.27
N GLU A 39 11.43 1.76 1.91
CA GLU A 39 12.11 1.07 3.02
C GLU A 39 11.13 0.78 4.16
N LEU A 40 10.27 1.75 4.43
CA LEU A 40 9.28 1.60 5.48
C LEU A 40 8.26 0.52 5.08
N LEU A 41 7.86 0.50 3.83
CA LEU A 41 6.88 -0.48 3.37
C LEU A 41 7.45 -1.89 3.46
N GLN A 42 8.75 -2.01 3.30
CA GLN A 42 9.41 -3.31 3.42
C GLN A 42 9.47 -3.79 4.88
N SER A 43 10.04 -2.98 5.76
CA SER A 43 10.18 -3.38 7.17
C SER A 43 8.89 -3.40 8.00
N THR A 44 8.03 -2.41 7.78
CA THR A 44 6.80 -2.29 8.58
C THR A 44 5.62 -3.01 7.91
N ARG A 45 5.76 -3.24 6.61
CA ARG A 45 4.73 -3.92 5.79
C ARG A 45 3.34 -3.32 5.95
N ILE A 46 3.30 -2.01 6.16
CA ILE A 46 2.03 -1.31 6.39
C ILE A 46 1.15 -1.26 5.13
N GLY A 47 1.75 -1.43 3.96
CA GLY A 47 0.99 -1.42 2.72
C GLY A 47 -0.11 -2.47 2.76
N MET A 48 0.23 -3.63 3.31
CA MET A 48 -0.71 -4.73 3.38
C MET A 48 -1.77 -4.45 4.46
N SER A 49 -1.38 -3.81 5.55
CA SER A 49 -2.34 -3.48 6.60
C SER A 49 -3.40 -2.51 6.09
N VAL A 50 -2.97 -1.43 5.45
CA VAL A 50 -3.93 -0.49 4.85
C VAL A 50 -4.79 -1.15 3.79
N ASN A 51 -4.20 -2.02 2.97
CA ASN A 51 -4.99 -2.73 1.95
C ASN A 51 -6.06 -3.61 2.61
N ALA A 52 -5.71 -4.24 3.71
CA ALA A 52 -6.66 -5.08 4.44
C ALA A 52 -7.79 -4.21 5.01
N ILE A 53 -7.45 -3.03 5.52
CA ILE A 53 -8.48 -2.11 6.03
C ILE A 53 -9.42 -1.70 4.92
N ARG A 54 -8.88 -1.44 3.74
CA ARG A 54 -9.68 -1.02 2.60
C ARG A 54 -10.81 -2.01 2.29
N LYS A 55 -10.57 -3.29 2.49
CA LYS A 55 -11.58 -4.32 2.21
C LYS A 55 -12.40 -4.73 3.43
N GLN A 56 -11.85 -4.49 4.62
CA GLN A 56 -12.55 -4.81 5.88
C GLN A 56 -13.45 -3.68 6.38
N SER A 57 -13.31 -2.49 5.82
CA SER A 57 -14.10 -1.35 6.25
C SER A 57 -15.33 -1.15 5.39
N THR A 58 -16.47 -0.95 6.03
CA THR A 58 -17.71 -0.65 5.35
C THR A 58 -17.86 0.87 5.32
N ASP A 59 -16.96 1.55 6.02
CA ASP A 59 -16.96 3.01 6.09
C ASP A 59 -16.28 3.56 4.84
N GLU A 60 -16.98 4.39 4.09
CA GLU A 60 -16.44 4.94 2.85
C GLU A 60 -15.32 5.94 3.08
N GLU A 61 -15.33 6.67 4.20
CA GLU A 61 -14.25 7.62 4.46
C GLU A 61 -12.98 6.82 4.62
N VAL A 62 -13.07 5.73 5.35
CA VAL A 62 -11.90 4.91 5.61
C VAL A 62 -11.40 4.27 4.34
N THR A 63 -12.27 3.74 3.50
CA THR A 63 -11.81 3.13 2.27
C THR A 63 -11.26 4.16 1.32
N SER A 64 -11.82 5.37 1.32
CA SER A 64 -11.33 6.43 0.45
C SER A 64 -9.97 6.93 0.94
N LEU A 65 -9.76 6.93 2.23
CA LEU A 65 -8.47 7.31 2.77
C LEU A 65 -7.46 6.20 2.43
N ALA A 66 -7.82 4.97 2.71
CA ALA A 66 -6.96 3.82 2.49
C ALA A 66 -6.56 3.66 1.02
N LYS A 67 -7.52 3.76 0.11
CA LYS A 67 -7.20 3.59 -1.32
C LYS A 67 -6.24 4.67 -1.78
N SER A 68 -6.28 5.82 -1.12
CA SER A 68 -5.39 6.92 -1.42
C SER A 68 -3.96 6.60 -0.99
N LEU A 69 -3.79 6.05 0.21
CA LEU A 69 -2.47 5.65 0.66
C LEU A 69 -1.85 4.60 -0.24
N ILE A 70 -2.62 3.60 -0.63
CA ILE A 70 -2.07 2.53 -1.49
C ILE A 70 -1.51 3.14 -2.77
N LYS A 71 -2.29 3.99 -3.42
CA LYS A 71 -1.84 4.63 -4.66
C LYS A 71 -0.59 5.50 -4.45
N SER A 72 -0.58 6.29 -3.39
CA SER A 72 0.56 7.17 -3.13
C SER A 72 1.82 6.37 -2.78
N TRP A 73 1.66 5.35 -1.96
CA TRP A 73 2.78 4.53 -1.49
C TRP A 73 3.36 3.63 -2.59
N LYS A 74 2.54 3.32 -3.58
CA LYS A 74 2.99 2.46 -4.67
C LYS A 74 4.06 3.17 -5.46
N LYS A 75 3.95 4.50 -5.56
CA LYS A 75 4.95 5.30 -6.28
C LYS A 75 6.33 5.28 -5.62
N LEU A 76 6.39 4.83 -4.38
CA LEU A 76 7.65 4.78 -3.64
C LEU A 76 8.52 3.64 -4.14
N LEU A 77 7.93 2.48 -4.36
CA LEU A 77 8.68 1.33 -4.83
C LEU A 77 8.84 1.40 -6.33
N ASP A 78 7.82 1.95 -6.97
CA ASP A 78 7.77 2.11 -8.43
C ASP A 78 8.55 3.37 -8.86
N GLY A 79 9.46 3.81 -8.00
CA GLY A 79 10.23 5.00 -8.29
C GLY A 79 11.35 4.78 -9.27
N GLY A 80 11.44 5.69 -10.22
CA GLY A 80 12.46 5.64 -11.28
C GLY A 80 13.46 6.78 -11.19
N SER A 81 13.92 7.08 -9.98
CA SER A 81 14.90 8.16 -9.77
C SER A 81 16.28 7.65 -10.22
N GLY A 82 17.09 8.56 -10.77
CA GLY A 82 18.41 8.19 -11.24
C GLY A 82 19.11 9.41 -11.80
N SER A 83 20.36 9.26 -12.20
CA SER A 83 21.15 10.36 -12.77
C SER A 83 21.68 10.01 -14.15
N GLY A 84 20.92 9.21 -14.89
CA GLY A 84 21.32 8.82 -16.22
C GLY A 84 21.30 10.01 -17.19
N SER A 85 22.13 9.93 -18.23
CA SER A 85 22.17 10.98 -19.24
C SER A 85 21.07 10.72 -20.27
N GLY A 86 20.08 11.61 -20.29
CA GLY A 86 18.95 11.51 -21.19
C GLY A 86 17.78 10.86 -20.47
N SER A 87 16.59 10.95 -21.09
CA SER A 87 15.37 10.40 -20.50
C SER A 87 14.49 9.87 -21.62
N GLY A 88 13.55 9.01 -21.27
CA GLY A 88 12.64 8.45 -22.23
C GLY A 88 11.66 7.65 -21.43
N SER A 89 10.74 6.96 -22.08
CA SER A 89 9.75 6.14 -21.40
C SER A 89 9.45 4.95 -22.29
N SER A 90 9.01 3.85 -21.67
CA SER A 90 8.64 2.64 -22.40
C SER A 90 7.64 1.88 -21.53
N GLY A 91 8.10 1.38 -20.39
CA GLY A 91 7.25 0.67 -19.47
C GLY A 91 7.42 -0.82 -19.68
N GLU A 92 7.30 -1.58 -18.61
CA GLU A 92 7.43 -3.02 -18.62
C GLU A 92 6.85 -3.50 -17.31
N LEU A 93 6.76 -4.80 -17.11
CA LEU A 93 6.22 -5.34 -15.86
C LEU A 93 7.10 -4.93 -14.69
N SER A 94 8.41 -5.07 -14.89
CA SER A 94 9.45 -4.71 -13.92
C SER A 94 9.39 -5.47 -12.58
N ASP A 95 10.44 -5.33 -11.78
CA ASP A 95 10.52 -5.99 -10.48
C ASP A 95 9.67 -5.26 -9.45
N LYS A 96 9.21 -4.09 -9.83
CA LYS A 96 8.42 -3.26 -8.93
C LYS A 96 7.12 -3.97 -8.55
N LYS A 97 6.51 -4.66 -9.50
CA LYS A 97 5.25 -5.37 -9.22
C LYS A 97 5.52 -6.63 -8.42
N ASN A 98 6.72 -7.17 -8.51
CA ASN A 98 7.06 -8.34 -7.71
C ASN A 98 7.14 -7.92 -6.24
N GLU A 99 7.76 -6.77 -5.99
CA GLU A 99 7.83 -6.23 -4.64
C GLU A 99 6.42 -5.91 -4.15
N GLU A 100 5.61 -5.29 -5.00
CA GLU A 100 4.24 -4.91 -4.63
C GLU A 100 3.45 -6.11 -4.11
N LYS A 101 3.65 -7.26 -4.71
CA LYS A 101 2.98 -8.48 -4.26
C LYS A 101 3.28 -8.78 -2.80
N ASP A 102 4.52 -8.60 -2.39
CA ASP A 102 4.92 -8.87 -1.00
C ASP A 102 4.58 -7.72 -0.05
N LEU A 103 4.68 -6.50 -0.56
CA LEU A 103 4.49 -5.30 0.26
C LEU A 103 3.02 -4.93 0.47
N PHE A 104 2.19 -5.20 -0.51
CA PHE A 104 0.76 -4.83 -0.49
C PHE A 104 -0.17 -6.01 -0.73
N GLY A 105 0.14 -6.81 -1.75
CA GLY A 105 -0.73 -7.92 -2.11
C GLY A 105 -2.01 -7.40 -2.74
N SER A 106 -1.88 -6.42 -3.61
CA SER A 106 -3.05 -5.78 -4.20
C SER A 106 -3.41 -6.34 -5.57
N ASP A 107 -3.80 -7.62 -5.61
CA ASP A 107 -4.22 -8.25 -6.85
C ASP A 107 -5.74 -8.14 -6.98
N SER A 108 -6.28 -8.57 -8.13
CA SER A 108 -7.71 -8.54 -8.46
C SER A 108 -8.33 -7.13 -8.39
N GLU A 109 -7.53 -6.10 -8.61
CA GLU A 109 -8.02 -4.70 -8.52
C GLU A 109 -9.02 -4.30 -9.60
N SER A 110 -8.64 -4.43 -10.87
CA SER A 110 -9.52 -3.98 -11.96
C SER A 110 -9.35 -4.70 -13.31
N GLY A 111 -8.60 -5.79 -13.36
CA GLY A 111 -8.39 -6.48 -14.63
C GLY A 111 -7.25 -5.86 -15.44
N ASN A 112 -7.08 -6.35 -16.68
CA ASN A 112 -6.02 -5.90 -17.60
C ASN A 112 -6.42 -6.47 -18.97
N GLU A 113 -5.89 -5.91 -20.05
CA GLU A 113 -6.17 -6.39 -21.43
C GLU A 113 -4.83 -6.30 -22.18
N GLU A 114 -4.72 -6.97 -23.32
CA GLU A 114 -3.48 -6.95 -24.09
C GLU A 114 -3.53 -5.79 -25.10
N GLU A 115 -2.39 -5.18 -25.39
CA GLU A 115 -2.31 -4.03 -26.30
C GLU A 115 -1.17 -4.25 -27.29
N ASN A 116 -1.05 -3.38 -28.30
CA ASN A 116 -0.04 -3.55 -29.37
C ASN A 116 1.24 -2.73 -29.11
N MET A 1 11.09 6.77 12.20
CA MET A 1 9.61 6.59 12.24
C MET A 1 9.22 5.14 11.92
N GLU A 2 10.12 4.19 12.02
CA GLU A 2 9.78 2.81 11.67
C GLU A 2 8.72 2.27 12.62
N ASP A 3 9.00 2.39 13.90
CA ASP A 3 8.09 1.91 14.94
C ASP A 3 6.76 2.65 14.85
N GLU A 4 6.80 3.92 14.48
CA GLU A 4 5.58 4.71 14.32
C GLU A 4 4.65 4.05 13.30
N VAL A 5 5.23 3.65 12.18
CA VAL A 5 4.45 3.03 11.11
C VAL A 5 4.01 1.64 11.56
N VAL A 6 4.88 0.89 12.21
CA VAL A 6 4.52 -0.41 12.78
C VAL A 6 3.35 -0.24 13.76
N ARG A 7 3.35 0.81 14.56
CA ARG A 7 2.25 1.05 15.49
C ARG A 7 0.97 1.18 14.70
N PHE A 8 0.97 1.95 13.62
CA PHE A 8 -0.23 2.09 12.79
C PHE A 8 -0.66 0.74 12.20
N ALA A 9 0.28 -0.03 11.67
CA ALA A 9 -0.04 -1.32 11.06
C ALA A 9 -0.65 -2.29 12.09
N LYS A 10 -0.08 -2.34 13.29
CA LYS A 10 -0.61 -3.23 14.33
C LYS A 10 -1.94 -2.71 14.87
N LYS A 11 -2.09 -1.39 14.96
CA LYS A 11 -3.36 -0.81 15.39
C LYS A 11 -4.42 -1.21 14.39
N MET A 12 -4.07 -1.22 13.10
CA MET A 12 -5.02 -1.60 12.05
C MET A 12 -5.42 -3.06 12.07
N ASP A 13 -4.49 -3.97 12.29
CA ASP A 13 -4.84 -5.40 12.23
C ASP A 13 -5.70 -5.82 13.40
N LYS A 14 -5.50 -5.18 14.54
CA LYS A 14 -6.36 -5.44 15.69
C LYS A 14 -7.81 -5.16 15.27
N MET A 15 -7.99 -4.21 14.35
CA MET A 15 -9.31 -3.89 13.82
C MET A 15 -9.82 -4.92 12.84
N VAL A 16 -8.96 -5.42 11.96
CA VAL A 16 -9.39 -6.40 10.95
C VAL A 16 -9.81 -7.70 11.63
N GLN A 17 -9.10 -8.08 12.68
CA GLN A 17 -9.45 -9.28 13.44
C GLN A 17 -10.82 -9.11 14.12
N LYS A 18 -11.05 -7.92 14.65
CA LYS A 18 -12.31 -7.61 15.35
C LYS A 18 -13.43 -7.21 14.39
N LYS A 19 -13.09 -7.16 13.11
CA LYS A 19 -14.04 -6.82 12.03
C LYS A 19 -14.74 -5.47 12.25
N ASN A 20 -14.02 -4.55 12.87
CA ASN A 20 -14.51 -3.19 13.12
C ASN A 20 -13.38 -2.22 12.84
N ALA A 21 -13.23 -1.87 11.57
CA ALA A 21 -12.15 -0.98 11.13
C ALA A 21 -12.57 0.47 10.92
N ALA A 22 -13.73 0.87 11.44
CA ALA A 22 -14.18 2.26 11.32
C ALA A 22 -13.15 3.20 11.99
N GLY A 23 -12.57 2.72 13.08
CA GLY A 23 -11.58 3.49 13.81
C GLY A 23 -10.30 3.78 13.05
N ALA A 24 -10.08 3.05 11.96
CA ALA A 24 -8.90 3.21 11.14
C ALA A 24 -8.85 4.57 10.45
N LEU A 25 -9.98 5.28 10.40
CA LEU A 25 -10.02 6.60 9.77
C LEU A 25 -8.92 7.50 10.30
N ASP A 26 -8.76 7.52 11.61
CA ASP A 26 -7.76 8.33 12.27
C ASP A 26 -6.35 7.87 11.97
N LEU A 27 -6.18 6.58 11.80
CA LEU A 27 -4.86 6.02 11.56
C LEU A 27 -4.40 6.39 10.16
N LEU A 28 -5.33 6.30 9.23
CA LEU A 28 -5.05 6.61 7.84
C LEU A 28 -4.86 8.13 7.66
N LYS A 29 -5.60 8.95 8.40
CA LYS A 29 -5.38 10.41 8.41
C LYS A 29 -3.94 10.74 8.72
N GLU A 30 -3.37 10.09 9.73
CA GLU A 30 -1.98 10.34 10.11
C GLU A 30 -1.05 9.92 8.98
N LEU A 31 -1.32 8.75 8.42
CA LEU A 31 -0.49 8.18 7.36
C LEU A 31 -0.43 9.07 6.12
N LYS A 32 -1.48 9.84 5.90
CA LYS A 32 -1.55 10.78 4.78
C LYS A 32 -0.56 11.94 4.93
N ASN A 33 -0.07 12.15 6.13
CA ASN A 33 0.87 13.24 6.43
C ASN A 33 2.27 12.69 6.72
N ILE A 34 2.44 11.39 6.62
CA ILE A 34 3.71 10.73 6.92
C ILE A 34 4.50 10.46 5.62
N PRO A 35 5.79 10.87 5.59
CA PRO A 35 6.66 10.64 4.45
C PRO A 35 7.11 9.17 4.35
N MET A 36 6.18 8.32 3.96
CA MET A 36 6.42 6.89 3.77
C MET A 36 7.49 6.70 2.71
N THR A 37 8.31 5.68 2.88
CA THR A 37 9.41 5.37 1.97
C THR A 37 9.26 3.91 1.58
N LEU A 38 9.99 3.49 0.55
CA LEU A 38 9.96 2.10 0.11
C LEU A 38 10.49 1.25 1.27
N GLU A 39 11.50 1.76 1.93
CA GLU A 39 12.16 1.07 3.04
C GLU A 39 11.16 0.79 4.16
N LEU A 40 10.31 1.77 4.42
CA LEU A 40 9.30 1.63 5.46
C LEU A 40 8.29 0.57 5.08
N LEU A 41 7.90 0.51 3.83
CA LEU A 41 6.92 -0.48 3.42
C LEU A 41 7.52 -1.86 3.53
N GLN A 42 8.81 -1.97 3.31
CA GLN A 42 9.50 -3.26 3.43
C GLN A 42 9.57 -3.69 4.90
N SER A 43 10.07 -2.84 5.77
CA SER A 43 10.23 -3.19 7.18
C SER A 43 8.93 -3.30 7.98
N THR A 44 7.98 -2.41 7.71
CA THR A 44 6.73 -2.36 8.49
C THR A 44 5.56 -3.07 7.83
N ARG A 45 5.68 -3.34 6.53
CA ARG A 45 4.63 -4.01 5.71
C ARG A 45 3.27 -3.35 5.87
N ILE A 46 3.27 -2.04 6.08
CA ILE A 46 2.02 -1.32 6.30
C ILE A 46 1.18 -1.25 5.03
N GLY A 47 1.81 -1.45 3.89
CA GLY A 47 1.06 -1.43 2.64
C GLY A 47 -0.01 -2.49 2.68
N MET A 48 0.31 -3.65 3.26
CA MET A 48 -0.63 -4.75 3.36
C MET A 48 -1.71 -4.45 4.40
N SER A 49 -1.33 -3.81 5.49
CA SER A 49 -2.30 -3.45 6.54
C SER A 49 -3.33 -2.45 6.04
N VAL A 50 -2.87 -1.38 5.40
CA VAL A 50 -3.80 -0.40 4.83
C VAL A 50 -4.69 -1.06 3.77
N ASN A 51 -4.10 -1.93 2.95
CA ASN A 51 -4.87 -2.64 1.93
C ASN A 51 -5.92 -3.54 2.56
N ALA A 52 -5.59 -4.14 3.69
CA ALA A 52 -6.52 -5.00 4.41
C ALA A 52 -7.67 -4.16 4.97
N ILE A 53 -7.39 -2.99 5.52
CA ILE A 53 -8.43 -2.10 6.06
C ILE A 53 -9.40 -1.72 4.95
N ARG A 54 -8.87 -1.44 3.77
CA ARG A 54 -9.71 -1.05 2.63
C ARG A 54 -10.79 -2.09 2.31
N LYS A 55 -10.48 -3.36 2.53
CA LYS A 55 -11.44 -4.43 2.23
C LYS A 55 -12.20 -4.95 3.47
N GLN A 56 -11.73 -4.56 4.63
CA GLN A 56 -12.34 -4.95 5.93
C GLN A 56 -13.14 -3.83 6.60
N SER A 57 -13.32 -2.73 5.90
CA SER A 57 -14.07 -1.58 6.45
C SER A 57 -15.33 -1.31 5.67
N THR A 58 -16.40 -0.96 6.37
CA THR A 58 -17.66 -0.59 5.74
C THR A 58 -17.74 0.92 5.64
N ASP A 59 -16.84 1.61 6.31
CA ASP A 59 -16.82 3.06 6.30
C ASP A 59 -16.16 3.53 5.01
N GLU A 60 -16.93 4.18 4.14
CA GLU A 60 -16.39 4.64 2.86
C GLU A 60 -15.33 5.72 3.07
N GLU A 61 -15.42 6.45 4.18
CA GLU A 61 -14.43 7.46 4.50
C GLU A 61 -13.06 6.78 4.69
N VAL A 62 -13.08 5.60 5.30
CA VAL A 62 -11.87 4.86 5.60
C VAL A 62 -11.34 4.22 4.33
N THR A 63 -12.20 3.66 3.50
CA THR A 63 -11.75 3.05 2.25
C THR A 63 -11.19 4.12 1.33
N SER A 64 -11.75 5.32 1.38
CA SER A 64 -11.27 6.43 0.57
C SER A 64 -9.92 6.92 1.05
N LEU A 65 -9.69 6.91 2.35
CA LEU A 65 -8.38 7.29 2.87
C LEU A 65 -7.37 6.21 2.50
N ALA A 66 -7.73 4.96 2.76
CA ALA A 66 -6.85 3.84 2.51
C ALA A 66 -6.47 3.68 1.04
N LYS A 67 -7.44 3.81 0.13
CA LYS A 67 -7.13 3.69 -1.31
C LYS A 67 -6.17 4.80 -1.74
N SER A 68 -6.22 5.93 -1.05
CA SER A 68 -5.32 7.05 -1.32
C SER A 68 -3.90 6.66 -0.95
N LEU A 69 -3.69 6.10 0.24
CA LEU A 69 -2.36 5.69 0.63
C LEU A 69 -1.79 4.66 -0.29
N ILE A 70 -2.57 3.66 -0.69
CA ILE A 70 -2.04 2.60 -1.56
C ILE A 70 -1.54 3.21 -2.86
N LYS A 71 -2.32 4.08 -3.48
CA LYS A 71 -1.90 4.69 -4.75
C LYS A 71 -0.69 5.60 -4.60
N SER A 72 -0.57 6.29 -3.48
CA SER A 72 0.58 7.16 -3.24
C SER A 72 1.82 6.34 -2.92
N TRP A 73 1.69 5.39 -2.00
CA TRP A 73 2.80 4.56 -1.57
C TRP A 73 3.34 3.66 -2.68
N LYS A 74 2.51 3.41 -3.68
CA LYS A 74 2.92 2.57 -4.80
C LYS A 74 4.01 3.27 -5.58
N LYS A 75 4.00 4.60 -5.58
CA LYS A 75 5.02 5.38 -6.29
C LYS A 75 6.41 5.20 -5.72
N LEU A 76 6.51 4.66 -4.52
CA LEU A 76 7.81 4.51 -3.86
C LEU A 76 8.65 3.40 -4.50
N LEU A 77 8.05 2.23 -4.67
CA LEU A 77 8.75 1.10 -5.32
C LEU A 77 8.87 1.37 -6.81
N ASP A 78 7.89 2.09 -7.34
CA ASP A 78 7.82 2.41 -8.76
C ASP A 78 8.69 3.63 -9.10
N GLY A 79 9.34 4.19 -8.09
CA GLY A 79 10.16 5.39 -8.28
C GLY A 79 11.58 5.27 -7.76
N GLY A 80 12.02 4.06 -7.49
CA GLY A 80 13.37 3.85 -7.00
C GLY A 80 14.33 3.70 -8.18
N SER A 81 15.63 3.82 -7.94
CA SER A 81 16.64 3.71 -9.02
C SER A 81 16.50 2.40 -9.80
N GLY A 82 16.18 1.32 -9.11
CA GLY A 82 15.94 0.04 -9.77
C GLY A 82 17.20 -0.74 -10.10
N SER A 83 16.98 -1.89 -10.70
CA SER A 83 18.05 -2.81 -11.10
C SER A 83 17.86 -3.24 -12.56
N GLY A 84 16.61 -3.51 -12.94
CA GLY A 84 16.29 -3.89 -14.30
C GLY A 84 16.31 -2.74 -15.29
N SER A 85 17.50 -2.40 -15.77
CA SER A 85 17.69 -1.29 -16.71
C SER A 85 17.42 -1.68 -18.17
N GLY A 86 16.94 -2.90 -18.40
CA GLY A 86 16.64 -3.34 -19.76
C GLY A 86 17.86 -3.37 -20.67
N SER A 87 19.01 -3.72 -20.11
CA SER A 87 20.25 -3.74 -20.87
C SER A 87 21.08 -4.94 -20.46
N GLY A 88 21.87 -5.45 -21.40
CA GLY A 88 22.68 -6.63 -21.13
C GLY A 88 22.17 -7.83 -21.88
N SER A 89 22.71 -9.00 -21.58
CA SER A 89 22.26 -10.24 -22.23
C SER A 89 21.12 -10.85 -21.45
N SER A 90 21.02 -10.46 -20.18
CA SER A 90 19.96 -10.89 -19.29
C SER A 90 19.94 -9.86 -18.18
N GLY A 91 18.79 -9.70 -17.53
CA GLY A 91 18.66 -8.76 -16.43
C GLY A 91 17.25 -8.94 -15.91
N GLU A 92 16.93 -8.29 -14.81
CA GLU A 92 15.59 -8.38 -14.24
C GLU A 92 14.65 -7.43 -15.00
N LEU A 93 13.35 -7.68 -14.94
CA LEU A 93 12.38 -6.84 -15.64
C LEU A 93 11.03 -6.91 -14.93
N SER A 94 10.31 -5.79 -14.88
CA SER A 94 8.97 -5.69 -14.25
C SER A 94 8.94 -6.11 -12.78
N ASP A 95 10.09 -5.99 -12.12
CA ASP A 95 10.26 -6.35 -10.69
C ASP A 95 9.33 -5.58 -9.76
N LYS A 96 8.78 -4.48 -10.27
CA LYS A 96 7.84 -3.67 -9.52
C LYS A 96 6.67 -4.50 -9.02
N LYS A 97 6.27 -5.50 -9.79
CA LYS A 97 5.16 -6.36 -9.42
C LYS A 97 5.55 -7.32 -8.29
N ASN A 98 6.79 -7.78 -8.27
CA ASN A 98 7.23 -8.72 -7.23
C ASN A 98 7.30 -8.02 -5.89
N GLU A 99 7.86 -6.82 -5.90
CA GLU A 99 7.99 -6.01 -4.69
C GLU A 99 6.57 -5.76 -4.16
N GLU A 100 5.70 -5.21 -5.00
CA GLU A 100 4.34 -4.91 -4.58
C GLU A 100 3.58 -6.12 -4.05
N LYS A 101 3.80 -7.28 -4.67
CA LYS A 101 3.15 -8.52 -4.26
C LYS A 101 3.43 -8.79 -2.78
N ASP A 102 4.65 -8.53 -2.34
CA ASP A 102 5.04 -8.76 -0.96
C ASP A 102 4.66 -7.62 -0.02
N LEU A 103 4.70 -6.40 -0.53
CA LEU A 103 4.44 -5.21 0.28
C LEU A 103 2.98 -4.87 0.48
N PHE A 104 2.16 -5.09 -0.55
CA PHE A 104 0.75 -4.75 -0.53
C PHE A 104 -0.15 -5.93 -0.80
N GLY A 105 0.25 -6.79 -1.72
CA GLY A 105 -0.57 -7.93 -2.08
C GLY A 105 -1.84 -7.44 -2.74
N SER A 106 -1.73 -6.37 -3.54
CA SER A 106 -2.88 -5.77 -4.19
C SER A 106 -3.17 -6.44 -5.51
N ASP A 107 -2.14 -6.64 -6.31
CA ASP A 107 -2.29 -7.18 -7.66
C ASP A 107 -1.45 -8.45 -7.83
N SER A 108 -1.79 -9.28 -8.82
CA SER A 108 -1.11 -10.55 -9.03
C SER A 108 -0.96 -10.94 -10.50
N GLU A 109 -1.27 -10.00 -11.39
CA GLU A 109 -1.26 -10.27 -12.81
C GLU A 109 -0.03 -9.64 -13.45
N SER A 110 0.49 -10.28 -14.48
CA SER A 110 1.67 -9.81 -15.20
C SER A 110 1.37 -9.91 -16.68
N GLY A 111 2.00 -9.05 -17.47
CA GLY A 111 1.71 -8.99 -18.89
C GLY A 111 0.54 -8.04 -19.08
N ASN A 112 -0.08 -8.11 -20.26
CA ASN A 112 -1.23 -7.27 -20.67
C ASN A 112 -0.82 -5.81 -20.89
N GLU A 113 -1.69 -5.10 -21.60
CA GLU A 113 -1.50 -3.69 -21.97
C GLU A 113 -0.16 -3.49 -22.73
N GLU A 114 0.34 -2.26 -22.76
CA GLU A 114 1.58 -1.89 -23.47
C GLU A 114 1.52 -2.13 -25.00
N GLU A 115 2.60 -1.76 -25.69
CA GLU A 115 2.68 -1.97 -27.15
C GLU A 115 3.18 -3.39 -27.45
N ASN A 116 3.99 -3.91 -26.53
CA ASN A 116 4.57 -5.27 -26.57
C ASN A 116 5.29 -5.61 -27.89
N MET A 1 10.80 7.28 12.33
CA MET A 1 9.38 6.93 12.62
C MET A 1 9.04 5.54 12.10
N GLU A 2 9.96 4.58 12.21
CA GLU A 2 9.66 3.24 11.72
C GLU A 2 8.66 2.59 12.66
N ASP A 3 8.94 2.69 13.95
CA ASP A 3 8.10 2.13 14.99
C ASP A 3 6.73 2.75 14.92
N GLU A 4 6.65 4.02 14.58
CA GLU A 4 5.36 4.71 14.45
C GLU A 4 4.50 4.06 13.37
N VAL A 5 5.11 3.74 12.23
CA VAL A 5 4.40 3.12 11.13
C VAL A 5 4.00 1.71 11.56
N VAL A 6 4.92 1.00 12.21
CA VAL A 6 4.61 -0.32 12.76
C VAL A 6 3.41 -0.23 13.72
N ARG A 7 3.35 0.81 14.54
CA ARG A 7 2.21 0.98 15.46
C ARG A 7 0.93 1.09 14.66
N PHE A 8 0.92 1.87 13.59
CA PHE A 8 -0.28 1.99 12.77
C PHE A 8 -0.65 0.64 12.15
N ALA A 9 0.33 -0.06 11.60
CA ALA A 9 0.07 -1.35 10.97
C ALA A 9 -0.53 -2.36 11.96
N LYS A 10 0.07 -2.47 13.13
CA LYS A 10 -0.39 -3.42 14.15
C LYS A 10 -1.76 -3.02 14.68
N LYS A 11 -2.02 -1.71 14.77
CA LYS A 11 -3.35 -1.25 15.18
C LYS A 11 -4.37 -1.66 14.12
N MET A 12 -4.05 -1.46 12.85
CA MET A 12 -4.97 -1.81 11.75
C MET A 12 -5.28 -3.29 11.70
N ASP A 13 -4.25 -4.12 11.79
CA ASP A 13 -4.47 -5.57 11.69
C ASP A 13 -5.40 -6.07 12.80
N LYS A 14 -5.33 -5.46 13.96
CA LYS A 14 -6.21 -5.84 15.06
C LYS A 14 -7.66 -5.45 14.74
N MET A 15 -7.85 -4.38 13.97
CA MET A 15 -9.20 -3.97 13.57
C MET A 15 -9.73 -4.93 12.53
N VAL A 16 -8.80 -5.40 11.70
CA VAL A 16 -9.08 -6.37 10.64
C VAL A 16 -9.57 -7.67 11.27
N GLN A 17 -8.87 -8.16 12.28
CA GLN A 17 -9.27 -9.38 12.98
C GLN A 17 -10.64 -9.23 13.64
N LYS A 18 -10.89 -8.06 14.21
CA LYS A 18 -12.16 -7.81 14.91
C LYS A 18 -13.28 -7.36 13.96
N LYS A 19 -12.98 -7.24 12.68
CA LYS A 19 -13.92 -6.79 11.65
C LYS A 19 -14.57 -5.44 12.00
N ASN A 20 -13.85 -4.61 12.73
CA ASN A 20 -14.33 -3.28 13.12
C ASN A 20 -13.24 -2.28 12.79
N ALA A 21 -13.17 -1.89 11.54
CA ALA A 21 -12.13 -1.00 11.05
C ALA A 21 -12.53 0.47 10.91
N ALA A 22 -13.63 0.88 11.52
CA ALA A 22 -14.05 2.29 11.45
C ALA A 22 -12.98 3.19 12.11
N GLY A 23 -12.34 2.66 13.15
CA GLY A 23 -11.31 3.39 13.87
C GLY A 23 -10.06 3.68 13.04
N ALA A 24 -9.92 2.98 11.93
CA ALA A 24 -8.76 3.13 11.06
C ALA A 24 -8.71 4.50 10.41
N LEU A 25 -9.83 5.22 10.43
CA LEU A 25 -9.91 6.57 9.87
C LEU A 25 -8.76 7.42 10.37
N ASP A 26 -8.60 7.43 11.68
CA ASP A 26 -7.58 8.26 12.31
C ASP A 26 -6.17 7.77 11.98
N LEU A 27 -6.02 6.48 11.80
CA LEU A 27 -4.70 5.91 11.49
C LEU A 27 -4.29 6.36 10.07
N LEU A 28 -5.20 6.22 9.13
CA LEU A 28 -4.97 6.63 7.77
C LEU A 28 -4.78 8.15 7.63
N LYS A 29 -5.49 8.95 8.44
CA LYS A 29 -5.28 10.39 8.47
C LYS A 29 -3.82 10.71 8.78
N GLU A 30 -3.29 10.09 9.81
CA GLU A 30 -1.89 10.32 10.23
C GLU A 30 -0.95 9.91 9.11
N LEU A 31 -1.26 8.77 8.49
CA LEU A 31 -0.45 8.22 7.41
C LEU A 31 -0.37 9.11 6.18
N LYS A 32 -1.36 9.97 6.01
CA LYS A 32 -1.35 10.94 4.90
C LYS A 32 -0.35 12.07 5.12
N ASN A 33 0.02 12.31 6.38
CA ASN A 33 1.01 13.35 6.69
C ASN A 33 2.42 12.78 6.77
N ILE A 34 2.49 11.47 6.98
CA ILE A 34 3.79 10.81 7.11
C ILE A 34 4.41 10.54 5.72
N PRO A 35 5.66 10.98 5.52
CA PRO A 35 6.41 10.73 4.28
C PRO A 35 6.88 9.26 4.22
N MET A 36 5.95 8.38 3.82
CA MET A 36 6.25 6.96 3.69
C MET A 36 7.35 6.76 2.64
N THR A 37 8.17 5.75 2.83
CA THR A 37 9.28 5.45 1.92
C THR A 37 9.18 3.98 1.56
N LEU A 38 9.90 3.56 0.53
CA LEU A 38 9.91 2.15 0.15
C LEU A 38 10.47 1.32 1.29
N GLU A 39 11.51 1.84 1.93
CA GLU A 39 12.17 1.14 3.03
C GLU A 39 11.19 0.91 4.16
N LEU A 40 10.33 1.89 4.42
CA LEU A 40 9.34 1.75 5.46
C LEU A 40 8.35 0.66 5.12
N LEU A 41 7.94 0.56 3.86
CA LEU A 41 6.96 -0.43 3.47
C LEU A 41 7.53 -1.82 3.64
N GLN A 42 8.80 -1.97 3.34
CA GLN A 42 9.46 -3.26 3.45
C GLN A 42 9.58 -3.66 4.93
N SER A 43 10.05 -2.76 5.75
CA SER A 43 10.28 -3.03 7.18
C SER A 43 9.01 -3.12 8.04
N THR A 44 8.06 -2.21 7.81
CA THR A 44 6.86 -2.13 8.65
C THR A 44 5.70 -2.91 8.08
N ARG A 45 5.81 -3.28 6.80
CA ARG A 45 4.79 -4.06 6.07
C ARG A 45 3.40 -3.43 6.15
N ILE A 46 3.36 -2.10 6.21
CA ILE A 46 2.10 -1.40 6.38
C ILE A 46 1.23 -1.38 5.12
N GLY A 47 1.82 -1.62 3.96
CA GLY A 47 1.03 -1.68 2.74
C GLY A 47 -0.06 -2.72 2.85
N MET A 48 0.30 -3.85 3.45
CA MET A 48 -0.62 -4.96 3.66
C MET A 48 -1.75 -4.54 4.61
N SER A 49 -1.40 -3.81 5.66
CA SER A 49 -2.38 -3.38 6.65
C SER A 49 -3.38 -2.37 6.07
N VAL A 50 -2.90 -1.34 5.40
CA VAL A 50 -3.81 -0.36 4.80
C VAL A 50 -4.70 -1.03 3.74
N ASN A 51 -4.14 -1.96 2.98
CA ASN A 51 -4.91 -2.68 1.97
C ASN A 51 -6.02 -3.46 2.65
N ALA A 52 -5.68 -4.18 3.71
CA ALA A 52 -6.65 -4.98 4.42
C ALA A 52 -7.78 -4.12 4.98
N ILE A 53 -7.45 -2.94 5.51
CA ILE A 53 -8.48 -2.03 6.03
C ILE A 53 -9.47 -1.65 4.95
N ARG A 54 -8.98 -1.39 3.75
CA ARG A 54 -9.86 -0.95 2.67
C ARG A 54 -10.94 -1.99 2.35
N LYS A 55 -10.58 -3.27 2.42
CA LYS A 55 -11.54 -4.32 2.09
C LYS A 55 -12.34 -4.79 3.30
N GLN A 56 -11.87 -4.45 4.48
CA GLN A 56 -12.54 -4.81 5.74
C GLN A 56 -13.42 -3.72 6.32
N SER A 57 -13.28 -2.49 5.85
CA SER A 57 -14.07 -1.38 6.37
C SER A 57 -15.28 -1.10 5.51
N THR A 58 -16.40 -0.80 6.17
CA THR A 58 -17.65 -0.43 5.48
C THR A 58 -17.80 1.08 5.49
N ASP A 59 -16.84 1.76 6.11
CA ASP A 59 -16.84 3.21 6.17
C ASP A 59 -16.16 3.71 4.90
N GLU A 60 -16.91 4.39 4.04
CA GLU A 60 -16.37 4.85 2.78
C GLU A 60 -15.30 5.95 2.96
N GLU A 61 -15.32 6.65 4.08
CA GLU A 61 -14.26 7.63 4.33
C GLU A 61 -12.96 6.87 4.52
N VAL A 62 -13.04 5.78 5.27
CA VAL A 62 -11.87 4.99 5.58
C VAL A 62 -11.35 4.33 4.31
N THR A 63 -12.24 3.78 3.48
CA THR A 63 -11.81 3.15 2.25
C THR A 63 -11.21 4.19 1.33
N SER A 64 -11.73 5.42 1.38
CA SER A 64 -11.20 6.51 0.56
C SER A 64 -9.84 6.98 1.04
N LEU A 65 -9.64 7.00 2.34
CA LEU A 65 -8.34 7.37 2.87
C LEU A 65 -7.36 6.26 2.51
N ALA A 66 -7.75 5.02 2.73
CA ALA A 66 -6.89 3.88 2.43
C ALA A 66 -6.54 3.76 0.95
N LYS A 67 -7.52 3.89 0.07
CA LYS A 67 -7.27 3.79 -1.39
C LYS A 67 -6.31 4.89 -1.84
N SER A 68 -6.33 6.01 -1.14
CA SER A 68 -5.41 7.12 -1.43
C SER A 68 -3.99 6.72 -1.09
N LEU A 69 -3.82 6.14 0.09
CA LEU A 69 -2.52 5.77 0.61
C LEU A 69 -1.87 4.70 -0.26
N ILE A 70 -2.61 3.68 -0.66
CA ILE A 70 -2.05 2.62 -1.49
C ILE A 70 -1.51 3.20 -2.79
N LYS A 71 -2.29 4.07 -3.44
CA LYS A 71 -1.84 4.67 -4.70
C LYS A 71 -0.61 5.54 -4.51
N SER A 72 -0.52 6.24 -3.40
CA SER A 72 0.63 7.11 -3.14
C SER A 72 1.88 6.28 -2.87
N TRP A 73 1.73 5.27 -2.03
CA TRP A 73 2.86 4.43 -1.60
C TRP A 73 3.37 3.53 -2.72
N LYS A 74 2.53 3.28 -3.71
CA LYS A 74 2.92 2.44 -4.85
C LYS A 74 4.03 3.12 -5.62
N LYS A 75 4.03 4.43 -5.65
CA LYS A 75 5.05 5.19 -6.39
C LYS A 75 6.45 5.01 -5.79
N LEU A 76 6.50 4.56 -4.55
CA LEU A 76 7.79 4.41 -3.85
C LEU A 76 8.59 3.23 -4.39
N LEU A 77 7.91 2.12 -4.64
CA LEU A 77 8.55 0.92 -5.23
C LEU A 77 8.58 0.97 -6.75
N ASP A 78 7.50 1.46 -7.35
CA ASP A 78 7.38 1.50 -8.80
C ASP A 78 8.35 2.52 -9.38
N GLY A 79 8.56 3.60 -8.66
CA GLY A 79 9.48 4.65 -9.08
C GLY A 79 8.73 5.82 -9.67
N GLY A 80 9.46 6.65 -10.41
CA GLY A 80 8.86 7.81 -11.05
C GLY A 80 9.28 7.88 -12.49
N SER A 81 8.39 8.38 -13.33
CA SER A 81 8.66 8.53 -14.75
C SER A 81 9.73 9.59 -14.94
N GLY A 82 10.68 9.33 -15.82
CA GLY A 82 11.75 10.28 -16.07
C GLY A 82 12.72 9.70 -17.06
N SER A 83 13.84 10.40 -17.27
CA SER A 83 14.88 10.00 -18.22
C SER A 83 14.40 9.94 -19.68
N GLY A 84 15.30 9.57 -20.58
CA GLY A 84 14.95 9.47 -21.99
C GLY A 84 14.45 8.08 -22.37
N SER A 85 13.61 7.51 -21.52
CA SER A 85 13.09 6.16 -21.76
C SER A 85 11.93 6.21 -22.76
N GLY A 86 12.17 5.74 -23.97
CA GLY A 86 11.14 5.78 -25.01
C GLY A 86 10.35 4.49 -25.20
N SER A 87 10.55 3.52 -24.32
CA SER A 87 9.83 2.24 -24.40
C SER A 87 9.89 1.61 -23.02
N GLY A 88 9.19 0.49 -22.83
CA GLY A 88 9.23 -0.19 -21.54
C GLY A 88 8.14 -1.24 -21.36
N SER A 89 6.94 -0.96 -21.86
CA SER A 89 5.82 -1.90 -21.75
C SER A 89 5.99 -3.16 -22.59
N SER A 90 6.86 -3.08 -23.58
CA SER A 90 7.14 -4.22 -24.45
C SER A 90 8.36 -4.97 -23.92
N GLY A 91 8.23 -5.54 -22.73
CA GLY A 91 9.32 -6.27 -22.12
C GLY A 91 8.94 -6.85 -20.77
N GLU A 92 9.62 -7.93 -20.39
CA GLU A 92 9.32 -8.63 -19.15
C GLU A 92 9.96 -7.98 -17.92
N LEU A 93 9.22 -7.14 -17.22
CA LEU A 93 9.72 -6.48 -16.00
C LEU A 93 8.80 -6.82 -14.83
N SER A 94 9.24 -7.75 -13.99
CA SER A 94 8.41 -8.25 -12.88
C SER A 94 8.87 -7.83 -11.48
N ASP A 95 9.99 -7.14 -11.38
CA ASP A 95 10.53 -6.75 -10.08
C ASP A 95 9.58 -5.97 -9.19
N LYS A 96 9.05 -4.88 -9.72
CA LYS A 96 8.15 -4.02 -8.94
C LYS A 96 6.84 -4.72 -8.65
N LYS A 97 6.44 -5.59 -9.57
CA LYS A 97 5.24 -6.38 -9.41
C LYS A 97 5.41 -7.31 -8.20
N ASN A 98 6.58 -7.93 -8.10
CA ASN A 98 6.87 -8.83 -6.99
C ASN A 98 7.03 -8.06 -5.67
N GLU A 99 7.66 -6.91 -5.74
CA GLU A 99 7.86 -6.05 -4.57
C GLU A 99 6.49 -5.65 -4.00
N GLU A 100 5.55 -5.29 -4.87
CA GLU A 100 4.22 -4.92 -4.42
C GLU A 100 3.51 -6.09 -3.79
N LYS A 101 3.64 -7.26 -4.41
CA LYS A 101 3.02 -8.48 -3.91
C LYS A 101 3.46 -8.78 -2.48
N ASP A 102 4.72 -8.50 -2.17
CA ASP A 102 5.24 -8.77 -0.83
C ASP A 102 4.80 -7.71 0.18
N LEU A 103 4.76 -6.45 -0.25
CA LEU A 103 4.45 -5.33 0.63
C LEU A 103 2.97 -5.04 0.84
N PHE A 104 2.18 -5.23 -0.20
CA PHE A 104 0.76 -4.89 -0.20
C PHE A 104 -0.15 -6.07 -0.49
N GLY A 105 0.29 -6.97 -1.36
CA GLY A 105 -0.52 -8.13 -1.73
C GLY A 105 -1.78 -7.68 -2.43
N SER A 106 -1.66 -6.68 -3.29
CA SER A 106 -2.83 -6.10 -3.94
C SER A 106 -3.17 -6.78 -5.26
N ASP A 107 -4.31 -7.44 -5.28
CA ASP A 107 -4.87 -8.09 -6.48
C ASP A 107 -3.95 -9.16 -7.11
N SER A 108 -4.25 -9.53 -8.35
CA SER A 108 -3.45 -10.51 -9.07
C SER A 108 -3.47 -10.06 -10.53
N GLU A 109 -2.39 -10.31 -11.24
CA GLU A 109 -2.28 -9.87 -12.63
C GLU A 109 -1.29 -10.82 -13.30
N SER A 110 -1.41 -11.01 -14.60
CA SER A 110 -0.50 -11.86 -15.37
C SER A 110 -0.41 -11.21 -16.73
N GLY A 111 0.67 -11.42 -17.46
CA GLY A 111 0.80 -10.79 -18.77
C GLY A 111 0.20 -11.63 -19.87
N ASN A 112 0.51 -12.92 -19.86
CA ASN A 112 -0.02 -13.90 -20.83
C ASN A 112 0.34 -13.49 -22.27
N GLU A 113 1.59 -13.10 -22.45
CA GLU A 113 2.14 -12.72 -23.73
C GLU A 113 2.11 -13.92 -24.69
N GLU A 114 1.97 -13.66 -25.99
CA GLU A 114 1.94 -14.71 -26.99
C GLU A 114 3.35 -15.21 -27.28
N GLU A 115 3.44 -16.32 -28.01
CA GLU A 115 4.71 -16.95 -28.41
C GLU A 115 5.64 -17.36 -27.24
N ASN A 116 5.07 -18.06 -26.27
CA ASN A 116 5.83 -18.60 -25.13
C ASN A 116 5.59 -20.11 -25.08
N MET A 1 11.18 6.84 12.12
CA MET A 1 9.71 6.61 12.20
C MET A 1 9.35 5.16 11.87
N GLU A 2 10.28 4.23 12.00
CA GLU A 2 9.99 2.83 11.67
C GLU A 2 8.93 2.29 12.62
N ASP A 3 9.21 2.45 13.90
CA ASP A 3 8.33 2.00 14.96
C ASP A 3 6.99 2.71 14.90
N GLU A 4 6.99 3.95 14.41
CA GLU A 4 5.75 4.71 14.27
C GLU A 4 4.81 4.06 13.25
N VAL A 5 5.36 3.65 12.14
CA VAL A 5 4.57 3.03 11.08
C VAL A 5 4.15 1.62 11.55
N VAL A 6 5.05 0.90 12.18
CA VAL A 6 4.72 -0.39 12.80
C VAL A 6 3.53 -0.20 13.75
N ARG A 7 3.54 0.86 14.54
CA ARG A 7 2.42 1.12 15.46
C ARG A 7 1.12 1.22 14.70
N PHE A 8 1.09 1.95 13.60
CA PHE A 8 -0.12 2.07 12.80
C PHE A 8 -0.55 0.71 12.22
N ALA A 9 0.39 -0.05 11.67
CA ALA A 9 0.06 -1.35 11.09
C ALA A 9 -0.52 -2.30 12.15
N LYS A 10 0.06 -2.31 13.34
CA LYS A 10 -0.40 -3.20 14.41
C LYS A 10 -1.75 -2.73 14.95
N LYS A 11 -1.99 -1.43 14.96
CA LYS A 11 -3.29 -0.92 15.38
C LYS A 11 -4.33 -1.40 14.38
N MET A 12 -4.01 -1.31 13.09
CA MET A 12 -4.95 -1.73 12.04
C MET A 12 -5.27 -3.22 12.06
N ASP A 13 -4.28 -4.07 12.29
CA ASP A 13 -4.50 -5.52 12.26
C ASP A 13 -5.49 -5.94 13.33
N LYS A 14 -5.47 -5.23 14.45
CA LYS A 14 -6.39 -5.51 15.55
C LYS A 14 -7.81 -5.14 15.17
N MET A 15 -7.98 -4.16 14.30
CA MET A 15 -9.31 -3.78 13.80
C MET A 15 -9.77 -4.79 12.77
N VAL A 16 -8.83 -5.24 11.97
CA VAL A 16 -9.06 -6.23 10.93
C VAL A 16 -9.60 -7.52 11.56
N GLN A 17 -8.99 -7.95 12.66
CA GLN A 17 -9.44 -9.15 13.39
C GLN A 17 -10.87 -8.98 13.91
N LYS A 18 -11.22 -7.77 14.34
CA LYS A 18 -12.56 -7.51 14.87
C LYS A 18 -13.61 -7.27 13.80
N LYS A 19 -13.18 -7.19 12.55
CA LYS A 19 -14.05 -6.87 11.40
C LYS A 19 -14.74 -5.52 11.61
N ASN A 20 -14.12 -4.67 12.41
CA ASN A 20 -14.64 -3.34 12.71
C ASN A 20 -13.45 -2.41 12.56
N ALA A 21 -13.35 -1.80 11.40
CA ALA A 21 -12.21 -0.95 11.06
C ALA A 21 -12.59 0.51 10.81
N ALA A 22 -13.78 0.91 11.25
CA ALA A 22 -14.22 2.31 11.11
C ALA A 22 -13.19 3.25 11.81
N GLY A 23 -12.69 2.79 12.95
CA GLY A 23 -11.69 3.55 13.71
C GLY A 23 -10.39 3.80 12.97
N ALA A 24 -10.13 3.03 11.92
CA ALA A 24 -8.93 3.18 11.13
C ALA A 24 -8.87 4.52 10.43
N LEU A 25 -10.00 5.22 10.34
CA LEU A 25 -10.06 6.55 9.72
C LEU A 25 -8.93 7.42 10.21
N ASP A 26 -8.77 7.50 11.51
CA ASP A 26 -7.75 8.33 12.11
C ASP A 26 -6.34 7.82 11.86
N LEU A 27 -6.18 6.51 11.76
CA LEU A 27 -4.87 5.92 11.53
C LEU A 27 -4.42 6.30 10.11
N LEU A 28 -5.37 6.26 9.20
CA LEU A 28 -5.11 6.60 7.81
C LEU A 28 -4.91 8.11 7.64
N LYS A 29 -5.67 8.92 8.38
CA LYS A 29 -5.45 10.38 8.41
C LYS A 29 -4.00 10.70 8.75
N GLU A 30 -3.45 10.04 9.77
CA GLU A 30 -2.06 10.24 10.16
C GLU A 30 -1.12 9.82 9.04
N LEU A 31 -1.39 8.67 8.45
CA LEU A 31 -0.55 8.13 7.39
C LEU A 31 -0.48 9.02 6.17
N LYS A 32 -1.52 9.80 5.94
CA LYS A 32 -1.55 10.76 4.83
C LYS A 32 -0.53 11.87 5.03
N ASN A 33 -0.14 12.11 6.26
CA ASN A 33 0.83 13.16 6.59
C ASN A 33 2.22 12.58 6.82
N ILE A 34 2.34 11.25 6.76
CA ILE A 34 3.62 10.59 7.05
C ILE A 34 4.44 10.39 5.77
N PRO A 35 5.73 10.80 5.79
CA PRO A 35 6.65 10.62 4.66
C PRO A 35 7.10 9.16 4.51
N MET A 36 6.16 8.33 4.09
CA MET A 36 6.41 6.91 3.86
C MET A 36 7.48 6.74 2.78
N THR A 37 8.29 5.70 2.91
CA THR A 37 9.36 5.42 1.97
C THR A 37 9.25 3.96 1.59
N LEU A 38 9.95 3.53 0.54
CA LEU A 38 9.95 2.13 0.15
C LEU A 38 10.56 1.31 1.30
N GLU A 39 11.58 1.88 1.93
CA GLU A 39 12.26 1.24 3.07
C GLU A 39 11.25 0.91 4.17
N LEU A 40 10.35 1.85 4.43
CA LEU A 40 9.34 1.65 5.45
C LEU A 40 8.35 0.58 5.05
N LEU A 41 7.97 0.53 3.78
CA LEU A 41 6.99 -0.45 3.35
C LEU A 41 7.57 -1.84 3.45
N GLN A 42 8.85 -1.97 3.18
CA GLN A 42 9.53 -3.26 3.27
C GLN A 42 9.61 -3.71 4.74
N SER A 43 10.11 -2.82 5.59
CA SER A 43 10.31 -3.14 7.01
C SER A 43 9.04 -3.25 7.85
N THR A 44 8.08 -2.36 7.63
CA THR A 44 6.87 -2.33 8.46
C THR A 44 5.70 -3.07 7.83
N ARG A 45 5.79 -3.30 6.52
CA ARG A 45 4.77 -3.97 5.70
C ARG A 45 3.38 -3.38 5.88
N ILE A 46 3.34 -2.08 6.10
CA ILE A 46 2.08 -1.37 6.34
C ILE A 46 1.19 -1.31 5.10
N GLY A 47 1.78 -1.50 3.93
CA GLY A 47 1.00 -1.49 2.70
C GLY A 47 -0.11 -2.52 2.74
N MET A 48 0.20 -3.69 3.28
CA MET A 48 -0.77 -4.77 3.36
C MET A 48 -1.82 -4.46 4.42
N SER A 49 -1.41 -3.82 5.51
CA SER A 49 -2.35 -3.45 6.57
C SER A 49 -3.38 -2.44 6.06
N VAL A 50 -2.92 -1.37 5.44
CA VAL A 50 -3.84 -0.39 4.86
C VAL A 50 -4.76 -1.04 3.81
N ASN A 51 -4.21 -1.91 2.98
CA ASN A 51 -5.02 -2.60 1.98
C ASN A 51 -6.09 -3.47 2.63
N ALA A 52 -5.74 -4.14 3.72
CA ALA A 52 -6.70 -4.97 4.43
C ALA A 52 -7.81 -4.09 5.02
N ILE A 53 -7.46 -2.94 5.54
CA ILE A 53 -8.47 -2.03 6.10
C ILE A 53 -9.45 -1.63 5.01
N ARG A 54 -8.96 -1.37 3.81
CA ARG A 54 -9.82 -0.96 2.71
C ARG A 54 -10.95 -1.97 2.45
N LYS A 55 -10.67 -3.24 2.59
CA LYS A 55 -11.70 -4.27 2.35
C LYS A 55 -12.48 -4.67 3.59
N GLN A 56 -11.91 -4.41 4.76
CA GLN A 56 -12.55 -4.74 6.04
C GLN A 56 -13.41 -3.63 6.67
N SER A 57 -13.27 -2.39 6.21
CA SER A 57 -13.97 -1.26 6.86
C SER A 57 -15.39 -0.96 6.46
N THR A 58 -15.69 -1.07 5.17
CA THR A 58 -16.96 -0.67 4.54
C THR A 58 -17.25 0.86 4.57
N ASP A 59 -16.84 1.56 5.62
CA ASP A 59 -16.96 3.01 5.71
C ASP A 59 -16.29 3.67 4.52
N GLU A 60 -17.03 4.48 3.77
CA GLU A 60 -16.45 5.08 2.58
C GLU A 60 -15.30 6.03 2.89
N GLU A 61 -15.38 6.75 4.01
CA GLU A 61 -14.30 7.64 4.39
C GLU A 61 -13.00 6.87 4.58
N VAL A 62 -13.07 5.73 5.24
CA VAL A 62 -11.90 4.94 5.54
C VAL A 62 -11.38 4.28 4.27
N THR A 63 -12.27 3.75 3.45
CA THR A 63 -11.83 3.11 2.23
C THR A 63 -11.24 4.14 1.29
N SER A 64 -11.75 5.36 1.31
CA SER A 64 -11.22 6.43 0.48
C SER A 64 -9.86 6.90 0.96
N LEU A 65 -9.67 6.94 2.28
CA LEU A 65 -8.36 7.31 2.81
C LEU A 65 -7.38 6.19 2.47
N ALA A 66 -7.77 4.95 2.73
CA ALA A 66 -6.90 3.81 2.50
C ALA A 66 -6.52 3.66 1.03
N LYS A 67 -7.49 3.76 0.12
CA LYS A 67 -7.19 3.63 -1.31
C LYS A 67 -6.24 4.75 -1.75
N SER A 68 -6.28 5.88 -1.05
CA SER A 68 -5.38 6.99 -1.34
C SER A 68 -3.95 6.62 -0.97
N LEU A 69 -3.74 6.07 0.22
CA LEU A 69 -2.39 5.67 0.63
C LEU A 69 -1.79 4.63 -0.28
N ILE A 70 -2.55 3.62 -0.69
CA ILE A 70 -1.99 2.57 -1.54
C ILE A 70 -1.43 3.19 -2.83
N LYS A 71 -2.21 4.05 -3.46
CA LYS A 71 -1.79 4.68 -4.73
C LYS A 71 -0.62 5.62 -4.51
N SER A 72 -0.54 6.23 -3.35
CA SER A 72 0.55 7.15 -3.03
C SER A 72 1.85 6.38 -2.74
N TRP A 73 1.72 5.30 -1.99
CA TRP A 73 2.85 4.49 -1.56
C TRP A 73 3.41 3.61 -2.67
N LYS A 74 2.59 3.33 -3.68
CA LYS A 74 3.01 2.49 -4.82
C LYS A 74 4.08 3.26 -5.61
N LYS A 75 3.98 4.59 -5.58
CA LYS A 75 4.95 5.46 -6.27
C LYS A 75 6.38 5.27 -5.76
N LEU A 76 6.52 4.73 -4.56
CA LEU A 76 7.83 4.60 -3.91
C LEU A 76 8.66 3.48 -4.53
N LEU A 77 8.04 2.34 -4.80
CA LEU A 77 8.72 1.21 -5.45
C LEU A 77 8.71 1.35 -6.97
N ASP A 78 7.61 1.84 -7.50
CA ASP A 78 7.43 1.96 -8.95
C ASP A 78 8.30 3.07 -9.55
N GLY A 79 8.75 3.99 -8.72
CA GLY A 79 9.58 5.09 -9.21
C GLY A 79 11.03 4.67 -9.41
N GLY A 80 11.73 5.40 -10.26
CA GLY A 80 13.15 5.14 -10.50
C GLY A 80 13.41 3.93 -11.40
N SER A 81 14.68 3.65 -11.62
CA SER A 81 15.08 2.53 -12.49
C SER A 81 16.46 1.92 -12.14
N GLY A 82 16.96 2.20 -10.95
CA GLY A 82 18.26 1.66 -10.55
C GLY A 82 19.41 1.97 -11.51
N SER A 83 19.55 3.25 -11.86
CA SER A 83 20.60 3.75 -12.78
C SER A 83 20.43 3.31 -14.25
N GLY A 84 19.48 2.43 -14.52
CA GLY A 84 19.17 2.01 -15.89
C GLY A 84 18.02 2.79 -16.49
N SER A 85 18.25 4.04 -16.84
CA SER A 85 17.19 4.86 -17.44
C SER A 85 17.01 4.49 -18.92
N GLY A 86 15.77 4.40 -19.39
CA GLY A 86 15.51 4.04 -20.77
C GLY A 86 14.05 4.22 -21.11
N SER A 87 13.62 3.71 -22.25
CA SER A 87 12.23 3.81 -22.69
C SER A 87 11.91 2.59 -23.57
N GLY A 88 10.64 2.25 -23.70
CA GLY A 88 10.24 1.11 -24.50
C GLY A 88 8.73 1.06 -24.54
N SER A 89 8.14 -0.01 -25.08
CA SER A 89 6.69 -0.15 -25.12
C SER A 89 6.21 -1.28 -24.21
N SER A 90 6.65 -2.50 -24.48
CA SER A 90 6.29 -3.64 -23.62
C SER A 90 7.15 -3.57 -22.34
N GLY A 91 8.40 -3.15 -22.52
CA GLY A 91 9.33 -3.04 -21.41
C GLY A 91 10.12 -4.31 -21.30
N GLU A 92 11.01 -4.38 -20.31
CA GLU A 92 11.84 -5.56 -20.09
C GLU A 92 11.76 -5.88 -18.60
N LEU A 93 11.28 -7.09 -18.29
CA LEU A 93 11.12 -7.63 -16.92
C LEU A 93 11.04 -6.62 -15.76
N SER A 94 9.86 -6.03 -15.57
CA SER A 94 9.65 -5.05 -14.51
C SER A 94 9.56 -5.68 -13.10
N ASP A 95 10.70 -5.72 -12.41
CA ASP A 95 10.80 -6.31 -11.06
C ASP A 95 9.87 -5.75 -9.99
N LYS A 96 9.47 -4.49 -10.15
CA LYS A 96 8.67 -3.79 -9.14
C LYS A 96 7.35 -4.48 -8.77
N LYS A 97 6.81 -5.28 -9.68
CA LYS A 97 5.58 -6.01 -9.40
C LYS A 97 5.79 -7.00 -8.24
N ASN A 98 6.98 -7.57 -8.16
CA ASN A 98 7.29 -8.54 -7.11
C ASN A 98 7.32 -7.89 -5.75
N GLU A 99 7.91 -6.69 -5.68
CA GLU A 99 7.97 -5.96 -4.41
C GLU A 99 6.58 -5.62 -3.96
N GLU A 100 5.73 -5.19 -4.89
CA GLU A 100 4.37 -4.81 -4.53
C GLU A 100 3.60 -6.01 -3.99
N LYS A 101 3.83 -7.17 -4.56
CA LYS A 101 3.18 -8.40 -4.12
C LYS A 101 3.51 -8.69 -2.65
N ASP A 102 4.76 -8.45 -2.25
CA ASP A 102 5.18 -8.74 -0.88
C ASP A 102 4.80 -7.62 0.09
N LEU A 103 4.78 -6.39 -0.40
CA LEU A 103 4.48 -5.22 0.44
C LEU A 103 2.99 -4.92 0.62
N PHE A 104 2.22 -5.14 -0.43
CA PHE A 104 0.79 -4.82 -0.43
C PHE A 104 -0.11 -6.02 -0.75
N GLY A 105 0.27 -6.77 -1.78
CA GLY A 105 -0.55 -7.90 -2.21
C GLY A 105 -1.89 -7.41 -2.75
N SER A 106 -1.86 -6.34 -3.54
CA SER A 106 -3.09 -5.74 -4.05
C SER A 106 -3.75 -6.59 -5.13
N ASP A 107 -2.93 -7.21 -5.97
CA ASP A 107 -3.40 -7.99 -7.10
C ASP A 107 -2.28 -8.98 -7.45
N SER A 108 -2.46 -9.76 -8.51
CA SER A 108 -1.48 -10.77 -8.90
C SER A 108 -1.62 -11.05 -10.39
N GLU A 109 -0.52 -11.45 -11.02
CA GLU A 109 -0.48 -11.78 -12.44
C GLU A 109 0.06 -13.20 -12.56
N SER A 110 -0.25 -13.88 -13.65
CA SER A 110 0.21 -15.26 -13.87
C SER A 110 0.12 -15.58 -15.36
N GLY A 111 0.88 -16.57 -15.81
CA GLY A 111 0.89 -16.95 -17.21
C GLY A 111 1.58 -18.30 -17.29
N ASN A 112 1.87 -18.78 -18.50
CA ASN A 112 2.55 -20.06 -18.69
C ASN A 112 3.49 -20.02 -19.89
N GLU A 113 2.98 -19.53 -21.00
CA GLU A 113 3.76 -19.38 -22.23
C GLU A 113 3.48 -17.96 -22.71
N GLU A 114 4.48 -17.29 -23.25
CA GLU A 114 4.36 -15.91 -23.72
C GLU A 114 5.48 -15.67 -24.72
N GLU A 115 5.38 -14.61 -25.52
CA GLU A 115 6.41 -14.25 -26.48
C GLU A 115 6.22 -12.78 -26.90
N ASN A 116 7.31 -12.05 -27.06
CA ASN A 116 7.33 -10.63 -27.53
C ASN A 116 6.56 -9.65 -26.64
N MET A 1 11.30 6.71 12.41
CA MET A 1 9.82 6.57 12.39
C MET A 1 9.40 5.15 12.01
N GLU A 2 10.28 4.16 12.11
CA GLU A 2 9.91 2.78 11.74
C GLU A 2 8.85 2.29 12.71
N ASP A 3 9.13 2.52 13.98
CA ASP A 3 8.24 2.17 15.10
C ASP A 3 6.89 2.85 14.96
N GLU A 4 6.87 4.07 14.48
CA GLU A 4 5.65 4.82 14.28
C GLU A 4 4.74 4.11 13.29
N VAL A 5 5.32 3.67 12.18
CA VAL A 5 4.54 3.02 11.13
C VAL A 5 4.11 1.64 11.62
N VAL A 6 5.00 0.93 12.26
CA VAL A 6 4.68 -0.36 12.87
C VAL A 6 3.50 -0.17 13.85
N ARG A 7 3.51 0.89 14.65
CA ARG A 7 2.38 1.13 15.57
C ARG A 7 1.10 1.22 14.80
N PHE A 8 1.09 1.95 13.70
CA PHE A 8 -0.11 2.10 12.88
C PHE A 8 -0.55 0.79 12.23
N ALA A 9 0.40 0.04 11.69
CA ALA A 9 0.09 -1.22 11.02
C ALA A 9 -0.47 -2.23 12.00
N LYS A 10 0.13 -2.34 13.18
CA LYS A 10 -0.33 -3.29 14.18
C LYS A 10 -1.67 -2.84 14.76
N LYS A 11 -1.93 -1.53 14.81
CA LYS A 11 -3.25 -1.06 15.25
C LYS A 11 -4.28 -1.52 14.23
N MET A 12 -3.99 -1.31 12.95
CA MET A 12 -4.90 -1.67 11.86
C MET A 12 -5.20 -3.17 11.81
N ASP A 13 -4.18 -4.00 11.96
CA ASP A 13 -4.34 -5.46 11.92
C ASP A 13 -5.31 -5.96 12.99
N LYS A 14 -5.32 -5.28 14.13
CA LYS A 14 -6.20 -5.66 15.23
C LYS A 14 -7.64 -5.27 14.89
N MET A 15 -7.85 -4.21 14.13
CA MET A 15 -9.20 -3.84 13.71
C MET A 15 -9.68 -4.82 12.66
N VAL A 16 -8.74 -5.30 11.85
CA VAL A 16 -9.02 -6.29 10.83
C VAL A 16 -9.47 -7.58 11.50
N GLN A 17 -8.80 -7.98 12.56
CA GLN A 17 -9.17 -9.17 13.30
C GLN A 17 -10.54 -9.00 13.96
N LYS A 18 -10.84 -7.81 14.47
CA LYS A 18 -12.15 -7.54 15.09
C LYS A 18 -13.24 -7.31 14.05
N LYS A 19 -12.85 -7.13 12.80
CA LYS A 19 -13.74 -6.82 11.68
C LYS A 19 -14.51 -5.52 11.90
N ASN A 20 -13.95 -4.63 12.70
CA ASN A 20 -14.55 -3.31 12.98
C ASN A 20 -13.48 -2.25 12.63
N ALA A 21 -13.21 -2.07 11.34
CA ALA A 21 -12.14 -1.17 10.92
C ALA A 21 -12.51 0.31 10.71
N ALA A 22 -13.69 0.73 11.15
CA ALA A 22 -14.07 2.14 11.03
C ALA A 22 -13.06 3.06 11.76
N GLY A 23 -12.52 2.59 12.87
CA GLY A 23 -11.56 3.34 13.65
C GLY A 23 -10.28 3.70 12.90
N ALA A 24 -10.00 2.99 11.82
CA ALA A 24 -8.80 3.22 11.02
C ALA A 24 -8.81 4.60 10.35
N LEU A 25 -9.94 5.28 10.35
CA LEU A 25 -10.04 6.61 9.76
C LEU A 25 -8.98 7.53 10.30
N ASP A 26 -8.82 7.49 11.61
CA ASP A 26 -7.86 8.33 12.31
C ASP A 26 -6.45 7.93 11.92
N LEU A 27 -6.24 6.64 11.81
CA LEU A 27 -4.92 6.13 11.52
C LEU A 27 -4.48 6.57 10.13
N LEU A 28 -5.35 6.37 9.16
CA LEU A 28 -5.08 6.74 7.79
C LEU A 28 -4.91 8.26 7.62
N LYS A 29 -5.65 9.07 8.37
CA LYS A 29 -5.44 10.52 8.34
C LYS A 29 -3.99 10.84 8.68
N GLU A 30 -3.45 10.19 9.70
CA GLU A 30 -2.05 10.42 10.11
C GLU A 30 -1.09 9.98 9.01
N LEU A 31 -1.38 8.85 8.41
CA LEU A 31 -0.50 8.28 7.36
C LEU A 31 -0.35 9.19 6.15
N LYS A 32 -1.30 10.10 5.96
CA LYS A 32 -1.22 11.07 4.86
C LYS A 32 -0.23 12.20 5.13
N ASN A 33 0.17 12.37 6.38
CA ASN A 33 1.12 13.41 6.75
C ASN A 33 2.52 12.79 6.92
N ILE A 34 2.56 11.48 7.05
CA ILE A 34 3.82 10.75 7.25
C ILE A 34 4.53 10.48 5.92
N PRO A 35 5.82 10.87 5.81
CA PRO A 35 6.63 10.64 4.59
C PRO A 35 7.09 9.17 4.46
N MET A 36 6.13 8.32 4.13
CA MET A 36 6.38 6.90 3.91
C MET A 36 7.43 6.72 2.80
N THR A 37 8.22 5.65 2.92
CA THR A 37 9.28 5.33 1.95
C THR A 37 9.15 3.88 1.55
N LEU A 38 9.86 3.46 0.51
CA LEU A 38 9.84 2.06 0.08
C LEU A 38 10.42 1.21 1.21
N GLU A 39 11.47 1.72 1.82
CA GLU A 39 12.14 1.04 2.93
C GLU A 39 11.17 0.74 4.06
N LEU A 40 10.28 1.69 4.32
CA LEU A 40 9.28 1.53 5.39
C LEU A 40 8.28 0.47 5.03
N LEU A 41 7.88 0.39 3.78
CA LEU A 41 6.89 -0.59 3.38
C LEU A 41 7.45 -1.98 3.51
N GLN A 42 8.73 -2.13 3.16
CA GLN A 42 9.41 -3.41 3.26
C GLN A 42 9.46 -3.85 4.73
N SER A 43 9.99 -2.98 5.58
CA SER A 43 10.18 -3.30 6.99
C SER A 43 8.89 -3.40 7.85
N THR A 44 8.00 -2.44 7.68
CA THR A 44 6.79 -2.35 8.53
C THR A 44 5.58 -3.05 7.94
N ARG A 45 5.65 -3.36 6.65
CA ARG A 45 4.58 -4.11 5.94
C ARG A 45 3.22 -3.41 6.02
N ILE A 46 3.24 -2.10 6.21
CA ILE A 46 2.00 -1.32 6.39
C ILE A 46 1.14 -1.26 5.14
N GLY A 47 1.74 -1.44 3.96
CA GLY A 47 0.98 -1.42 2.73
C GLY A 47 -0.11 -2.49 2.75
N MET A 48 0.23 -3.65 3.30
CA MET A 48 -0.70 -4.76 3.39
C MET A 48 -1.78 -4.47 4.42
N SER A 49 -1.41 -3.85 5.53
CA SER A 49 -2.36 -3.48 6.58
C SER A 49 -3.39 -2.50 6.03
N VAL A 50 -2.95 -1.44 5.38
CA VAL A 50 -3.89 -0.47 4.81
C VAL A 50 -4.75 -1.13 3.73
N ASN A 51 -4.17 -2.02 2.93
CA ASN A 51 -4.97 -2.71 1.90
C ASN A 51 -6.06 -3.54 2.59
N ALA A 52 -5.71 -4.21 3.67
CA ALA A 52 -6.68 -5.02 4.39
C ALA A 52 -7.78 -4.14 4.95
N ILE A 53 -7.43 -3.00 5.50
CA ILE A 53 -8.44 -2.08 6.04
C ILE A 53 -9.41 -1.68 4.93
N ARG A 54 -8.89 -1.41 3.74
CA ARG A 54 -9.75 -1.01 2.62
C ARG A 54 -10.88 -2.03 2.34
N LYS A 55 -10.59 -3.32 2.50
CA LYS A 55 -11.60 -4.36 2.23
C LYS A 55 -12.34 -4.88 3.45
N GLN A 56 -11.83 -4.55 4.62
CA GLN A 56 -12.44 -4.93 5.90
C GLN A 56 -13.30 -3.83 6.53
N SER A 57 -13.19 -2.62 6.01
CA SER A 57 -13.95 -1.49 6.57
C SER A 57 -15.17 -1.22 5.72
N THR A 58 -16.27 -0.91 6.39
CA THR A 58 -17.53 -0.59 5.73
C THR A 58 -17.68 0.92 5.57
N ASP A 59 -16.80 1.68 6.21
CA ASP A 59 -16.86 3.15 6.12
C ASP A 59 -16.20 3.63 4.84
N GLU A 60 -16.92 4.41 4.06
CA GLU A 60 -16.39 4.94 2.81
C GLU A 60 -15.26 5.94 3.02
N GLU A 61 -15.28 6.67 4.13
CA GLU A 61 -14.18 7.59 4.40
C GLU A 61 -12.90 6.78 4.57
N VAL A 62 -13.00 5.65 5.27
CA VAL A 62 -11.84 4.85 5.56
C VAL A 62 -11.33 4.20 4.27
N THR A 63 -12.21 3.67 3.44
CA THR A 63 -11.77 3.07 2.19
C THR A 63 -11.19 4.11 1.26
N SER A 64 -11.75 5.30 1.26
CA SER A 64 -11.23 6.40 0.42
C SER A 64 -9.87 6.88 0.94
N LEU A 65 -9.68 6.90 2.25
CA LEU A 65 -8.39 7.31 2.78
C LEU A 65 -7.38 6.22 2.46
N ALA A 66 -7.75 4.98 2.74
CA ALA A 66 -6.87 3.83 2.51
C ALA A 66 -6.44 3.69 1.05
N LYS A 67 -7.39 3.77 0.13
CA LYS A 67 -7.06 3.63 -1.30
C LYS A 67 -6.12 4.74 -1.74
N SER A 68 -6.20 5.89 -1.08
CA SER A 68 -5.30 7.00 -1.39
C SER A 68 -3.89 6.60 -0.98
N LEU A 69 -3.70 6.08 0.22
CA LEU A 69 -2.39 5.66 0.67
C LEU A 69 -1.80 4.61 -0.24
N ILE A 70 -2.58 3.62 -0.64
CA ILE A 70 -2.06 2.58 -1.51
C ILE A 70 -1.54 3.20 -2.80
N LYS A 71 -2.33 4.08 -3.41
CA LYS A 71 -1.89 4.67 -4.67
C LYS A 71 -0.67 5.58 -4.50
N SER A 72 -0.60 6.34 -3.41
CA SER A 72 0.54 7.22 -3.18
C SER A 72 1.82 6.45 -2.83
N TRP A 73 1.67 5.42 -2.01
CA TRP A 73 2.82 4.60 -1.58
C TRP A 73 3.33 3.71 -2.68
N LYS A 74 2.49 3.40 -3.66
CA LYS A 74 2.91 2.56 -4.76
C LYS A 74 3.97 3.26 -5.58
N LYS A 75 3.90 4.59 -5.64
CA LYS A 75 4.88 5.38 -6.39
C LYS A 75 6.26 5.29 -5.78
N LEU A 76 6.34 4.86 -4.52
CA LEU A 76 7.60 4.78 -3.82
C LEU A 76 8.43 3.60 -4.31
N LEU A 77 7.78 2.48 -4.62
CA LEU A 77 8.47 1.27 -5.05
C LEU A 77 8.52 1.15 -6.56
N ASP A 78 7.46 1.56 -7.21
CA ASP A 78 7.32 1.43 -8.66
C ASP A 78 8.11 2.49 -9.44
N GLY A 79 8.50 3.54 -8.75
CA GLY A 79 9.22 4.64 -9.39
C GLY A 79 10.50 4.24 -10.07
N GLY A 80 10.80 4.87 -11.19
CA GLY A 80 12.03 4.59 -11.92
C GLY A 80 12.95 5.75 -11.72
N SER A 81 13.28 6.42 -12.80
CA SER A 81 14.12 7.63 -12.73
C SER A 81 13.36 8.75 -12.04
N GLY A 82 12.05 8.57 -11.87
CA GLY A 82 11.21 9.54 -11.22
C GLY A 82 9.83 8.93 -11.04
N SER A 83 9.04 9.47 -10.13
CA SER A 83 7.68 8.98 -9.86
C SER A 83 6.64 10.03 -10.21
N GLY A 84 7.01 10.91 -11.12
CA GLY A 84 6.17 12.07 -11.49
C GLY A 84 6.25 12.44 -12.95
N SER A 85 5.67 13.59 -13.29
CA SER A 85 5.65 14.16 -14.66
C SER A 85 4.93 13.37 -15.76
N GLY A 86 4.66 12.09 -15.54
CA GLY A 86 3.97 11.31 -16.54
C GLY A 86 4.87 10.98 -17.72
N SER A 87 6.16 10.79 -17.44
CA SER A 87 7.17 10.52 -18.46
C SER A 87 6.94 9.27 -19.30
N GLY A 88 6.16 8.33 -18.77
CA GLY A 88 5.83 7.12 -19.50
C GLY A 88 7.03 6.26 -19.80
N SER A 89 7.01 5.68 -20.98
CA SER A 89 8.06 4.75 -21.46
C SER A 89 8.10 3.46 -20.66
N SER A 90 9.06 2.60 -20.99
CA SER A 90 9.23 1.25 -20.41
C SER A 90 8.11 0.31 -20.85
N GLY A 91 8.02 -0.85 -20.22
CA GLY A 91 7.01 -1.86 -20.56
C GLY A 91 6.28 -2.33 -19.32
N GLU A 92 5.31 -3.23 -19.50
CA GLU A 92 4.51 -3.76 -18.41
C GLU A 92 5.34 -4.66 -17.50
N LEU A 93 6.43 -5.20 -18.03
CA LEU A 93 7.31 -6.03 -17.27
C LEU A 93 8.12 -5.16 -16.32
N SER A 94 7.85 -5.31 -15.03
CA SER A 94 8.57 -4.58 -14.01
C SER A 94 8.67 -5.40 -12.74
N ASP A 95 9.88 -5.54 -12.24
CA ASP A 95 10.17 -6.33 -11.04
C ASP A 95 9.52 -5.74 -9.80
N LYS A 96 9.12 -4.48 -9.88
CA LYS A 96 8.47 -3.80 -8.77
C LYS A 96 7.14 -4.47 -8.45
N LYS A 97 6.57 -5.17 -9.43
CA LYS A 97 5.33 -5.92 -9.21
C LYS A 97 5.56 -7.01 -8.16
N ASN A 98 6.77 -7.58 -8.15
CA ASN A 98 7.11 -8.61 -7.17
C ASN A 98 7.18 -7.98 -5.78
N GLU A 99 7.73 -6.78 -5.69
CA GLU A 99 7.82 -6.09 -4.41
C GLU A 99 6.43 -5.70 -3.93
N GLU A 100 5.57 -5.27 -4.84
CA GLU A 100 4.20 -4.88 -4.45
C GLU A 100 3.50 -6.09 -3.86
N LYS A 101 3.70 -7.26 -4.46
CA LYS A 101 3.12 -8.51 -3.98
C LYS A 101 3.55 -8.76 -2.54
N ASP A 102 4.82 -8.49 -2.23
CA ASP A 102 5.34 -8.76 -0.89
C ASP A 102 4.93 -7.67 0.13
N LEU A 103 4.92 -6.41 -0.29
CA LEU A 103 4.63 -5.29 0.61
C LEU A 103 3.14 -4.99 0.82
N PHE A 104 2.34 -5.23 -0.22
CA PHE A 104 0.90 -4.94 -0.20
C PHE A 104 0.06 -6.18 -0.45
N GLY A 105 0.44 -6.96 -1.46
CA GLY A 105 -0.31 -8.16 -1.78
C GLY A 105 -1.65 -7.84 -2.44
N SER A 106 -1.67 -6.79 -3.26
CA SER A 106 -2.90 -6.35 -3.91
C SER A 106 -3.21 -7.11 -5.19
N ASP A 107 -4.43 -7.61 -5.29
CA ASP A 107 -4.89 -8.33 -6.48
C ASP A 107 -6.33 -7.93 -6.78
N SER A 108 -6.85 -8.41 -7.89
CA SER A 108 -8.22 -8.17 -8.29
C SER A 108 -8.56 -9.32 -9.25
N GLU A 109 -9.85 -9.57 -9.46
CA GLU A 109 -10.28 -10.65 -10.34
C GLU A 109 -10.01 -10.34 -11.82
N SER A 110 -9.90 -9.06 -12.13
CA SER A 110 -9.59 -8.60 -13.48
C SER A 110 -8.82 -7.30 -13.29
N GLY A 111 -8.11 -6.85 -14.32
CA GLY A 111 -7.33 -5.64 -14.23
C GLY A 111 -6.36 -5.57 -15.40
N ASN A 112 -5.51 -4.55 -15.42
CA ASN A 112 -4.56 -4.27 -16.52
C ASN A 112 -5.33 -3.96 -17.83
N GLU A 113 -4.60 -3.83 -18.93
CA GLU A 113 -5.15 -3.50 -20.26
C GLU A 113 -6.06 -2.26 -20.26
N GLU A 114 -5.68 -1.27 -19.45
CA GLU A 114 -6.42 -0.02 -19.32
C GLU A 114 -6.15 0.94 -20.50
N GLU A 115 -6.89 0.75 -21.58
CA GLU A 115 -6.77 1.59 -22.77
C GLU A 115 -7.20 3.05 -22.50
N ASN A 116 -8.12 3.21 -21.55
CA ASN A 116 -8.64 4.53 -21.10
C ASN A 116 -9.38 5.31 -22.20
N MET A 1 10.85 6.81 12.96
CA MET A 1 9.39 6.58 12.85
C MET A 1 9.08 5.21 12.25
N GLU A 2 10.05 4.32 12.12
CA GLU A 2 9.77 2.97 11.59
C GLU A 2 8.79 2.33 12.56
N ASP A 3 9.09 2.54 13.83
CA ASP A 3 8.28 2.09 14.94
C ASP A 3 6.87 2.65 14.88
N GLU A 4 6.72 3.92 14.53
CA GLU A 4 5.40 4.53 14.46
C GLU A 4 4.56 3.91 13.34
N VAL A 5 5.21 3.63 12.23
CA VAL A 5 4.50 3.03 11.10
C VAL A 5 4.10 1.60 11.51
N VAL A 6 5.01 0.90 12.17
CA VAL A 6 4.70 -0.42 12.74
C VAL A 6 3.50 -0.29 13.69
N ARG A 7 3.46 0.76 14.51
CA ARG A 7 2.31 0.95 15.42
C ARG A 7 1.04 1.08 14.60
N PHE A 8 1.03 1.89 13.56
CA PHE A 8 -0.16 2.02 12.72
C PHE A 8 -0.56 0.69 12.11
N ALA A 9 0.40 -0.05 11.56
CA ALA A 9 0.11 -1.34 10.94
C ALA A 9 -0.50 -2.32 11.94
N LYS A 10 0.08 -2.40 13.13
CA LYS A 10 -0.40 -3.33 14.14
C LYS A 10 -1.74 -2.90 14.71
N LYS A 11 -1.99 -1.59 14.78
CA LYS A 11 -3.30 -1.10 15.21
C LYS A 11 -4.32 -1.57 14.18
N MET A 12 -4.02 -1.39 12.90
CA MET A 12 -4.94 -1.80 11.83
C MET A 12 -5.22 -3.29 11.81
N ASP A 13 -4.19 -4.09 12.00
CA ASP A 13 -4.31 -5.55 11.94
C ASP A 13 -5.33 -6.05 12.97
N LYS A 14 -5.37 -5.38 14.11
CA LYS A 14 -6.30 -5.77 15.17
C LYS A 14 -7.71 -5.34 14.84
N MET A 15 -7.87 -4.24 14.11
CA MET A 15 -9.20 -3.81 13.68
C MET A 15 -9.72 -4.79 12.66
N VAL A 16 -8.81 -5.25 11.82
CA VAL A 16 -9.08 -6.23 10.78
C VAL A 16 -9.56 -7.52 11.43
N GLN A 17 -8.88 -7.98 12.46
CA GLN A 17 -9.26 -9.20 13.18
C GLN A 17 -10.65 -9.05 13.81
N LYS A 18 -10.92 -7.90 14.41
CA LYS A 18 -12.22 -7.66 15.05
C LYS A 18 -13.34 -7.24 14.08
N LYS A 19 -13.01 -7.17 12.79
CA LYS A 19 -13.95 -6.75 11.73
C LYS A 19 -14.57 -5.36 12.00
N ASN A 20 -13.86 -4.53 12.75
CA ASN A 20 -14.33 -3.18 13.07
C ASN A 20 -13.21 -2.21 12.77
N ALA A 21 -13.13 -1.80 11.52
CA ALA A 21 -12.07 -0.92 11.05
C ALA A 21 -12.49 0.55 10.89
N ALA A 22 -13.62 0.94 11.49
CA ALA A 22 -14.05 2.34 11.41
C ALA A 22 -12.98 3.26 12.04
N GLY A 23 -12.38 2.79 13.13
CA GLY A 23 -11.34 3.56 13.82
C GLY A 23 -10.10 3.82 12.97
N ALA A 24 -9.91 3.03 11.93
CA ALA A 24 -8.77 3.15 11.03
C ALA A 24 -8.76 4.48 10.31
N LEU A 25 -9.91 5.17 10.31
CA LEU A 25 -10.04 6.48 9.72
C LEU A 25 -8.93 7.38 10.22
N ASP A 26 -8.76 7.41 11.52
CA ASP A 26 -7.76 8.26 12.13
C ASP A 26 -6.35 7.79 11.80
N LEU A 27 -6.17 6.49 11.70
CA LEU A 27 -4.84 5.95 11.39
C LEU A 27 -4.41 6.40 10.00
N LEU A 28 -5.28 6.22 9.01
CA LEU A 28 -5.03 6.64 7.67
C LEU A 28 -4.89 8.16 7.54
N LYS A 29 -5.66 8.95 8.31
CA LYS A 29 -5.47 10.40 8.34
C LYS A 29 -4.02 10.76 8.66
N GLU A 30 -3.45 10.16 9.69
CA GLU A 30 -2.06 10.46 10.09
C GLU A 30 -1.09 9.99 9.04
N LEU A 31 -1.38 8.83 8.47
CA LEU A 31 -0.54 8.24 7.44
C LEU A 31 -0.40 9.12 6.21
N LYS A 32 -1.40 9.93 5.94
CA LYS A 32 -1.34 10.89 4.82
C LYS A 32 -0.40 12.06 5.10
N ASN A 33 0.03 12.21 6.34
CA ASN A 33 0.96 13.28 6.72
C ASN A 33 2.38 12.73 6.85
N ILE A 34 2.50 11.42 6.92
CA ILE A 34 3.80 10.77 7.09
C ILE A 34 4.47 10.51 5.75
N PRO A 35 5.76 10.91 5.61
CA PRO A 35 6.55 10.65 4.41
C PRO A 35 6.98 9.18 4.34
N MET A 36 6.05 8.34 3.92
CA MET A 36 6.29 6.90 3.76
C MET A 36 7.37 6.71 2.70
N THR A 37 8.15 5.65 2.83
CA THR A 37 9.21 5.33 1.89
C THR A 37 9.07 3.87 1.52
N LEU A 38 9.77 3.43 0.48
CA LEU A 38 9.76 2.03 0.07
C LEU A 38 10.31 1.20 1.23
N GLU A 39 11.30 1.77 1.90
CA GLU A 39 11.98 1.09 3.00
C GLU A 39 10.98 0.76 4.10
N LEU A 40 10.10 1.70 4.39
CA LEU A 40 9.10 1.51 5.41
C LEU A 40 8.11 0.43 5.01
N LEU A 41 7.75 0.37 3.74
CA LEU A 41 6.78 -0.63 3.30
C LEU A 41 7.37 -2.01 3.43
N GLN A 42 8.68 -2.13 3.25
CA GLN A 42 9.37 -3.41 3.39
C GLN A 42 9.41 -3.85 4.85
N SER A 43 9.94 -3.01 5.73
CA SER A 43 10.10 -3.37 7.15
C SER A 43 8.82 -3.38 7.99
N THR A 44 7.99 -2.37 7.80
CA THR A 44 6.79 -2.22 8.64
C THR A 44 5.60 -2.95 8.04
N ARG A 45 5.71 -3.25 6.74
CA ARG A 45 4.70 -3.98 5.97
C ARG A 45 3.31 -3.35 6.07
N ILE A 46 3.30 -2.03 6.18
CA ILE A 46 2.06 -1.29 6.35
C ILE A 46 1.20 -1.23 5.09
N GLY A 47 1.81 -1.42 3.92
CA GLY A 47 1.04 -1.40 2.69
C GLY A 47 -0.06 -2.43 2.75
N MET A 48 0.26 -3.59 3.29
CA MET A 48 -0.69 -4.68 3.40
C MET A 48 -1.75 -4.36 4.45
N SER A 49 -1.35 -3.71 5.54
CA SER A 49 -2.30 -3.35 6.59
C SER A 49 -3.33 -2.34 6.09
N VAL A 50 -2.88 -1.25 5.47
CA VAL A 50 -3.81 -0.27 4.93
C VAL A 50 -4.72 -0.93 3.87
N ASN A 51 -4.17 -1.78 3.03
CA ASN A 51 -4.97 -2.46 2.01
C ASN A 51 -6.00 -3.42 2.62
N ALA A 52 -5.63 -4.05 3.73
CA ALA A 52 -6.54 -4.95 4.43
C ALA A 52 -7.71 -4.14 5.01
N ILE A 53 -7.43 -2.96 5.52
CA ILE A 53 -8.49 -2.09 6.05
C ILE A 53 -9.45 -1.71 4.95
N ARG A 54 -8.92 -1.40 3.77
CA ARG A 54 -9.75 -1.00 2.64
C ARG A 54 -10.82 -2.05 2.29
N LYS A 55 -10.51 -3.32 2.50
CA LYS A 55 -11.47 -4.40 2.18
C LYS A 55 -12.28 -4.87 3.39
N GLN A 56 -11.79 -4.56 4.58
CA GLN A 56 -12.46 -4.93 5.83
C GLN A 56 -13.34 -3.83 6.44
N SER A 57 -13.25 -2.63 5.91
CA SER A 57 -14.03 -1.50 6.44
C SER A 57 -15.34 -1.34 5.69
N THR A 58 -16.40 -1.10 6.43
CA THR A 58 -17.71 -0.83 5.86
C THR A 58 -17.88 0.67 5.72
N ASP A 59 -16.99 1.40 6.37
CA ASP A 59 -17.01 2.86 6.33
C ASP A 59 -16.29 3.30 5.07
N GLU A 60 -17.00 3.95 4.16
CA GLU A 60 -16.39 4.34 2.88
C GLU A 60 -15.32 5.41 3.03
N GLU A 61 -15.44 6.27 4.03
CA GLU A 61 -14.43 7.30 4.25
C GLU A 61 -13.09 6.62 4.49
N VAL A 62 -13.11 5.52 5.23
CA VAL A 62 -11.91 4.81 5.55
C VAL A 62 -11.35 4.18 4.29
N THR A 63 -12.20 3.61 3.44
CA THR A 63 -11.71 3.00 2.22
C THR A 63 -11.13 4.05 1.28
N SER A 64 -11.72 5.24 1.30
CA SER A 64 -11.26 6.37 0.50
C SER A 64 -9.90 6.86 1.00
N LEU A 65 -9.73 6.90 2.30
CA LEU A 65 -8.44 7.29 2.86
C LEU A 65 -7.42 6.22 2.53
N ALA A 66 -7.77 4.97 2.77
CA ALA A 66 -6.88 3.85 2.55
C ALA A 66 -6.45 3.72 1.09
N LYS A 67 -7.39 3.84 0.15
CA LYS A 67 -7.05 3.73 -1.28
C LYS A 67 -6.07 4.85 -1.66
N SER A 68 -6.17 5.99 -1.00
CA SER A 68 -5.27 7.11 -1.26
C SER A 68 -3.86 6.70 -0.91
N LEU A 69 -3.67 6.11 0.27
CA LEU A 69 -2.36 5.66 0.69
C LEU A 69 -1.79 4.63 -0.26
N ILE A 70 -2.58 3.67 -0.72
CA ILE A 70 -2.03 2.63 -1.59
C ILE A 70 -1.40 3.22 -2.85
N LYS A 71 -2.10 4.09 -3.58
CA LYS A 71 -1.51 4.72 -4.75
C LYS A 71 -0.31 5.59 -4.42
N SER A 72 -0.43 6.37 -3.36
CA SER A 72 0.65 7.28 -2.93
C SER A 72 1.91 6.50 -2.52
N TRP A 73 1.70 5.34 -1.95
CA TRP A 73 2.79 4.48 -1.50
C TRP A 73 3.35 3.61 -2.61
N LYS A 74 2.56 3.36 -3.63
CA LYS A 74 2.99 2.48 -4.72
C LYS A 74 4.14 3.14 -5.45
N LYS A 75 4.04 4.44 -5.67
CA LYS A 75 5.08 5.19 -6.38
C LYS A 75 6.44 5.12 -5.68
N LEU A 76 6.46 4.70 -4.42
CA LEU A 76 7.70 4.61 -3.68
C LEU A 76 8.55 3.45 -4.18
N LEU A 77 7.90 2.36 -4.57
CA LEU A 77 8.60 1.17 -5.05
C LEU A 77 8.58 1.07 -6.56
N ASP A 78 7.51 1.58 -7.14
CA ASP A 78 7.25 1.50 -8.57
C ASP A 78 7.93 2.62 -9.32
N GLY A 79 8.38 3.64 -8.60
CA GLY A 79 9.05 4.77 -9.21
C GLY A 79 8.08 5.69 -9.92
N GLY A 80 8.25 5.82 -11.23
CA GLY A 80 7.40 6.70 -12.03
C GLY A 80 6.08 6.05 -12.40
N SER A 81 5.34 5.61 -11.39
CA SER A 81 4.04 4.96 -11.59
C SER A 81 3.05 5.93 -12.21
N GLY A 82 2.84 5.80 -13.50
CA GLY A 82 1.97 6.70 -14.23
C GLY A 82 0.51 6.59 -13.81
N SER A 83 -0.22 7.68 -13.99
CA SER A 83 -1.62 7.73 -13.60
C SER A 83 -2.54 7.07 -14.62
N GLY A 84 -2.12 6.98 -15.87
CA GLY A 84 -2.95 6.42 -16.92
C GLY A 84 -2.37 6.75 -18.27
N SER A 85 -3.22 6.75 -19.30
CA SER A 85 -2.85 7.09 -20.70
C SER A 85 -1.83 6.15 -21.36
N GLY A 86 -1.50 5.06 -20.68
CA GLY A 86 -0.60 4.05 -21.22
C GLY A 86 -1.20 2.70 -20.86
N SER A 87 -0.52 1.60 -21.13
CA SER A 87 -1.05 0.28 -20.83
C SER A 87 0.06 -0.67 -20.41
N GLY A 88 -0.28 -1.62 -19.55
CA GLY A 88 0.68 -2.60 -19.05
C GLY A 88 0.97 -3.73 -20.02
N SER A 89 1.04 -3.40 -21.30
CA SER A 89 1.34 -4.36 -22.36
C SER A 89 2.80 -4.21 -22.72
N SER A 90 3.48 -3.33 -21.98
CA SER A 90 4.88 -3.02 -22.19
C SER A 90 5.60 -3.25 -20.87
N GLY A 91 6.93 -3.34 -20.94
CA GLY A 91 7.75 -3.54 -19.75
C GLY A 91 8.56 -4.82 -19.87
N GLU A 92 9.78 -4.79 -19.35
CA GLU A 92 10.68 -5.94 -19.42
C GLU A 92 10.83 -6.65 -18.07
N LEU A 93 10.48 -5.97 -16.98
CA LEU A 93 10.69 -6.52 -15.64
C LEU A 93 9.45 -6.47 -14.76
N SER A 94 9.18 -7.58 -14.09
CA SER A 94 8.07 -7.68 -13.13
C SER A 94 8.64 -7.48 -11.72
N ASP A 95 9.77 -6.79 -11.66
CA ASP A 95 10.52 -6.59 -10.42
C ASP A 95 9.69 -5.90 -9.35
N LYS A 96 9.15 -4.74 -9.67
CA LYS A 96 8.40 -3.97 -8.67
C LYS A 96 7.04 -4.58 -8.40
N LYS A 97 6.56 -5.41 -9.32
CA LYS A 97 5.30 -6.12 -9.10
C LYS A 97 5.52 -7.15 -8.00
N ASN A 98 6.69 -7.76 -7.97
CA ASN A 98 7.03 -8.71 -6.92
C ASN A 98 7.13 -8.01 -5.57
N GLU A 99 7.71 -6.82 -5.56
CA GLU A 99 7.79 -6.03 -4.32
C GLU A 99 6.37 -5.67 -3.85
N GLU A 100 5.50 -5.28 -4.76
CA GLU A 100 4.12 -4.93 -4.37
C GLU A 100 3.40 -6.14 -3.78
N LYS A 101 3.57 -7.29 -4.41
CA LYS A 101 2.97 -8.54 -3.94
C LYS A 101 3.37 -8.79 -2.49
N ASP A 102 4.61 -8.53 -2.15
CA ASP A 102 5.08 -8.76 -0.79
C ASP A 102 4.66 -7.65 0.18
N LEU A 103 4.80 -6.40 -0.25
CA LEU A 103 4.54 -5.24 0.62
C LEU A 103 3.07 -4.92 0.84
N PHE A 104 2.26 -5.13 -0.18
CA PHE A 104 0.83 -4.79 -0.16
C PHE A 104 -0.08 -5.99 -0.31
N GLY A 105 0.38 -7.01 -1.03
CA GLY A 105 -0.44 -8.18 -1.26
C GLY A 105 -1.67 -7.84 -2.09
N SER A 106 -1.51 -6.93 -3.04
CA SER A 106 -2.64 -6.52 -3.88
C SER A 106 -2.50 -7.14 -5.26
N ASP A 107 -1.32 -6.97 -5.84
CA ASP A 107 -0.99 -7.41 -7.20
C ASP A 107 -2.12 -7.10 -8.18
N SER A 108 -2.62 -5.88 -8.08
CA SER A 108 -3.76 -5.45 -8.87
C SER A 108 -3.35 -4.97 -10.26
N GLU A 109 -2.04 -5.01 -10.52
CA GLU A 109 -1.43 -4.58 -11.79
C GLU A 109 -1.83 -3.16 -12.22
N SER A 110 -2.33 -2.38 -11.25
CA SER A 110 -2.80 -1.02 -11.50
C SER A 110 -1.65 0.00 -11.53
N GLY A 111 -0.70 -0.24 -12.42
CA GLY A 111 0.45 0.63 -12.59
C GLY A 111 0.49 1.12 -14.03
N ASN A 112 1.43 1.98 -14.35
CA ASN A 112 1.59 2.52 -15.68
C ASN A 112 2.93 3.23 -15.64
N GLU A 113 3.37 3.80 -16.75
CA GLU A 113 4.65 4.52 -16.82
C GLU A 113 4.49 5.68 -17.78
N GLU A 114 5.41 6.63 -17.75
CA GLU A 114 5.37 7.79 -18.63
C GLU A 114 6.82 8.22 -18.92
N GLU A 115 7.06 8.70 -20.14
CA GLU A 115 8.40 9.08 -20.59
C GLU A 115 8.27 10.35 -21.43
N ASN A 116 9.30 11.19 -21.43
CA ASN A 116 9.33 12.45 -22.18
C ASN A 116 10.80 12.79 -22.41
N MET A 1 10.85 7.43 11.97
CA MET A 1 9.48 7.01 12.39
C MET A 1 9.19 5.57 11.95
N GLU A 2 10.09 4.63 12.19
CA GLU A 2 9.84 3.25 11.77
C GLU A 2 8.78 2.59 12.66
N ASP A 3 8.99 2.65 13.95
CA ASP A 3 8.09 2.03 14.91
C ASP A 3 6.73 2.72 14.86
N GLU A 4 6.71 3.99 14.49
CA GLU A 4 5.46 4.73 14.35
C GLU A 4 4.57 4.04 13.31
N VAL A 5 5.17 3.71 12.18
CA VAL A 5 4.43 3.07 11.10
C VAL A 5 4.03 1.66 11.55
N VAL A 6 4.94 0.96 12.21
CA VAL A 6 4.62 -0.36 12.78
C VAL A 6 3.44 -0.24 13.75
N ARG A 7 3.38 0.80 14.57
CA ARG A 7 2.25 1.00 15.49
C ARG A 7 0.97 1.10 14.68
N PHE A 8 0.95 1.90 13.63
CA PHE A 8 -0.24 2.03 12.80
C PHE A 8 -0.62 0.69 12.16
N ALA A 9 0.34 -0.02 11.59
CA ALA A 9 0.07 -1.31 10.95
C ALA A 9 -0.50 -2.31 11.96
N LYS A 10 0.12 -2.40 13.14
CA LYS A 10 -0.33 -3.35 14.16
C LYS A 10 -1.66 -2.93 14.77
N LYS A 11 -1.96 -1.64 14.79
CA LYS A 11 -3.28 -1.19 15.25
C LYS A 11 -4.32 -1.64 14.22
N MET A 12 -4.02 -1.44 12.93
CA MET A 12 -4.96 -1.81 11.85
C MET A 12 -5.25 -3.30 11.80
N ASP A 13 -4.23 -4.13 11.92
CA ASP A 13 -4.40 -5.59 11.87
C ASP A 13 -5.42 -6.07 12.92
N LYS A 14 -5.40 -5.41 14.06
CA LYS A 14 -6.31 -5.78 15.15
C LYS A 14 -7.75 -5.37 14.80
N MET A 15 -7.91 -4.31 14.03
CA MET A 15 -9.24 -3.87 13.61
C MET A 15 -9.79 -4.85 12.59
N VAL A 16 -8.90 -5.32 11.75
CA VAL A 16 -9.18 -6.28 10.70
C VAL A 16 -9.69 -7.56 11.37
N GLN A 17 -9.00 -8.02 12.39
CA GLN A 17 -9.39 -9.21 13.15
C GLN A 17 -10.73 -9.00 13.87
N LYS A 18 -10.94 -7.80 14.40
CA LYS A 18 -12.19 -7.47 15.10
C LYS A 18 -13.35 -7.21 14.14
N LYS A 19 -13.09 -7.21 12.84
CA LYS A 19 -14.09 -6.94 11.79
C LYS A 19 -14.74 -5.58 12.01
N ASN A 20 -13.99 -4.65 12.57
CA ASN A 20 -14.49 -3.30 12.84
C ASN A 20 -13.36 -2.32 12.58
N ALA A 21 -13.22 -1.90 11.34
CA ALA A 21 -12.15 -1.01 10.93
C ALA A 21 -12.56 0.46 10.78
N ALA A 22 -13.71 0.84 11.33
CA ALA A 22 -14.14 2.25 11.24
C ALA A 22 -13.12 3.16 11.96
N GLY A 23 -12.55 2.65 13.04
CA GLY A 23 -11.56 3.40 13.81
C GLY A 23 -10.27 3.70 13.06
N ALA A 24 -10.07 3.01 11.94
CA ALA A 24 -8.88 3.19 11.12
C ALA A 24 -8.83 4.55 10.48
N LEU A 25 -9.95 5.27 10.46
CA LEU A 25 -10.01 6.60 9.85
C LEU A 25 -8.89 7.47 10.35
N ASP A 26 -8.72 7.49 11.66
CA ASP A 26 -7.70 8.32 12.30
C ASP A 26 -6.29 7.84 11.98
N LEU A 27 -6.13 6.53 11.84
CA LEU A 27 -4.80 5.97 11.59
C LEU A 27 -4.38 6.37 10.17
N LEU A 28 -5.34 6.30 9.26
CA LEU A 28 -5.08 6.64 7.87
C LEU A 28 -4.88 8.15 7.71
N LYS A 29 -5.63 8.96 8.46
CA LYS A 29 -5.43 10.41 8.48
C LYS A 29 -3.97 10.73 8.81
N GLU A 30 -3.44 10.08 9.83
CA GLU A 30 -2.04 10.31 10.23
C GLU A 30 -1.11 9.92 9.10
N LEU A 31 -1.37 8.76 8.52
CA LEU A 31 -0.53 8.23 7.44
C LEU A 31 -0.51 9.14 6.22
N LYS A 32 -1.57 9.89 5.99
CA LYS A 32 -1.65 10.83 4.88
C LYS A 32 -0.69 12.02 5.06
N ASN A 33 -0.14 12.20 6.25
CA ASN A 33 0.84 13.27 6.51
C ASN A 33 2.25 12.72 6.64
N ILE A 34 2.37 11.40 6.71
CA ILE A 34 3.67 10.76 6.91
C ILE A 34 4.37 10.49 5.56
N PRO A 35 5.64 10.94 5.43
CA PRO A 35 6.45 10.68 4.24
C PRO A 35 6.93 9.24 4.21
N MET A 36 6.05 8.36 3.78
CA MET A 36 6.35 6.94 3.69
C MET A 36 7.44 6.72 2.65
N THR A 37 8.26 5.71 2.86
CA THR A 37 9.36 5.40 1.94
C THR A 37 9.23 3.94 1.56
N LEU A 38 9.91 3.54 0.51
CA LEU A 38 9.87 2.14 0.09
C LEU A 38 10.43 1.28 1.22
N GLU A 39 11.49 1.76 1.85
CA GLU A 39 12.13 1.01 2.95
C GLU A 39 11.17 0.80 4.12
N LEU A 40 10.34 1.80 4.39
CA LEU A 40 9.35 1.68 5.45
C LEU A 40 8.35 0.60 5.11
N LEU A 41 7.93 0.54 3.87
CA LEU A 41 6.96 -0.46 3.45
C LEU A 41 7.56 -1.86 3.53
N GLN A 42 8.85 -1.98 3.31
CA GLN A 42 9.53 -3.27 3.39
C GLN A 42 9.62 -3.75 4.83
N SER A 43 10.06 -2.89 5.73
CA SER A 43 10.20 -3.25 7.16
C SER A 43 8.88 -3.38 7.90
N THR A 44 8.02 -2.37 7.76
CA THR A 44 6.78 -2.30 8.54
C THR A 44 5.63 -3.05 7.88
N ARG A 45 5.77 -3.31 6.58
CA ARG A 45 4.74 -4.00 5.77
C ARG A 45 3.36 -3.36 5.89
N ILE A 46 3.33 -2.05 6.10
CA ILE A 46 2.06 -1.34 6.31
C ILE A 46 1.20 -1.27 5.05
N GLY A 47 1.82 -1.48 3.90
CA GLY A 47 1.06 -1.48 2.65
C GLY A 47 -0.05 -2.52 2.70
N MET A 48 0.29 -3.68 3.26
CA MET A 48 -0.66 -4.77 3.39
C MET A 48 -1.74 -4.45 4.42
N SER A 49 -1.35 -3.80 5.51
CA SER A 49 -2.31 -3.43 6.56
C SER A 49 -3.34 -2.44 6.05
N VAL A 50 -2.89 -1.37 5.42
CA VAL A 50 -3.82 -0.37 4.86
C VAL A 50 -4.73 -1.03 3.80
N ASN A 51 -4.18 -1.95 3.01
CA ASN A 51 -4.97 -2.64 1.99
C ASN A 51 -6.07 -3.48 2.64
N ALA A 52 -5.73 -4.18 3.72
CA ALA A 52 -6.69 -5.00 4.43
C ALA A 52 -7.81 -4.14 4.98
N ILE A 53 -7.50 -2.96 5.50
CA ILE A 53 -8.50 -2.05 6.04
C ILE A 53 -9.46 -1.63 4.94
N ARG A 54 -8.94 -1.36 3.75
CA ARG A 54 -9.79 -0.94 2.62
C ARG A 54 -10.90 -1.96 2.32
N LYS A 55 -10.61 -3.24 2.53
CA LYS A 55 -11.59 -4.28 2.24
C LYS A 55 -12.38 -4.78 3.45
N GLN A 56 -11.89 -4.43 4.62
CA GLN A 56 -12.53 -4.78 5.90
C GLN A 56 -13.36 -3.66 6.54
N SER A 57 -13.34 -2.48 5.96
CA SER A 57 -14.07 -1.34 6.49
C SER A 57 -15.41 -1.20 5.80
N THR A 58 -16.42 -0.74 6.55
CA THR A 58 -17.74 -0.46 6.00
C THR A 58 -17.91 1.04 5.87
N ASP A 59 -16.86 1.76 6.26
CA ASP A 59 -16.85 3.22 6.19
C ASP A 59 -16.14 3.62 4.90
N GLU A 60 -16.84 4.31 4.02
CA GLU A 60 -16.25 4.70 2.74
C GLU A 60 -15.20 5.81 2.93
N GLU A 61 -15.29 6.56 4.01
CA GLU A 61 -14.29 7.60 4.26
C GLU A 61 -12.96 6.88 4.50
N VAL A 62 -13.03 5.77 5.22
CA VAL A 62 -11.86 4.99 5.55
C VAL A 62 -11.31 4.33 4.29
N THR A 63 -12.16 3.78 3.45
CA THR A 63 -11.68 3.14 2.24
C THR A 63 -11.09 4.19 1.31
N SER A 64 -11.65 5.39 1.32
CA SER A 64 -11.14 6.49 0.50
C SER A 64 -9.80 6.97 1.00
N LEU A 65 -9.60 7.01 2.31
CA LEU A 65 -8.30 7.39 2.85
C LEU A 65 -7.31 6.29 2.50
N ALA A 66 -7.70 5.06 2.74
CA ALA A 66 -6.84 3.92 2.53
C ALA A 66 -6.43 3.73 1.06
N LYS A 67 -7.38 3.82 0.14
CA LYS A 67 -7.07 3.65 -1.28
C LYS A 67 -6.11 4.75 -1.72
N SER A 68 -6.17 5.90 -1.06
CA SER A 68 -5.28 7.00 -1.38
C SER A 68 -3.86 6.65 -0.98
N LEU A 69 -3.67 6.12 0.22
CA LEU A 69 -2.35 5.71 0.65
C LEU A 69 -1.79 4.65 -0.25
N ILE A 70 -2.58 3.64 -0.62
CA ILE A 70 -2.06 2.57 -1.47
C ILE A 70 -1.53 3.15 -2.78
N LYS A 71 -2.31 4.00 -3.43
CA LYS A 71 -1.88 4.58 -4.70
C LYS A 71 -0.65 5.46 -4.56
N SER A 72 -0.53 6.18 -3.45
CA SER A 72 0.62 7.07 -3.25
C SER A 72 1.86 6.29 -2.83
N TRP A 73 1.68 5.32 -1.96
CA TRP A 73 2.80 4.49 -1.48
C TRP A 73 3.33 3.58 -2.57
N LYS A 74 2.51 3.31 -3.58
CA LYS A 74 2.93 2.46 -4.68
C LYS A 74 4.01 3.19 -5.47
N LYS A 75 3.95 4.52 -5.54
CA LYS A 75 4.93 5.29 -6.29
C LYS A 75 6.34 5.17 -5.72
N LEU A 76 6.45 4.67 -4.50
CA LEU A 76 7.75 4.50 -3.86
C LEU A 76 8.52 3.31 -4.47
N LEU A 77 7.81 2.24 -4.78
CA LEU A 77 8.40 1.05 -5.44
C LEU A 77 8.21 1.02 -6.96
N ASP A 78 7.07 1.51 -7.41
CA ASP A 78 6.70 1.50 -8.83
C ASP A 78 7.34 2.65 -9.60
N GLY A 79 7.70 3.70 -8.87
CA GLY A 79 8.27 4.87 -9.50
C GLY A 79 7.17 5.80 -9.98
N GLY A 80 7.48 6.64 -10.96
CA GLY A 80 6.51 7.59 -11.47
C GLY A 80 6.82 8.05 -12.87
N SER A 81 6.33 7.31 -13.86
CA SER A 81 6.58 7.64 -15.26
C SER A 81 5.64 8.66 -15.89
N GLY A 82 4.63 9.11 -15.15
CA GLY A 82 3.67 10.05 -15.71
C GLY A 82 2.54 10.42 -14.76
N SER A 83 1.49 11.00 -15.32
CA SER A 83 0.30 11.41 -14.58
C SER A 83 -0.56 10.19 -14.19
N GLY A 84 -1.72 10.46 -13.62
CA GLY A 84 -2.63 9.40 -13.23
C GLY A 84 -3.58 9.01 -14.36
N SER A 85 -4.56 8.18 -14.03
CA SER A 85 -5.58 7.70 -14.98
C SER A 85 -5.03 7.00 -16.22
N GLY A 86 -3.89 6.34 -16.05
CA GLY A 86 -3.29 5.59 -17.14
C GLY A 86 -2.28 4.64 -16.53
N SER A 87 -1.78 3.71 -17.32
CA SER A 87 -0.78 2.74 -16.86
C SER A 87 0.12 2.30 -18.01
N GLY A 88 -0.49 1.65 -19.00
CA GLY A 88 0.23 1.14 -20.16
C GLY A 88 0.09 -0.38 -20.16
N SER A 89 0.52 -1.03 -21.23
CA SER A 89 0.44 -2.50 -21.35
C SER A 89 1.75 -3.15 -20.90
N SER A 90 2.86 -2.49 -21.22
CA SER A 90 4.18 -3.02 -20.90
C SER A 90 4.58 -2.86 -19.42
N GLY A 91 4.05 -3.74 -18.56
CA GLY A 91 4.40 -3.71 -17.14
C GLY A 91 4.51 -5.07 -16.46
N GLU A 92 4.38 -6.14 -17.23
CA GLU A 92 4.39 -7.49 -16.67
C GLU A 92 5.75 -7.96 -16.18
N LEU A 93 5.70 -8.84 -15.19
CA LEU A 93 6.87 -9.50 -14.60
C LEU A 93 7.96 -8.55 -14.06
N SER A 94 7.66 -7.27 -13.96
CA SER A 94 8.62 -6.29 -13.46
C SER A 94 8.83 -6.47 -11.97
N ASP A 95 10.04 -6.14 -11.51
CA ASP A 95 10.40 -6.24 -10.09
C ASP A 95 9.44 -5.50 -9.19
N LYS A 96 8.84 -4.45 -9.72
CA LYS A 96 7.88 -3.64 -8.99
C LYS A 96 6.63 -4.44 -8.60
N LYS A 97 6.23 -5.36 -9.45
CA LYS A 97 5.06 -6.20 -9.19
C LYS A 97 5.44 -7.24 -8.14
N ASN A 98 6.67 -7.73 -8.20
CA ASN A 98 7.16 -8.70 -7.22
C ASN A 98 7.32 -8.05 -5.85
N GLU A 99 7.84 -6.84 -5.82
CA GLU A 99 7.99 -6.10 -4.57
C GLU A 99 6.63 -5.90 -3.95
N GLU A 100 5.69 -5.41 -4.75
CA GLU A 100 4.33 -5.16 -4.27
C GLU A 100 3.66 -6.41 -3.72
N LYS A 101 3.94 -7.54 -4.33
CA LYS A 101 3.33 -8.80 -3.91
C LYS A 101 3.60 -9.06 -2.43
N ASP A 102 4.81 -8.74 -1.99
CA ASP A 102 5.17 -8.92 -0.61
C ASP A 102 4.78 -7.73 0.27
N LEU A 103 4.89 -6.53 -0.26
CA LEU A 103 4.65 -5.31 0.53
C LEU A 103 3.20 -4.96 0.74
N PHE A 104 2.35 -5.31 -0.22
CA PHE A 104 0.92 -4.99 -0.19
C PHE A 104 0.07 -6.23 -0.36
N GLY A 105 0.48 -7.12 -1.26
CA GLY A 105 -0.28 -8.32 -1.53
C GLY A 105 -1.57 -7.96 -2.26
N SER A 106 -1.52 -6.87 -3.02
CA SER A 106 -2.68 -6.39 -3.74
C SER A 106 -2.70 -6.96 -5.14
N ASP A 107 -1.50 -7.22 -5.64
CA ASP A 107 -1.25 -7.73 -6.99
C ASP A 107 -1.67 -6.69 -8.04
N SER A 108 -1.56 -7.04 -9.31
CA SER A 108 -1.93 -6.13 -10.39
C SER A 108 -2.55 -6.95 -11.51
N GLU A 109 -3.31 -6.28 -12.35
CA GLU A 109 -3.95 -6.92 -13.51
C GLU A 109 -2.84 -7.25 -14.51
N SER A 110 -3.15 -8.03 -15.55
CA SER A 110 -2.14 -8.40 -16.52
C SER A 110 -2.68 -8.46 -17.94
N GLY A 111 -1.82 -8.14 -18.90
CA GLY A 111 -2.19 -8.18 -20.30
C GLY A 111 -1.07 -8.78 -21.13
N ASN A 112 -1.25 -8.85 -22.43
CA ASN A 112 -0.27 -9.40 -23.35
C ASN A 112 -0.43 -8.59 -24.62
N GLU A 113 0.60 -8.50 -25.44
CA GLU A 113 0.54 -7.76 -26.71
C GLU A 113 0.87 -8.71 -27.89
N GLU A 114 1.47 -9.85 -27.59
CA GLU A 114 1.81 -10.90 -28.57
C GLU A 114 2.69 -10.42 -29.74
N GLU A 115 3.49 -9.40 -29.49
CA GLU A 115 4.41 -8.86 -30.50
C GLU A 115 5.71 -9.67 -30.59
N ASN A 116 6.25 -9.74 -31.80
CA ASN A 116 7.53 -10.42 -32.13
C ASN A 116 7.55 -11.91 -31.78
N MET A 1 11.28 6.96 11.95
CA MET A 1 9.81 6.81 12.14
C MET A 1 9.36 5.38 11.89
N GLU A 2 10.27 4.40 11.92
CA GLU A 2 9.89 3.03 11.59
C GLU A 2 8.85 2.45 12.55
N ASP A 3 9.12 2.53 13.85
CA ASP A 3 8.18 2.00 14.82
C ASP A 3 6.84 2.71 14.76
N GLU A 4 6.85 3.98 14.40
CA GLU A 4 5.60 4.74 14.31
C GLU A 4 4.69 4.11 13.25
N VAL A 5 5.28 3.71 12.14
CA VAL A 5 4.52 3.07 11.07
C VAL A 5 4.10 1.67 11.52
N VAL A 6 4.99 0.96 12.17
CA VAL A 6 4.68 -0.35 12.76
C VAL A 6 3.48 -0.20 13.70
N ARG A 7 3.44 0.86 14.50
CA ARG A 7 2.31 1.10 15.39
C ARG A 7 1.04 1.19 14.56
N PHE A 8 1.01 1.97 13.48
CA PHE A 8 -0.19 2.09 12.68
C PHE A 8 -0.59 0.75 12.07
N ALA A 9 0.38 0.00 11.57
CA ALA A 9 0.11 -1.31 10.97
C ALA A 9 -0.53 -2.28 11.96
N LYS A 10 0.04 -2.36 13.15
CA LYS A 10 -0.50 -3.29 14.16
C LYS A 10 -1.83 -2.77 14.71
N LYS A 11 -2.00 -1.46 14.81
CA LYS A 11 -3.28 -0.90 15.23
C LYS A 11 -4.34 -1.31 14.21
N MET A 12 -4.01 -1.31 12.92
CA MET A 12 -4.95 -1.72 11.86
C MET A 12 -5.26 -3.20 11.85
N ASP A 13 -4.25 -4.06 11.97
CA ASP A 13 -4.48 -5.51 11.91
C ASP A 13 -5.47 -5.98 12.99
N LYS A 14 -5.40 -5.35 14.13
CA LYS A 14 -6.29 -5.69 15.25
C LYS A 14 -7.74 -5.34 14.90
N MET A 15 -7.90 -4.30 14.10
CA MET A 15 -9.23 -3.88 13.65
C MET A 15 -9.74 -4.86 12.62
N VAL A 16 -8.81 -5.30 11.78
CA VAL A 16 -9.07 -6.25 10.72
C VAL A 16 -9.56 -7.57 11.31
N GLN A 17 -8.85 -8.09 12.31
CA GLN A 17 -9.23 -9.36 12.94
C GLN A 17 -10.60 -9.25 13.62
N LYS A 18 -10.90 -8.11 14.21
CA LYS A 18 -12.18 -7.91 14.91
C LYS A 18 -13.29 -7.36 14.01
N LYS A 19 -12.98 -7.20 12.73
CA LYS A 19 -13.95 -6.70 11.71
C LYS A 19 -14.58 -5.36 12.09
N ASN A 20 -13.81 -4.50 12.74
CA ASN A 20 -14.28 -3.17 13.14
C ASN A 20 -13.18 -2.18 12.80
N ALA A 21 -13.14 -1.76 11.54
CA ALA A 21 -12.08 -0.88 11.06
C ALA A 21 -12.53 0.59 10.90
N ALA A 22 -13.64 0.96 11.50
CA ALA A 22 -14.10 2.35 11.44
C ALA A 22 -13.04 3.27 12.06
N GLY A 23 -12.45 2.78 13.15
CA GLY A 23 -11.41 3.52 13.86
C GLY A 23 -10.16 3.79 13.02
N ALA A 24 -9.98 3.02 11.96
CA ALA A 24 -8.83 3.16 11.09
C ALA A 24 -8.82 4.50 10.38
N LEU A 25 -9.95 5.19 10.36
CA LEU A 25 -10.04 6.52 9.76
C LEU A 25 -8.92 7.40 10.28
N ASP A 26 -8.79 7.41 11.58
CA ASP A 26 -7.80 8.24 12.27
C ASP A 26 -6.38 7.75 11.99
N LEU A 27 -6.20 6.46 11.81
CA LEU A 27 -4.86 5.92 11.55
C LEU A 27 -4.41 6.33 10.16
N LEU A 28 -5.33 6.25 9.22
CA LEU A 28 -5.06 6.60 7.83
C LEU A 28 -4.91 8.12 7.67
N LYS A 29 -5.66 8.92 8.42
CA LYS A 29 -5.47 10.37 8.46
C LYS A 29 -4.02 10.71 8.76
N GLU A 30 -3.44 10.08 9.77
CA GLU A 30 -2.05 10.35 10.16
C GLU A 30 -1.11 9.94 9.05
N LEU A 31 -1.40 8.79 8.45
CA LEU A 31 -0.56 8.24 7.38
C LEU A 31 -0.47 9.14 6.16
N LYS A 32 -1.51 9.95 5.95
CA LYS A 32 -1.53 10.92 4.85
C LYS A 32 -0.51 12.03 5.07
N ASN A 33 -0.08 12.22 6.31
CA ASN A 33 0.89 13.27 6.65
C ASN A 33 2.28 12.69 6.87
N ILE A 34 2.41 11.37 6.73
CA ILE A 34 3.68 10.71 6.99
C ILE A 34 4.46 10.47 5.69
N PRO A 35 5.76 10.84 5.67
CA PRO A 35 6.65 10.61 4.53
C PRO A 35 7.04 9.13 4.42
N MET A 36 6.08 8.31 4.02
CA MET A 36 6.30 6.89 3.81
C MET A 36 7.37 6.69 2.74
N THR A 37 8.16 5.64 2.88
CA THR A 37 9.23 5.33 1.95
C THR A 37 9.12 3.87 1.57
N LEU A 38 9.85 3.46 0.54
CA LEU A 38 9.86 2.06 0.12
C LEU A 38 10.42 1.23 1.27
N GLU A 39 11.40 1.79 1.97
CA GLU A 39 12.06 1.06 3.07
C GLU A 39 11.05 0.76 4.16
N LEU A 40 10.20 1.73 4.43
CA LEU A 40 9.18 1.57 5.45
C LEU A 40 8.20 0.49 5.06
N LEU A 41 7.82 0.43 3.80
CA LEU A 41 6.86 -0.57 3.37
C LEU A 41 7.46 -1.95 3.50
N GLN A 42 8.75 -2.06 3.26
CA GLN A 42 9.45 -3.34 3.36
C GLN A 42 9.53 -3.81 4.81
N SER A 43 9.96 -2.95 5.72
CA SER A 43 10.11 -3.33 7.13
C SER A 43 8.80 -3.39 7.93
N THR A 44 7.92 -2.43 7.73
CA THR A 44 6.70 -2.31 8.54
C THR A 44 5.51 -3.05 7.91
N ARG A 45 5.61 -3.30 6.61
CA ARG A 45 4.54 -3.97 5.82
C ARG A 45 3.20 -3.31 6.02
N ILE A 46 3.23 -2.00 6.19
CA ILE A 46 2.01 -1.24 6.41
C ILE A 46 1.16 -1.24 5.13
N GLY A 47 1.79 -1.49 4.00
CA GLY A 47 1.04 -1.57 2.76
C GLY A 47 -0.03 -2.63 2.87
N MET A 48 0.33 -3.76 3.47
CA MET A 48 -0.59 -4.88 3.66
C MET A 48 -1.71 -4.48 4.62
N SER A 49 -1.36 -3.77 5.69
CA SER A 49 -2.34 -3.34 6.68
C SER A 49 -3.35 -2.36 6.11
N VAL A 50 -2.87 -1.30 5.45
CA VAL A 50 -3.78 -0.34 4.83
C VAL A 50 -4.65 -1.03 3.77
N ASN A 51 -4.07 -1.95 3.00
CA ASN A 51 -4.83 -2.68 1.99
C ASN A 51 -5.95 -3.51 2.63
N ALA A 52 -5.62 -4.17 3.73
CA ALA A 52 -6.59 -4.99 4.45
C ALA A 52 -7.73 -4.12 4.98
N ILE A 53 -7.42 -2.94 5.49
CA ILE A 53 -8.46 -2.04 5.98
C ILE A 53 -9.41 -1.64 4.87
N ARG A 54 -8.88 -1.39 3.68
CA ARG A 54 -9.71 -0.99 2.54
C ARG A 54 -10.79 -2.02 2.22
N LYS A 55 -10.48 -3.29 2.41
CA LYS A 55 -11.44 -4.36 2.09
C LYS A 55 -12.25 -4.83 3.30
N GLN A 56 -11.77 -4.51 4.49
CA GLN A 56 -12.44 -4.87 5.76
C GLN A 56 -13.32 -3.76 6.34
N SER A 57 -13.25 -2.57 5.79
CA SER A 57 -14.02 -1.43 6.30
C SER A 57 -15.27 -1.16 5.47
N THR A 58 -16.37 -0.88 6.13
CA THR A 58 -17.61 -0.52 5.45
C THR A 58 -17.71 0.99 5.36
N ASP A 59 -16.96 1.66 6.22
CA ASP A 59 -16.89 3.11 6.25
C ASP A 59 -16.16 3.57 4.98
N GLU A 60 -16.83 4.30 4.10
CA GLU A 60 -16.18 4.68 2.86
C GLU A 60 -15.12 5.74 3.07
N GLU A 61 -15.25 6.53 4.12
CA GLU A 61 -14.23 7.54 4.42
C GLU A 61 -12.90 6.82 4.64
N VAL A 62 -12.97 5.67 5.29
CA VAL A 62 -11.79 4.89 5.60
C VAL A 62 -11.25 4.24 4.34
N THR A 63 -12.11 3.67 3.52
CA THR A 63 -11.64 3.03 2.30
C THR A 63 -11.06 4.07 1.36
N SER A 64 -11.62 5.28 1.39
CA SER A 64 -11.13 6.39 0.58
C SER A 64 -9.75 6.83 1.06
N LEU A 65 -9.58 6.96 2.36
CA LEU A 65 -8.27 7.32 2.91
C LEU A 65 -7.27 6.22 2.55
N ALA A 66 -7.67 4.97 2.75
CA ALA A 66 -6.79 3.84 2.49
C ALA A 66 -6.43 3.71 1.01
N LYS A 67 -7.41 3.80 0.12
CA LYS A 67 -7.15 3.67 -1.33
C LYS A 67 -6.21 4.79 -1.79
N SER A 68 -6.29 5.94 -1.14
CA SER A 68 -5.39 7.05 -1.43
C SER A 68 -3.97 6.66 -1.12
N LEU A 69 -3.78 6.13 0.08
CA LEU A 69 -2.46 5.78 0.58
C LEU A 69 -1.84 4.68 -0.26
N ILE A 70 -2.59 3.66 -0.62
CA ILE A 70 -2.04 2.57 -1.43
C ILE A 70 -1.48 3.10 -2.75
N LYS A 71 -2.25 3.91 -3.45
CA LYS A 71 -1.81 4.41 -4.76
C LYS A 71 -0.66 5.39 -4.63
N SER A 72 -0.62 6.13 -3.55
CA SER A 72 0.46 7.08 -3.32
C SER A 72 1.76 6.36 -2.93
N TRP A 73 1.63 5.38 -2.05
CA TRP A 73 2.78 4.60 -1.57
C TRP A 73 3.34 3.69 -2.64
N LYS A 74 2.53 3.40 -3.64
CA LYS A 74 2.95 2.52 -4.73
C LYS A 74 4.10 3.18 -5.45
N LYS A 75 4.06 4.51 -5.54
CA LYS A 75 5.07 5.29 -6.24
C LYS A 75 6.47 5.11 -5.66
N LEU A 76 6.52 4.72 -4.39
CA LEU A 76 7.79 4.58 -3.68
C LEU A 76 8.63 3.42 -4.23
N LEU A 77 7.95 2.34 -4.59
CA LEU A 77 8.62 1.14 -5.11
C LEU A 77 8.55 1.04 -6.62
N ASP A 78 7.68 1.85 -7.20
CA ASP A 78 7.40 1.80 -8.63
C ASP A 78 8.20 2.85 -9.42
N GLY A 79 9.08 3.55 -8.74
CA GLY A 79 9.91 4.54 -9.41
C GLY A 79 9.16 5.80 -9.79
N GLY A 80 8.21 6.20 -8.96
CA GLY A 80 7.43 7.40 -9.23
C GLY A 80 6.51 7.21 -10.42
N SER A 81 6.82 7.88 -11.51
CA SER A 81 6.03 7.77 -12.73
C SER A 81 6.19 6.38 -13.34
N GLY A 82 7.30 5.73 -13.04
CA GLY A 82 7.59 4.40 -13.55
C GLY A 82 9.09 4.24 -13.61
N SER A 83 9.60 3.12 -13.11
CA SER A 83 11.04 2.86 -13.09
C SER A 83 11.62 2.69 -14.50
N GLY A 84 10.77 2.29 -15.44
CA GLY A 84 11.19 2.09 -16.82
C GLY A 84 10.46 3.03 -17.76
N SER A 85 11.19 3.97 -18.35
CA SER A 85 10.62 4.97 -19.25
C SER A 85 10.35 4.37 -20.64
N GLY A 86 9.83 5.20 -21.55
CA GLY A 86 9.55 4.75 -22.90
C GLY A 86 8.34 3.85 -22.90
N SER A 87 8.56 2.56 -23.14
CA SER A 87 7.49 1.56 -23.15
C SER A 87 7.73 0.55 -22.03
N GLY A 88 8.66 0.86 -21.13
CA GLY A 88 8.96 -0.06 -20.04
C GLY A 88 7.80 -0.19 -19.07
N SER A 89 7.14 0.94 -18.81
CA SER A 89 5.95 1.01 -17.95
C SER A 89 6.14 0.29 -16.61
N SER A 90 7.35 0.34 -16.09
CA SER A 90 7.74 -0.32 -14.82
C SER A 90 7.44 -1.84 -14.78
N GLY A 91 7.17 -2.43 -15.92
CA GLY A 91 6.87 -3.85 -16.00
C GLY A 91 8.10 -4.68 -16.32
N GLU A 92 9.26 -4.11 -16.05
CA GLU A 92 10.55 -4.76 -16.33
C GLU A 92 10.66 -6.07 -15.57
N LEU A 93 10.50 -7.18 -16.30
CA LEU A 93 10.57 -8.56 -15.75
C LEU A 93 9.57 -8.79 -14.60
N SER A 94 8.59 -7.91 -14.49
CA SER A 94 7.64 -7.88 -13.37
C SER A 94 8.36 -7.75 -12.01
N ASP A 95 9.62 -7.35 -12.05
CA ASP A 95 10.47 -7.24 -10.88
C ASP A 95 9.88 -6.31 -9.84
N LYS A 96 9.56 -5.10 -10.27
CA LYS A 96 9.04 -4.06 -9.37
C LYS A 96 7.67 -4.46 -8.84
N LYS A 97 6.97 -5.30 -9.58
CA LYS A 97 5.65 -5.77 -9.17
C LYS A 97 5.75 -6.87 -8.11
N ASN A 98 6.87 -7.58 -8.04
CA ASN A 98 7.06 -8.58 -7.00
C ASN A 98 7.19 -7.88 -5.65
N GLU A 99 7.76 -6.68 -5.68
CA GLU A 99 7.90 -5.87 -4.48
C GLU A 99 6.49 -5.49 -3.98
N GLU A 100 5.60 -5.11 -4.89
CA GLU A 100 4.23 -4.75 -4.50
C GLU A 100 3.48 -5.94 -3.93
N LYS A 101 3.68 -7.09 -4.56
CA LYS A 101 3.04 -8.33 -4.14
C LYS A 101 3.37 -8.63 -2.67
N ASP A 102 4.61 -8.43 -2.29
CA ASP A 102 5.03 -8.73 -0.92
C ASP A 102 4.62 -7.65 0.09
N LEU A 103 4.67 -6.40 -0.34
CA LEU A 103 4.37 -5.26 0.53
C LEU A 103 2.90 -4.94 0.70
N PHE A 104 2.12 -5.12 -0.36
CA PHE A 104 0.71 -4.73 -0.39
C PHE A 104 -0.27 -5.85 -0.68
N GLY A 105 0.07 -6.71 -1.64
CA GLY A 105 -0.85 -7.77 -2.03
C GLY A 105 -2.12 -7.16 -2.61
N SER A 106 -1.97 -6.23 -3.54
CA SER A 106 -3.12 -5.51 -4.08
C SER A 106 -3.86 -6.24 -5.19
N ASP A 107 -5.06 -6.72 -4.88
CA ASP A 107 -5.94 -7.39 -5.86
C ASP A 107 -6.63 -6.36 -6.78
N SER A 108 -6.11 -5.14 -6.79
CA SER A 108 -6.69 -4.05 -7.58
C SER A 108 -6.08 -4.01 -8.97
N GLU A 109 -6.62 -3.13 -9.81
CA GLU A 109 -6.04 -2.90 -11.12
C GLU A 109 -4.61 -2.36 -10.96
N SER A 110 -3.79 -2.61 -11.97
CA SER A 110 -2.40 -2.16 -12.00
C SER A 110 -1.90 -2.31 -13.44
N GLY A 111 -2.72 -1.88 -14.39
CA GLY A 111 -2.42 -2.04 -15.80
C GLY A 111 -3.26 -1.10 -16.65
N ASN A 112 -3.73 -1.59 -17.79
CA ASN A 112 -4.54 -0.80 -18.72
C ASN A 112 -5.73 -1.65 -19.15
N GLU A 113 -6.86 -0.99 -19.38
CA GLU A 113 -8.08 -1.65 -19.84
C GLU A 113 -8.69 -0.60 -20.77
N GLU A 114 -9.43 -1.03 -21.78
CA GLU A 114 -10.01 -0.11 -22.76
C GLU A 114 -11.54 -0.08 -22.66
N GLU A 115 -12.13 -1.13 -22.10
CA GLU A 115 -13.59 -1.23 -21.89
C GLU A 115 -14.38 -0.93 -23.17
N ASN A 116 -13.92 -1.52 -24.27
CA ASN A 116 -14.53 -1.34 -25.59
C ASN A 116 -15.79 -2.20 -25.76
N MET A 1 11.22 6.62 12.07
CA MET A 1 9.75 6.45 12.23
C MET A 1 9.32 5.03 11.89
N GLU A 2 10.22 4.06 11.96
CA GLU A 2 9.84 2.69 11.62
C GLU A 2 8.79 2.20 12.61
N ASP A 3 9.05 2.45 13.89
CA ASP A 3 8.16 2.05 14.96
C ASP A 3 6.80 2.73 14.81
N GLU A 4 6.78 3.99 14.39
CA GLU A 4 5.54 4.74 14.22
C GLU A 4 4.65 4.08 13.18
N VAL A 5 5.26 3.64 12.09
CA VAL A 5 4.50 3.01 11.03
C VAL A 5 4.09 1.60 11.47
N VAL A 6 4.98 0.88 12.13
CA VAL A 6 4.64 -0.42 12.70
C VAL A 6 3.45 -0.25 13.65
N ARG A 7 3.46 0.82 14.44
CA ARG A 7 2.36 1.11 15.36
C ARG A 7 1.05 1.19 14.60
N PHE A 8 1.00 1.98 13.54
CA PHE A 8 -0.20 2.07 12.71
C PHE A 8 -0.58 0.72 12.13
N ALA A 9 0.37 -0.04 11.60
CA ALA A 9 0.08 -1.33 11.00
C ALA A 9 -0.52 -2.32 12.01
N LYS A 10 0.04 -2.38 13.20
CA LYS A 10 -0.46 -3.32 14.21
C LYS A 10 -1.80 -2.85 14.73
N LYS A 11 -1.98 -1.54 14.88
CA LYS A 11 -3.27 -0.99 15.30
C LYS A 11 -4.32 -1.40 14.28
N MET A 12 -3.99 -1.28 13.00
CA MET A 12 -4.93 -1.67 11.94
C MET A 12 -5.30 -3.14 12.00
N ASP A 13 -4.35 -4.03 12.19
CA ASP A 13 -4.68 -5.44 12.20
C ASP A 13 -5.54 -5.82 13.40
N LYS A 14 -5.41 -5.12 14.52
CA LYS A 14 -6.28 -5.39 15.66
C LYS A 14 -7.72 -5.13 15.21
N MET A 15 -7.92 -4.16 14.33
CA MET A 15 -9.24 -3.88 13.80
C MET A 15 -9.71 -4.93 12.79
N VAL A 16 -8.83 -5.40 11.91
CA VAL A 16 -9.22 -6.38 10.90
C VAL A 16 -9.57 -7.71 11.56
N GLN A 17 -8.91 -8.06 12.65
CA GLN A 17 -9.22 -9.29 13.38
C GLN A 17 -10.61 -9.19 14.02
N LYS A 18 -10.97 -7.99 14.47
CA LYS A 18 -12.31 -7.75 15.04
C LYS A 18 -13.35 -7.51 13.94
N LYS A 19 -12.91 -7.49 12.69
CA LYS A 19 -13.76 -7.24 11.52
C LYS A 19 -14.52 -5.92 11.62
N ASN A 20 -13.92 -4.95 12.31
CA ASN A 20 -14.51 -3.62 12.46
C ASN A 20 -13.37 -2.62 12.38
N ALA A 21 -13.16 -2.08 11.18
CA ALA A 21 -12.08 -1.16 10.91
C ALA A 21 -12.50 0.32 10.82
N ALA A 22 -13.68 0.67 11.30
CA ALA A 22 -14.12 2.07 11.25
C ALA A 22 -13.11 3.00 11.97
N GLY A 23 -12.56 2.52 13.09
CA GLY A 23 -11.57 3.29 13.85
C GLY A 23 -10.30 3.63 13.09
N ALA A 24 -10.04 2.88 12.02
CA ALA A 24 -8.86 3.08 11.19
C ALA A 24 -8.85 4.45 10.52
N LEU A 25 -10.00 5.10 10.52
CA LEU A 25 -10.14 6.44 9.98
C LEU A 25 -9.01 7.35 10.43
N ASP A 26 -8.82 7.39 11.73
CA ASP A 26 -7.81 8.23 12.33
C ASP A 26 -6.39 7.76 12.03
N LEU A 27 -6.20 6.46 11.87
CA LEU A 27 -4.88 5.90 11.61
C LEU A 27 -4.44 6.32 10.21
N LEU A 28 -5.38 6.25 9.28
CA LEU A 28 -5.12 6.59 7.90
C LEU A 28 -4.97 8.10 7.72
N LYS A 29 -5.73 8.88 8.49
CA LYS A 29 -5.57 10.34 8.47
C LYS A 29 -4.12 10.71 8.75
N GLU A 30 -3.54 10.09 9.77
CA GLU A 30 -2.14 10.35 10.12
C GLU A 30 -1.20 9.94 9.01
N LEU A 31 -1.48 8.79 8.41
CA LEU A 31 -0.63 8.25 7.35
C LEU A 31 -0.55 9.14 6.13
N LYS A 32 -1.58 9.93 5.90
CA LYS A 32 -1.61 10.89 4.80
C LYS A 32 -0.61 12.03 5.00
N ASN A 33 -0.15 12.20 6.24
CA ASN A 33 0.81 13.23 6.59
C ASN A 33 2.21 12.65 6.81
N ILE A 34 2.32 11.33 6.78
CA ILE A 34 3.59 10.66 7.04
C ILE A 34 4.40 10.44 5.75
N PRO A 35 5.69 10.82 5.76
CA PRO A 35 6.60 10.61 4.63
C PRO A 35 7.01 9.13 4.49
N MET A 36 6.07 8.32 4.05
CA MET A 36 6.30 6.90 3.81
C MET A 36 7.38 6.72 2.75
N THR A 37 8.18 5.67 2.89
CA THR A 37 9.25 5.36 1.97
C THR A 37 9.11 3.90 1.60
N LEU A 38 9.79 3.46 0.55
CA LEU A 38 9.76 2.05 0.17
C LEU A 38 10.36 1.22 1.30
N GLU A 39 11.35 1.79 1.96
CA GLU A 39 12.02 1.13 3.08
C GLU A 39 11.01 0.80 4.18
N LEU A 40 10.13 1.74 4.45
CA LEU A 40 9.11 1.54 5.46
C LEU A 40 8.14 0.47 5.03
N LEU A 41 7.78 0.43 3.76
CA LEU A 41 6.85 -0.57 3.29
C LEU A 41 7.46 -1.95 3.41
N GLN A 42 8.77 -2.02 3.23
CA GLN A 42 9.50 -3.29 3.33
C GLN A 42 9.56 -3.79 4.78
N SER A 43 9.96 -2.94 5.71
CA SER A 43 10.08 -3.35 7.12
C SER A 43 8.77 -3.40 7.90
N THR A 44 7.89 -2.44 7.68
CA THR A 44 6.66 -2.32 8.48
C THR A 44 5.48 -3.03 7.83
N ARG A 45 5.58 -3.25 6.52
CA ARG A 45 4.51 -3.90 5.71
C ARG A 45 3.17 -3.23 5.91
N ILE A 46 3.21 -1.92 6.11
CA ILE A 46 2.00 -1.16 6.33
C ILE A 46 1.17 -1.13 5.05
N GLY A 47 1.82 -1.36 3.92
CA GLY A 47 1.10 -1.41 2.67
C GLY A 47 0.02 -2.46 2.74
N MET A 48 0.34 -3.61 3.34
CA MET A 48 -0.63 -4.69 3.46
C MET A 48 -1.70 -4.35 4.49
N SER A 49 -1.30 -3.68 5.57
CA SER A 49 -2.26 -3.29 6.61
C SER A 49 -3.29 -2.30 6.07
N VAL A 50 -2.84 -1.25 5.43
CA VAL A 50 -3.76 -0.26 4.83
C VAL A 50 -4.63 -0.96 3.77
N ASN A 51 -4.05 -1.85 2.98
CA ASN A 51 -4.82 -2.59 1.96
C ASN A 51 -5.93 -3.41 2.62
N ALA A 52 -5.60 -4.07 3.72
CA ALA A 52 -6.58 -4.88 4.44
C ALA A 52 -7.71 -4.01 4.99
N ILE A 53 -7.40 -2.83 5.50
CA ILE A 53 -8.42 -1.94 6.03
C ILE A 53 -9.42 -1.55 4.96
N ARG A 54 -8.95 -1.31 3.74
CA ARG A 54 -9.85 -0.94 2.64
C ARG A 54 -10.94 -1.98 2.40
N LYS A 55 -10.62 -3.25 2.61
CA LYS A 55 -11.57 -4.34 2.37
C LYS A 55 -12.27 -4.84 3.62
N GLN A 56 -11.72 -4.48 4.76
CA GLN A 56 -12.26 -4.85 6.08
C GLN A 56 -13.03 -3.69 6.75
N SER A 57 -13.27 -2.62 6.01
CA SER A 57 -14.03 -1.48 6.53
C SER A 57 -15.23 -1.17 5.63
N THR A 58 -16.33 -0.76 6.24
CA THR A 58 -17.53 -0.36 5.52
C THR A 58 -17.65 1.16 5.50
N ASP A 59 -16.73 1.81 6.19
CA ASP A 59 -16.72 3.27 6.28
C ASP A 59 -16.08 3.83 5.02
N GLU A 60 -16.79 4.69 4.30
CA GLU A 60 -16.26 5.19 3.04
C GLU A 60 -15.10 6.16 3.22
N GLU A 61 -15.05 6.90 4.32
CA GLU A 61 -13.91 7.78 4.53
C GLU A 61 -12.70 6.88 4.63
N VAL A 62 -12.79 5.81 5.42
CA VAL A 62 -11.65 4.93 5.63
C VAL A 62 -11.22 4.25 4.33
N THR A 63 -12.16 3.75 3.54
CA THR A 63 -11.78 3.09 2.29
C THR A 63 -11.18 4.09 1.32
N SER A 64 -11.66 5.34 1.34
CA SER A 64 -11.13 6.37 0.47
C SER A 64 -9.76 6.84 0.94
N LEU A 65 -9.58 6.91 2.24
CA LEU A 65 -8.32 7.26 2.84
C LEU A 65 -7.29 6.19 2.54
N ALA A 66 -7.67 4.94 2.74
CA ALA A 66 -6.78 3.83 2.52
C ALA A 66 -6.44 3.68 1.04
N LYS A 67 -7.42 3.76 0.14
CA LYS A 67 -7.14 3.64 -1.30
C LYS A 67 -6.20 4.74 -1.77
N SER A 68 -6.27 5.89 -1.11
CA SER A 68 -5.38 7.01 -1.42
C SER A 68 -3.94 6.63 -1.16
N LEU A 69 -3.71 6.11 0.04
CA LEU A 69 -2.38 5.77 0.51
C LEU A 69 -1.75 4.70 -0.35
N ILE A 70 -2.50 3.68 -0.72
CA ILE A 70 -1.95 2.59 -1.54
C ILE A 70 -1.39 3.14 -2.85
N LYS A 71 -2.14 4.02 -3.50
CA LYS A 71 -1.72 4.54 -4.80
C LYS A 71 -0.51 5.42 -4.67
N SER A 72 -0.44 6.20 -3.61
CA SER A 72 0.69 7.09 -3.40
C SER A 72 1.95 6.33 -2.99
N TRP A 73 1.78 5.35 -2.11
CA TRP A 73 2.88 4.54 -1.60
C TRP A 73 3.44 3.62 -2.66
N LYS A 74 2.65 3.34 -3.68
CA LYS A 74 3.07 2.46 -4.76
C LYS A 74 4.20 3.11 -5.53
N LYS A 75 4.18 4.43 -5.63
CA LYS A 75 5.21 5.15 -6.37
C LYS A 75 6.58 4.99 -5.73
N LEU A 76 6.61 4.53 -4.50
CA LEU A 76 7.87 4.36 -3.78
C LEU A 76 8.66 3.16 -4.33
N LEU A 77 7.96 2.12 -4.78
CA LEU A 77 8.61 0.95 -5.39
C LEU A 77 8.64 1.06 -6.89
N ASP A 78 7.50 1.40 -7.45
CA ASP A 78 7.31 1.49 -8.88
C ASP A 78 8.19 2.59 -9.48
N GLY A 79 8.43 3.64 -8.71
CA GLY A 79 9.27 4.74 -9.16
C GLY A 79 10.75 4.49 -8.93
N GLY A 80 11.09 3.25 -8.60
CA GLY A 80 12.49 2.89 -8.35
C GLY A 80 13.37 2.94 -9.59
N SER A 81 12.74 3.13 -10.75
CA SER A 81 13.45 3.24 -12.03
C SER A 81 14.37 2.05 -12.31
N GLY A 82 13.81 0.86 -12.13
CA GLY A 82 14.57 -0.37 -12.34
C GLY A 82 15.10 -0.92 -11.03
N SER A 83 16.00 -1.90 -11.11
CA SER A 83 16.59 -2.49 -9.92
C SER A 83 17.40 -1.49 -9.12
N GLY A 84 17.94 -0.47 -9.79
CA GLY A 84 18.73 0.56 -9.14
C GLY A 84 20.07 0.10 -8.61
N SER A 85 20.37 -1.19 -8.76
CA SER A 85 21.58 -1.77 -8.21
C SER A 85 21.91 -3.06 -8.97
N GLY A 86 23.02 -3.68 -8.62
CA GLY A 86 23.44 -4.92 -9.26
C GLY A 86 24.45 -4.67 -10.37
N SER A 87 24.83 -5.73 -11.07
CA SER A 87 25.80 -5.62 -12.17
C SER A 87 25.04 -5.30 -13.46
N GLY A 88 24.13 -4.35 -13.36
CA GLY A 88 23.23 -4.04 -14.45
C GLY A 88 22.01 -4.92 -14.25
N SER A 89 20.97 -4.72 -15.04
CA SER A 89 19.74 -5.52 -14.89
C SER A 89 19.37 -6.30 -16.15
N SER A 90 19.90 -5.87 -17.30
CA SER A 90 19.58 -6.45 -18.62
C SER A 90 18.09 -6.35 -18.97
N GLY A 91 17.39 -5.45 -18.30
CA GLY A 91 15.97 -5.24 -18.52
C GLY A 91 15.28 -5.22 -17.18
N GLU A 92 13.95 -5.22 -17.17
CA GLU A 92 13.15 -5.24 -15.95
C GLU A 92 11.89 -5.95 -16.42
N LEU A 93 11.31 -6.81 -15.60
CA LEU A 93 10.11 -7.55 -16.00
C LEU A 93 9.04 -7.46 -14.91
N SER A 94 8.60 -6.22 -14.67
CA SER A 94 7.59 -5.92 -13.65
C SER A 94 8.00 -6.41 -12.26
N ASP A 95 9.29 -6.37 -11.97
CA ASP A 95 9.82 -6.79 -10.67
C ASP A 95 9.18 -6.00 -9.53
N LYS A 96 8.81 -4.76 -9.81
CA LYS A 96 8.16 -3.93 -8.80
C LYS A 96 6.78 -4.46 -8.42
N LYS A 97 6.12 -5.16 -9.33
CA LYS A 97 4.82 -5.75 -9.02
C LYS A 97 5.05 -6.93 -8.08
N ASN A 98 6.20 -7.59 -8.22
CA ASN A 98 6.55 -8.69 -7.32
C ASN A 98 6.83 -8.13 -5.92
N GLU A 99 7.49 -6.98 -5.85
CA GLU A 99 7.71 -6.34 -4.55
C GLU A 99 6.34 -6.06 -3.94
N GLU A 100 5.50 -5.37 -4.69
CA GLU A 100 4.15 -5.00 -4.24
C GLU A 100 3.37 -6.21 -3.74
N LYS A 101 3.50 -7.35 -4.40
CA LYS A 101 2.82 -8.58 -4.00
C LYS A 101 3.16 -8.93 -2.54
N ASP A 102 4.40 -8.64 -2.13
CA ASP A 102 4.84 -8.90 -0.76
C ASP A 102 4.53 -7.74 0.19
N LEU A 103 4.69 -6.54 -0.32
CA LEU A 103 4.56 -5.32 0.46
C LEU A 103 3.12 -4.90 0.75
N PHE A 104 2.24 -5.12 -0.22
CA PHE A 104 0.84 -4.73 -0.15
C PHE A 104 -0.12 -5.90 -0.33
N GLY A 105 0.20 -6.81 -1.24
CA GLY A 105 -0.69 -7.93 -1.51
C GLY A 105 -1.94 -7.47 -2.23
N SER A 106 -1.76 -6.55 -3.17
CA SER A 106 -2.87 -5.97 -3.92
C SER A 106 -2.97 -6.64 -5.28
N ASP A 107 -3.97 -6.21 -6.04
CA ASP A 107 -4.13 -6.66 -7.42
C ASP A 107 -3.18 -5.79 -8.27
N SER A 108 -2.86 -6.25 -9.46
CA SER A 108 -1.93 -5.55 -10.36
C SER A 108 -2.60 -4.34 -11.02
N GLU A 109 -2.88 -3.34 -10.21
CA GLU A 109 -3.51 -2.09 -10.65
C GLU A 109 -2.63 -1.33 -11.64
N SER A 110 -1.32 -1.51 -11.54
CA SER A 110 -0.38 -0.89 -12.46
C SER A 110 -0.33 -1.74 -13.72
N GLY A 111 -0.43 -1.10 -14.88
CA GLY A 111 -0.38 -1.80 -16.15
C GLY A 111 0.92 -1.47 -16.86
N ASN A 112 0.82 -1.18 -18.13
CA ASN A 112 1.96 -0.69 -18.91
C ASN A 112 1.83 0.82 -18.79
N GLU A 113 2.94 1.52 -18.62
CA GLU A 113 2.92 2.98 -18.48
C GLU A 113 3.99 3.51 -19.43
N GLU A 114 4.11 4.83 -19.50
CA GLU A 114 5.02 5.55 -20.43
C GLU A 114 4.86 5.17 -21.93
N GLU A 115 5.81 5.55 -22.76
CA GLU A 115 5.71 5.34 -24.21
C GLU A 115 6.96 4.61 -24.73
N ASN A 116 6.91 4.15 -25.96
CA ASN A 116 8.01 3.37 -26.58
C ASN A 116 8.31 3.94 -27.95
N MET A 1 10.78 7.11 12.89
CA MET A 1 9.32 6.79 12.92
C MET A 1 9.04 5.41 12.35
N GLU A 2 10.03 4.52 12.26
CA GLU A 2 9.76 3.18 11.73
C GLU A 2 8.79 2.50 12.67
N ASP A 3 9.09 2.65 13.95
CA ASP A 3 8.29 2.13 15.04
C ASP A 3 6.87 2.67 14.98
N GLU A 4 6.71 3.94 14.62
CA GLU A 4 5.39 4.54 14.55
C GLU A 4 4.57 3.95 13.40
N VAL A 5 5.23 3.65 12.29
CA VAL A 5 4.54 3.04 11.16
C VAL A 5 4.12 1.62 11.57
N VAL A 6 5.04 0.91 12.20
CA VAL A 6 4.75 -0.41 12.78
C VAL A 6 3.57 -0.28 13.75
N ARG A 7 3.56 0.75 14.58
CA ARG A 7 2.44 0.95 15.51
C ARG A 7 1.17 1.10 14.72
N PHE A 8 1.15 1.91 13.68
CA PHE A 8 -0.05 2.09 12.87
C PHE A 8 -0.50 0.79 12.23
N ALA A 9 0.43 0.01 11.69
CA ALA A 9 0.08 -1.27 11.08
C ALA A 9 -0.54 -2.21 12.12
N LYS A 10 0.03 -2.24 13.31
CA LYS A 10 -0.50 -3.10 14.37
C LYS A 10 -1.81 -2.55 14.95
N LYS A 11 -2.00 -1.23 14.95
CA LYS A 11 -3.28 -0.64 15.36
C LYS A 11 -4.34 -1.14 14.37
N MET A 12 -4.01 -1.11 13.08
CA MET A 12 -4.94 -1.55 12.02
C MET A 12 -5.25 -3.04 12.07
N ASP A 13 -4.25 -3.88 12.27
CA ASP A 13 -4.42 -5.34 12.27
C ASP A 13 -5.45 -5.78 13.33
N LYS A 14 -5.49 -5.07 14.44
CA LYS A 14 -6.44 -5.39 15.51
C LYS A 14 -7.87 -5.12 15.06
N MET A 15 -8.04 -4.08 14.26
CA MET A 15 -9.36 -3.73 13.74
C MET A 15 -9.77 -4.75 12.70
N VAL A 16 -8.78 -5.24 11.97
CA VAL A 16 -8.97 -6.25 10.94
C VAL A 16 -9.46 -7.53 11.60
N GLN A 17 -8.82 -7.94 12.69
CA GLN A 17 -9.24 -9.13 13.42
C GLN A 17 -10.66 -9.00 13.97
N LYS A 18 -11.00 -7.80 14.44
CA LYS A 18 -12.32 -7.52 15.00
C LYS A 18 -13.36 -7.25 13.93
N LYS A 19 -12.94 -7.24 12.67
CA LYS A 19 -13.81 -6.98 11.50
C LYS A 19 -14.59 -5.67 11.62
N ASN A 20 -14.02 -4.72 12.32
CA ASN A 20 -14.59 -3.39 12.49
C ASN A 20 -13.44 -2.42 12.37
N ALA A 21 -13.30 -1.84 11.21
CA ALA A 21 -12.18 -0.96 10.90
C ALA A 21 -12.56 0.52 10.74
N ALA A 22 -13.72 0.91 11.23
CA ALA A 22 -14.14 2.31 11.14
C ALA A 22 -13.11 3.24 11.85
N GLY A 23 -12.56 2.75 12.96
CA GLY A 23 -11.56 3.53 13.71
C GLY A 23 -10.26 3.77 12.97
N ALA A 24 -10.04 3.03 11.89
CA ALA A 24 -8.83 3.15 11.09
C ALA A 24 -8.75 4.49 10.39
N LEU A 25 -9.88 5.20 10.36
CA LEU A 25 -9.97 6.51 9.73
C LEU A 25 -8.89 7.42 10.27
N ASP A 26 -8.78 7.47 11.59
CA ASP A 26 -7.82 8.35 12.21
C ASP A 26 -6.40 7.94 11.88
N LEU A 27 -6.20 6.63 11.75
CA LEU A 27 -4.86 6.11 11.48
C LEU A 27 -4.43 6.51 10.08
N LEU A 28 -5.30 6.29 9.10
CA LEU A 28 -5.04 6.66 7.73
C LEU A 28 -4.86 8.19 7.58
N LYS A 29 -5.61 8.99 8.32
CA LYS A 29 -5.39 10.45 8.30
C LYS A 29 -3.94 10.77 8.67
N GLU A 30 -3.43 10.13 9.70
CA GLU A 30 -2.04 10.37 10.11
C GLU A 30 -1.09 9.91 9.02
N LEU A 31 -1.36 8.76 8.44
CA LEU A 31 -0.50 8.21 7.39
C LEU A 31 -0.45 9.08 6.14
N LYS A 32 -1.47 9.90 5.94
CA LYS A 32 -1.51 10.81 4.78
C LYS A 32 -0.52 11.95 4.95
N ASN A 33 -0.12 12.21 6.19
CA ASN A 33 0.80 13.28 6.50
C ASN A 33 2.23 12.76 6.72
N ILE A 34 2.38 11.45 6.77
CA ILE A 34 3.68 10.83 7.03
C ILE A 34 4.42 10.52 5.72
N PRO A 35 5.69 10.96 5.62
CA PRO A 35 6.55 10.66 4.46
C PRO A 35 7.01 9.20 4.45
N MET A 36 6.11 8.33 3.97
CA MET A 36 6.38 6.91 3.83
C MET A 36 7.50 6.72 2.80
N THR A 37 8.28 5.64 2.96
CA THR A 37 9.38 5.35 2.05
C THR A 37 9.23 3.90 1.62
N LEU A 38 9.93 3.51 0.56
CA LEU A 38 9.87 2.13 0.09
C LEU A 38 10.40 1.21 1.21
N GLU A 39 11.43 1.66 1.88
CA GLU A 39 12.05 0.88 2.97
C GLU A 39 11.05 0.63 4.10
N LEU A 40 10.24 1.64 4.41
CA LEU A 40 9.24 1.50 5.44
C LEU A 40 8.20 0.46 5.03
N LEU A 41 7.85 0.40 3.77
CA LEU A 41 6.86 -0.57 3.33
C LEU A 41 7.44 -1.97 3.40
N GLN A 42 8.73 -2.08 3.21
CA GLN A 42 9.40 -3.38 3.28
C GLN A 42 9.45 -3.86 4.73
N SER A 43 9.92 -3.03 5.64
CA SER A 43 10.05 -3.41 7.04
C SER A 43 8.73 -3.51 7.80
N THR A 44 7.90 -2.48 7.71
CA THR A 44 6.67 -2.40 8.49
C THR A 44 5.49 -3.13 7.83
N ARG A 45 5.60 -3.36 6.51
CA ARG A 45 4.55 -3.99 5.68
C ARG A 45 3.20 -3.32 5.89
N ILE A 46 3.22 -2.02 6.13
CA ILE A 46 1.99 -1.28 6.37
C ILE A 46 1.14 -1.20 5.10
N GLY A 47 1.78 -1.41 3.95
CA GLY A 47 1.06 -1.41 2.70
C GLY A 47 -0.02 -2.47 2.73
N MET A 48 0.29 -3.63 3.28
CA MET A 48 -0.68 -4.72 3.35
C MET A 48 -1.73 -4.46 4.41
N SER A 49 -1.35 -3.79 5.50
CA SER A 49 -2.30 -3.46 6.56
C SER A 49 -3.36 -2.50 6.05
N VAL A 50 -2.94 -1.41 5.43
CA VAL A 50 -3.90 -0.46 4.84
C VAL A 50 -4.74 -1.16 3.76
N ASN A 51 -4.13 -2.03 2.95
CA ASN A 51 -4.87 -2.77 1.93
C ASN A 51 -5.95 -3.63 2.58
N ALA A 52 -5.64 -4.26 3.71
CA ALA A 52 -6.61 -5.05 4.44
C ALA A 52 -7.74 -4.17 4.99
N ILE A 53 -7.41 -3.00 5.52
CA ILE A 53 -8.43 -2.09 6.05
C ILE A 53 -9.41 -1.70 4.97
N ARG A 54 -8.91 -1.45 3.77
CA ARG A 54 -9.78 -1.07 2.66
C ARG A 54 -10.89 -2.09 2.39
N LYS A 55 -10.61 -3.37 2.59
CA LYS A 55 -11.62 -4.41 2.33
C LYS A 55 -12.38 -4.83 3.58
N GLN A 56 -11.80 -4.54 4.73
CA GLN A 56 -12.42 -4.88 6.03
C GLN A 56 -13.30 -3.76 6.60
N SER A 57 -13.25 -2.58 6.02
CA SER A 57 -14.04 -1.46 6.50
C SER A 57 -15.27 -1.21 5.64
N THR A 58 -16.35 -0.84 6.29
CA THR A 58 -17.59 -0.49 5.61
C THR A 58 -17.74 1.02 5.61
N ASP A 59 -16.76 1.70 6.20
CA ASP A 59 -16.75 3.16 6.29
C ASP A 59 -16.16 3.74 5.01
N GLU A 60 -16.88 4.63 4.36
CA GLU A 60 -16.41 5.18 3.10
C GLU A 60 -15.23 6.13 3.25
N GLU A 61 -15.12 6.89 4.33
CA GLU A 61 -13.97 7.77 4.47
C GLU A 61 -12.75 6.88 4.68
N VAL A 62 -12.85 5.84 5.49
CA VAL A 62 -11.73 4.93 5.70
C VAL A 62 -11.28 4.30 4.40
N THR A 63 -12.21 3.78 3.60
CA THR A 63 -11.82 3.14 2.35
C THR A 63 -11.28 4.18 1.37
N SER A 64 -11.78 5.41 1.43
CA SER A 64 -11.30 6.47 0.56
C SER A 64 -9.88 6.88 0.96
N LEU A 65 -9.63 6.92 2.26
CA LEU A 65 -8.29 7.27 2.74
C LEU A 65 -7.34 6.13 2.41
N ALA A 66 -7.74 4.91 2.72
CA ALA A 66 -6.90 3.75 2.50
C ALA A 66 -6.55 3.59 1.02
N LYS A 67 -7.53 3.74 0.13
CA LYS A 67 -7.24 3.61 -1.31
C LYS A 67 -6.28 4.72 -1.75
N SER A 68 -6.29 5.84 -1.06
CA SER A 68 -5.38 6.94 -1.36
C SER A 68 -3.94 6.56 -0.98
N LEU A 69 -3.74 6.01 0.21
CA LEU A 69 -2.43 5.59 0.65
C LEU A 69 -1.81 4.56 -0.27
N ILE A 70 -2.57 3.56 -0.69
CA ILE A 70 -2.01 2.53 -1.57
C ILE A 70 -1.46 3.18 -2.85
N LYS A 71 -2.24 4.08 -3.44
CA LYS A 71 -1.80 4.78 -4.66
C LYS A 71 -0.56 5.63 -4.45
N SER A 72 -0.48 6.31 -3.32
CA SER A 72 0.66 7.17 -3.03
C SER A 72 1.91 6.35 -2.73
N TRP A 73 1.75 5.33 -1.91
CA TRP A 73 2.86 4.50 -1.48
C TRP A 73 3.42 3.65 -2.61
N LYS A 74 2.62 3.43 -3.63
CA LYS A 74 3.06 2.66 -4.81
C LYS A 74 4.12 3.43 -5.58
N LYS A 75 4.07 4.75 -5.48
CA LYS A 75 5.07 5.60 -6.15
C LYS A 75 6.46 5.40 -5.56
N LEU A 76 6.52 4.87 -4.35
CA LEU A 76 7.80 4.69 -3.67
C LEU A 76 8.60 3.57 -4.31
N LEU A 77 7.92 2.48 -4.67
CA LEU A 77 8.55 1.37 -5.39
C LEU A 77 8.99 1.87 -6.74
N ASP A 78 8.06 2.58 -7.38
CA ASP A 78 8.21 2.99 -8.74
C ASP A 78 9.34 4.01 -8.93
N GLY A 79 9.49 4.88 -7.94
CA GLY A 79 10.51 5.90 -7.99
C GLY A 79 11.91 5.39 -7.75
N GLY A 80 12.05 4.09 -7.53
CA GLY A 80 13.35 3.50 -7.29
C GLY A 80 14.26 3.43 -8.51
N SER A 81 13.82 3.99 -9.63
CA SER A 81 14.65 4.06 -10.85
C SER A 81 15.17 5.48 -11.08
N GLY A 82 14.30 6.48 -10.97
CA GLY A 82 14.70 7.86 -11.17
C GLY A 82 15.31 8.13 -12.54
N SER A 83 16.51 8.71 -12.53
CA SER A 83 17.28 9.04 -13.74
C SER A 83 16.55 9.94 -14.75
N GLY A 84 16.55 11.23 -14.47
CA GLY A 84 15.92 12.20 -15.35
C GLY A 84 14.45 12.38 -15.09
N SER A 85 13.79 13.17 -15.93
CA SER A 85 12.36 13.45 -15.78
C SER A 85 11.50 12.36 -16.41
N GLY A 86 12.13 11.40 -17.06
CA GLY A 86 11.40 10.34 -17.72
C GLY A 86 12.20 9.60 -18.78
N SER A 87 12.90 8.54 -18.39
CA SER A 87 13.66 7.73 -19.34
C SER A 87 12.73 6.85 -20.18
N GLY A 88 11.48 6.74 -19.73
CA GLY A 88 10.47 5.94 -20.42
C GLY A 88 10.26 4.59 -19.75
N SER A 89 9.03 4.10 -19.78
CA SER A 89 8.70 2.82 -19.13
C SER A 89 9.11 1.64 -19.99
N SER A 90 9.07 1.84 -21.32
CA SER A 90 9.41 0.81 -22.29
C SER A 90 8.67 -0.53 -22.09
N GLY A 91 7.41 -0.43 -21.70
CA GLY A 91 6.60 -1.60 -21.41
C GLY A 91 6.29 -1.62 -19.93
N GLU A 92 5.69 -2.70 -19.43
CA GLU A 92 5.37 -2.81 -18.00
C GLU A 92 6.05 -4.07 -17.43
N LEU A 93 7.37 -4.12 -17.54
CA LEU A 93 8.13 -5.25 -17.03
C LEU A 93 9.16 -4.73 -16.04
N SER A 94 8.86 -4.81 -14.76
CA SER A 94 9.74 -4.31 -13.72
C SER A 94 9.58 -5.11 -12.44
N ASP A 95 10.69 -5.31 -11.74
CA ASP A 95 10.71 -6.04 -10.47
C ASP A 95 9.85 -5.38 -9.43
N LYS A 96 9.58 -4.10 -9.61
CA LYS A 96 8.76 -3.36 -8.66
C LYS A 96 7.33 -3.89 -8.59
N LYS A 97 6.87 -4.54 -9.64
CA LYS A 97 5.54 -5.16 -9.65
C LYS A 97 5.56 -6.38 -8.74
N ASN A 98 6.70 -7.08 -8.72
CA ASN A 98 6.86 -8.26 -7.86
C ASN A 98 7.06 -7.82 -6.41
N GLU A 99 7.73 -6.71 -6.20
CA GLU A 99 7.92 -6.19 -4.84
C GLU A 99 6.54 -5.87 -4.27
N GLU A 100 5.71 -5.19 -5.06
CA GLU A 100 4.37 -4.81 -4.62
C GLU A 100 3.53 -6.01 -4.19
N LYS A 101 3.69 -7.12 -4.88
CA LYS A 101 2.95 -8.34 -4.52
C LYS A 101 3.24 -8.73 -3.08
N ASP A 102 4.48 -8.55 -2.66
CA ASP A 102 4.90 -8.88 -1.30
C ASP A 102 4.61 -7.77 -0.28
N LEU A 103 4.73 -6.53 -0.71
CA LEU A 103 4.58 -5.39 0.19
C LEU A 103 3.13 -4.97 0.44
N PHE A 104 2.29 -5.18 -0.58
CA PHE A 104 0.87 -4.79 -0.51
C PHE A 104 -0.07 -5.94 -0.81
N GLY A 105 0.24 -6.69 -1.87
CA GLY A 105 -0.65 -7.75 -2.30
C GLY A 105 -1.93 -7.17 -2.86
N SER A 106 -1.85 -6.04 -3.57
CA SER A 106 -3.06 -5.39 -4.09
C SER A 106 -3.53 -6.10 -5.35
N ASP A 107 -2.61 -6.76 -6.03
CA ASP A 107 -2.96 -7.58 -7.19
C ASP A 107 -3.34 -8.97 -6.72
N SER A 108 -4.53 -9.40 -7.09
CA SER A 108 -5.05 -10.72 -6.74
C SER A 108 -5.80 -11.29 -7.93
N GLU A 109 -5.45 -10.82 -9.12
CA GLU A 109 -6.13 -11.23 -10.35
C GLU A 109 -5.15 -11.49 -11.48
N SER A 110 -4.20 -10.57 -11.65
CA SER A 110 -3.12 -10.62 -12.66
C SER A 110 -3.50 -10.60 -14.14
N GLY A 111 -4.47 -11.40 -14.57
CA GLY A 111 -4.87 -11.42 -15.98
C GLY A 111 -3.95 -12.27 -16.86
N ASN A 112 -4.33 -12.43 -18.12
CA ASN A 112 -3.58 -13.19 -19.12
C ASN A 112 -4.28 -12.99 -20.48
N GLU A 113 -3.53 -12.65 -21.50
CA GLU A 113 -4.06 -12.41 -22.84
C GLU A 113 -3.20 -13.23 -23.83
N GLU A 114 -3.71 -13.47 -25.04
CA GLU A 114 -2.99 -14.24 -26.06
C GLU A 114 -3.36 -13.70 -27.44
N GLU A 115 -2.51 -13.96 -28.44
CA GLU A 115 -2.72 -13.49 -29.82
C GLU A 115 -2.27 -14.59 -30.77
N ASN A 116 -2.74 -14.52 -32.01
CA ASN A 116 -2.40 -15.48 -33.07
C ASN A 116 -2.34 -14.71 -34.38
N MET A 1 11.01 7.19 11.88
CA MET A 1 9.63 6.83 12.34
C MET A 1 9.26 5.41 11.91
N GLU A 2 10.17 4.45 12.09
CA GLU A 2 9.87 3.09 11.65
C GLU A 2 8.84 2.47 12.57
N ASP A 3 9.12 2.52 13.86
CA ASP A 3 8.24 1.97 14.88
C ASP A 3 6.89 2.62 14.86
N GLU A 4 6.82 3.87 14.46
CA GLU A 4 5.56 4.59 14.38
C GLU A 4 4.67 3.98 13.30
N VAL A 5 5.25 3.66 12.15
CA VAL A 5 4.48 3.04 11.08
C VAL A 5 4.13 1.60 11.48
N VAL A 6 5.08 0.88 12.10
CA VAL A 6 4.79 -0.46 12.65
C VAL A 6 3.61 -0.34 13.62
N ARG A 7 3.62 0.66 14.49
CA ARG A 7 2.53 0.86 15.44
C ARG A 7 1.21 1.00 14.69
N PHE A 8 1.16 1.84 13.67
CA PHE A 8 -0.07 1.99 12.89
C PHE A 8 -0.50 0.70 12.23
N ALA A 9 0.44 -0.06 11.67
CA ALA A 9 0.11 -1.32 11.02
C ALA A 9 -0.48 -2.29 12.05
N LYS A 10 0.10 -2.34 13.24
CA LYS A 10 -0.36 -3.27 14.28
C LYS A 10 -1.71 -2.80 14.83
N LYS A 11 -1.91 -1.48 14.94
CA LYS A 11 -3.20 -0.94 15.37
C LYS A 11 -4.27 -1.38 14.35
N MET A 12 -3.95 -1.24 13.06
CA MET A 12 -4.90 -1.62 12.00
C MET A 12 -5.19 -3.12 11.95
N ASP A 13 -4.18 -3.96 12.09
CA ASP A 13 -4.36 -5.41 12.03
C ASP A 13 -5.33 -5.89 13.11
N LYS A 14 -5.31 -5.20 14.23
CA LYS A 14 -6.23 -5.55 15.32
C LYS A 14 -7.66 -5.19 14.94
N MET A 15 -7.85 -4.13 14.18
CA MET A 15 -9.19 -3.75 13.73
C MET A 15 -9.69 -4.76 12.71
N VAL A 16 -8.76 -5.23 11.88
CA VAL A 16 -9.03 -6.22 10.86
C VAL A 16 -9.52 -7.48 11.55
N GLN A 17 -8.83 -7.93 12.58
CA GLN A 17 -9.22 -9.12 13.35
C GLN A 17 -10.57 -8.91 14.05
N LYS A 18 -10.81 -7.72 14.55
CA LYS A 18 -12.11 -7.37 15.18
C LYS A 18 -13.24 -7.19 14.16
N LYS A 19 -12.91 -7.17 12.87
CA LYS A 19 -13.87 -6.94 11.78
C LYS A 19 -14.56 -5.59 11.92
N ASN A 20 -13.91 -4.69 12.64
CA ASN A 20 -14.43 -3.35 12.88
C ASN A 20 -13.32 -2.35 12.61
N ALA A 21 -13.20 -1.92 11.37
CA ALA A 21 -12.14 -1.02 10.97
C ALA A 21 -12.56 0.45 10.77
N ALA A 22 -13.72 0.85 11.29
CA ALA A 22 -14.17 2.25 11.19
C ALA A 22 -13.16 3.17 11.92
N GLY A 23 -12.62 2.67 13.02
CA GLY A 23 -11.64 3.44 13.81
C GLY A 23 -10.37 3.78 13.05
N ALA A 24 -10.10 3.05 11.97
CA ALA A 24 -8.89 3.27 11.16
C ALA A 24 -8.87 4.63 10.48
N LEU A 25 -9.99 5.31 10.43
CA LEU A 25 -10.08 6.63 9.81
C LEU A 25 -9.01 7.56 10.33
N ASP A 26 -8.84 7.55 11.64
CA ASP A 26 -7.85 8.41 12.29
C ASP A 26 -6.42 7.98 11.95
N LEU A 27 -6.23 6.68 11.87
CA LEU A 27 -4.91 6.14 11.61
C LEU A 27 -4.49 6.54 10.22
N LEU A 28 -5.40 6.38 9.27
CA LEU A 28 -5.13 6.68 7.87
C LEU A 28 -4.95 8.19 7.65
N LYS A 29 -5.69 9.01 8.39
CA LYS A 29 -5.49 10.46 8.37
C LYS A 29 -4.05 10.78 8.70
N GLU A 30 -3.50 10.17 9.76
CA GLU A 30 -2.11 10.40 10.12
C GLU A 30 -1.16 9.92 9.04
N LEU A 31 -1.45 8.75 8.46
CA LEU A 31 -0.58 8.20 7.42
C LEU A 31 -0.50 9.06 6.17
N LYS A 32 -1.47 9.92 5.98
CA LYS A 32 -1.47 10.84 4.84
C LYS A 32 -0.52 12.02 5.05
N ASN A 33 -0.04 12.20 6.27
CA ASN A 33 0.87 13.29 6.59
C ASN A 33 2.31 12.77 6.76
N ILE A 34 2.45 11.46 6.86
CA ILE A 34 3.76 10.85 7.10
C ILE A 34 4.48 10.55 5.77
N PRO A 35 5.76 10.99 5.64
CA PRO A 35 6.56 10.72 4.45
C PRO A 35 7.04 9.26 4.42
N MET A 36 6.16 8.39 3.97
CA MET A 36 6.46 6.97 3.83
C MET A 36 7.52 6.79 2.78
N THR A 37 8.32 5.74 2.89
CA THR A 37 9.38 5.45 1.93
C THR A 37 9.24 3.98 1.54
N LEU A 38 9.94 3.55 0.51
CA LEU A 38 9.92 2.15 0.09
C LEU A 38 10.46 1.29 1.23
N GLU A 39 11.53 1.75 1.85
CA GLU A 39 12.19 1.01 2.93
C GLU A 39 11.24 0.80 4.09
N LEU A 40 10.44 1.82 4.39
CA LEU A 40 9.46 1.71 5.47
C LEU A 40 8.45 0.62 5.16
N LEU A 41 7.98 0.56 3.93
CA LEU A 41 6.95 -0.40 3.56
C LEU A 41 7.46 -1.82 3.67
N GLN A 42 8.75 -2.03 3.42
CA GLN A 42 9.32 -3.36 3.50
C GLN A 42 9.31 -3.89 4.93
N SER A 43 9.86 -3.11 5.85
CA SER A 43 9.94 -3.53 7.25
C SER A 43 8.61 -3.52 7.97
N THR A 44 7.80 -2.48 7.77
CA THR A 44 6.56 -2.33 8.51
C THR A 44 5.41 -3.11 7.90
N ARG A 45 5.55 -3.42 6.61
CA ARG A 45 4.55 -4.14 5.83
C ARG A 45 3.17 -3.45 5.94
N ILE A 46 3.18 -2.14 6.12
CA ILE A 46 1.95 -1.38 6.33
C ILE A 46 1.10 -1.29 5.07
N GLY A 47 1.72 -1.49 3.91
CA GLY A 47 0.96 -1.48 2.68
C GLY A 47 -0.13 -2.51 2.72
N MET A 48 0.20 -3.67 3.25
CA MET A 48 -0.76 -4.76 3.33
C MET A 48 -1.82 -4.48 4.39
N SER A 49 -1.42 -3.85 5.49
CA SER A 49 -2.36 -3.49 6.55
C SER A 49 -3.40 -2.51 6.06
N VAL A 50 -2.97 -1.44 5.40
CA VAL A 50 -3.91 -0.47 4.83
C VAL A 50 -4.81 -1.15 3.79
N ASN A 51 -4.26 -2.02 2.96
CA ASN A 51 -5.07 -2.73 1.95
C ASN A 51 -6.11 -3.64 2.65
N ALA A 52 -5.74 -4.21 3.78
CA ALA A 52 -6.65 -5.05 4.56
C ALA A 52 -7.78 -4.19 5.13
N ILE A 53 -7.46 -3.00 5.65
CA ILE A 53 -8.49 -2.09 6.19
C ILE A 53 -9.45 -1.71 5.08
N ARG A 54 -8.92 -1.43 3.89
CA ARG A 54 -9.74 -1.05 2.75
C ARG A 54 -10.83 -2.08 2.43
N LYS A 55 -10.57 -3.35 2.66
CA LYS A 55 -11.59 -4.40 2.39
C LYS A 55 -12.39 -4.79 3.63
N GLN A 56 -11.90 -4.43 4.81
CA GLN A 56 -12.61 -4.74 6.06
C GLN A 56 -13.50 -3.60 6.54
N SER A 57 -13.32 -2.41 6.00
CA SER A 57 -14.09 -1.27 6.43
C SER A 57 -15.31 -1.04 5.57
N THR A 58 -16.44 -0.76 6.21
CA THR A 58 -17.67 -0.40 5.51
C THR A 58 -17.78 1.12 5.42
N ASP A 59 -16.88 1.79 6.13
CA ASP A 59 -16.85 3.26 6.16
C ASP A 59 -16.21 3.77 4.87
N GLU A 60 -16.92 4.61 4.14
CA GLU A 60 -16.43 5.09 2.86
C GLU A 60 -15.24 6.06 2.95
N GLU A 61 -15.15 6.81 4.03
CA GLU A 61 -14.05 7.75 4.20
C GLU A 61 -12.82 6.91 4.44
N VAL A 62 -12.94 5.85 5.21
CA VAL A 62 -11.81 4.99 5.52
C VAL A 62 -11.33 4.32 4.26
N THR A 63 -12.22 3.77 3.45
CA THR A 63 -11.79 3.11 2.22
C THR A 63 -11.20 4.13 1.28
N SER A 64 -11.71 5.35 1.29
CA SER A 64 -11.16 6.41 0.45
C SER A 64 -9.80 6.86 0.92
N LEU A 65 -9.59 6.93 2.23
CA LEU A 65 -8.29 7.33 2.75
C LEU A 65 -7.31 6.22 2.42
N ALA A 66 -7.72 4.99 2.70
CA ALA A 66 -6.87 3.83 2.49
C ALA A 66 -6.50 3.64 1.03
N LYS A 67 -7.47 3.73 0.11
CA LYS A 67 -7.14 3.57 -1.31
C LYS A 67 -6.16 4.67 -1.73
N SER A 68 -6.22 5.83 -1.08
CA SER A 68 -5.30 6.93 -1.40
C SER A 68 -3.87 6.57 -1.02
N LEU A 69 -3.66 6.00 0.16
CA LEU A 69 -2.34 5.61 0.58
C LEU A 69 -1.75 4.57 -0.34
N ILE A 70 -2.52 3.58 -0.74
CA ILE A 70 -2.00 2.52 -1.60
C ILE A 70 -1.48 3.15 -2.89
N LYS A 71 -2.23 4.08 -3.45
CA LYS A 71 -1.85 4.77 -4.68
C LYS A 71 -0.63 5.66 -4.50
N SER A 72 -0.51 6.27 -3.35
CA SER A 72 0.62 7.16 -3.06
C SER A 72 1.88 6.40 -2.74
N TRP A 73 1.75 5.34 -1.96
CA TRP A 73 2.88 4.53 -1.52
C TRP A 73 3.44 3.68 -2.65
N LYS A 74 2.63 3.43 -3.65
CA LYS A 74 3.07 2.66 -4.81
C LYS A 74 4.09 3.44 -5.62
N LYS A 75 4.06 4.75 -5.55
CA LYS A 75 5.07 5.57 -6.23
C LYS A 75 6.47 5.27 -5.72
N LEU A 76 6.57 4.87 -4.46
CA LEU A 76 7.84 4.67 -3.80
C LEU A 76 8.64 3.52 -4.39
N LEU A 77 7.98 2.41 -4.64
CA LEU A 77 8.62 1.23 -5.25
C LEU A 77 8.74 1.38 -6.75
N ASP A 78 7.79 2.09 -7.34
CA ASP A 78 7.75 2.23 -8.81
C ASP A 78 8.85 3.16 -9.36
N GLY A 79 9.15 4.22 -8.61
CA GLY A 79 10.15 5.16 -9.04
C GLY A 79 10.56 6.16 -7.97
N GLY A 80 10.74 5.70 -6.74
CA GLY A 80 11.12 6.59 -5.65
C GLY A 80 12.62 6.72 -5.47
N SER A 81 13.38 5.97 -6.23
CA SER A 81 14.84 5.99 -6.14
C SER A 81 15.40 6.98 -7.19
N GLY A 82 16.48 7.66 -6.84
CA GLY A 82 17.10 8.60 -7.77
C GLY A 82 17.74 7.89 -8.95
N SER A 83 18.20 6.68 -8.69
CA SER A 83 18.83 5.88 -9.72
C SER A 83 17.84 4.83 -10.23
N GLY A 84 17.75 4.70 -11.55
CA GLY A 84 16.84 3.73 -12.16
C GLY A 84 17.49 2.40 -12.51
N SER A 85 18.71 2.18 -12.04
CA SER A 85 19.47 0.97 -12.39
C SER A 85 19.04 -0.28 -11.64
N GLY A 86 18.25 -0.12 -10.58
CA GLY A 86 17.83 -1.26 -9.80
C GLY A 86 18.98 -1.85 -9.01
N SER A 87 18.82 -3.07 -8.54
CA SER A 87 19.85 -3.77 -7.76
C SER A 87 20.69 -4.73 -8.61
N GLY A 88 20.36 -4.83 -9.89
CA GLY A 88 21.10 -5.72 -10.78
C GLY A 88 20.76 -7.17 -10.43
N SER A 89 21.78 -7.95 -10.07
CA SER A 89 21.65 -9.36 -9.69
C SER A 89 21.14 -10.25 -10.85
N SER A 90 20.61 -11.42 -10.54
CA SER A 90 20.11 -12.34 -11.56
C SER A 90 18.59 -12.29 -11.65
N GLY A 91 18.08 -12.18 -12.86
CA GLY A 91 16.65 -12.06 -13.11
C GLY A 91 16.47 -10.67 -13.69
N GLU A 92 15.31 -10.38 -14.26
CA GLU A 92 15.03 -9.06 -14.82
C GLU A 92 13.54 -8.98 -15.00
N LEU A 93 13.03 -7.77 -15.27
CA LEU A 93 11.61 -7.49 -15.52
C LEU A 93 10.66 -7.71 -14.32
N SER A 94 9.59 -6.91 -14.32
CA SER A 94 8.55 -6.94 -13.28
C SER A 94 9.06 -6.76 -11.84
N ASP A 95 10.26 -6.22 -11.67
CA ASP A 95 10.87 -6.03 -10.35
C ASP A 95 9.98 -5.25 -9.40
N LYS A 96 9.41 -4.17 -9.90
CA LYS A 96 8.52 -3.33 -9.09
C LYS A 96 7.23 -4.04 -8.71
N LYS A 97 6.78 -4.96 -9.54
CA LYS A 97 5.57 -5.72 -9.23
C LYS A 97 5.88 -6.82 -8.22
N ASN A 98 7.07 -7.39 -8.29
CA ASN A 98 7.51 -8.40 -7.33
C ASN A 98 7.58 -7.75 -5.96
N GLU A 99 8.12 -6.54 -5.91
CA GLU A 99 8.17 -5.76 -4.68
C GLU A 99 6.73 -5.47 -4.22
N GLU A 100 5.86 -5.06 -5.13
CA GLU A 100 4.48 -4.74 -4.76
C GLU A 100 3.75 -5.97 -4.20
N LYS A 101 4.01 -7.14 -4.78
CA LYS A 101 3.41 -8.40 -4.32
C LYS A 101 3.71 -8.63 -2.84
N ASP A 102 4.96 -8.41 -2.45
CA ASP A 102 5.36 -8.65 -1.07
C ASP A 102 4.85 -7.58 -0.10
N LEU A 103 4.81 -6.32 -0.52
CA LEU A 103 4.41 -5.21 0.37
C LEU A 103 2.91 -4.96 0.44
N PHE A 104 2.21 -5.21 -0.65
CA PHE A 104 0.76 -4.95 -0.75
C PHE A 104 -0.04 -6.19 -1.12
N GLY A 105 0.43 -6.96 -2.10
CA GLY A 105 -0.31 -8.12 -2.53
C GLY A 105 -1.63 -7.70 -3.15
N SER A 106 -1.58 -6.74 -4.07
CA SER A 106 -2.79 -6.25 -4.72
C SER A 106 -2.81 -6.61 -6.19
N ASP A 107 -4.01 -6.78 -6.73
CA ASP A 107 -4.23 -7.14 -8.13
C ASP A 107 -3.55 -8.48 -8.45
N SER A 108 -3.24 -8.74 -9.71
CA SER A 108 -2.61 -10.00 -10.11
C SER A 108 -1.43 -9.68 -11.01
N GLU A 109 -0.76 -10.72 -11.47
CA GLU A 109 0.33 -10.56 -12.43
C GLU A 109 -0.23 -10.59 -13.84
N SER A 110 0.53 -10.03 -14.78
CA SER A 110 0.14 -10.03 -16.18
C SER A 110 1.45 -9.74 -16.96
N GLY A 111 1.43 -9.88 -18.28
CA GLY A 111 2.62 -9.68 -19.10
C GLY A 111 2.26 -9.73 -20.56
N ASN A 112 3.22 -9.50 -21.44
CA ASN A 112 3.02 -9.54 -22.89
C ASN A 112 4.33 -10.08 -23.44
N GLU A 113 4.35 -10.44 -24.72
CA GLU A 113 5.53 -11.03 -25.34
C GLU A 113 5.67 -10.48 -26.78
N GLU A 114 6.83 -10.67 -27.39
CA GLU A 114 7.14 -10.25 -28.76
C GLU A 114 6.96 -8.73 -28.99
N GLU A 115 7.38 -7.95 -28.01
CA GLU A 115 7.30 -6.47 -28.11
C GLU A 115 8.32 -5.92 -29.14
N ASN A 116 9.39 -6.67 -29.37
CA ASN A 116 10.43 -6.29 -30.33
C ASN A 116 11.09 -7.55 -30.88
#